data_6ZFH
#
_entry.id   6ZFH
#
_cell.length_a   119.872
_cell.length_b   97.204
_cell.length_c   144.812
_cell.angle_alpha   90.000
_cell.angle_beta   98.510
_cell.angle_gamma   90.000
#
_symmetry.space_group_name_H-M   'P 1 21 1'
#
loop_
_entity.id
_entity.type
_entity.pdbx_description
1 polymer Galactokinase
2 non-polymer beta-D-galactopyranose
3 non-polymer "2-(1,3-benzoxazol-2-ylamino)spiro[1,6,7,8-tetrahydroquinazoline-4,1'-cyclopentane]-5-one"
4 water water
#
_entity_poly.entity_id   1
_entity_poly.type   'polypeptide(L)'
_entity_poly.pdbx_seq_one_letter_code
;MAHHHHHHAALRQPQVAELLAEARRAFREEFGAEPELAVSAPGRVNLIGEHTDYNQGLVLPMALELMTVLVGSPRKDGLV
SLLTTSEGADEPQRLQFPLPTAQRSLEPGTPRWANYVKGVIQYYPAAPLPGFSAVVVSSVPLGGGLSSSASLEVATYTFL
QQLCPDSGTIAARAQVCQQAEHSFAGMPCGIMDQFISLMGQKGHALLIDCRSLETSLVPLSDPKLAVLITNSNVRHSLAS
SEYPVRRRQCEEVARALGAASLREVQLEELEAARDLVSKEGFRRARHVVGEIRRTAQAAAALRRGDYRAFGRLMVESHRS
LRDDYEVSCPELDQLVEAALAVPGVYGSRMTGGGFGGCTVTLLEASAAPHAMRHIQEHYGGTATFYLSQAADGAKVLCL
;
_entity_poly.pdbx_strand_id   A,B,C,D,E,F,G,H
#
loop_
_chem_comp.id
_chem_comp.type
_chem_comp.name
_chem_comp.formula
GAL D-saccharide, beta linking beta-D-galactopyranose 'C6 H12 O6'
QV2 non-polymer 2-(1,3-benzoxazol-2-ylamino)spiro[1,6,7,8-tetrahydroquinazoline-4,1'-cyclopentane]-5-one 'C19 H20 N4 O2'
#
# COMPACT_ATOMS: atom_id res chain seq x y z
N ALA A 10 -50.30 0.77 -14.69
CA ALA A 10 -49.08 0.75 -15.49
C ALA A 10 -47.90 1.36 -14.73
N LEU A 11 -48.21 2.38 -13.92
CA LEU A 11 -47.24 3.04 -13.03
C LEU A 11 -46.11 3.73 -13.79
N ARG A 12 -45.99 5.04 -13.61
CA ARG A 12 -45.03 5.82 -14.38
C ARG A 12 -43.60 5.54 -13.92
N GLN A 13 -42.68 5.65 -14.86
CA GLN A 13 -41.25 5.48 -14.60
C GLN A 13 -40.56 6.83 -14.76
N PRO A 14 -40.13 7.48 -13.68
CA PRO A 14 -39.42 8.76 -13.86
C PRO A 14 -38.11 8.55 -14.60
N GLN A 15 -37.70 9.60 -15.31
CA GLN A 15 -36.50 9.59 -16.14
C GLN A 15 -35.36 10.25 -15.40
N VAL A 16 -34.15 10.11 -15.97
CA VAL A 16 -32.94 10.59 -15.28
C VAL A 16 -33.05 12.06 -14.94
N ALA A 17 -33.75 12.84 -15.77
CA ALA A 17 -33.90 14.27 -15.50
C ALA A 17 -34.68 14.53 -14.22
N GLU A 18 -35.77 13.79 -14.01
CA GLU A 18 -36.56 13.97 -12.78
C GLU A 18 -35.79 13.51 -11.55
N LEU A 19 -35.15 12.35 -11.63
CA LEU A 19 -34.41 11.83 -10.48
C LEU A 19 -33.21 12.71 -10.16
N LEU A 20 -32.49 13.17 -11.19
CA LEU A 20 -31.36 14.05 -10.97
C LEU A 20 -31.79 15.35 -10.33
N ALA A 21 -32.89 15.93 -10.81
CA ALA A 21 -33.40 17.17 -10.23
C ALA A 21 -33.87 16.97 -8.79
N GLU A 22 -34.57 15.87 -8.53
CA GLU A 22 -35.00 15.58 -7.17
C GLU A 22 -33.80 15.37 -6.25
N ALA A 23 -32.81 14.60 -6.70
CA ALA A 23 -31.62 14.36 -5.90
C ALA A 23 -30.84 15.64 -5.66
N ARG A 24 -30.84 16.55 -6.64
CA ARG A 24 -30.04 17.77 -6.52
C ARG A 24 -30.74 18.80 -5.65
N ARG A 25 -32.08 18.85 -5.70
CA ARG A 25 -32.82 19.71 -4.80
C ARG A 25 -32.69 19.23 -3.35
N ALA A 26 -32.70 17.92 -3.14
CA ALA A 26 -32.52 17.39 -1.79
C ALA A 26 -31.10 17.64 -1.28
N PHE A 27 -30.10 17.59 -2.16
CA PHE A 27 -28.74 17.85 -1.73
C PHE A 27 -28.56 19.31 -1.33
N ARG A 28 -29.20 20.24 -2.04
CA ARG A 28 -29.04 21.66 -1.70
C ARG A 28 -29.67 21.97 -0.35
N GLU A 29 -30.82 21.35 -0.06
CA GLU A 29 -31.58 21.52 1.18
C GLU A 29 -31.09 20.59 2.27
N GLU A 30 -29.89 20.03 2.15
CA GLU A 30 -29.36 19.14 3.17
C GLU A 30 -27.92 19.50 3.52
N PHE A 31 -27.17 20.00 2.53
CA PHE A 31 -25.77 20.35 2.70
C PHE A 31 -25.44 21.80 2.36
N GLY A 32 -26.40 22.58 1.87
CA GLY A 32 -26.20 23.98 1.60
C GLY A 32 -25.70 24.30 0.20
N ALA A 33 -24.80 23.50 -0.36
CA ALA A 33 -24.23 23.74 -1.67
C ALA A 33 -24.85 22.81 -2.72
N GLU A 34 -24.45 23.04 -3.97
CA GLU A 34 -24.84 22.21 -5.11
C GLU A 34 -23.92 20.98 -5.18
N PRO A 35 -24.44 19.84 -5.60
CA PRO A 35 -23.58 18.65 -5.71
C PRO A 35 -22.62 18.76 -6.88
N GLU A 36 -21.48 18.09 -6.75
CA GLU A 36 -20.45 18.15 -7.78
C GLU A 36 -20.42 16.92 -8.69
N LEU A 37 -20.95 15.78 -8.23
CA LEU A 37 -20.91 14.54 -9.00
C LEU A 37 -22.28 13.87 -8.96
N ALA A 38 -22.58 13.11 -10.02
CA ALA A 38 -23.84 12.39 -10.10
C ALA A 38 -23.67 11.13 -10.95
N VAL A 39 -24.29 10.04 -10.50
CA VAL A 39 -24.24 8.75 -11.18
C VAL A 39 -25.60 8.09 -11.08
N SER A 40 -25.84 7.13 -11.97
CA SER A 40 -27.05 6.33 -11.92
C SER A 40 -26.71 4.88 -12.25
N ALA A 41 -27.49 3.96 -11.69
CA ALA A 41 -27.36 2.54 -11.92
C ALA A 41 -28.76 1.95 -11.89
N PRO A 42 -29.13 1.14 -12.88
CA PRO A 42 -30.50 0.64 -12.97
C PRO A 42 -30.73 -0.63 -12.18
N GLY A 43 -32.01 -0.93 -11.95
CA GLY A 43 -32.42 -2.25 -11.53
C GLY A 43 -32.48 -3.19 -12.71
N ARG A 44 -32.90 -4.42 -12.45
CA ARG A 44 -32.89 -5.42 -13.50
C ARG A 44 -34.07 -6.37 -13.33
N VAL A 45 -34.45 -6.97 -14.45
CA VAL A 45 -35.35 -8.12 -14.48
C VAL A 45 -34.64 -9.21 -15.26
N ASN A 46 -34.80 -10.45 -14.81
CA ASN A 46 -34.21 -11.62 -15.45
C ASN A 46 -35.26 -12.27 -16.34
N LEU A 47 -35.01 -12.29 -17.65
CA LEU A 47 -35.98 -12.89 -18.57
C LEU A 47 -36.05 -14.40 -18.40
N ILE A 48 -34.91 -15.04 -18.17
CA ILE A 48 -34.83 -16.49 -17.97
C ILE A 48 -33.46 -16.82 -17.40
N GLY A 49 -33.38 -17.92 -16.66
CA GLY A 49 -32.12 -18.33 -16.06
C GLY A 49 -32.06 -18.12 -14.56
N GLU A 50 -33.11 -18.55 -13.86
CA GLU A 50 -33.17 -18.35 -12.43
C GLU A 50 -32.39 -19.43 -11.69
N HIS A 51 -31.65 -19.00 -10.67
CA HIS A 51 -30.88 -19.88 -9.79
C HIS A 51 -29.86 -20.72 -10.54
N THR A 52 -29.45 -20.25 -11.72
CA THR A 52 -28.26 -20.73 -12.39
C THR A 52 -27.05 -19.87 -12.06
N ASP A 53 -27.30 -18.67 -11.53
CA ASP A 53 -26.30 -17.69 -11.14
C ASP A 53 -25.11 -18.29 -10.41
N TYR A 54 -25.33 -18.78 -9.19
CA TYR A 54 -24.27 -19.32 -8.36
C TYR A 54 -23.87 -20.73 -8.79
N ASN A 55 -24.48 -21.27 -9.84
CA ASN A 55 -24.11 -22.57 -10.39
C ASN A 55 -23.24 -22.45 -11.64
N GLN A 56 -22.63 -21.29 -11.86
CA GLN A 56 -21.80 -21.03 -13.03
C GLN A 56 -22.58 -21.25 -14.33
N GLY A 57 -23.87 -20.91 -14.31
CA GLY A 57 -24.73 -21.09 -15.44
C GLY A 57 -24.88 -19.85 -16.29
N LEU A 58 -25.95 -19.84 -17.09
CA LEU A 58 -26.27 -18.74 -17.99
C LEU A 58 -27.50 -18.00 -17.46
N VAL A 59 -27.50 -16.68 -17.62
CA VAL A 59 -28.65 -15.86 -17.26
C VAL A 59 -28.90 -14.89 -18.42
N LEU A 60 -30.14 -14.42 -18.51
CA LEU A 60 -30.54 -13.47 -19.54
C LEU A 60 -31.31 -12.31 -18.91
N PRO A 61 -30.64 -11.46 -18.14
CA PRO A 61 -31.31 -10.28 -17.58
C PRO A 61 -31.23 -9.09 -18.53
N MET A 62 -32.06 -8.10 -18.24
CA MET A 62 -32.01 -6.81 -18.91
C MET A 62 -32.14 -5.70 -17.87
N ALA A 63 -31.45 -4.59 -18.12
CA ALA A 63 -31.55 -3.45 -17.23
C ALA A 63 -32.88 -2.73 -17.43
N LEU A 64 -33.41 -2.19 -16.35
CA LEU A 64 -34.72 -1.54 -16.36
C LEU A 64 -34.59 -0.03 -16.39
N GLU A 65 -35.68 0.64 -16.75
CA GLU A 65 -35.73 2.09 -16.68
C GLU A 65 -35.83 2.58 -15.23
N LEU A 66 -36.18 1.70 -14.30
CA LEU A 66 -36.09 2.03 -12.89
C LEU A 66 -34.63 2.01 -12.47
N MET A 67 -34.21 3.05 -11.75
CA MET A 67 -32.79 3.25 -11.49
C MET A 67 -32.62 3.95 -10.16
N THR A 68 -31.39 3.91 -9.66
CA THR A 68 -30.99 4.65 -8.46
C THR A 68 -29.99 5.73 -8.86
N VAL A 69 -30.25 6.96 -8.44
CA VAL A 69 -29.41 8.11 -8.76
C VAL A 69 -28.74 8.58 -7.48
N LEU A 70 -27.44 8.82 -7.56
CA LEU A 70 -26.63 9.30 -6.44
C LEU A 70 -25.96 10.59 -6.85
N VAL A 71 -26.15 11.65 -6.06
CA VAL A 71 -25.49 12.93 -6.25
C VAL A 71 -24.67 13.24 -5.01
N GLY A 72 -23.50 13.85 -5.21
CA GLY A 72 -22.68 14.13 -4.07
C GLY A 72 -21.47 14.99 -4.41
N SER A 73 -20.63 15.16 -3.40
CA SER A 73 -19.42 15.96 -3.48
C SER A 73 -18.40 15.39 -2.50
N PRO A 74 -17.11 15.49 -2.80
CA PRO A 74 -16.10 15.05 -1.85
C PRO A 74 -16.00 16.01 -0.67
N ARG A 75 -15.50 15.50 0.45
CA ARG A 75 -15.28 16.27 1.66
C ARG A 75 -13.80 16.22 2.04
N LYS A 76 -13.34 17.29 2.68
CA LYS A 76 -12.02 17.30 3.30
C LYS A 76 -12.06 16.77 4.72
N ASP A 77 -13.26 16.58 5.26
CA ASP A 77 -13.43 16.10 6.62
C ASP A 77 -12.91 14.68 6.77
N GLY A 78 -13.20 13.80 5.81
CA GLY A 78 -12.93 12.39 5.98
C GLY A 78 -14.09 11.58 6.51
N LEU A 79 -15.30 12.13 6.50
CA LEU A 79 -16.49 11.41 6.92
C LEU A 79 -17.39 11.19 5.72
N VAL A 80 -18.35 10.28 5.90
CA VAL A 80 -19.36 10.01 4.89
C VAL A 80 -20.70 10.40 5.48
N SER A 81 -21.44 11.25 4.77
CA SER A 81 -22.76 11.70 5.21
C SER A 81 -23.74 11.36 4.10
N LEU A 82 -24.75 10.58 4.44
CA LEU A 82 -25.69 10.06 3.47
C LEU A 82 -27.10 10.44 3.86
N LEU A 83 -27.93 10.63 2.83
CA LEU A 83 -29.37 10.80 3.00
C LEU A 83 -30.04 10.15 1.82
N THR A 84 -31.11 9.41 2.09
CA THR A 84 -31.93 8.84 1.02
C THR A 84 -33.34 9.37 1.15
N THR A 85 -34.01 9.50 0.01
CA THR A 85 -35.35 10.04 -0.07
C THR A 85 -36.41 8.98 -0.27
N SER A 86 -36.01 7.72 -0.50
CA SER A 86 -36.96 6.66 -0.76
C SER A 86 -37.81 6.41 0.48
N GLU A 87 -39.13 6.28 0.28
CA GLU A 87 -40.04 6.16 1.41
C GLU A 87 -39.93 4.79 2.08
N GLY A 88 -39.66 3.73 1.30
CA GLY A 88 -39.50 2.39 1.84
C GLY A 88 -38.18 2.17 2.57
N ALA A 89 -37.30 3.16 2.58
CA ALA A 89 -35.98 3.03 3.18
C ALA A 89 -36.09 2.84 4.70
N ASP A 90 -35.17 2.03 5.23
CA ASP A 90 -35.08 1.83 6.67
C ASP A 90 -34.90 3.16 7.39
N GLU A 91 -35.38 3.22 8.63
CA GLU A 91 -35.22 4.46 9.35
C GLU A 91 -33.96 4.40 10.22
N PRO A 92 -33.18 5.48 10.37
CA PRO A 92 -33.29 6.86 9.87
C PRO A 92 -32.91 7.05 8.40
N GLN A 93 -33.47 8.09 7.76
CA GLN A 93 -33.13 8.42 6.38
C GLN A 93 -31.74 8.99 6.24
N ARG A 94 -31.02 9.18 7.33
CA ARG A 94 -29.69 9.78 7.30
C ARG A 94 -28.74 8.97 8.16
N LEU A 95 -27.46 9.04 7.80
CA LEU A 95 -26.44 8.33 8.53
C LEU A 95 -25.10 8.99 8.23
N GLN A 96 -24.21 8.95 9.21
CA GLN A 96 -22.88 9.52 9.09
C GLN A 96 -21.89 8.60 9.78
N PHE A 97 -20.75 8.38 9.15
CA PHE A 97 -19.72 7.51 9.70
C PHE A 97 -18.37 7.94 9.14
N PRO A 98 -17.29 7.64 9.85
CA PRO A 98 -15.97 7.92 9.30
C PRO A 98 -15.53 6.83 8.35
N LEU A 99 -14.63 7.19 7.44
CA LEU A 99 -14.12 6.23 6.50
C LEU A 99 -13.33 5.14 7.24
N PRO A 100 -13.33 3.92 6.73
CA PRO A 100 -12.57 2.85 7.39
C PRO A 100 -11.07 3.06 7.25
N THR A 101 -10.33 2.59 8.24
CA THR A 101 -8.89 2.66 8.27
C THR A 101 -8.32 1.24 8.41
N ALA A 102 -6.99 1.15 8.50
CA ALA A 102 -6.37 -0.14 8.74
C ALA A 102 -6.72 -0.66 10.13
N GLN A 103 -6.80 0.22 11.11
CA GLN A 103 -7.12 -0.20 12.47
C GLN A 103 -8.61 -0.52 12.60
N ARG A 104 -9.47 0.43 12.25
CA ARG A 104 -10.91 0.27 12.38
C ARG A 104 -11.54 0.16 11.00
N SER A 105 -12.43 -0.82 10.83
CA SER A 105 -13.13 -1.04 9.58
C SER A 105 -14.64 -0.87 9.81
N LEU A 106 -15.36 -0.68 8.71
CA LEU A 106 -16.82 -0.58 8.79
C LEU A 106 -17.44 -1.93 9.12
N GLU A 107 -18.63 -1.88 9.68
CA GLU A 107 -19.36 -3.06 10.11
C GLU A 107 -20.84 -2.86 9.78
N PRO A 108 -21.55 -3.90 9.38
CA PRO A 108 -22.98 -3.76 9.06
C PRO A 108 -23.80 -3.46 10.30
N GLY A 109 -24.83 -2.63 10.11
CA GLY A 109 -25.72 -2.30 11.21
C GLY A 109 -27.04 -1.69 10.79
N THR A 110 -27.44 -0.61 11.46
CA THR A 110 -28.71 0.07 11.25
C THR A 110 -28.48 1.50 10.78
N PRO A 111 -29.23 1.99 9.78
CA PRO A 111 -30.25 1.29 8.99
C PRO A 111 -29.67 0.30 7.98
N ARG A 112 -30.51 -0.65 7.56
CA ARG A 112 -30.04 -1.71 6.66
C ARG A 112 -29.73 -1.18 5.27
N TRP A 113 -30.45 -0.15 4.82
CA TRP A 113 -30.21 0.38 3.47
C TRP A 113 -28.78 0.92 3.32
N ALA A 114 -28.18 1.39 4.40
CA ALA A 114 -26.83 1.93 4.35
C ALA A 114 -25.74 0.86 4.34
N ASN A 115 -26.08 -0.40 4.66
CA ASN A 115 -25.07 -1.45 4.63
C ASN A 115 -24.55 -1.69 3.22
N TYR A 116 -25.41 -1.53 2.22
CA TYR A 116 -24.97 -1.67 0.83
C TYR A 116 -23.93 -0.61 0.48
N VAL A 117 -24.13 0.62 0.95
CA VAL A 117 -23.15 1.67 0.73
C VAL A 117 -21.89 1.40 1.53
N LYS A 118 -22.04 0.95 2.79
CA LYS A 118 -20.87 0.68 3.62
C LYS A 118 -20.03 -0.44 3.07
N GLY A 119 -20.66 -1.47 2.52
CA GLY A 119 -19.91 -2.60 1.98
C GLY A 119 -19.02 -2.20 0.82
N VAL A 120 -19.56 -1.44 -0.13
CA VAL A 120 -18.78 -1.01 -1.29
C VAL A 120 -17.62 -0.12 -0.87
N ILE A 121 -17.87 0.78 0.09
CA ILE A 121 -16.79 1.62 0.60
C ILE A 121 -15.72 0.75 1.24
N GLN A 122 -16.15 -0.24 2.04
CA GLN A 122 -15.21 -1.10 2.73
C GLN A 122 -14.33 -1.89 1.76
N TYR A 123 -14.93 -2.40 0.69
CA TYR A 123 -14.24 -3.28 -0.25
C TYR A 123 -13.79 -2.57 -1.52
N TYR A 124 -13.84 -1.24 -1.55
CA TYR A 124 -13.39 -0.52 -2.73
C TYR A 124 -11.89 -0.72 -2.91
N PRO A 125 -11.44 -1.10 -4.11
CA PRO A 125 -10.04 -1.51 -4.28
C PRO A 125 -9.04 -0.37 -4.46
N ALA A 126 -9.50 0.86 -4.67
CA ALA A 126 -8.59 1.98 -4.94
C ALA A 126 -8.45 2.87 -3.72
N ALA A 127 -7.36 3.65 -3.72
CA ALA A 127 -7.02 4.55 -2.63
C ALA A 127 -6.22 5.70 -3.21
N PRO A 128 -6.25 6.89 -2.58
CA PRO A 128 -6.99 7.24 -1.36
C PRO A 128 -8.45 7.64 -1.63
N LEU A 129 -9.34 7.09 -0.81
CA LEU A 129 -10.77 7.37 -0.92
C LEU A 129 -11.14 8.51 0.01
N PRO A 130 -11.60 9.65 -0.50
CA PRO A 130 -11.92 10.78 0.38
C PRO A 130 -13.31 10.61 0.98
N GLY A 131 -13.60 11.44 1.97
CA GLY A 131 -14.95 11.54 2.48
C GLY A 131 -15.88 12.19 1.48
N PHE A 132 -17.19 12.02 1.69
CA PHE A 132 -18.14 12.61 0.76
C PHE A 132 -19.50 12.77 1.42
N SER A 133 -20.27 13.71 0.88
CA SER A 133 -21.69 13.86 1.15
C SER A 133 -22.45 13.37 -0.06
N ALA A 134 -23.60 12.73 0.16
CA ALA A 134 -24.33 12.13 -0.94
C ALA A 134 -25.80 12.03 -0.62
N VAL A 135 -26.63 12.16 -1.66
CA VAL A 135 -28.06 11.93 -1.59
C VAL A 135 -28.40 10.77 -2.51
N VAL A 136 -29.21 9.84 -2.02
CA VAL A 136 -29.61 8.66 -2.78
C VAL A 136 -31.09 8.78 -3.10
N VAL A 137 -31.44 8.64 -4.37
CA VAL A 137 -32.82 8.55 -4.83
C VAL A 137 -32.96 7.29 -5.67
N SER A 138 -34.16 6.71 -5.68
CA SER A 138 -34.38 5.49 -6.43
C SER A 138 -35.83 5.40 -6.89
N SER A 139 -36.02 4.85 -8.09
CA SER A 139 -37.33 4.47 -8.58
C SER A 139 -37.54 2.96 -8.51
N VAL A 140 -36.51 2.20 -8.17
CA VAL A 140 -36.60 0.75 -7.98
C VAL A 140 -37.34 0.47 -6.67
N PRO A 141 -38.44 -0.29 -6.70
CA PRO A 141 -39.11 -0.65 -5.45
C PRO A 141 -38.19 -1.47 -4.57
N LEU A 142 -37.99 -1.00 -3.34
CA LEU A 142 -36.98 -1.59 -2.47
C LEU A 142 -37.41 -2.98 -2.01
N GLY A 143 -36.54 -3.97 -2.21
CA GLY A 143 -36.83 -5.34 -1.86
C GLY A 143 -37.93 -5.99 -2.67
N GLY A 144 -38.32 -5.40 -3.81
CA GLY A 144 -39.38 -5.91 -4.63
C GLY A 144 -38.97 -6.95 -5.65
N GLY A 145 -37.74 -7.45 -5.59
CA GLY A 145 -37.28 -8.46 -6.53
C GLY A 145 -36.67 -7.91 -7.80
N LEU A 146 -36.57 -6.60 -7.94
CA LEU A 146 -35.91 -5.99 -9.09
C LEU A 146 -34.49 -5.54 -8.76
N SER A 147 -33.93 -6.05 -7.66
CA SER A 147 -32.53 -5.83 -7.26
C SER A 147 -32.24 -4.36 -7.00
N SER A 148 -33.06 -3.74 -6.13
CA SER A 148 -32.78 -2.38 -5.69
C SER A 148 -31.42 -2.29 -5.01
N SER A 149 -31.07 -3.29 -4.20
CA SER A 149 -29.79 -3.29 -3.51
C SER A 149 -28.63 -3.21 -4.50
N ALA A 150 -28.66 -4.05 -5.54
CA ALA A 150 -27.56 -4.06 -6.51
C ALA A 150 -27.43 -2.72 -7.22
N SER A 151 -28.56 -2.10 -7.56
CA SER A 151 -28.52 -0.77 -8.16
C SER A 151 -27.85 0.23 -7.22
N LEU A 152 -28.13 0.12 -5.92
CA LEU A 152 -27.49 1.00 -4.95
C LEU A 152 -26.00 0.68 -4.82
N GLU A 153 -25.64 -0.60 -4.81
CA GLU A 153 -24.24 -0.97 -4.72
C GLU A 153 -23.45 -0.49 -5.93
N VAL A 154 -24.02 -0.67 -7.13
CA VAL A 154 -23.31 -0.28 -8.35
C VAL A 154 -23.25 1.24 -8.47
N ALA A 155 -24.33 1.92 -8.12
CA ALA A 155 -24.31 3.40 -8.09
C ALA A 155 -23.24 3.90 -7.13
N THR A 156 -23.16 3.30 -5.94
CA THR A 156 -22.13 3.69 -4.99
C THR A 156 -20.74 3.45 -5.57
N TYR A 157 -20.51 2.30 -6.18
CA TYR A 157 -19.21 2.02 -6.77
C TYR A 157 -18.88 3.02 -7.88
N THR A 158 -19.84 3.28 -8.76
CA THR A 158 -19.60 4.22 -9.85
C THR A 158 -19.34 5.62 -9.33
N PHE A 159 -20.00 5.99 -8.22
CA PHE A 159 -19.73 7.28 -7.59
C PHE A 159 -18.31 7.33 -7.05
N LEU A 160 -17.89 6.27 -6.34
CA LEU A 160 -16.55 6.24 -5.77
C LEU A 160 -15.47 6.31 -6.85
N GLN A 161 -15.77 5.81 -8.06
CA GLN A 161 -14.81 5.93 -9.16
C GLN A 161 -14.53 7.38 -9.50
N GLN A 162 -15.53 8.26 -9.31
CA GLN A 162 -15.30 9.68 -9.50
C GLN A 162 -14.37 10.25 -8.42
N LEU A 163 -14.50 9.75 -7.18
CA LEU A 163 -13.64 10.23 -6.11
C LEU A 163 -12.19 9.81 -6.31
N CYS A 164 -11.97 8.61 -6.84
CA CYS A 164 -10.62 8.08 -7.05
C CYS A 164 -10.70 6.94 -8.07
N PRO A 165 -10.17 7.14 -9.28
CA PRO A 165 -10.41 6.17 -10.35
C PRO A 165 -9.81 4.80 -10.05
N ASP A 166 -10.57 3.76 -10.39
CA ASP A 166 -10.25 2.37 -10.19
C ASP A 166 -9.46 1.83 -11.40
N SER A 167 -8.74 0.72 -11.19
CA SER A 167 -7.91 0.14 -12.24
C SER A 167 -8.35 -1.21 -12.77
N GLY A 168 -9.19 -1.95 -12.03
CA GLY A 168 -9.53 -3.31 -12.41
C GLY A 168 -10.53 -3.37 -13.54
N THR A 169 -10.96 -4.59 -13.83
CA THR A 169 -11.88 -4.86 -14.92
C THR A 169 -13.32 -4.64 -14.45
N ILE A 170 -14.25 -4.67 -15.41
CA ILE A 170 -15.66 -4.56 -15.08
C ILE A 170 -16.11 -5.73 -14.22
N ALA A 171 -15.56 -6.91 -14.47
CA ALA A 171 -15.89 -8.08 -13.66
C ALA A 171 -15.47 -7.87 -12.21
N ALA A 172 -14.31 -7.26 -11.99
CA ALA A 172 -13.84 -6.99 -10.64
C ALA A 172 -14.79 -6.05 -9.91
N ARG A 173 -15.38 -5.09 -10.61
CA ARG A 173 -16.33 -4.19 -9.99
C ARG A 173 -17.59 -4.93 -9.53
N ALA A 174 -18.09 -5.84 -10.37
CA ALA A 174 -19.29 -6.61 -10.00
C ALA A 174 -19.03 -7.50 -8.79
N GLN A 175 -17.80 -8.01 -8.65
CA GLN A 175 -17.49 -8.87 -7.52
C GLN A 175 -17.29 -8.09 -6.23
N VAL A 176 -16.88 -6.82 -6.33
CA VAL A 176 -16.79 -5.97 -5.14
C VAL A 176 -18.19 -5.72 -4.57
N CYS A 177 -19.13 -5.31 -5.44
CA CYS A 177 -20.51 -5.12 -4.99
C CYS A 177 -21.11 -6.43 -4.50
N GLN A 178 -20.72 -7.56 -5.11
CA GLN A 178 -21.21 -8.85 -4.64
C GLN A 178 -20.60 -9.20 -3.29
N GLN A 179 -19.34 -8.82 -3.08
CA GLN A 179 -18.71 -9.05 -1.77
C GLN A 179 -19.36 -8.21 -0.69
N ALA A 180 -19.86 -7.03 -1.04
CA ALA A 180 -20.61 -6.20 -0.10
C ALA A 180 -21.92 -6.86 0.31
N GLU A 181 -22.62 -7.46 -0.66
CA GLU A 181 -23.89 -8.10 -0.36
C GLU A 181 -23.71 -9.31 0.55
N HIS A 182 -22.60 -10.04 0.41
CA HIS A 182 -22.39 -11.22 1.24
C HIS A 182 -22.13 -10.83 2.68
N SER A 183 -21.20 -9.91 2.91
CA SER A 183 -20.75 -9.61 4.27
C SER A 183 -21.67 -8.61 4.96
N PHE A 184 -22.09 -7.55 4.25
CA PHE A 184 -22.83 -6.47 4.88
C PHE A 184 -24.34 -6.64 4.79
N ALA A 185 -24.83 -7.54 3.95
CA ALA A 185 -26.26 -7.79 3.84
C ALA A 185 -26.65 -9.22 4.22
N GLY A 186 -25.67 -10.08 4.49
CA GLY A 186 -25.97 -11.46 4.88
C GLY A 186 -26.70 -12.25 3.81
N MET A 187 -26.47 -11.96 2.54
CA MET A 187 -27.15 -12.62 1.44
C MET A 187 -26.11 -13.15 0.46
N PRO A 188 -25.93 -14.47 0.38
CA PRO A 188 -24.92 -15.07 -0.52
C PRO A 188 -25.43 -15.16 -1.95
N CYS A 189 -25.61 -14.00 -2.58
CA CYS A 189 -26.15 -13.89 -3.91
C CYS A 189 -25.11 -14.26 -4.97
N GLY A 190 -25.61 -14.43 -6.20
CA GLY A 190 -24.73 -14.58 -7.35
C GLY A 190 -24.29 -13.25 -7.91
N ILE A 191 -23.70 -13.30 -9.10
CA ILE A 191 -23.09 -12.12 -9.72
C ILE A 191 -24.02 -11.40 -10.70
N MET A 192 -25.17 -11.98 -11.05
CA MET A 192 -25.96 -11.43 -12.15
C MET A 192 -26.40 -10.00 -11.87
N ASP A 193 -27.01 -9.76 -10.71
CA ASP A 193 -27.62 -8.46 -10.43
C ASP A 193 -26.59 -7.34 -10.52
N GLN A 194 -25.41 -7.55 -9.92
CA GLN A 194 -24.35 -6.56 -10.01
C GLN A 194 -23.85 -6.42 -11.45
N PHE A 195 -23.79 -7.54 -12.19
CA PHE A 195 -23.23 -7.51 -13.53
C PHE A 195 -24.13 -6.79 -14.52
N ILE A 196 -25.43 -7.13 -14.52
CA ILE A 196 -26.33 -6.52 -15.49
C ILE A 196 -26.55 -5.04 -15.20
N SER A 197 -26.54 -4.65 -13.91
CA SER A 197 -26.64 -3.24 -13.58
C SER A 197 -25.45 -2.45 -14.10
N LEU A 198 -24.27 -3.06 -14.09
CA LEU A 198 -23.06 -2.39 -14.59
C LEU A 198 -23.01 -2.40 -16.12
N MET A 199 -23.46 -3.49 -16.74
CA MET A 199 -23.13 -3.77 -18.13
C MET A 199 -24.32 -3.71 -19.09
N GLY A 200 -25.51 -3.37 -18.62
CA GLY A 200 -26.66 -3.33 -19.49
C GLY A 200 -26.48 -2.34 -20.63
N GLN A 201 -27.16 -2.62 -21.73
CA GLN A 201 -27.19 -1.73 -22.89
C GLN A 201 -28.64 -1.59 -23.32
N LYS A 202 -29.01 -0.41 -23.82
CA LYS A 202 -30.41 -0.20 -24.14
C LYS A 202 -30.78 -1.07 -25.34
N GLY A 203 -32.07 -1.43 -25.42
CA GLY A 203 -32.53 -2.29 -26.47
C GLY A 203 -31.86 -3.65 -26.54
N HIS A 204 -31.24 -4.11 -25.45
CA HIS A 204 -30.52 -5.38 -25.45
C HIS A 204 -30.68 -6.09 -24.12
N ALA A 205 -30.96 -7.39 -24.17
CA ALA A 205 -30.70 -8.25 -23.01
C ALA A 205 -29.27 -8.76 -23.08
N LEU A 206 -28.78 -9.23 -21.94
CA LEU A 206 -27.40 -9.70 -21.82
C LEU A 206 -27.41 -11.18 -21.48
N LEU A 207 -26.91 -12.02 -22.38
CA LEU A 207 -26.69 -13.42 -22.05
C LEU A 207 -25.34 -13.50 -21.33
N ILE A 208 -25.37 -13.75 -20.04
CA ILE A 208 -24.18 -13.73 -19.20
C ILE A 208 -23.82 -15.16 -18.83
N ASP A 209 -22.61 -15.56 -19.19
CA ASP A 209 -22.03 -16.83 -18.76
C ASP A 209 -21.32 -16.58 -17.44
N CYS A 210 -21.90 -17.06 -16.35
CA CYS A 210 -21.37 -16.74 -15.03
C CYS A 210 -20.08 -17.50 -14.72
N ARG A 211 -19.68 -18.45 -15.57
CA ARG A 211 -18.40 -19.14 -15.39
C ARG A 211 -17.24 -18.37 -16.03
N SER A 212 -17.43 -17.86 -17.26
CA SER A 212 -16.40 -17.13 -17.97
C SER A 212 -16.58 -15.62 -17.91
N LEU A 213 -17.73 -15.15 -17.44
CA LEU A 213 -18.09 -13.73 -17.44
C LEU A 213 -18.09 -13.13 -18.83
N GLU A 214 -18.13 -13.97 -19.87
CA GLU A 214 -18.37 -13.50 -21.21
C GLU A 214 -19.83 -13.09 -21.35
N THR A 215 -20.08 -12.04 -22.12
CA THR A 215 -21.42 -11.51 -22.28
C THR A 215 -21.77 -11.48 -23.77
N SER A 216 -23.04 -11.69 -24.06
CA SER A 216 -23.56 -11.61 -25.42
C SER A 216 -24.77 -10.69 -25.40
N LEU A 217 -24.81 -9.77 -26.35
CA LEU A 217 -25.88 -8.78 -26.43
C LEU A 217 -26.97 -9.28 -27.37
N VAL A 218 -28.14 -9.56 -26.83
CA VAL A 218 -29.30 -10.00 -27.59
C VAL A 218 -30.25 -8.84 -27.70
N PRO A 219 -30.50 -8.32 -28.91
CA PRO A 219 -31.32 -7.11 -29.03
C PRO A 219 -32.78 -7.35 -28.71
N LEU A 220 -33.40 -6.37 -28.03
CA LEU A 220 -34.83 -6.35 -27.75
C LEU A 220 -35.34 -4.94 -27.98
N SER A 221 -35.46 -4.55 -29.25
CA SER A 221 -35.94 -3.23 -29.62
C SER A 221 -36.98 -3.38 -30.74
N ASP A 222 -38.02 -4.15 -30.43
CA ASP A 222 -39.14 -4.36 -31.34
C ASP A 222 -40.34 -3.61 -30.80
N PRO A 223 -40.84 -2.59 -31.50
CA PRO A 223 -41.98 -1.82 -30.97
C PRO A 223 -43.24 -2.65 -30.77
N LYS A 224 -43.34 -3.82 -31.40
CA LYS A 224 -44.46 -4.72 -31.18
C LYS A 224 -44.23 -5.66 -30.00
N LEU A 225 -43.12 -5.47 -29.27
CA LEU A 225 -42.76 -6.32 -28.15
C LEU A 225 -42.71 -5.51 -26.88
N ALA A 226 -43.28 -6.05 -25.81
CA ALA A 226 -43.32 -5.39 -24.51
C ALA A 226 -42.90 -6.38 -23.42
N VAL A 227 -42.20 -5.87 -22.42
CA VAL A 227 -41.84 -6.63 -21.23
C VAL A 227 -42.62 -6.04 -20.06
N LEU A 228 -43.49 -6.83 -19.46
CA LEU A 228 -44.36 -6.39 -18.37
C LEU A 228 -43.88 -6.97 -17.06
N ILE A 229 -43.64 -6.12 -16.07
CA ILE A 229 -43.24 -6.54 -14.74
C ILE A 229 -44.46 -6.42 -13.84
N THR A 230 -44.79 -7.49 -13.14
CA THR A 230 -45.92 -7.50 -12.23
C THR A 230 -45.40 -7.79 -10.84
N ASN A 231 -45.43 -6.78 -9.98
CA ASN A 231 -45.03 -6.93 -8.59
C ASN A 231 -46.19 -7.55 -7.82
N SER A 232 -45.92 -8.69 -7.16
CA SER A 232 -46.94 -9.34 -6.36
C SER A 232 -47.21 -8.63 -5.04
N ASN A 233 -46.26 -7.81 -4.55
CA ASN A 233 -46.42 -7.10 -3.28
C ASN A 233 -46.63 -8.05 -2.10
N VAL A 234 -45.70 -9.00 -1.93
CA VAL A 234 -45.85 -9.92 -0.81
C VAL A 234 -44.61 -9.92 0.10
N ARG A 235 -43.46 -10.35 -0.42
CA ARG A 235 -42.24 -10.37 0.41
C ARG A 235 -40.97 -10.59 -0.41
N SER A 240 -36.00 -14.35 2.44
CA SER A 240 -35.25 -15.40 1.79
C SER A 240 -34.62 -16.36 2.79
N SER A 241 -35.46 -17.11 3.50
CA SER A 241 -34.96 -18.08 4.47
C SER A 241 -34.40 -19.33 3.79
N GLU A 242 -34.96 -19.71 2.65
CA GLU A 242 -34.59 -20.96 1.97
C GLU A 242 -33.57 -20.76 0.86
N TYR A 243 -33.26 -19.53 0.48
CA TYR A 243 -32.30 -19.28 -0.59
C TYR A 243 -30.92 -19.86 -0.28
N PRO A 244 -30.30 -19.62 0.88
CA PRO A 244 -29.04 -20.31 1.20
C PRO A 244 -29.11 -21.82 1.05
N VAL A 245 -30.14 -22.45 1.62
CA VAL A 245 -30.26 -23.91 1.59
C VAL A 245 -30.24 -24.43 0.16
N ARG A 246 -30.94 -23.74 -0.76
CA ARG A 246 -30.94 -24.17 -2.16
C ARG A 246 -29.53 -24.14 -2.75
N ARG A 247 -28.71 -23.18 -2.32
CA ARG A 247 -27.36 -23.06 -2.87
C ARG A 247 -26.49 -24.24 -2.47
N ARG A 248 -26.57 -24.67 -1.20
CA ARG A 248 -25.74 -25.77 -0.74
C ARG A 248 -26.22 -27.13 -1.25
N GLN A 249 -27.51 -27.28 -1.57
CA GLN A 249 -27.96 -28.54 -2.19
C GLN A 249 -27.33 -28.72 -3.56
N CYS A 250 -27.17 -27.62 -4.30
CA CYS A 250 -26.51 -27.68 -5.60
C CYS A 250 -25.03 -28.00 -5.45
N GLU A 251 -24.37 -27.44 -4.43
CA GLU A 251 -22.95 -27.72 -4.24
C GLU A 251 -22.71 -29.16 -3.78
N GLU A 252 -23.64 -29.72 -3.01
CA GLU A 252 -23.52 -31.12 -2.61
C GLU A 252 -23.68 -32.04 -3.82
N VAL A 253 -24.63 -31.74 -4.70
CA VAL A 253 -24.82 -32.55 -5.89
C VAL A 253 -23.59 -32.48 -6.78
N ALA A 254 -23.05 -31.28 -6.98
CA ALA A 254 -21.83 -31.13 -7.77
C ALA A 254 -20.68 -31.88 -7.13
N ARG A 255 -20.56 -31.81 -5.80
CA ARG A 255 -19.49 -32.54 -5.11
C ARG A 255 -19.68 -34.05 -5.22
N ALA A 256 -20.93 -34.51 -5.16
CA ALA A 256 -21.18 -35.94 -5.25
C ALA A 256 -20.85 -36.51 -6.63
N LEU A 257 -20.98 -35.70 -7.68
CA LEU A 257 -20.69 -36.14 -9.04
C LEU A 257 -19.26 -35.80 -9.46
N GLY A 258 -18.42 -35.35 -8.53
CA GLY A 258 -17.04 -35.01 -8.83
C GLY A 258 -16.85 -33.84 -9.76
N ALA A 259 -17.85 -32.96 -9.87
CA ALA A 259 -17.78 -31.80 -10.74
C ALA A 259 -17.60 -30.53 -9.91
N ALA A 260 -16.99 -29.52 -10.54
CA ALA A 260 -16.80 -28.24 -9.86
C ALA A 260 -18.11 -27.48 -9.70
N SER A 261 -19.07 -27.69 -10.61
CA SER A 261 -20.36 -27.01 -10.54
C SER A 261 -21.35 -27.71 -11.44
N LEU A 262 -22.64 -27.44 -11.19
CA LEU A 262 -23.72 -28.01 -11.98
C LEU A 262 -23.69 -27.58 -13.44
N ARG A 263 -22.91 -26.55 -13.76
CA ARG A 263 -22.74 -26.18 -15.15
C ARG A 263 -22.02 -27.29 -15.93
N GLU A 264 -21.14 -28.06 -15.25
CA GLU A 264 -20.36 -29.10 -15.92
C GLU A 264 -21.22 -30.36 -16.12
N VAL A 265 -22.43 -30.42 -15.54
CA VAL A 265 -23.30 -31.61 -15.57
C VAL A 265 -24.45 -31.39 -16.56
N GLN A 266 -24.66 -32.35 -17.46
CA GLN A 266 -25.81 -32.33 -18.35
C GLN A 266 -26.86 -33.33 -17.86
N LEU A 267 -28.09 -33.17 -18.37
CA LEU A 267 -29.22 -33.94 -17.84
C LEU A 267 -28.98 -35.45 -17.92
N GLU A 268 -28.27 -35.90 -18.96
CA GLU A 268 -28.06 -37.34 -19.11
C GLU A 268 -27.11 -37.89 -18.04
N GLU A 269 -26.10 -37.12 -17.64
CA GLU A 269 -25.23 -37.60 -16.57
C GLU A 269 -25.90 -37.50 -15.21
N LEU A 270 -26.75 -36.48 -15.03
CA LEU A 270 -27.48 -36.36 -13.77
C LEU A 270 -28.46 -37.52 -13.64
N GLU A 271 -29.07 -37.95 -14.75
CA GLU A 271 -29.96 -39.10 -14.71
C GLU A 271 -29.16 -40.39 -14.53
N ALA A 272 -27.94 -40.45 -15.05
CA ALA A 272 -27.10 -41.63 -14.86
C ALA A 272 -26.55 -41.74 -13.45
N ALA A 273 -26.51 -40.65 -12.69
CA ALA A 273 -26.01 -40.66 -11.32
C ALA A 273 -27.14 -40.44 -10.31
N ARG A 274 -28.37 -40.76 -10.70
CA ARG A 274 -29.54 -40.50 -9.86
C ARG A 274 -29.42 -41.14 -8.47
N ASP A 275 -28.81 -42.31 -8.39
CA ASP A 275 -28.69 -43.02 -7.12
C ASP A 275 -27.52 -42.55 -6.27
N LEU A 276 -26.70 -41.63 -6.77
CA LEU A 276 -25.57 -41.11 -6.02
C LEU A 276 -25.91 -39.88 -5.19
N VAL A 277 -27.09 -39.30 -5.36
CA VAL A 277 -27.46 -38.06 -4.71
C VAL A 277 -28.85 -38.21 -4.12
N SER A 278 -29.19 -37.27 -3.22
CA SER A 278 -30.50 -37.27 -2.59
C SER A 278 -31.61 -37.06 -3.63
N LYS A 279 -32.81 -37.51 -3.25
CA LYS A 279 -33.98 -37.35 -4.12
C LYS A 279 -34.36 -35.89 -4.30
N GLU A 280 -34.31 -35.10 -3.21
CA GLU A 280 -34.51 -33.67 -3.38
C GLU A 280 -33.35 -33.04 -4.11
N GLY A 281 -32.12 -33.42 -3.76
CA GLY A 281 -30.96 -32.89 -4.45
C GLY A 281 -31.01 -33.14 -5.95
N PHE A 282 -31.53 -34.31 -6.35
CA PHE A 282 -31.67 -34.59 -7.77
C PHE A 282 -32.69 -33.65 -8.41
N ARG A 283 -33.75 -33.31 -7.68
CA ARG A 283 -34.77 -32.44 -8.25
C ARG A 283 -34.29 -30.99 -8.36
N ARG A 284 -33.37 -30.57 -7.48
CA ARG A 284 -32.80 -29.24 -7.61
C ARG A 284 -31.86 -29.17 -8.81
N ALA A 285 -31.00 -30.17 -8.97
CA ALA A 285 -30.06 -30.17 -10.09
C ALA A 285 -30.77 -30.30 -11.43
N ARG A 286 -31.92 -30.99 -11.45
CA ARG A 286 -32.65 -31.12 -12.71
C ARG A 286 -33.14 -29.76 -13.20
N HIS A 287 -33.57 -28.89 -12.28
CA HIS A 287 -33.91 -27.53 -12.68
C HIS A 287 -32.68 -26.79 -13.18
N VAL A 288 -31.61 -26.79 -12.38
CA VAL A 288 -30.42 -25.98 -12.69
C VAL A 288 -29.85 -26.38 -14.03
N VAL A 289 -29.66 -27.69 -14.26
CA VAL A 289 -29.11 -28.15 -15.52
C VAL A 289 -30.06 -27.86 -16.68
N GLY A 290 -31.37 -28.05 -16.45
CA GLY A 290 -32.34 -27.76 -17.48
C GLY A 290 -32.52 -26.29 -17.75
N GLU A 291 -32.38 -25.46 -16.70
CA GLU A 291 -32.56 -24.02 -16.88
C GLU A 291 -31.40 -23.43 -17.67
N ILE A 292 -30.17 -23.89 -17.40
CA ILE A 292 -29.02 -23.46 -18.19
C ILE A 292 -29.27 -23.71 -19.68
N ARG A 293 -29.81 -24.88 -20.01
CA ARG A 293 -30.10 -25.21 -21.40
C ARG A 293 -31.24 -24.35 -21.94
N ARG A 294 -32.23 -24.04 -21.10
CA ARG A 294 -33.38 -23.26 -21.54
C ARG A 294 -32.99 -21.83 -21.91
N THR A 295 -32.05 -21.23 -21.17
CA THR A 295 -31.64 -19.86 -21.48
C THR A 295 -30.86 -19.80 -22.79
N ALA A 296 -29.99 -20.79 -23.02
CA ALA A 296 -29.30 -20.85 -24.30
C ALA A 296 -30.30 -20.99 -25.44
N GLN A 297 -31.38 -21.76 -25.23
CA GLN A 297 -32.42 -21.85 -26.24
C GLN A 297 -33.24 -20.57 -26.29
N ALA A 298 -33.42 -19.89 -25.15
CA ALA A 298 -34.18 -18.66 -25.14
C ALA A 298 -33.44 -17.53 -25.85
N ALA A 299 -32.13 -17.43 -25.64
CA ALA A 299 -31.36 -16.43 -26.35
C ALA A 299 -31.41 -16.66 -27.86
N ALA A 300 -31.27 -17.93 -28.29
CA ALA A 300 -31.34 -18.24 -29.71
C ALA A 300 -32.72 -17.93 -30.27
N ALA A 301 -33.78 -18.27 -29.54
CA ALA A 301 -35.12 -17.96 -29.98
C ALA A 301 -35.34 -16.47 -30.11
N LEU A 302 -34.75 -15.69 -29.19
CA LEU A 302 -34.92 -14.25 -29.22
C LEU A 302 -34.14 -13.59 -30.35
N ARG A 303 -32.99 -14.16 -30.71
CA ARG A 303 -32.20 -13.61 -31.80
C ARG A 303 -32.95 -13.71 -33.13
N ARG A 304 -33.64 -14.82 -33.37
CA ARG A 304 -34.39 -15.02 -34.61
C ARG A 304 -35.82 -14.53 -34.52
N GLY A 305 -36.20 -13.87 -33.43
CA GLY A 305 -37.52 -13.29 -33.33
C GLY A 305 -38.65 -14.26 -33.03
N ASP A 306 -38.33 -15.46 -32.53
CA ASP A 306 -39.36 -16.47 -32.24
C ASP A 306 -39.83 -16.25 -30.80
N TYR A 307 -40.73 -15.27 -30.64
CA TYR A 307 -41.20 -14.91 -29.31
C TYR A 307 -42.09 -16.00 -28.72
N ARG A 308 -42.79 -16.76 -29.56
CA ARG A 308 -43.62 -17.85 -29.05
C ARG A 308 -42.75 -18.95 -28.46
N ALA A 309 -41.61 -19.26 -29.09
CA ALA A 309 -40.68 -20.22 -28.51
C ALA A 309 -40.06 -19.69 -27.24
N PHE A 310 -39.71 -18.39 -27.23
CA PHE A 310 -39.20 -17.78 -26.01
C PHE A 310 -40.21 -17.88 -24.88
N GLY A 311 -41.47 -17.58 -25.17
CA GLY A 311 -42.50 -17.63 -24.14
C GLY A 311 -42.70 -19.03 -23.58
N ARG A 312 -42.64 -20.05 -24.46
CA ARG A 312 -42.79 -21.42 -23.98
C ARG A 312 -41.65 -21.81 -23.06
N LEU A 313 -40.44 -21.33 -23.34
CA LEU A 313 -39.31 -21.58 -22.45
C LEU A 313 -39.48 -20.88 -21.12
N MET A 314 -40.14 -19.72 -21.10
CA MET A 314 -40.43 -19.06 -19.83
C MET A 314 -41.37 -19.90 -18.98
N VAL A 315 -42.39 -20.49 -19.60
CA VAL A 315 -43.36 -21.29 -18.87
C VAL A 315 -42.72 -22.55 -18.33
N GLU A 316 -41.84 -23.17 -19.12
CA GLU A 316 -41.10 -24.33 -18.62
C GLU A 316 -40.20 -23.94 -17.46
N SER A 317 -39.59 -22.76 -17.53
CA SER A 317 -38.73 -22.29 -16.45
C SER A 317 -39.54 -22.06 -15.17
N HIS A 318 -40.74 -21.50 -15.28
CA HIS A 318 -41.55 -21.25 -14.09
C HIS A 318 -42.01 -22.55 -13.47
N ARG A 319 -42.59 -23.44 -14.27
CA ARG A 319 -43.03 -24.74 -13.76
C ARG A 319 -41.86 -25.51 -13.13
N SER A 320 -40.67 -25.39 -13.72
CA SER A 320 -39.48 -26.02 -13.13
C SER A 320 -39.17 -25.42 -11.77
N LEU A 321 -39.25 -24.09 -11.64
CA LEU A 321 -39.00 -23.44 -10.36
C LEU A 321 -40.06 -23.79 -9.34
N ARG A 322 -41.29 -24.05 -9.79
CA ARG A 322 -42.40 -24.33 -8.89
C ARG A 322 -42.36 -25.75 -8.36
N ASP A 323 -41.98 -26.71 -9.20
CA ASP A 323 -42.03 -28.12 -8.83
C ASP A 323 -40.67 -28.68 -8.42
N ASP A 324 -39.63 -28.45 -9.22
CA ASP A 324 -38.32 -29.05 -8.97
C ASP A 324 -37.50 -28.23 -7.97
N TYR A 325 -37.41 -26.92 -8.18
CA TYR A 325 -36.62 -26.07 -7.29
C TYR A 325 -37.42 -25.56 -6.09
N GLU A 326 -38.74 -25.53 -6.20
CA GLU A 326 -39.65 -25.13 -5.12
C GLU A 326 -39.24 -23.80 -4.49
N VAL A 327 -39.25 -22.75 -5.33
CA VAL A 327 -38.91 -21.41 -4.85
C VAL A 327 -40.00 -20.42 -5.25
N SER A 328 -41.12 -20.91 -5.75
CA SER A 328 -42.26 -20.07 -6.06
C SER A 328 -43.26 -20.08 -4.90
N CYS A 329 -44.28 -19.23 -5.01
CA CYS A 329 -45.32 -19.15 -3.99
C CYS A 329 -46.69 -19.11 -4.66
N PRO A 330 -47.79 -19.33 -3.93
CA PRO A 330 -49.11 -19.32 -4.56
C PRO A 330 -49.46 -18.02 -5.26
N GLU A 331 -49.00 -16.87 -4.74
CA GLU A 331 -49.30 -15.60 -5.39
C GLU A 331 -48.61 -15.51 -6.75
N LEU A 332 -47.34 -15.91 -6.82
CA LEU A 332 -46.63 -15.90 -8.10
C LEU A 332 -47.26 -16.86 -9.08
N ASP A 333 -47.66 -18.06 -8.62
CA ASP A 333 -48.29 -19.03 -9.51
C ASP A 333 -49.62 -18.51 -10.02
N GLN A 334 -50.35 -17.77 -9.19
CA GLN A 334 -51.63 -17.21 -9.62
C GLN A 334 -51.43 -16.09 -10.63
N LEU A 335 -50.37 -15.29 -10.45
CA LEU A 335 -50.07 -14.24 -11.41
C LEU A 335 -49.64 -14.81 -12.75
N VAL A 336 -48.88 -15.90 -12.74
CA VAL A 336 -48.40 -16.49 -14.00
C VAL A 336 -49.57 -17.11 -14.75
N GLU A 337 -50.41 -17.88 -14.05
CA GLU A 337 -51.54 -18.52 -14.71
C GLU A 337 -52.53 -17.52 -15.28
N ALA A 338 -52.70 -16.37 -14.60
CA ALA A 338 -53.57 -15.33 -15.15
C ALA A 338 -52.99 -14.73 -16.42
N ALA A 339 -51.68 -14.45 -16.43
CA ALA A 339 -51.04 -13.90 -17.62
C ALA A 339 -51.05 -14.91 -18.77
N LEU A 340 -50.88 -16.20 -18.45
CA LEU A 340 -50.81 -17.22 -19.49
C LEU A 340 -52.13 -17.42 -20.20
N ALA A 341 -53.25 -17.02 -19.58
CA ALA A 341 -54.54 -17.19 -20.23
C ALA A 341 -54.79 -16.15 -21.30
N VAL A 342 -54.04 -15.05 -21.30
CA VAL A 342 -54.24 -13.99 -22.29
C VAL A 342 -53.48 -14.34 -23.57
N PRO A 343 -54.16 -14.45 -24.71
CA PRO A 343 -53.45 -14.59 -25.98
C PRO A 343 -52.76 -13.28 -26.31
N GLY A 344 -51.58 -13.38 -26.89
CA GLY A 344 -50.74 -12.21 -27.08
C GLY A 344 -49.75 -12.04 -25.97
N VAL A 345 -49.87 -12.85 -24.91
CA VAL A 345 -48.81 -13.01 -23.93
C VAL A 345 -48.01 -14.20 -24.42
N TYR A 346 -46.71 -14.01 -24.61
CA TYR A 346 -45.91 -15.13 -25.11
C TYR A 346 -45.55 -16.08 -23.99
N GLY A 347 -45.23 -15.54 -22.82
CA GLY A 347 -44.91 -16.35 -21.67
C GLY A 347 -44.85 -15.48 -20.44
N SER A 348 -44.90 -16.14 -19.29
CA SER A 348 -44.85 -15.43 -18.02
C SER A 348 -44.14 -16.34 -17.04
N ARG A 349 -43.52 -15.71 -16.04
CA ARG A 349 -42.59 -16.47 -15.20
C ARG A 349 -42.22 -15.62 -13.99
N MET A 350 -41.95 -16.29 -12.88
CA MET A 350 -41.40 -15.62 -11.71
C MET A 350 -39.97 -15.18 -11.99
N THR A 351 -39.56 -14.09 -11.33
CA THR A 351 -38.22 -13.57 -11.48
C THR A 351 -37.60 -13.36 -10.11
N GLY A 352 -36.28 -13.25 -10.09
CA GLY A 352 -35.56 -13.09 -8.84
C GLY A 352 -35.41 -14.39 -8.08
N GLY A 353 -35.07 -14.25 -6.80
CA GLY A 353 -34.84 -15.42 -5.96
C GLY A 353 -36.10 -16.23 -5.71
N GLY A 354 -37.26 -15.59 -5.77
CA GLY A 354 -38.52 -16.28 -5.54
C GLY A 354 -39.13 -15.98 -4.18
N PHE A 355 -40.10 -16.83 -3.82
CA PHE A 355 -40.88 -16.67 -2.59
C PHE A 355 -41.54 -15.29 -2.56
N GLY A 356 -42.13 -14.91 -3.68
CA GLY A 356 -42.68 -13.59 -3.85
C GLY A 356 -41.91 -12.77 -4.86
N GLY A 357 -42.10 -11.46 -4.76
CA GLY A 357 -41.45 -10.53 -5.69
C GLY A 357 -42.29 -10.32 -6.92
N CYS A 358 -41.66 -10.37 -8.08
CA CYS A 358 -42.30 -9.99 -9.34
C CYS A 358 -42.38 -11.18 -10.28
N THR A 359 -43.24 -11.04 -11.29
CA THR A 359 -43.27 -11.93 -12.43
C THR A 359 -42.95 -11.13 -13.68
N VAL A 360 -42.14 -11.71 -14.56
CA VAL A 360 -41.82 -11.08 -15.85
C VAL A 360 -42.71 -11.71 -16.92
N THR A 361 -43.21 -10.87 -17.83
CA THR A 361 -44.10 -11.31 -18.88
C THR A 361 -43.66 -10.68 -20.20
N LEU A 362 -43.53 -11.51 -21.23
CA LEU A 362 -43.24 -11.04 -22.58
C LEU A 362 -44.51 -11.16 -23.39
N LEU A 363 -44.90 -10.08 -24.05
CA LEU A 363 -46.21 -10.02 -24.68
C LEU A 363 -46.19 -8.99 -25.81
N GLU A 364 -47.22 -9.04 -26.64
CA GLU A 364 -47.39 -8.02 -27.67
C GLU A 364 -47.69 -6.67 -27.05
N ALA A 365 -47.10 -5.62 -27.62
CA ALA A 365 -47.26 -4.28 -27.05
C ALA A 365 -48.73 -3.87 -27.00
N SER A 366 -49.52 -4.27 -28.01
CA SER A 366 -50.92 -3.86 -28.05
C SER A 366 -51.76 -4.56 -26.97
N ALA A 367 -51.30 -5.72 -26.50
CA ALA A 367 -52.05 -6.49 -25.51
C ALA A 367 -51.77 -6.05 -24.08
N ALA A 368 -50.87 -5.08 -23.88
CA ALA A 368 -50.50 -4.68 -22.52
C ALA A 368 -51.67 -4.14 -21.70
N PRO A 369 -52.52 -3.23 -22.20
CA PRO A 369 -53.63 -2.77 -21.36
C PRO A 369 -54.58 -3.86 -20.91
N HIS A 370 -54.99 -4.75 -21.82
CA HIS A 370 -55.91 -5.83 -21.43
C HIS A 370 -55.22 -6.86 -20.55
N ALA A 371 -53.93 -7.13 -20.78
CA ALA A 371 -53.21 -8.09 -19.94
C ALA A 371 -53.19 -7.63 -18.49
N MET A 372 -52.94 -6.34 -18.25
CA MET A 372 -52.92 -5.83 -16.89
C MET A 372 -54.29 -5.95 -16.24
N ARG A 373 -55.35 -5.63 -17.01
CA ARG A 373 -56.70 -5.74 -16.46
C ARG A 373 -57.06 -7.18 -16.17
N HIS A 374 -56.65 -8.10 -17.06
CA HIS A 374 -56.98 -9.51 -16.85
C HIS A 374 -56.18 -10.09 -15.69
N ILE A 375 -54.89 -9.73 -15.59
CA ILE A 375 -54.06 -10.22 -14.49
C ILE A 375 -54.59 -9.68 -13.16
N GLN A 376 -54.93 -8.39 -13.12
CA GLN A 376 -55.41 -7.78 -11.88
C GLN A 376 -56.75 -8.38 -11.45
N GLU A 377 -57.61 -8.71 -12.42
CA GLU A 377 -58.93 -9.25 -12.10
C GLU A 377 -58.83 -10.64 -11.47
N HIS A 378 -57.82 -11.41 -11.84
CA HIS A 378 -57.68 -12.79 -11.39
C HIS A 378 -56.66 -12.95 -10.26
N TYR A 379 -56.20 -11.85 -9.67
CA TYR A 379 -55.22 -11.90 -8.59
C TYR A 379 -55.88 -11.51 -7.28
N GLY A 380 -55.70 -12.36 -6.27
CA GLY A 380 -56.26 -12.13 -4.94
C GLY A 380 -55.49 -11.13 -4.09
N GLY A 381 -54.88 -10.14 -4.74
CA GLY A 381 -54.12 -9.13 -4.04
C GLY A 381 -54.00 -7.88 -4.88
N THR A 382 -53.14 -6.96 -4.42
CA THR A 382 -52.87 -5.72 -5.12
C THR A 382 -51.60 -5.89 -5.94
N ALA A 383 -51.76 -5.96 -7.26
CA ALA A 383 -50.63 -6.04 -8.18
C ALA A 383 -50.28 -4.66 -8.72
N THR A 384 -48.98 -4.37 -8.76
CA THR A 384 -48.46 -3.16 -9.40
C THR A 384 -47.71 -3.57 -10.66
N PHE A 385 -47.80 -2.73 -11.69
CA PHE A 385 -47.28 -3.06 -13.01
C PHE A 385 -46.17 -2.09 -13.40
N TYR A 386 -45.20 -2.61 -14.15
CA TYR A 386 -44.19 -1.80 -14.81
C TYR A 386 -44.03 -2.28 -16.24
N LEU A 387 -44.19 -1.38 -17.20
CA LEU A 387 -43.85 -1.63 -18.59
C LEU A 387 -42.46 -1.06 -18.83
N SER A 388 -41.48 -1.94 -19.08
CA SER A 388 -40.09 -1.52 -19.11
C SER A 388 -39.45 -1.93 -20.43
N GLN A 389 -38.47 -1.14 -20.85
CA GLN A 389 -37.61 -1.44 -21.98
C GLN A 389 -36.20 -1.73 -21.47
N ALA A 390 -35.42 -2.41 -22.32
CA ALA A 390 -34.03 -2.65 -21.97
C ALA A 390 -33.31 -1.32 -21.88
N ALA A 391 -32.66 -1.06 -20.75
CA ALA A 391 -32.04 0.22 -20.49
C ALA A 391 -30.54 0.09 -20.43
N ASP A 392 -29.87 1.24 -20.34
CA ASP A 392 -28.42 1.25 -20.25
C ASP A 392 -27.98 0.95 -18.83
N GLY A 393 -26.71 0.58 -18.69
CA GLY A 393 -26.14 0.24 -17.41
C GLY A 393 -25.74 1.47 -16.63
N ALA A 394 -24.88 1.25 -15.63
CA ALA A 394 -24.43 2.34 -14.78
C ALA A 394 -23.72 3.40 -15.63
N LYS A 395 -24.01 4.66 -15.32
CA LYS A 395 -23.49 5.75 -16.14
C LYS A 395 -23.20 6.96 -15.26
N VAL A 396 -22.17 7.70 -15.64
CA VAL A 396 -21.84 8.95 -14.99
C VAL A 396 -22.72 10.05 -15.55
N LEU A 397 -23.27 10.88 -14.66
CA LEU A 397 -24.10 12.01 -15.04
C LEU A 397 -23.34 13.30 -14.76
N CYS A 398 -23.28 14.19 -15.75
CA CYS A 398 -22.58 15.45 -15.61
C CYS A 398 -23.54 16.53 -15.10
N LEU A 399 -23.10 17.25 -14.08
CA LEU A 399 -23.92 18.32 -13.51
C LEU A 399 -23.49 19.68 -14.05
N LEU B 11 2.24 30.52 -4.47
CA LEU B 11 3.66 30.52 -4.80
C LEU B 11 4.33 31.82 -4.34
N ARG B 12 5.40 31.68 -3.56
CA ARG B 12 6.16 32.83 -3.06
C ARG B 12 7.30 33.14 -4.03
N GLN B 13 7.64 34.43 -4.10
CA GLN B 13 8.61 34.91 -5.10
C GLN B 13 9.48 36.01 -4.52
N PRO B 14 10.65 35.65 -3.96
CA PRO B 14 11.62 36.69 -3.60
C PRO B 14 12.88 36.65 -4.45
N GLN B 15 13.40 37.83 -4.80
CA GLN B 15 14.60 37.96 -5.63
C GLN B 15 15.79 38.44 -4.80
N VAL B 16 16.98 38.21 -5.34
CA VAL B 16 18.22 38.53 -4.65
C VAL B 16 18.37 40.04 -4.43
N ALA B 17 17.86 40.87 -5.35
CA ALA B 17 17.96 42.31 -5.18
C ALA B 17 17.20 42.79 -3.97
N GLU B 18 15.99 42.25 -3.76
CA GLU B 18 15.23 42.58 -2.56
C GLU B 18 15.91 42.03 -1.31
N LEU B 19 16.44 40.81 -1.41
CA LEU B 19 17.13 40.20 -0.27
C LEU B 19 18.38 40.99 0.10
N LEU B 20 19.14 41.44 -0.91
CA LEU B 20 20.33 42.24 -0.62
C LEU B 20 19.96 43.56 0.05
N ALA B 21 18.91 44.22 -0.43
CA ALA B 21 18.47 45.47 0.18
C ALA B 21 17.99 45.26 1.61
N GLU B 22 17.26 44.17 1.84
CA GLU B 22 16.80 43.84 3.18
C GLU B 22 17.98 43.60 4.12
N ALA B 23 18.99 42.86 3.65
CA ALA B 23 20.15 42.58 4.47
C ALA B 23 20.90 43.86 4.85
N ARG B 24 20.90 44.86 3.96
CA ARG B 24 21.67 46.08 4.22
C ARG B 24 20.96 47.01 5.17
N ARG B 25 19.63 47.08 5.10
CA ARG B 25 18.89 47.88 6.07
C ARG B 25 19.01 47.29 7.47
N ALA B 26 19.02 45.96 7.57
CA ALA B 26 19.20 45.32 8.87
C ALA B 26 20.61 45.53 9.40
N PHE B 27 21.62 45.48 8.51
CA PHE B 27 22.99 45.71 8.96
C PHE B 27 23.20 47.15 9.39
N ARG B 28 22.60 48.10 8.66
CA ARG B 28 22.77 49.51 9.00
C ARG B 28 22.07 49.87 10.31
N GLU B 29 20.91 49.27 10.58
CA GLU B 29 20.15 49.58 11.77
C GLU B 29 20.63 48.79 12.99
N GLU B 30 21.73 48.06 12.86
CA GLU B 30 22.24 47.23 13.93
C GLU B 30 23.69 47.51 14.24
N PHE B 31 24.47 47.94 13.24
CA PHE B 31 25.87 48.27 13.41
C PHE B 31 26.18 49.73 13.08
N GLY B 32 25.21 50.49 12.61
CA GLY B 32 25.37 51.91 12.33
C GLY B 32 25.83 52.25 10.93
N ALA B 33 26.78 51.48 10.39
CA ALA B 33 27.34 51.71 9.07
C ALA B 33 26.76 50.74 8.05
N GLU B 34 27.14 50.97 6.80
CA GLU B 34 26.81 50.11 5.68
C GLU B 34 27.80 48.96 5.61
N PRO B 35 27.35 47.78 5.18
CA PRO B 35 28.28 46.64 5.08
C PRO B 35 29.27 46.82 3.93
N GLU B 36 30.42 46.20 4.08
CA GLU B 36 31.49 46.29 3.08
C GLU B 36 31.53 45.09 2.15
N LEU B 37 30.96 43.96 2.56
CA LEU B 37 31.01 42.71 1.80
C LEU B 37 29.62 42.10 1.74
N ALA B 38 29.37 41.33 0.68
CA ALA B 38 28.09 40.66 0.53
C ALA B 38 28.30 39.38 -0.26
N VAL B 39 27.64 38.30 0.17
CA VAL B 39 27.74 37.00 -0.48
C VAL B 39 26.36 36.36 -0.46
N SER B 40 26.18 35.39 -1.36
CA SER B 40 24.94 34.62 -1.39
C SER B 40 25.24 33.16 -1.70
N ALA B 41 24.37 32.29 -1.20
CA ALA B 41 24.47 30.86 -1.46
C ALA B 41 23.05 30.31 -1.49
N PRO B 42 22.69 29.54 -2.51
CA PRO B 42 21.30 29.08 -2.65
C PRO B 42 21.03 27.79 -1.88
N GLY B 43 19.74 27.52 -1.70
CA GLY B 43 19.29 26.22 -1.29
C GLY B 43 19.27 25.27 -2.47
N ARG B 44 18.78 24.05 -2.21
CA ARG B 44 18.82 23.03 -3.25
C ARG B 44 17.59 22.15 -3.16
N VAL B 45 17.23 21.57 -4.29
CA VAL B 45 16.28 20.47 -4.36
C VAL B 45 16.94 19.33 -5.12
N ASN B 46 16.67 18.10 -4.71
CA ASN B 46 17.21 16.92 -5.37
C ASN B 46 16.17 16.38 -6.33
N LEU B 47 16.49 16.40 -7.62
CA LEU B 47 15.54 15.89 -8.60
C LEU B 47 15.44 14.37 -8.51
N ILE B 48 16.55 13.70 -8.27
CA ILE B 48 16.60 12.25 -8.14
C ILE B 48 17.94 11.85 -7.55
N GLY B 49 17.98 10.72 -6.85
CA GLY B 49 19.21 10.24 -6.25
C GLY B 49 19.26 10.44 -4.75
N GLU B 50 18.19 10.06 -4.06
CA GLU B 50 18.12 10.27 -2.63
C GLU B 50 18.86 9.15 -1.90
N HIS B 51 19.63 9.55 -0.88
CA HIS B 51 20.37 8.62 -0.02
C HIS B 51 21.37 7.76 -0.81
N THR B 52 21.84 8.24 -1.97
CA THR B 52 23.00 7.66 -2.66
C THR B 52 24.30 8.37 -2.33
N ASP B 53 24.18 9.62 -1.91
CA ASP B 53 25.20 10.50 -1.38
C ASP B 53 26.25 9.88 -0.47
N TYR B 54 25.88 9.43 0.74
CA TYR B 54 26.86 8.87 1.67
C TYR B 54 27.26 7.45 1.28
N ASN B 55 26.67 6.94 0.20
CA ASN B 55 27.03 5.66 -0.38
C ASN B 55 27.91 5.85 -1.60
N GLN B 56 28.49 7.04 -1.77
CA GLN B 56 29.39 7.36 -2.89
C GLN B 56 28.71 7.10 -4.24
N GLY B 57 27.42 7.38 -4.30
CA GLY B 57 26.62 7.19 -5.49
C GLY B 57 26.50 8.47 -6.31
N LEU B 58 25.45 8.52 -7.13
CA LEU B 58 25.18 9.66 -7.99
C LEU B 58 23.97 10.41 -7.48
N VAL B 59 23.99 11.74 -7.63
CA VAL B 59 22.87 12.59 -7.29
C VAL B 59 22.66 13.55 -8.45
N LEU B 60 21.44 14.06 -8.57
CA LEU B 60 21.08 15.03 -9.60
C LEU B 60 20.31 16.18 -8.97
N PRO B 61 20.99 17.02 -8.18
CA PRO B 61 20.34 18.20 -7.62
C PRO B 61 20.47 19.42 -8.54
N MET B 62 19.66 20.42 -8.24
CA MET B 62 19.78 21.74 -8.85
C MET B 62 19.65 22.80 -7.75
N ALA B 63 20.39 23.89 -7.92
CA ALA B 63 20.29 25.00 -6.98
C ALA B 63 18.99 25.77 -7.20
N LEU B 64 18.46 26.30 -6.11
CA LEU B 64 17.17 26.97 -6.12
C LEU B 64 17.33 28.49 -6.14
N GLU B 65 16.23 29.16 -6.50
CA GLU B 65 16.19 30.62 -6.43
C GLU B 65 16.03 31.13 -5.01
N LEU B 66 15.59 30.30 -4.09
CA LEU B 66 15.66 30.68 -2.69
C LEU B 66 17.12 30.60 -2.25
N MET B 67 17.61 31.64 -1.57
CA MET B 67 19.02 31.63 -1.18
C MET B 67 19.16 32.28 0.18
N THR B 68 20.37 32.17 0.70
CA THR B 68 20.80 32.87 1.89
C THR B 68 21.81 33.95 1.52
N VAL B 69 21.55 35.18 1.97
CA VAL B 69 22.41 36.32 1.70
C VAL B 69 23.04 36.79 3.02
N LEU B 70 24.35 37.01 3.01
CA LEU B 70 25.07 37.53 4.15
C LEU B 70 25.81 38.80 3.75
N VAL B 71 25.62 39.86 4.51
CA VAL B 71 26.34 41.12 4.33
C VAL B 71 27.13 41.41 5.60
N GLY B 72 28.31 41.96 5.45
CA GLY B 72 29.12 42.23 6.63
C GLY B 72 30.34 43.06 6.32
N SER B 73 31.16 43.22 7.36
CA SER B 73 32.37 44.01 7.31
C SER B 73 33.36 43.43 8.31
N PRO B 74 34.65 43.55 8.07
CA PRO B 74 35.63 43.08 9.05
C PRO B 74 35.65 43.98 10.29
N ARG B 75 36.10 43.40 11.39
CA ARG B 75 36.23 44.11 12.65
C ARG B 75 37.68 44.08 13.13
N LYS B 76 38.05 45.13 13.84
CA LYS B 76 39.30 45.16 14.59
C LYS B 76 39.12 44.58 15.98
N ASP B 77 37.87 44.26 16.32
CA ASP B 77 37.53 43.73 17.64
C ASP B 77 38.25 42.42 17.91
N GLY B 78 38.27 41.53 16.92
CA GLY B 78 38.70 40.16 17.11
C GLY B 78 37.55 39.27 17.55
N LEU B 79 36.33 39.80 17.55
CA LEU B 79 35.12 39.08 17.90
C LEU B 79 34.19 39.04 16.69
N VAL B 80 33.20 38.16 16.77
CA VAL B 80 32.20 37.98 15.74
C VAL B 80 30.84 38.36 16.30
N SER B 81 30.12 39.23 15.59
CA SER B 81 28.78 39.66 15.98
C SER B 81 27.84 39.37 14.83
N LEU B 82 26.79 38.60 15.09
CA LEU B 82 25.89 38.12 14.06
C LEU B 82 24.45 38.50 14.37
N LEU B 83 23.66 38.67 13.30
CA LEU B 83 22.23 38.86 13.40
C LEU B 83 21.56 38.18 12.22
N THR B 84 20.46 37.48 12.48
CA THR B 84 19.66 36.87 11.43
C THR B 84 18.24 37.43 11.48
N THR B 85 17.61 37.48 10.31
CA THR B 85 16.28 38.06 10.17
C THR B 85 15.20 37.00 10.03
N SER B 86 15.56 35.73 9.85
CA SER B 86 14.57 34.69 9.65
C SER B 86 13.75 34.48 10.91
N GLU B 87 12.42 34.42 10.75
CA GLU B 87 11.54 34.33 11.91
C GLU B 87 11.56 32.93 12.52
N GLY B 88 11.74 31.90 11.70
CA GLY B 88 11.78 30.54 12.21
C GLY B 88 13.05 30.19 12.95
N ALA B 89 14.05 31.07 12.94
CA ALA B 89 15.29 30.80 13.65
C ALA B 89 15.02 30.80 15.15
N ASP B 90 15.61 29.83 15.86
CA ASP B 90 15.52 29.83 17.32
C ASP B 90 16.13 31.11 17.87
N GLU B 91 15.67 31.49 19.01
CA GLU B 91 16.10 32.69 19.69
C GLU B 91 17.27 32.42 20.62
N PRO B 92 18.16 33.41 20.82
CA PRO B 92 18.09 34.79 20.32
C PRO B 92 18.47 34.96 18.85
N GLN B 93 17.88 35.95 18.19
CA GLN B 93 18.19 36.28 16.80
C GLN B 93 19.55 36.93 16.65
N ARG B 94 20.27 37.15 17.74
CA ARG B 94 21.58 37.76 17.72
C ARG B 94 22.52 36.97 18.61
N LEU B 95 23.81 37.02 18.27
CA LEU B 95 24.82 36.33 19.04
C LEU B 95 26.16 36.96 18.72
N GLN B 96 27.04 36.96 19.71
CA GLN B 96 28.38 37.48 19.59
C GLN B 96 29.31 36.57 20.37
N PHE B 97 30.49 36.30 19.81
CA PHE B 97 31.46 35.42 20.44
C PHE B 97 32.83 35.83 19.95
N PRO B 98 33.88 35.51 20.71
CA PRO B 98 35.24 35.78 20.23
C PRO B 98 35.70 34.69 19.27
N LEU B 99 36.64 35.08 18.42
CA LEU B 99 37.19 34.14 17.45
C LEU B 99 37.92 33.01 18.16
N PRO B 100 37.95 31.82 17.57
CA PRO B 100 38.67 30.71 18.19
C PRO B 100 40.17 30.92 18.12
N THR B 101 40.87 30.35 19.09
CA THR B 101 42.32 30.39 19.16
C THR B 101 42.84 28.96 19.23
N ALA B 102 44.17 28.81 19.33
CA ALA B 102 44.75 27.49 19.53
C ALA B 102 44.36 26.94 20.89
N GLN B 103 44.33 27.80 21.92
CA GLN B 103 43.97 27.38 23.26
C GLN B 103 42.46 27.17 23.39
N ARG B 104 41.67 28.17 23.00
CA ARG B 104 40.22 28.15 23.17
C ARG B 104 39.56 27.99 21.80
N SER B 105 38.60 27.07 21.72
CA SER B 105 37.87 26.79 20.49
C SER B 105 36.39 27.08 20.67
N LEU B 106 35.70 27.23 19.54
CA LEU B 106 34.25 27.38 19.54
C LEU B 106 33.58 26.06 19.89
N GLU B 107 32.35 26.15 20.38
CA GLU B 107 31.60 24.98 20.81
C GLU B 107 30.15 25.12 20.38
N PRO B 108 29.51 24.03 19.97
CA PRO B 108 28.10 24.10 19.57
C PRO B 108 27.22 24.36 20.77
N GLY B 109 26.19 25.18 20.57
CA GLY B 109 25.25 25.48 21.64
C GLY B 109 23.97 26.14 21.15
N THR B 110 23.56 27.18 21.87
CA THR B 110 22.34 27.92 21.56
C THR B 110 22.68 29.37 21.21
N PRO B 111 22.01 29.96 20.21
CA PRO B 111 20.98 29.33 19.36
C PRO B 111 21.56 28.36 18.33
N ARG B 112 20.71 27.45 17.85
CA ARG B 112 21.17 26.39 16.94
C ARG B 112 21.54 26.92 15.57
N TRP B 113 20.85 27.98 15.10
CA TRP B 113 21.16 28.51 13.77
C TRP B 113 22.59 29.01 13.68
N ALA B 114 23.15 29.47 14.79
CA ALA B 114 24.52 29.98 14.83
C ALA B 114 25.56 28.86 14.88
N ASN B 115 25.16 27.62 15.15
CA ASN B 115 26.13 26.52 15.17
C ASN B 115 26.73 26.31 13.79
N TYR B 116 25.94 26.52 12.75
CA TYR B 116 26.44 26.39 11.38
C TYR B 116 27.51 27.44 11.09
N VAL B 117 27.30 28.67 11.55
CA VAL B 117 28.30 29.71 11.34
C VAL B 117 29.55 29.42 12.16
N LYS B 118 29.39 29.01 13.42
CA LYS B 118 30.55 28.72 14.26
C LYS B 118 31.33 27.54 13.73
N GLY B 119 30.65 26.54 13.19
CA GLY B 119 31.33 25.38 12.65
C GLY B 119 32.25 25.73 11.48
N VAL B 120 31.74 26.53 10.55
CA VAL B 120 32.55 26.94 9.40
C VAL B 120 33.74 27.80 9.86
N ILE B 121 33.50 28.69 10.82
CA ILE B 121 34.60 29.49 11.38
C ILE B 121 35.64 28.59 12.02
N GLN B 122 35.18 27.60 12.80
CA GLN B 122 36.10 26.73 13.52
C GLN B 122 37.02 25.97 12.57
N TYR B 123 36.47 25.47 11.47
CA TYR B 123 37.21 24.62 10.55
C TYR B 123 37.69 25.37 9.31
N TYR B 124 37.61 26.70 9.31
CA TYR B 124 38.09 27.45 8.17
C TYR B 124 39.61 27.27 8.03
N PRO B 125 40.11 26.90 6.85
CA PRO B 125 41.51 26.49 6.74
C PRO B 125 42.53 27.62 6.59
N ALA B 126 42.10 28.86 6.37
CA ALA B 126 43.04 29.95 6.12
C ALA B 126 43.20 30.84 7.35
N ALA B 127 44.23 31.66 7.32
CA ALA B 127 44.59 32.53 8.44
C ALA B 127 45.44 33.68 7.91
N PRO B 128 45.45 34.84 8.59
CA PRO B 128 44.68 35.17 9.80
C PRO B 128 43.28 35.67 9.47
N LEU B 129 42.27 35.15 10.16
CA LEU B 129 40.89 35.54 9.90
C LEU B 129 40.46 36.59 10.91
N PRO B 130 40.09 37.80 10.48
CA PRO B 130 39.72 38.84 11.43
C PRO B 130 38.29 38.67 11.95
N GLY B 131 37.97 39.46 12.98
CA GLY B 131 36.59 39.53 13.41
C GLY B 131 35.72 40.22 12.38
N PHE B 132 34.42 40.06 12.53
CA PHE B 132 33.51 40.66 11.57
C PHE B 132 32.12 40.81 12.18
N SER B 133 31.37 41.75 11.62
CA SER B 133 29.94 41.88 11.86
C SER B 133 29.22 41.38 10.61
N ALA B 134 28.09 40.72 10.79
CA ALA B 134 27.40 40.12 9.66
C ALA B 134 25.91 40.01 9.95
N VAL B 135 25.11 40.17 8.91
CA VAL B 135 23.66 39.95 8.96
C VAL B 135 23.30 38.86 7.96
N VAL B 136 22.48 37.91 8.39
CA VAL B 136 22.05 36.80 7.55
C VAL B 136 20.55 36.94 7.30
N VAL B 137 20.17 36.88 6.03
CA VAL B 137 18.77 36.81 5.62
C VAL B 137 18.63 35.59 4.72
N SER B 138 17.44 34.99 4.70
CA SER B 138 17.25 33.79 3.90
C SER B 138 15.81 33.69 3.42
N SER B 139 15.65 33.19 2.19
CA SER B 139 14.35 32.81 1.66
C SER B 139 14.16 31.30 1.64
N VAL B 140 15.20 30.54 1.97
CA VAL B 140 15.11 29.09 2.08
C VAL B 140 14.34 28.77 3.37
N PRO B 141 13.25 28.01 3.30
CA PRO B 141 12.52 27.67 4.53
C PRO B 141 13.40 26.83 5.45
N LEU B 142 13.52 27.28 6.69
CA LEU B 142 14.47 26.66 7.61
C LEU B 142 13.97 25.28 8.01
N GLY B 143 14.85 24.27 7.87
CA GLY B 143 14.47 22.91 8.17
C GLY B 143 13.40 22.33 7.26
N GLY B 144 13.13 22.98 6.13
CA GLY B 144 12.11 22.52 5.21
C GLY B 144 12.56 21.49 4.20
N GLY B 145 13.78 20.98 4.33
CA GLY B 145 14.30 19.99 3.41
C GLY B 145 14.96 20.52 2.17
N LEU B 146 15.08 21.85 2.04
CA LEU B 146 15.75 22.46 0.90
C LEU B 146 17.16 22.94 1.24
N SER B 147 17.75 22.40 2.32
CA SER B 147 19.15 22.65 2.68
C SER B 147 19.38 24.13 3.04
N SER B 148 18.54 24.65 3.94
CA SER B 148 18.80 25.99 4.46
C SER B 148 20.14 26.05 5.18
N SER B 149 20.44 25.02 5.98
CA SER B 149 21.70 24.98 6.71
C SER B 149 22.90 25.03 5.77
N ALA B 150 22.88 24.20 4.72
CA ALA B 150 24.01 24.18 3.79
C ALA B 150 24.19 25.53 3.11
N SER B 151 23.08 26.19 2.76
CA SER B 151 23.17 27.54 2.20
C SER B 151 23.83 28.50 3.19
N LEU B 152 23.50 28.38 4.47
CA LEU B 152 24.11 29.23 5.49
C LEU B 152 25.59 28.89 5.67
N GLU B 153 25.93 27.59 5.65
CA GLU B 153 27.33 27.20 5.78
C GLU B 153 28.14 27.71 4.59
N VAL B 154 27.60 27.55 3.38
CA VAL B 154 28.33 27.95 2.19
C VAL B 154 28.42 29.47 2.09
N ALA B 155 27.34 30.17 2.44
CA ALA B 155 27.40 31.63 2.52
C ALA B 155 28.44 32.06 3.53
N THR B 156 28.48 31.41 4.70
CA THR B 156 29.50 31.71 5.70
C THR B 156 30.89 31.47 5.14
N TYR B 157 31.09 30.32 4.47
CA TYR B 157 32.40 30.04 3.89
C TYR B 157 32.77 31.07 2.83
N THR B 158 31.81 31.39 1.95
CA THR B 158 32.10 32.36 0.90
C THR B 158 32.40 33.74 1.48
N PHE B 159 31.74 34.09 2.58
CA PHE B 159 32.04 35.36 3.25
C PHE B 159 33.46 35.36 3.81
N LEU B 160 33.84 34.28 4.50
CA LEU B 160 35.18 34.21 5.08
C LEU B 160 36.26 34.26 4.01
N GLN B 161 35.95 33.79 2.80
CA GLN B 161 36.91 33.89 1.70
C GLN B 161 37.25 35.33 1.36
N GLN B 162 36.28 36.23 1.52
CA GLN B 162 36.55 37.65 1.30
C GLN B 162 37.45 38.20 2.40
N LEU B 163 37.24 37.76 3.64
CA LEU B 163 38.09 38.21 4.75
C LEU B 163 39.49 37.62 4.66
N CYS B 164 39.61 36.39 4.17
CA CYS B 164 40.89 35.70 4.12
C CYS B 164 40.82 34.57 3.09
N PRO B 165 41.43 34.75 1.93
CA PRO B 165 41.26 33.77 0.84
C PRO B 165 41.93 32.45 1.14
N ASP B 166 41.23 31.36 0.80
CA ASP B 166 41.79 30.03 0.92
C ASP B 166 42.49 29.62 -0.37
N SER B 167 43.26 28.54 -0.29
CA SER B 167 44.02 28.05 -1.44
C SER B 167 43.53 26.70 -1.97
N GLY B 168 42.73 25.97 -1.18
CA GLY B 168 42.34 24.63 -1.52
C GLY B 168 41.30 24.55 -2.62
N THR B 169 40.83 23.32 -2.85
CA THR B 169 39.90 23.02 -3.91
C THR B 169 38.46 23.32 -3.49
N ILE B 170 37.55 23.27 -4.46
CA ILE B 170 36.12 23.45 -4.17
C ILE B 170 35.62 22.32 -3.28
N ALA B 171 36.11 21.09 -3.51
CA ALA B 171 35.72 19.97 -2.68
C ALA B 171 36.10 20.18 -1.22
N ALA B 172 37.29 20.73 -0.98
CA ALA B 172 37.72 21.00 0.38
C ALA B 172 36.79 21.99 1.07
N ARG B 173 36.27 22.98 0.33
CA ARG B 173 35.32 23.91 0.91
C ARG B 173 34.02 23.21 1.29
N ALA B 174 33.53 22.33 0.42
CA ALA B 174 32.32 21.58 0.73
C ALA B 174 32.55 20.64 1.90
N GLN B 175 33.78 20.11 2.03
CA GLN B 175 34.08 19.20 3.13
C GLN B 175 34.25 19.94 4.46
N VAL B 176 34.66 21.21 4.41
CA VAL B 176 34.68 22.02 5.62
C VAL B 176 33.26 22.27 6.10
N CYS B 177 32.38 22.69 5.19
CA CYS B 177 30.98 22.90 5.54
C CYS B 177 30.32 21.61 6.01
N GLN B 178 30.72 20.47 5.44
CA GLN B 178 30.19 19.19 5.90
C GLN B 178 30.72 18.85 7.29
N GLN B 179 31.98 19.22 7.55
CA GLN B 179 32.57 18.98 8.87
C GLN B 179 31.89 19.83 9.94
N ALA B 180 31.42 21.02 9.56
CA ALA B 180 30.65 21.85 10.48
C ALA B 180 29.33 21.20 10.83
N GLU B 181 28.65 20.62 9.83
CA GLU B 181 27.37 19.97 10.08
C GLU B 181 27.53 18.73 10.94
N HIS B 182 28.64 18.00 10.78
CA HIS B 182 28.85 16.80 11.57
C HIS B 182 29.12 17.14 13.04
N SER B 183 30.05 18.07 13.28
CA SER B 183 30.50 18.34 14.64
C SER B 183 29.57 19.31 15.37
N PHE B 184 29.13 20.38 14.70
CA PHE B 184 28.38 21.44 15.36
C PHE B 184 26.86 21.28 15.25
N ALA B 185 26.37 20.41 14.37
CA ALA B 185 24.94 20.17 14.25
C ALA B 185 24.54 18.74 14.56
N GLY B 186 25.50 17.85 14.81
CA GLY B 186 25.19 16.47 15.13
C GLY B 186 24.44 15.74 14.04
N MET B 187 24.70 16.07 12.79
CA MET B 187 23.99 15.48 11.65
C MET B 187 25.01 14.90 10.69
N PRO B 188 25.11 13.56 10.59
CA PRO B 188 26.12 12.92 9.72
C PRO B 188 25.68 12.87 8.26
N CYS B 189 25.58 14.06 7.65
CA CYS B 189 25.12 14.20 6.28
C CYS B 189 26.22 13.82 5.29
N GLY B 190 25.81 13.68 4.03
CA GLY B 190 26.74 13.52 2.93
C GLY B 190 27.25 14.86 2.42
N ILE B 191 27.87 14.80 1.24
CA ILE B 191 28.52 15.97 0.64
C ILE B 191 27.62 16.72 -0.33
N MET B 192 26.46 16.17 -0.68
CA MET B 192 25.68 16.70 -1.79
C MET B 192 25.22 18.14 -1.53
N ASP B 193 24.57 18.39 -0.39
CA ASP B 193 23.96 19.69 -0.15
C ASP B 193 24.99 20.82 -0.19
N GLN B 194 26.13 20.62 0.47
CA GLN B 194 27.18 21.62 0.44
C GLN B 194 27.73 21.83 -0.97
N PHE B 195 27.81 20.74 -1.75
CA PHE B 195 28.43 20.81 -3.07
C PHE B 195 27.56 21.59 -4.05
N ILE B 196 26.27 21.27 -4.12
CA ILE B 196 25.40 21.92 -5.10
C ILE B 196 25.24 23.41 -4.78
N SER B 197 25.20 23.77 -3.50
CA SER B 197 25.15 25.18 -3.15
C SER B 197 26.39 25.92 -3.64
N LEU B 198 27.54 25.25 -3.62
CA LEU B 198 28.77 25.84 -4.10
C LEU B 198 28.86 25.86 -5.63
N MET B 199 28.36 24.80 -6.28
CA MET B 199 28.70 24.52 -7.67
C MET B 199 27.55 24.66 -8.65
N GLY B 200 26.36 25.06 -8.20
CA GLY B 200 25.23 25.16 -9.10
C GLY B 200 25.48 26.15 -10.22
N GLN B 201 24.80 25.91 -11.35
CA GLN B 201 24.83 26.82 -12.49
C GLN B 201 23.41 27.04 -12.95
N LYS B 202 23.11 28.27 -13.39
CA LYS B 202 21.73 28.59 -13.74
C LYS B 202 21.33 27.89 -15.04
N GLY B 203 20.20 27.21 -15.00
CA GLY B 203 19.72 26.50 -16.18
C GLY B 203 20.29 25.11 -16.30
N HIS B 204 20.82 24.56 -15.21
CA HIS B 204 21.49 23.27 -15.23
C HIS B 204 21.26 22.54 -13.92
N ALA B 205 20.94 21.26 -14.01
CA ALA B 205 21.13 20.37 -12.87
C ALA B 205 22.57 19.85 -12.90
N LEU B 206 23.01 19.35 -11.76
CA LEU B 206 24.37 18.87 -11.60
C LEU B 206 24.31 17.37 -11.31
N LEU B 207 24.82 16.56 -12.24
CA LEU B 207 25.00 15.14 -11.95
C LEU B 207 26.32 15.01 -11.22
N ILE B 208 26.24 14.74 -9.92
CA ILE B 208 27.42 14.72 -9.06
C ILE B 208 27.74 13.28 -8.72
N ASP B 209 28.95 12.85 -9.09
CA ASP B 209 29.49 11.55 -8.71
C ASP B 209 30.15 11.76 -7.34
N CYS B 210 29.50 11.29 -6.28
CA CYS B 210 29.98 11.59 -4.93
C CYS B 210 31.21 10.78 -4.55
N ARG B 211 31.60 9.79 -5.37
CA ARG B 211 32.84 9.07 -5.10
C ARG B 211 34.05 9.80 -5.66
N SER B 212 33.93 10.33 -6.89
CA SER B 212 35.02 11.05 -7.53
C SER B 212 34.88 12.55 -7.45
N LEU B 213 33.71 13.05 -7.04
CA LEU B 213 33.37 14.47 -7.02
C LEU B 213 33.47 15.11 -8.41
N GLU B 214 33.45 14.28 -9.45
CA GLU B 214 33.27 14.77 -10.80
C GLU B 214 31.83 15.22 -11.02
N THR B 215 31.66 16.28 -11.79
CA THR B 215 30.35 16.86 -12.02
C THR B 215 30.06 16.92 -13.52
N SER B 216 28.78 16.74 -13.86
CA SER B 216 28.30 16.86 -15.22
C SER B 216 27.10 17.80 -15.20
N LEU B 217 27.06 18.74 -16.14
CA LEU B 217 26.01 19.76 -16.19
C LEU B 217 24.88 19.30 -17.11
N VAL B 218 23.70 19.09 -16.53
CA VAL B 218 22.53 18.65 -17.26
C VAL B 218 21.58 19.87 -17.38
N PRO B 219 21.31 20.35 -18.60
CA PRO B 219 20.52 21.59 -18.72
C PRO B 219 19.05 21.41 -18.37
N LEU B 220 18.49 22.45 -17.71
CA LEU B 220 17.06 22.55 -17.42
C LEU B 220 16.60 23.98 -17.70
N SER B 221 16.48 24.31 -18.99
CA SER B 221 16.05 25.65 -19.41
C SER B 221 15.00 25.52 -20.52
N ASP B 222 13.92 24.81 -20.21
CA ASP B 222 12.81 24.65 -21.13
C ASP B 222 11.64 25.49 -20.66
N PRO B 223 11.23 26.51 -21.43
CA PRO B 223 10.11 27.36 -20.98
C PRO B 223 8.80 26.62 -20.84
N LYS B 224 8.64 25.47 -21.49
CA LYS B 224 7.45 24.65 -21.32
C LYS B 224 7.59 23.66 -20.17
N LEU B 225 8.69 23.73 -19.42
CA LEU B 225 8.94 22.82 -18.32
C LEU B 225 9.10 23.60 -17.02
N ALA B 226 8.47 23.09 -15.96
CA ALA B 226 8.50 23.73 -14.65
C ALA B 226 8.86 22.70 -13.58
N VAL B 227 9.57 23.17 -12.56
CA VAL B 227 9.88 22.37 -11.38
C VAL B 227 9.05 22.94 -10.24
N LEU B 228 8.12 22.14 -9.73
CA LEU B 228 7.21 22.57 -8.67
C LEU B 228 7.63 21.88 -7.38
N ILE B 229 7.95 22.68 -6.36
CA ILE B 229 8.36 22.18 -5.06
C ILE B 229 7.21 22.41 -4.08
N THR B 230 6.81 21.35 -3.37
CA THR B 230 5.71 21.39 -2.43
C THR B 230 6.24 21.07 -1.04
N ASN B 231 6.22 22.06 -0.15
CA ASN B 231 6.60 21.86 1.23
C ASN B 231 5.42 21.27 2.00
N SER B 232 5.64 20.12 2.64
CA SER B 232 4.59 19.52 3.46
C SER B 232 4.40 20.25 4.78
N ASN B 233 5.40 21.02 5.22
CA ASN B 233 5.38 21.71 6.51
C ASN B 233 5.22 20.69 7.64
N VAL B 234 5.98 19.60 7.56
CA VAL B 234 5.99 18.55 8.56
C VAL B 234 7.44 18.23 8.91
N ARG B 235 7.77 18.31 10.19
CA ARG B 235 9.09 17.95 10.71
C ARG B 235 10.23 18.61 9.94
N ALA B 239 13.88 17.16 11.39
CA ALA B 239 14.16 16.04 12.28
C ALA B 239 15.51 15.40 11.97
N SER B 240 15.90 14.44 12.80
CA SER B 240 17.13 13.68 12.62
C SER B 240 17.11 12.46 13.53
N SER B 241 16.58 11.34 13.02
CA SER B 241 16.35 10.18 13.87
C SER B 241 16.89 8.90 13.25
N GLU B 242 16.35 8.51 12.10
CA GLU B 242 16.71 7.23 11.47
C GLU B 242 17.71 7.38 10.34
N TYR B 243 17.97 8.60 9.86
CA TYR B 243 19.03 8.84 8.89
C TYR B 243 20.37 8.22 9.30
N PRO B 244 20.86 8.41 10.52
CA PRO B 244 22.05 7.64 10.95
C PRO B 244 21.90 6.14 10.75
N VAL B 245 20.79 5.56 11.22
CA VAL B 245 20.57 4.12 11.11
C VAL B 245 20.66 3.66 9.67
N ARG B 246 20.09 4.42 8.74
CA ARG B 246 20.17 4.03 7.33
C ARG B 246 21.61 3.99 6.85
N ARG B 247 22.45 4.90 7.34
CA ARG B 247 23.86 4.90 6.96
C ARG B 247 24.57 3.65 7.47
N ARG B 248 24.24 3.22 8.70
CA ARG B 248 24.88 2.04 9.26
C ARG B 248 24.39 0.75 8.60
N GLN B 249 23.14 0.74 8.12
CA GLN B 249 22.64 -0.44 7.42
C GLN B 249 23.34 -0.61 6.08
N CYS B 250 23.58 0.50 5.38
CA CYS B 250 24.25 0.44 4.09
C CYS B 250 25.71 0.04 4.25
N GLU B 251 26.36 0.52 5.31
CA GLU B 251 27.76 0.15 5.54
C GLU B 251 27.88 -1.32 5.90
N GLU B 252 26.87 -1.87 6.60
CA GLU B 252 26.89 -3.29 6.93
C GLU B 252 26.73 -4.15 5.69
N VAL B 253 25.84 -3.77 4.76
CA VAL B 253 25.63 -4.55 3.55
C VAL B 253 26.89 -4.57 2.69
N ALA B 254 27.51 -3.40 2.51
CA ALA B 254 28.74 -3.33 1.72
C ALA B 254 29.85 -4.16 2.34
N ARG B 255 29.97 -4.12 3.67
CA ARG B 255 31.00 -4.92 4.33
C ARG B 255 30.71 -6.42 4.19
N ALA B 256 29.42 -6.80 4.21
CA ALA B 256 29.07 -8.20 4.07
C ALA B 256 29.40 -8.72 2.68
N LEU B 257 29.38 -7.85 1.67
CA LEU B 257 29.71 -8.24 0.30
C LEU B 257 31.16 -7.98 -0.04
N GLY B 258 31.99 -7.61 0.94
CA GLY B 258 33.39 -7.33 0.67
C GLY B 258 33.63 -6.14 -0.23
N ALA B 259 32.69 -5.21 -0.30
CA ALA B 259 32.81 -4.03 -1.14
C ALA B 259 33.10 -2.80 -0.28
N ALA B 260 33.78 -1.83 -0.89
CA ALA B 260 34.10 -0.59 -0.17
C ALA B 260 32.86 0.27 0.03
N SER B 261 31.89 0.18 -0.87
CA SER B 261 30.66 0.95 -0.78
C SER B 261 29.64 0.31 -1.70
N LEU B 262 28.37 0.66 -1.48
CA LEU B 262 27.29 0.14 -2.30
C LEU B 262 27.40 0.58 -3.76
N ARG B 263 28.27 1.55 -4.06
CA ARG B 263 28.47 1.95 -5.45
C ARG B 263 29.06 0.82 -6.28
N GLU B 264 29.88 -0.04 -5.66
CA GLU B 264 30.48 -1.16 -6.37
C GLU B 264 29.55 -2.35 -6.51
N VAL B 265 28.38 -2.33 -5.86
CA VAL B 265 27.46 -3.46 -5.88
C VAL B 265 26.32 -3.13 -6.82
N GLN B 266 26.06 -4.02 -7.76
CA GLN B 266 24.90 -3.93 -8.65
C GLN B 266 23.86 -4.95 -8.25
N LEU B 267 22.62 -4.72 -8.72
CA LEU B 267 21.48 -5.50 -8.25
C LEU B 267 21.66 -7.00 -8.46
N GLU B 268 22.32 -7.40 -9.54
CA GLU B 268 22.48 -8.84 -9.80
C GLU B 268 23.39 -9.49 -8.76
N GLU B 269 24.42 -8.78 -8.31
CA GLU B 269 25.29 -9.31 -7.28
C GLU B 269 24.60 -9.28 -5.92
N LEU B 270 23.77 -8.26 -5.67
CA LEU B 270 23.02 -8.20 -4.42
C LEU B 270 21.96 -9.29 -4.35
N GLU B 271 21.31 -9.59 -5.47
CA GLU B 271 20.30 -10.64 -5.48
C GLU B 271 20.92 -12.02 -5.31
N ALA B 272 22.13 -12.22 -5.83
CA ALA B 272 22.82 -13.47 -5.63
C ALA B 272 23.36 -13.62 -4.22
N ALA B 273 23.49 -12.52 -3.48
CA ALA B 273 24.03 -12.51 -2.13
C ALA B 273 22.96 -12.23 -1.08
N ARG B 274 21.70 -12.53 -1.39
CA ARG B 274 20.58 -12.22 -0.51
C ARG B 274 20.75 -12.81 0.89
N ASP B 275 21.33 -14.01 1.00
CA ASP B 275 21.45 -14.70 2.27
C ASP B 275 22.64 -14.24 3.11
N LEU B 276 23.47 -13.33 2.62
CA LEU B 276 24.61 -12.84 3.40
C LEU B 276 24.29 -11.62 4.25
N VAL B 277 23.10 -11.03 4.08
CA VAL B 277 22.71 -9.78 4.70
C VAL B 277 21.31 -9.93 5.29
N SER B 278 20.93 -8.96 6.13
CA SER B 278 19.60 -8.94 6.74
C SER B 278 18.53 -8.87 5.66
N LYS B 279 17.31 -9.28 6.03
CA LYS B 279 16.19 -8.98 5.16
C LYS B 279 15.96 -7.47 5.11
N GLU B 280 16.12 -6.79 6.24
CA GLU B 280 16.00 -5.32 6.25
C GLU B 280 17.15 -4.69 5.45
N GLY B 281 18.38 -5.13 5.70
CA GLY B 281 19.54 -4.60 4.98
C GLY B 281 19.46 -4.82 3.48
N PHE B 282 18.93 -5.97 3.05
CA PHE B 282 18.87 -6.25 1.62
C PHE B 282 17.96 -5.26 0.90
N ARG B 283 16.85 -4.88 1.52
CA ARG B 283 15.94 -3.92 0.91
C ARG B 283 16.48 -2.49 0.96
N ARG B 284 17.34 -2.18 1.93
CA ARG B 284 18.00 -0.89 1.92
C ARG B 284 18.98 -0.80 0.76
N ALA B 285 19.79 -1.85 0.59
CA ALA B 285 20.74 -1.88 -0.51
C ALA B 285 20.06 -1.94 -1.87
N ARG B 286 18.88 -2.56 -1.95
CA ARG B 286 18.17 -2.60 -3.22
C ARG B 286 17.75 -1.21 -3.66
N HIS B 287 17.35 -0.35 -2.72
CA HIS B 287 17.05 1.03 -3.09
C HIS B 287 18.30 1.75 -3.58
N VAL B 288 19.37 1.69 -2.79
CA VAL B 288 20.59 2.45 -3.11
C VAL B 288 21.13 2.04 -4.46
N VAL B 289 21.23 0.73 -4.70
CA VAL B 289 21.75 0.24 -5.97
C VAL B 289 20.82 0.63 -7.12
N GLY B 290 19.51 0.55 -6.88
CA GLY B 290 18.56 0.95 -7.91
C GLY B 290 18.52 2.44 -8.14
N GLU B 291 18.72 3.23 -7.08
CA GLU B 291 18.66 4.68 -7.23
C GLU B 291 19.87 5.21 -7.99
N ILE B 292 21.06 4.66 -7.71
CA ILE B 292 22.27 5.03 -8.46
C ILE B 292 22.05 4.80 -9.96
N ARG B 293 21.46 3.66 -10.31
CA ARG B 293 21.19 3.39 -11.72
C ARG B 293 20.11 4.30 -12.26
N ARG B 294 19.09 4.60 -11.45
CA ARG B 294 18.00 5.46 -11.91
C ARG B 294 18.46 6.90 -12.13
N THR B 295 19.35 7.41 -11.29
CA THR B 295 19.81 8.79 -11.47
C THR B 295 20.70 8.91 -12.70
N ALA B 296 21.54 7.90 -12.96
CA ALA B 296 22.30 7.89 -14.20
C ALA B 296 21.37 7.85 -15.41
N GLN B 297 20.29 7.10 -15.31
CA GLN B 297 19.30 7.06 -16.39
C GLN B 297 18.50 8.36 -16.46
N ALA B 298 18.26 8.99 -15.32
CA ALA B 298 17.53 10.25 -15.32
C ALA B 298 18.33 11.36 -15.97
N ALA B 299 19.65 11.41 -15.72
CA ALA B 299 20.50 12.41 -16.35
C ALA B 299 20.46 12.29 -17.87
N ALA B 300 20.55 11.05 -18.38
CA ALA B 300 20.48 10.85 -19.83
C ALA B 300 19.10 11.25 -20.36
N ALA B 301 18.04 10.86 -19.64
CA ALA B 301 16.68 11.22 -20.08
C ALA B 301 16.49 12.73 -20.07
N LEU B 302 17.03 13.42 -19.07
CA LEU B 302 16.88 14.86 -18.99
C LEU B 302 17.74 15.57 -20.02
N ARG B 303 18.92 15.00 -20.31
CA ARG B 303 19.81 15.60 -21.31
C ARG B 303 19.19 15.58 -22.70
N ARG B 304 18.51 14.49 -23.05
CA ARG B 304 17.87 14.37 -24.35
C ARG B 304 16.43 14.89 -24.36
N GLY B 305 15.98 15.50 -23.26
CA GLY B 305 14.68 16.11 -23.21
C GLY B 305 13.51 15.16 -23.03
N ASP B 306 13.76 13.93 -22.57
CA ASP B 306 12.70 12.93 -22.40
C ASP B 306 12.12 13.11 -21.00
N TYR B 307 11.22 14.09 -20.88
CA TYR B 307 10.65 14.42 -19.58
C TYR B 307 9.75 13.33 -19.04
N ARG B 308 9.06 12.60 -19.92
CA ARG B 308 8.19 11.51 -19.46
C ARG B 308 8.99 10.37 -18.86
N ALA B 309 10.13 10.02 -19.47
CA ALA B 309 10.99 8.99 -18.90
C ALA B 309 11.58 9.45 -17.58
N PHE B 310 11.98 10.72 -17.50
CA PHE B 310 12.46 11.28 -16.24
C PHE B 310 11.39 11.18 -15.16
N GLY B 311 10.15 11.53 -15.51
CA GLY B 311 9.07 11.46 -14.52
C GLY B 311 8.82 10.05 -14.02
N ARG B 312 8.87 9.07 -14.92
CA ARG B 312 8.68 7.68 -14.49
C ARG B 312 9.79 7.24 -13.54
N LEU B 313 11.02 7.68 -13.80
CA LEU B 313 12.12 7.35 -12.89
C LEU B 313 11.95 8.03 -11.53
N MET B 314 11.34 9.23 -11.51
CA MET B 314 11.07 9.88 -10.23
C MET B 314 10.06 9.08 -9.42
N VAL B 315 8.99 8.59 -10.06
CA VAL B 315 7.97 7.84 -9.35
C VAL B 315 8.52 6.52 -8.86
N GLU B 316 9.38 5.88 -9.65
CA GLU B 316 10.04 4.66 -9.20
C GLU B 316 10.94 4.95 -8.00
N SER B 317 11.60 6.12 -8.00
CA SER B 317 12.45 6.49 -6.88
C SER B 317 11.63 6.69 -5.61
N HIS B 318 10.45 7.30 -5.72
CA HIS B 318 9.63 7.53 -4.53
C HIS B 318 9.16 6.21 -3.93
N ARG B 319 8.61 5.32 -4.77
CA ARG B 319 8.20 4.01 -4.29
C ARG B 319 9.37 3.27 -3.66
N SER B 320 10.57 3.42 -4.24
CA SER B 320 11.75 2.80 -3.65
C SER B 320 12.06 3.40 -2.28
N LEU B 321 11.97 4.72 -2.14
CA LEU B 321 12.24 5.36 -0.86
C LEU B 321 11.16 5.05 0.17
N ARG B 322 9.92 4.86 -0.28
CA ARG B 322 8.82 4.64 0.65
C ARG B 322 8.76 3.20 1.14
N ASP B 323 9.05 2.23 0.27
CA ASP B 323 8.89 0.82 0.58
C ASP B 323 10.20 0.13 0.96
N ASP B 324 11.26 0.35 0.19
CA ASP B 324 12.51 -0.33 0.46
C ASP B 324 13.34 0.39 1.52
N TYR B 325 13.49 1.71 1.38
CA TYR B 325 14.30 2.48 2.31
C TYR B 325 13.53 2.98 3.53
N GLU B 326 12.21 3.09 3.44
CA GLU B 326 11.34 3.52 4.54
C GLU B 326 11.82 4.84 5.14
N VAL B 327 11.86 5.86 4.30
CA VAL B 327 12.24 7.20 4.75
C VAL B 327 11.16 8.20 4.36
N SER B 328 10.02 7.69 3.88
CA SER B 328 8.88 8.54 3.58
C SER B 328 7.92 8.55 4.77
N CYS B 329 6.91 9.41 4.68
CA CYS B 329 5.88 9.50 5.70
C CYS B 329 4.53 9.62 5.02
N PRO B 330 3.41 9.43 5.73
CA PRO B 330 2.10 9.51 5.05
C PRO B 330 1.83 10.85 4.38
N GLU B 331 2.34 11.94 4.94
CA GLU B 331 2.10 13.26 4.33
C GLU B 331 2.80 13.37 2.98
N LEU B 332 4.06 12.93 2.89
CA LEU B 332 4.77 12.96 1.62
C LEU B 332 4.09 12.04 0.60
N ASP B 333 3.67 10.85 1.03
CA ASP B 333 3.00 9.93 0.13
C ASP B 333 1.67 10.51 -0.35
N GLN B 334 1.01 11.28 0.50
CA GLN B 334 -0.26 11.91 0.13
C GLN B 334 -0.03 13.02 -0.89
N LEU B 335 1.08 13.75 -0.75
CA LEU B 335 1.40 14.81 -1.72
C LEU B 335 1.78 14.25 -3.08
N VAL B 336 2.49 13.13 -3.12
CA VAL B 336 2.94 12.58 -4.39
C VAL B 336 1.77 12.05 -5.21
N GLU B 337 0.87 11.31 -4.57
CA GLU B 337 -0.27 10.75 -5.29
C GLU B 337 -1.18 11.83 -5.85
N ALA B 338 -1.32 12.96 -5.13
CA ALA B 338 -2.14 14.06 -5.63
C ALA B 338 -1.53 14.67 -6.89
N ALA B 339 -0.20 14.87 -6.88
CA ALA B 339 0.46 15.44 -8.06
C ALA B 339 0.37 14.51 -9.26
N LEU B 340 0.45 13.20 -9.03
CA LEU B 340 0.45 12.26 -10.13
C LEU B 340 -0.88 12.18 -10.85
N ALA B 341 -1.97 12.57 -10.19
CA ALA B 341 -3.28 12.56 -10.83
C ALA B 341 -3.49 13.77 -11.73
N VAL B 342 -2.65 14.78 -11.61
CA VAL B 342 -2.83 16.03 -12.39
C VAL B 342 -2.29 15.82 -13.80
N PRO B 343 -3.08 16.10 -14.83
CA PRO B 343 -2.56 16.00 -16.20
C PRO B 343 -1.48 17.05 -16.42
N GLY B 344 -0.44 16.66 -17.14
CA GLY B 344 0.71 17.53 -17.34
C GLY B 344 1.82 17.33 -16.34
N VAL B 345 1.63 16.47 -15.34
CA VAL B 345 2.69 16.13 -14.39
C VAL B 345 3.43 14.91 -14.93
N TYR B 346 4.75 15.04 -15.07
CA TYR B 346 5.56 13.93 -15.53
C TYR B 346 5.89 12.97 -14.40
N GLY B 347 6.21 13.52 -13.23
CA GLY B 347 6.53 12.71 -12.08
C GLY B 347 6.60 13.56 -10.84
N SER B 348 6.57 12.88 -9.69
CA SER B 348 6.62 13.54 -8.40
C SER B 348 7.34 12.60 -7.44
N ARG B 349 7.96 13.17 -6.42
CA ARG B 349 8.84 12.39 -5.58
C ARG B 349 9.19 13.20 -4.35
N MET B 350 9.40 12.51 -3.23
CA MET B 350 9.95 13.15 -2.05
C MET B 350 11.41 13.52 -2.30
N THR B 351 11.84 14.62 -1.69
CA THR B 351 13.22 15.06 -1.80
C THR B 351 13.76 15.35 -0.40
N GLY B 352 15.08 15.44 -0.31
CA GLY B 352 15.71 15.62 0.97
C GLY B 352 15.83 14.33 1.75
N GLY B 353 16.11 14.47 3.05
CA GLY B 353 16.32 13.30 3.88
C GLY B 353 15.08 12.46 4.09
N GLY B 354 13.90 13.07 4.02
CA GLY B 354 12.66 12.36 4.23
C GLY B 354 12.07 12.64 5.60
N PHE B 355 11.10 11.80 5.98
CA PHE B 355 10.36 11.96 7.22
C PHE B 355 9.75 13.36 7.31
N GLY B 356 9.15 13.78 6.21
CA GLY B 356 8.65 15.12 6.07
C GLY B 356 9.43 15.89 5.02
N GLY B 357 9.33 17.22 5.10
CA GLY B 357 10.02 18.07 4.16
C GLY B 357 9.22 18.36 2.91
N CYS B 358 9.85 18.27 1.75
CA CYS B 358 9.26 18.71 0.51
C CYS B 358 9.10 17.56 -0.48
N THR B 359 8.26 17.80 -1.48
CA THR B 359 8.17 16.96 -2.67
C THR B 359 8.55 17.81 -3.87
N VAL B 360 9.34 17.23 -4.78
CA VAL B 360 9.68 17.87 -6.04
C VAL B 360 8.78 17.26 -7.11
N THR B 361 8.27 18.10 -8.01
CA THR B 361 7.39 17.63 -9.08
C THR B 361 7.83 18.25 -10.39
N LEU B 362 7.95 17.42 -11.42
CA LEU B 362 8.30 17.87 -12.76
C LEU B 362 7.06 17.81 -13.62
N LEU B 363 6.75 18.93 -14.28
CA LEU B 363 5.47 19.07 -14.95
C LEU B 363 5.57 20.11 -16.05
N GLU B 364 4.57 20.11 -16.93
CA GLU B 364 4.48 21.15 -17.95
C GLU B 364 4.20 22.50 -17.29
N ALA B 365 4.84 23.55 -17.81
CA ALA B 365 4.73 24.87 -17.20
C ALA B 365 3.29 25.34 -17.12
N SER B 366 2.48 25.02 -18.13
CA SER B 366 1.09 25.46 -18.16
C SER B 366 0.24 24.78 -17.10
N ALA B 367 0.64 23.59 -16.64
CA ALA B 367 -0.12 22.85 -15.65
C ALA B 367 0.17 23.28 -14.22
N ALA B 368 1.07 24.24 -14.02
CA ALA B 368 1.45 24.64 -12.66
C ALA B 368 0.28 25.19 -11.86
N PRO B 369 -0.56 26.11 -12.38
CA PRO B 369 -1.68 26.57 -11.55
C PRO B 369 -2.65 25.47 -11.14
N HIS B 370 -3.02 24.58 -12.06
CA HIS B 370 -3.96 23.52 -11.70
C HIS B 370 -3.33 22.49 -10.78
N ALA B 371 -2.04 22.20 -10.98
CA ALA B 371 -1.35 21.26 -10.11
C ALA B 371 -1.32 21.76 -8.67
N MET B 372 -1.00 23.05 -8.48
CA MET B 372 -0.94 23.60 -7.14
C MET B 372 -2.31 23.59 -6.48
N ARG B 373 -3.36 23.94 -7.22
CA ARG B 373 -4.70 23.95 -6.65
C ARG B 373 -5.16 22.54 -6.31
N HIS B 374 -4.87 21.57 -7.17
CA HIS B 374 -5.30 20.20 -6.93
C HIS B 374 -4.50 19.56 -5.79
N ILE B 375 -3.19 19.78 -5.75
CA ILE B 375 -2.37 19.19 -4.70
C ILE B 375 -2.79 19.73 -3.33
N GLN B 376 -2.95 21.05 -3.24
CA GLN B 376 -3.32 21.67 -1.97
C GLN B 376 -4.73 21.28 -1.53
N GLU B 377 -5.66 21.21 -2.47
CA GLU B 377 -7.03 20.85 -2.12
C GLU B 377 -7.12 19.40 -1.65
N HIS B 378 -6.25 18.53 -2.16
CA HIS B 378 -6.28 17.11 -1.84
C HIS B 378 -5.26 16.72 -0.79
N TYR B 379 -4.68 17.70 -0.09
CA TYR B 379 -3.67 17.43 0.94
C TYR B 379 -4.25 17.72 2.31
N GLY B 380 -4.09 16.76 3.22
CA GLY B 380 -4.52 16.93 4.59
C GLY B 380 -3.59 17.84 5.36
N GLY B 381 -3.66 19.14 5.11
CA GLY B 381 -2.83 20.10 5.80
C GLY B 381 -2.60 21.31 4.92
N THR B 382 -1.70 22.18 5.37
CA THR B 382 -1.33 23.39 4.65
C THR B 382 -0.04 23.15 3.88
N ALA B 383 -0.14 23.10 2.55
CA ALA B 383 1.02 22.93 1.69
C ALA B 383 1.53 24.28 1.20
N THR B 384 2.85 24.43 1.19
CA THR B 384 3.51 25.60 0.62
C THR B 384 4.17 25.22 -0.69
N PHE B 385 4.13 26.13 -1.67
CA PHE B 385 4.62 25.86 -3.02
C PHE B 385 5.76 26.80 -3.38
N TYR B 386 6.72 26.28 -4.13
CA TYR B 386 7.76 27.08 -4.77
C TYR B 386 7.92 26.61 -6.21
N LEU B 387 7.77 27.53 -7.16
CA LEU B 387 8.13 27.29 -8.55
C LEU B 387 9.51 27.87 -8.80
N SER B 388 10.49 27.00 -9.06
CA SER B 388 11.88 27.42 -9.10
C SER B 388 12.53 26.99 -10.42
N GLN B 389 13.54 27.76 -10.81
CA GLN B 389 14.41 27.45 -11.92
C GLN B 389 15.79 27.07 -11.39
N ALA B 390 16.58 26.39 -12.21
CA ALA B 390 17.94 26.07 -11.84
C ALA B 390 18.75 27.35 -11.72
N ALA B 391 19.41 27.52 -10.57
CA ALA B 391 20.10 28.76 -10.24
C ALA B 391 21.61 28.52 -10.14
N ASP B 392 22.34 29.63 -9.99
CA ASP B 392 23.78 29.62 -9.84
C ASP B 392 24.18 29.27 -8.41
N GLY B 393 25.44 28.91 -8.24
CA GLY B 393 25.97 28.57 -6.94
C GLY B 393 26.36 29.79 -6.14
N ALA B 394 27.20 29.57 -5.14
CA ALA B 394 27.64 30.66 -4.28
C ALA B 394 28.35 31.74 -5.09
N LYS B 395 28.05 32.99 -4.77
CA LYS B 395 28.57 34.10 -5.55
C LYS B 395 28.83 35.29 -4.64
N VAL B 396 29.85 36.06 -5.00
CA VAL B 396 30.13 37.34 -4.33
C VAL B 396 29.24 38.40 -4.94
N LEU B 397 28.65 39.24 -4.09
CA LEU B 397 27.82 40.35 -4.53
C LEU B 397 28.57 41.66 -4.26
N CYS B 398 28.63 42.52 -5.27
CA CYS B 398 29.31 43.80 -5.13
C CYS B 398 28.32 44.85 -4.65
N LEU B 399 28.69 45.58 -3.61
CA LEU B 399 27.79 46.54 -2.98
C LEU B 399 27.92 47.93 -3.59
N HIS C 8 14.15 4.04 -33.19
CA HIS C 8 12.83 4.03 -32.57
C HIS C 8 12.39 2.61 -32.25
N ALA C 9 12.35 2.28 -30.96
CA ALA C 9 11.97 0.94 -30.51
C ALA C 9 11.10 1.02 -29.26
N ALA C 10 10.10 1.90 -29.27
CA ALA C 10 9.22 2.08 -28.12
C ALA C 10 7.85 2.54 -28.61
N LEU C 11 6.96 2.85 -27.65
CA LEU C 11 5.57 3.21 -27.96
C LEU C 11 5.24 4.66 -27.67
N ARG C 12 4.07 4.92 -27.06
CA ARG C 12 3.61 6.30 -26.80
C ARG C 12 2.42 6.34 -25.86
N GLN C 13 1.26 6.79 -26.37
CA GLN C 13 -0.08 6.67 -25.79
C GLN C 13 -0.37 7.65 -24.64
N PRO C 14 -1.35 8.56 -24.82
CA PRO C 14 -1.69 9.52 -23.76
C PRO C 14 -3.02 9.22 -23.07
N GLN C 15 -3.14 9.65 -21.81
CA GLN C 15 -4.35 9.39 -21.03
C GLN C 15 -5.47 10.37 -21.40
N VAL C 16 -6.69 9.98 -21.06
CA VAL C 16 -7.87 10.78 -21.42
C VAL C 16 -7.85 12.13 -20.71
N ALA C 17 -7.29 12.19 -19.50
CA ALA C 17 -7.20 13.46 -18.77
C ALA C 17 -6.30 14.44 -19.50
N GLU C 18 -5.20 13.95 -20.06
CA GLU C 18 -4.32 14.82 -20.83
C GLU C 18 -5.02 15.33 -22.09
N LEU C 19 -5.76 14.46 -22.76
CA LEU C 19 -6.51 14.87 -23.94
C LEU C 19 -7.59 15.88 -23.58
N LEU C 20 -8.28 15.65 -22.45
CA LEU C 20 -9.32 16.58 -22.01
C LEU C 20 -8.73 17.95 -21.67
N ALA C 21 -7.60 17.97 -20.97
CA ALA C 21 -6.99 19.25 -20.60
C ALA C 21 -6.50 20.01 -21.82
N GLU C 22 -5.88 19.32 -22.77
CA GLU C 22 -5.43 19.98 -24.00
C GLU C 22 -6.60 20.56 -24.77
N ALA C 23 -7.68 19.77 -24.91
CA ALA C 23 -8.87 20.25 -25.62
C ALA C 23 -9.49 21.44 -24.89
N ARG C 24 -9.40 21.47 -23.55
CA ARG C 24 -10.07 22.52 -22.80
C ARG C 24 -9.29 23.82 -22.84
N ARG C 25 -7.96 23.75 -22.79
CA ARG C 25 -7.15 24.95 -22.95
C ARG C 25 -7.27 25.52 -24.36
N ALA C 26 -7.35 24.65 -25.36
CA ALA C 26 -7.53 25.11 -26.73
C ALA C 26 -8.90 25.75 -26.93
N PHE C 27 -9.93 25.21 -26.27
CA PHE C 27 -11.26 25.79 -26.38
C PHE C 27 -11.31 27.17 -25.71
N ARG C 28 -10.63 27.33 -24.59
CA ARG C 28 -10.69 28.60 -23.86
C ARG C 28 -10.00 29.72 -24.62
N GLU C 29 -8.90 29.43 -25.30
CA GLU C 29 -8.15 30.44 -26.03
C GLU C 29 -8.69 30.69 -27.43
N GLU C 30 -9.87 30.17 -27.76
CA GLU C 30 -10.42 30.34 -29.09
C GLU C 30 -11.87 30.82 -29.02
N PHE C 31 -12.57 30.46 -27.94
CA PHE C 31 -13.96 30.83 -27.77
C PHE C 31 -14.21 31.71 -26.55
N GLY C 32 -13.19 31.94 -25.71
CA GLY C 32 -13.30 32.85 -24.58
C GLY C 32 -13.81 32.24 -23.28
N ALA C 33 -14.80 31.37 -23.36
CA ALA C 33 -15.41 30.75 -22.19
C ALA C 33 -14.91 29.33 -21.99
N GLU C 34 -15.31 28.74 -20.88
CA GLU C 34 -15.03 27.34 -20.58
C GLU C 34 -16.07 26.45 -21.27
N PRO C 35 -15.67 25.28 -21.74
CA PRO C 35 -16.63 24.37 -22.37
C PRO C 35 -17.55 23.75 -21.34
N GLU C 36 -18.77 23.43 -21.79
CA GLU C 36 -19.77 22.84 -20.92
C GLU C 36 -19.89 21.34 -21.08
N LEU C 37 -19.46 20.79 -22.21
CA LEU C 37 -19.62 19.36 -22.49
C LEU C 37 -18.32 18.79 -23.02
N ALA C 38 -18.13 17.49 -22.80
CA ALA C 38 -16.93 16.79 -23.24
C ALA C 38 -17.27 15.33 -23.50
N VAL C 39 -16.71 14.79 -24.59
CA VAL C 39 -16.94 13.41 -24.99
C VAL C 39 -15.64 12.83 -25.51
N SER C 40 -15.57 11.50 -25.51
CA SER C 40 -14.44 10.78 -26.08
C SER C 40 -14.96 9.55 -26.81
N ALA C 41 -14.23 9.15 -27.86
CA ALA C 41 -14.55 7.97 -28.63
C ALA C 41 -13.23 7.38 -29.11
N PRO C 42 -13.01 6.08 -28.95
CA PRO C 42 -11.72 5.48 -29.26
C PRO C 42 -11.57 5.05 -30.73
N GLY C 43 -10.32 4.83 -31.10
CA GLY C 43 -9.99 4.12 -32.31
C GLY C 43 -10.08 2.62 -32.08
N ARG C 44 -9.70 1.85 -33.10
CA ARG C 44 -9.87 0.41 -33.04
C ARG C 44 -8.73 -0.30 -33.75
N VAL C 45 -8.48 -1.54 -33.32
CA VAL C 45 -7.66 -2.49 -34.06
C VAL C 45 -8.47 -3.77 -34.23
N ASN C 46 -8.34 -4.40 -35.39
CA ASN C 46 -9.04 -5.65 -35.69
C ASN C 46 -8.08 -6.81 -35.47
N LEU C 47 -8.42 -7.69 -34.54
CA LEU C 47 -7.55 -8.83 -34.28
C LEU C 47 -7.61 -9.84 -35.42
N ILE C 48 -8.80 -10.04 -35.99
CA ILE C 48 -8.99 -10.96 -37.11
C ILE C 48 -10.36 -10.71 -37.73
N GLY C 49 -10.51 -11.02 -39.01
CA GLY C 49 -11.78 -10.82 -39.68
C GLY C 49 -11.79 -9.63 -40.62
N GLU C 50 -10.77 -9.50 -41.45
CA GLU C 50 -10.65 -8.35 -42.33
C GLU C 50 -11.52 -8.51 -43.59
N HIS C 51 -12.17 -7.41 -43.98
CA HIS C 51 -12.99 -7.33 -45.18
C HIS C 51 -14.16 -8.33 -45.13
N THR C 52 -14.58 -8.73 -43.93
CA THR C 52 -15.82 -9.47 -43.78
C THR C 52 -17.00 -8.61 -43.35
N ASP C 53 -16.75 -7.45 -42.70
CA ASP C 53 -17.83 -6.58 -42.26
C ASP C 53 -18.87 -6.34 -43.36
N TYR C 54 -18.46 -5.74 -44.48
CA TYR C 54 -19.45 -5.43 -45.51
C TYR C 54 -19.95 -6.67 -46.26
N ASN C 55 -19.46 -7.86 -45.91
CA ASN C 55 -20.00 -9.10 -46.43
C ASN C 55 -20.90 -9.80 -45.41
N GLN C 56 -21.37 -9.06 -44.41
CA GLN C 56 -22.23 -9.59 -43.34
C GLN C 56 -21.54 -10.73 -42.58
N GLY C 57 -20.23 -10.62 -42.40
CA GLY C 57 -19.45 -11.62 -41.72
C GLY C 57 -19.22 -11.31 -40.26
N LEU C 58 -18.18 -11.95 -39.70
CA LEU C 58 -17.80 -11.78 -38.31
C LEU C 58 -16.49 -11.00 -38.24
N VAL C 59 -16.37 -10.14 -37.24
CA VAL C 59 -15.14 -9.41 -36.98
C VAL C 59 -14.83 -9.50 -35.49
N LEU C 60 -13.55 -9.34 -35.16
CA LEU C 60 -13.07 -9.39 -33.77
C LEU C 60 -12.17 -8.20 -33.50
N PRO C 61 -12.73 -6.98 -33.45
CA PRO C 61 -11.94 -5.81 -33.10
C PRO C 61 -11.92 -5.56 -31.60
N MET C 62 -11.00 -4.70 -31.20
CA MET C 62 -10.98 -4.17 -29.84
C MET C 62 -10.73 -2.67 -29.91
N ALA C 63 -11.33 -1.93 -28.98
CA ALA C 63 -11.09 -0.50 -28.90
C ALA C 63 -9.72 -0.22 -28.29
N LEU C 64 -9.10 0.86 -28.75
CA LEU C 64 -7.76 1.24 -28.33
C LEU C 64 -7.83 2.37 -27.31
N GLU C 65 -6.71 2.56 -26.60
CA GLU C 65 -6.57 3.72 -25.71
C GLU C 65 -6.37 5.02 -26.47
N LEU C 66 -6.04 4.94 -27.75
CA LEU C 66 -6.01 6.13 -28.60
C LEU C 66 -7.44 6.59 -28.89
N MET C 67 -7.68 7.89 -28.77
CA MET C 67 -9.04 8.41 -28.75
C MET C 67 -9.10 9.75 -29.45
N THR C 68 -10.33 10.15 -29.77
CA THR C 68 -10.66 11.49 -30.20
C THR C 68 -11.57 12.10 -29.14
N VAL C 69 -11.20 13.28 -28.64
CA VAL C 69 -11.94 13.95 -27.58
C VAL C 69 -12.54 15.24 -28.14
N LEU C 70 -13.81 15.50 -27.78
CA LEU C 70 -14.51 16.71 -28.17
C LEU C 70 -14.94 17.45 -26.92
N VAL C 71 -14.59 18.74 -26.83
CA VAL C 71 -15.08 19.62 -25.78
C VAL C 71 -15.85 20.74 -26.46
N GLY C 72 -16.95 21.16 -25.85
CA GLY C 72 -17.73 22.20 -26.49
C GLY C 72 -18.86 22.70 -25.61
N SER C 73 -19.66 23.59 -26.20
CA SER C 73 -20.77 24.25 -25.55
C SER C 73 -21.81 24.59 -26.58
N PRO C 74 -23.09 24.62 -26.20
CA PRO C 74 -24.13 25.04 -27.15
C PRO C 74 -24.07 26.53 -27.44
N ARG C 75 -24.61 26.90 -28.60
CA ARG C 75 -24.69 28.28 -29.05
C ARG C 75 -26.15 28.63 -29.32
N LYS C 76 -26.48 29.92 -29.14
CA LYS C 76 -27.79 30.42 -29.52
C LYS C 76 -27.86 30.99 -30.92
N ASP C 77 -26.72 31.24 -31.57
CA ASP C 77 -26.73 31.78 -32.92
C ASP C 77 -27.31 30.80 -33.93
N GLY C 78 -27.08 29.51 -33.73
CA GLY C 78 -27.45 28.51 -34.71
C GLY C 78 -26.34 28.08 -35.64
N LEU C 79 -25.09 28.38 -35.32
CA LEU C 79 -23.95 28.02 -36.14
C LEU C 79 -23.11 26.97 -35.44
N VAL C 80 -22.25 26.33 -36.23
CA VAL C 80 -21.29 25.34 -35.73
C VAL C 80 -19.91 25.92 -35.98
N SER C 81 -19.12 25.99 -34.92
CA SER C 81 -17.76 26.52 -35.00
C SER C 81 -16.81 25.46 -34.47
N LEU C 82 -15.85 25.06 -35.28
CA LEU C 82 -14.96 23.96 -34.97
C LEU C 82 -13.52 24.41 -35.04
N LEU C 83 -12.69 23.77 -34.21
CA LEU C 83 -11.25 23.90 -34.26
C LEU C 83 -10.66 22.56 -33.89
N THR C 84 -9.65 22.13 -34.63
CA THR C 84 -8.92 20.92 -34.30
C THR C 84 -7.45 21.27 -34.08
N THR C 85 -6.81 20.49 -33.22
CA THR C 85 -5.41 20.70 -32.90
C THR C 85 -4.50 19.68 -33.56
N SER C 86 -5.08 18.67 -34.21
CA SER C 86 -4.28 17.62 -34.82
C SER C 86 -3.48 18.20 -35.97
N GLU C 87 -2.19 17.88 -36.01
CA GLU C 87 -1.31 18.48 -37.00
C GLU C 87 -1.54 17.92 -38.39
N GLY C 88 -1.89 16.63 -38.49
CA GLY C 88 -2.11 16.05 -39.80
C GLY C 88 -3.40 16.46 -40.49
N ALA C 89 -4.29 17.16 -39.80
CA ALA C 89 -5.53 17.60 -40.43
C ALA C 89 -5.25 18.66 -41.47
N ASP C 90 -5.89 18.53 -42.63
CA ASP C 90 -5.80 19.56 -43.66
C ASP C 90 -6.36 20.88 -43.14
N GLU C 91 -5.90 21.99 -43.76
CA GLU C 91 -6.27 23.36 -43.43
C GLU C 91 -7.49 23.80 -44.24
N PRO C 92 -8.34 24.67 -43.68
CA PRO C 92 -8.15 25.29 -42.38
C PRO C 92 -8.46 24.38 -41.20
N GLN C 93 -7.69 24.53 -40.11
CA GLN C 93 -7.92 23.76 -38.91
C GLN C 93 -9.08 24.32 -38.07
N ARG C 94 -9.69 25.42 -38.51
CA ARG C 94 -10.87 25.98 -37.87
C ARG C 94 -11.85 26.38 -38.95
N LEU C 95 -13.13 26.27 -38.65
CA LEU C 95 -14.16 26.58 -39.63
C LEU C 95 -15.49 26.79 -38.94
N GLN C 96 -16.37 27.55 -39.60
CA GLN C 96 -17.68 27.86 -39.08
C GLN C 96 -18.69 27.73 -40.20
N PHE C 97 -19.84 27.12 -39.90
CA PHE C 97 -20.90 26.92 -40.88
C PHE C 97 -22.22 26.82 -40.14
N PRO C 98 -23.33 27.14 -40.79
CA PRO C 98 -24.64 26.97 -40.13
C PRO C 98 -25.17 25.56 -40.23
N LEU C 99 -26.02 25.22 -39.26
CA LEU C 99 -26.64 23.91 -39.23
C LEU C 99 -27.55 23.70 -40.43
N PRO C 100 -27.71 22.46 -40.88
CA PRO C 100 -28.64 22.20 -41.99
C PRO C 100 -30.08 22.37 -41.54
N THR C 101 -30.93 22.75 -42.48
CA THR C 101 -32.34 22.94 -42.26
C THR C 101 -33.12 22.06 -43.23
N ALA C 102 -34.44 22.19 -43.21
CA ALA C 102 -35.25 21.49 -44.19
C ALA C 102 -35.00 22.02 -45.59
N GLN C 103 -34.79 23.34 -45.72
CA GLN C 103 -34.53 23.94 -47.02
C GLN C 103 -33.10 23.66 -47.50
N ARG C 104 -32.11 24.02 -46.69
CA ARG C 104 -30.71 23.86 -47.04
C ARG C 104 -30.08 22.76 -46.21
N SER C 105 -29.32 21.89 -46.86
CA SER C 105 -28.63 20.79 -46.20
C SER C 105 -27.12 20.96 -46.35
N LEU C 106 -26.38 20.29 -45.47
CA LEU C 106 -24.92 20.30 -45.57
C LEU C 106 -24.46 19.46 -46.76
N GLU C 107 -23.25 19.78 -47.23
CA GLU C 107 -22.66 19.13 -48.39
C GLU C 107 -21.18 18.94 -48.13
N PRO C 108 -20.59 17.84 -48.60
CA PRO C 108 -19.16 17.60 -48.37
C PRO C 108 -18.29 18.62 -49.09
N GLY C 109 -17.20 19.00 -48.44
CA GLY C 109 -16.29 19.98 -49.02
C GLY C 109 -14.93 20.05 -48.35
N THR C 110 -14.48 21.26 -48.05
CA THR C 110 -13.19 21.56 -47.46
C THR C 110 -13.34 22.17 -46.08
N PRO C 111 -12.53 21.77 -45.09
CA PRO C 111 -11.50 20.72 -45.11
C PRO C 111 -12.09 19.32 -45.02
N ARG C 112 -11.34 18.29 -45.41
CA ARG C 112 -11.89 16.93 -45.42
C ARG C 112 -12.15 16.41 -44.02
N TRP C 113 -11.33 16.81 -43.04
CA TRP C 113 -11.54 16.33 -41.68
C TRP C 113 -12.90 16.76 -41.13
N ALA C 114 -13.41 17.91 -41.59
CA ALA C 114 -14.71 18.40 -41.17
C ALA C 114 -15.87 17.69 -41.86
N ASN C 115 -15.60 16.95 -42.94
CA ASN C 115 -16.68 16.21 -43.60
C ASN C 115 -17.25 15.14 -42.68
N TYR C 116 -16.41 14.55 -41.82
CA TYR C 116 -16.89 13.54 -40.89
C TYR C 116 -17.86 14.13 -39.88
N VAL C 117 -17.56 15.30 -39.31
CA VAL C 117 -18.47 15.92 -38.36
C VAL C 117 -19.72 16.43 -39.08
N LYS C 118 -19.54 17.01 -40.26
CA LYS C 118 -20.70 17.52 -41.01
C LYS C 118 -21.64 16.39 -41.39
N GLY C 119 -21.09 15.22 -41.72
CA GLY C 119 -21.93 14.09 -42.08
C GLY C 119 -22.80 13.63 -40.92
N VAL C 120 -22.21 13.50 -39.73
CA VAL C 120 -22.98 13.10 -38.56
C VAL C 120 -24.04 14.15 -38.22
N ILE C 121 -23.67 15.43 -38.33
CA ILE C 121 -24.64 16.50 -38.11
C ILE C 121 -25.79 16.41 -39.11
N GLN C 122 -25.45 16.16 -40.38
CA GLN C 122 -26.48 16.11 -41.42
C GLN C 122 -27.49 15.01 -41.16
N TYR C 123 -27.02 13.83 -40.73
CA TYR C 123 -27.87 12.66 -40.57
C TYR C 123 -28.26 12.37 -39.12
N TYR C 124 -27.99 13.30 -38.20
CA TYR C 124 -28.38 13.08 -36.81
C TYR C 124 -29.90 13.02 -36.71
N PRO C 125 -30.46 11.99 -36.06
CA PRO C 125 -31.91 11.76 -36.14
C PRO C 125 -32.76 12.58 -35.19
N ALA C 126 -32.17 13.28 -34.22
CA ALA C 126 -32.95 13.99 -33.22
C ALA C 126 -32.99 15.49 -33.49
N ALA C 127 -34.00 16.15 -32.93
CA ALA C 127 -34.23 17.58 -33.08
C ALA C 127 -35.02 18.06 -31.88
N PRO C 128 -34.90 19.35 -31.50
CA PRO C 128 -34.09 20.40 -32.13
C PRO C 128 -32.61 20.36 -31.74
N LEU C 129 -31.75 20.45 -32.75
CA LEU C 129 -30.31 20.42 -32.58
C LEU C 129 -29.76 21.83 -32.60
N PRO C 130 -29.27 22.36 -31.48
CA PRO C 130 -28.77 23.73 -31.46
C PRO C 130 -27.37 23.81 -32.06
N GLY C 131 -26.93 25.04 -32.30
CA GLY C 131 -25.56 25.26 -32.70
C GLY C 131 -24.60 24.97 -31.56
N PHE C 132 -23.32 24.85 -31.91
CA PHE C 132 -22.33 24.55 -30.89
C PHE C 132 -20.95 24.96 -31.35
N SER C 133 -20.08 25.21 -30.37
CA SER C 133 -18.66 25.38 -30.55
C SER C 133 -17.97 24.13 -30.04
N ALA C 134 -16.89 23.72 -30.70
CA ALA C 134 -16.24 22.47 -30.33
C ALA C 134 -14.77 22.52 -30.72
N VAL C 135 -13.95 21.86 -29.91
CA VAL C 135 -12.54 21.64 -30.20
C VAL C 135 -12.29 20.14 -30.27
N VAL C 136 -11.55 19.72 -31.29
CA VAL C 136 -11.25 18.31 -31.54
C VAL C 136 -9.78 18.06 -31.25
N VAL C 137 -9.50 17.07 -30.41
CA VAL C 137 -8.15 16.56 -30.22
C VAL C 137 -8.21 15.05 -30.43
N SER C 138 -7.10 14.47 -30.88
CA SER C 138 -7.05 13.05 -31.12
C SER C 138 -5.65 12.51 -30.93
N SER C 139 -5.56 11.30 -30.38
CA SER C 139 -4.32 10.55 -30.34
C SER C 139 -4.28 9.43 -31.37
N VAL C 140 -5.39 9.19 -32.06
CA VAL C 140 -5.43 8.22 -33.15
C VAL C 140 -4.68 8.85 -34.32
N PRO C 141 -3.64 8.21 -34.85
CA PRO C 141 -2.95 8.76 -36.02
C PRO C 141 -3.89 8.85 -37.21
N LEU C 142 -3.97 10.04 -37.80
CA LEU C 142 -4.97 10.30 -38.82
C LEU C 142 -4.65 9.51 -40.09
N GLY C 143 -5.63 8.76 -40.57
CA GLY C 143 -5.44 7.92 -41.74
C GLY C 143 -4.45 6.79 -41.55
N GLY C 144 -4.08 6.47 -40.32
CA GLY C 144 -3.11 5.43 -40.04
C GLY C 144 -3.66 4.02 -39.95
N GLY C 145 -4.93 3.81 -40.28
CA GLY C 145 -5.51 2.49 -40.22
C GLY C 145 -6.10 2.08 -38.89
N LEU C 146 -6.11 2.97 -37.90
CA LEU C 146 -6.73 2.69 -36.60
C LEU C 146 -8.09 3.38 -36.46
N SER C 147 -8.71 3.74 -37.59
CA SER C 147 -10.08 4.28 -37.63
C SER C 147 -10.18 5.62 -36.91
N SER C 148 -9.31 6.56 -37.28
CA SER C 148 -9.44 7.92 -36.78
C SER C 148 -10.76 8.54 -37.21
N SER C 149 -11.16 8.32 -38.46
CA SER C 149 -12.41 8.88 -38.98
C SER C 149 -13.60 8.41 -38.14
N ALA C 150 -13.70 7.10 -37.92
CA ALA C 150 -14.81 6.58 -37.12
C ALA C 150 -14.73 7.12 -35.71
N SER C 151 -13.53 7.26 -35.17
CA SER C 151 -13.35 7.85 -33.85
C SER C 151 -13.92 9.26 -33.80
N LEU C 152 -13.69 10.05 -34.85
CA LEU C 152 -14.24 11.41 -34.90
C LEU C 152 -15.75 11.39 -35.10
N GLU C 153 -16.25 10.49 -35.95
CA GLU C 153 -17.69 10.42 -36.20
C GLU C 153 -18.44 10.02 -34.95
N VAL C 154 -17.96 9.00 -34.24
CA VAL C 154 -18.65 8.53 -33.05
C VAL C 154 -18.56 9.55 -31.93
N ALA C 155 -17.39 10.19 -31.79
CA ALA C 155 -17.25 11.28 -30.83
C ALA C 155 -18.25 12.40 -31.13
N THR C 156 -18.37 12.78 -32.41
CA THR C 156 -19.33 13.81 -32.80
C THR C 156 -20.75 13.39 -32.46
N TYR C 157 -21.11 12.14 -32.78
CA TYR C 157 -22.46 11.67 -32.47
C TYR C 157 -22.71 11.70 -30.97
N THR C 158 -21.73 11.24 -30.18
CA THR C 158 -21.90 11.25 -28.74
C THR C 158 -22.01 12.67 -28.20
N PHE C 159 -21.31 13.61 -28.83
CA PHE C 159 -21.45 15.02 -28.46
C PHE C 159 -22.86 15.53 -28.72
N LEU C 160 -23.40 15.22 -29.92
CA LEU C 160 -24.74 15.70 -30.27
C LEU C 160 -25.80 15.14 -29.32
N GLN C 161 -25.55 13.96 -28.75
CA GLN C 161 -26.48 13.42 -27.76
C GLN C 161 -26.56 14.31 -26.53
N GLN C 162 -25.46 14.98 -26.17
CA GLN C 162 -25.51 15.93 -25.06
C GLN C 162 -26.33 17.16 -25.43
N LEU C 163 -26.20 17.62 -26.68
CA LEU C 163 -26.99 18.77 -27.12
C LEU C 163 -28.46 18.43 -27.27
N CYS C 164 -28.75 17.20 -27.71
CA CYS C 164 -30.13 16.79 -27.96
C CYS C 164 -30.20 15.27 -27.98
N PRO C 165 -30.75 14.65 -26.93
CA PRO C 165 -30.71 13.18 -26.83
C PRO C 165 -31.63 12.53 -27.84
N ASP C 166 -31.13 11.45 -28.46
CA ASP C 166 -31.91 10.65 -29.38
C ASP C 166 -32.58 9.49 -28.65
N SER C 167 -33.52 8.83 -29.34
CA SER C 167 -34.27 7.71 -28.79
C SER C 167 -33.93 6.38 -29.44
N GLY C 168 -33.26 6.38 -30.60
CA GLY C 168 -33.07 5.17 -31.36
C GLY C 168 -32.06 4.24 -30.73
N THR C 169 -31.76 3.17 -31.47
CA THR C 169 -30.91 2.11 -30.95
C THR C 169 -29.43 2.46 -31.11
N ILE C 170 -28.59 1.67 -30.43
CA ILE C 170 -27.15 1.83 -30.58
C ILE C 170 -26.72 1.49 -31.99
N ALA C 171 -27.33 0.46 -32.58
CA ALA C 171 -27.04 0.10 -33.96
C ALA C 171 -27.37 1.24 -34.90
N ALA C 172 -28.50 1.91 -34.65
CA ALA C 172 -28.86 3.06 -35.47
C ALA C 172 -27.83 4.18 -35.37
N ARG C 173 -27.20 4.34 -34.21
CA ARG C 173 -26.14 5.34 -34.08
C ARG C 173 -24.95 5.00 -34.97
N ALA C 174 -24.56 3.72 -34.99
CA ALA C 174 -23.44 3.29 -35.82
C ALA C 174 -23.76 3.43 -37.30
N GLN C 175 -25.02 3.26 -37.68
CA GLN C 175 -25.41 3.38 -39.08
C GLN C 175 -25.49 4.84 -39.52
N VAL C 176 -25.78 5.76 -38.59
CA VAL C 176 -25.71 7.17 -38.91
C VAL C 176 -24.27 7.58 -39.19
N CYS C 177 -23.35 7.19 -38.30
CA CYS C 177 -21.94 7.45 -38.55
C CYS C 177 -21.46 6.74 -39.81
N GLN C 178 -22.03 5.57 -40.10
CA GLN C 178 -21.65 4.90 -41.34
C GLN C 178 -22.12 5.68 -42.55
N GLN C 179 -23.27 6.35 -42.50
CA GLN C 179 -23.63 7.21 -43.62
C GLN C 179 -22.80 8.48 -43.66
N ALA C 180 -22.24 8.97 -42.53
CA ALA C 180 -21.37 10.13 -42.73
C ALA C 180 -20.19 9.74 -43.61
N GLU C 181 -19.60 8.57 -43.38
CA GLU C 181 -18.45 8.14 -44.16
C GLU C 181 -18.81 7.86 -45.61
N HIS C 182 -20.01 7.34 -45.88
CA HIS C 182 -20.40 7.03 -47.24
C HIS C 182 -20.63 8.31 -48.05
N SER C 183 -21.46 9.21 -47.50
CA SER C 183 -21.91 10.37 -48.29
C SER C 183 -20.90 11.52 -48.25
N PHE C 184 -20.35 11.83 -47.07
CA PHE C 184 -19.50 13.00 -46.93
C PHE C 184 -18.01 12.70 -47.07
N ALA C 185 -17.60 11.44 -47.02
CA ALA C 185 -16.20 11.08 -47.15
C ALA C 185 -15.93 10.20 -48.37
N GLY C 186 -16.96 9.79 -49.10
CA GLY C 186 -16.76 8.97 -50.28
C GLY C 186 -16.09 7.64 -50.03
N MET C 187 -16.33 7.04 -48.88
CA MET C 187 -15.70 5.77 -48.50
C MET C 187 -16.80 4.79 -48.14
N PRO C 188 -17.06 3.79 -48.99
CA PRO C 188 -18.16 2.84 -48.73
C PRO C 188 -17.73 1.73 -47.76
N CYS C 189 -17.48 2.14 -46.53
CA CYS C 189 -17.01 1.23 -45.50
C CYS C 189 -18.16 0.39 -44.96
N GLY C 190 -17.80 -0.65 -44.20
CA GLY C 190 -18.76 -1.41 -43.44
C GLY C 190 -19.06 -0.75 -42.11
N ILE C 191 -19.71 -1.52 -41.23
CA ILE C 191 -20.20 -1.00 -39.96
C ILE C 191 -19.22 -1.20 -38.81
N MET C 192 -18.14 -1.96 -39.03
CA MET C 192 -17.31 -2.41 -37.93
C MET C 192 -16.69 -1.26 -37.15
N ASP C 193 -16.00 -0.34 -37.85
CA ASP C 193 -15.24 0.71 -37.16
C ASP C 193 -16.14 1.56 -36.27
N GLN C 194 -17.27 2.00 -36.81
CA GLN C 194 -18.22 2.79 -36.03
C GLN C 194 -18.77 1.98 -34.85
N PHE C 195 -18.97 0.67 -35.07
CA PHE C 195 -19.58 -0.16 -34.04
C PHE C 195 -18.63 -0.37 -32.85
N ILE C 196 -17.38 -0.73 -33.13
CA ILE C 196 -16.44 -1.00 -32.04
C ILE C 196 -16.13 0.28 -31.27
N SER C 197 -16.09 1.42 -31.96
CA SER C 197 -15.90 2.69 -31.25
C SER C 197 -17.05 2.96 -30.29
N LEU C 198 -18.27 2.60 -30.68
CA LEU C 198 -19.43 2.79 -29.83
C LEU C 198 -19.53 1.74 -28.73
N MET C 199 -19.16 0.49 -29.03
CA MET C 199 -19.55 -0.64 -28.21
C MET C 199 -18.39 -1.30 -27.47
N GLY C 200 -17.16 -0.79 -27.61
CA GLY C 200 -16.03 -1.41 -26.94
C GLY C 200 -16.18 -1.37 -25.43
N GLN C 201 -15.57 -2.36 -24.79
CA GLN C 201 -15.50 -2.43 -23.34
C GLN C 201 -14.08 -2.81 -22.96
N LYS C 202 -13.62 -2.34 -21.80
CA LYS C 202 -12.24 -2.57 -21.45
C LYS C 202 -12.01 -4.06 -21.20
N GLY C 203 -10.77 -4.49 -21.41
CA GLY C 203 -10.42 -5.89 -21.26
C GLY C 203 -11.23 -6.85 -22.09
N HIS C 204 -11.83 -6.40 -23.19
CA HIS C 204 -12.70 -7.25 -24.00
C HIS C 204 -12.52 -6.94 -25.47
N ALA C 205 -12.42 -7.99 -26.28
CA ALA C 205 -12.66 -7.87 -27.72
C ALA C 205 -14.14 -8.08 -28.00
N LEU C 206 -14.55 -7.64 -29.18
CA LEU C 206 -15.96 -7.72 -29.61
C LEU C 206 -16.05 -8.64 -30.80
N LEU C 207 -16.71 -9.78 -30.63
CA LEU C 207 -17.07 -10.61 -31.78
C LEU C 207 -18.37 -10.05 -32.32
N ILE C 208 -18.30 -9.36 -33.46
CA ILE C 208 -19.45 -8.65 -34.01
C ILE C 208 -19.97 -9.43 -35.19
N ASP C 209 -21.23 -9.83 -35.12
CA ASP C 209 -21.93 -10.45 -36.24
C ASP C 209 -22.51 -9.31 -37.07
N CYS C 210 -21.88 -9.01 -38.20
CA CYS C 210 -22.25 -7.84 -38.99
C CYS C 210 -23.56 -8.03 -39.74
N ARG C 211 -24.12 -9.23 -39.75
CA ARG C 211 -25.43 -9.44 -40.34
C ARG C 211 -26.55 -9.12 -39.36
N SER C 212 -26.40 -9.55 -38.11
CA SER C 212 -27.41 -9.34 -37.08
C SER C 212 -27.09 -8.18 -36.14
N LEU C 213 -25.86 -7.66 -36.18
CA LEU C 213 -25.37 -6.64 -35.25
C LEU C 213 -25.41 -7.11 -33.80
N GLU C 214 -25.52 -8.42 -33.60
CA GLU C 214 -25.34 -9.03 -32.29
C GLU C 214 -23.86 -9.04 -31.92
N THR C 215 -23.57 -8.84 -30.65
CA THR C 215 -22.20 -8.72 -30.17
C THR C 215 -21.94 -9.72 -29.05
N SER C 216 -20.69 -10.17 -28.98
CA SER C 216 -20.23 -11.01 -27.88
C SER C 216 -18.94 -10.39 -27.36
N LEU C 217 -18.86 -10.22 -26.04
CA LEU C 217 -17.70 -9.62 -25.39
C LEU C 217 -16.80 -10.74 -24.91
N VAL C 218 -15.63 -10.87 -25.52
CA VAL C 218 -14.66 -11.91 -25.18
C VAL C 218 -13.52 -11.25 -24.40
N PRO C 219 -13.31 -11.62 -23.13
CA PRO C 219 -12.29 -10.93 -22.33
C PRO C 219 -10.88 -11.20 -22.80
N LEU C 220 -10.03 -10.16 -22.74
CA LEU C 220 -8.59 -10.25 -23.07
C LEU C 220 -7.78 -9.47 -22.03
N SER C 221 -7.64 -10.05 -20.87
CA SER C 221 -6.93 -9.39 -19.81
C SER C 221 -6.08 -10.45 -19.07
N ASP C 222 -5.09 -10.96 -19.82
CA ASP C 222 -4.04 -11.87 -19.37
C ASP C 222 -2.80 -11.01 -19.34
N PRO C 223 -2.22 -10.75 -18.17
CA PRO C 223 -1.03 -9.88 -18.09
C PRO C 223 0.17 -10.41 -18.83
N LYS C 224 0.20 -11.72 -19.13
CA LYS C 224 1.28 -12.31 -19.91
C LYS C 224 1.01 -12.21 -21.40
N LEU C 225 -0.03 -11.50 -21.80
CA LEU C 225 -0.44 -11.36 -23.18
C LEU C 225 -0.36 -9.89 -23.58
N ALA C 226 0.22 -9.63 -24.75
CA ALA C 226 0.37 -8.27 -25.25
C ALA C 226 -0.09 -8.20 -26.70
N VAL C 227 -0.71 -7.08 -27.06
CA VAL C 227 -1.10 -6.79 -28.42
C VAL C 227 -0.24 -5.63 -28.92
N LEU C 228 0.58 -5.90 -29.93
CA LEU C 228 1.51 -4.91 -30.48
C LEU C 228 0.99 -4.44 -31.83
N ILE C 229 0.79 -3.13 -31.96
CA ILE C 229 0.37 -2.52 -33.21
C ILE C 229 1.57 -1.81 -33.81
N THR C 230 1.86 -2.11 -35.08
CA THR C 230 3.01 -1.57 -35.78
C THR C 230 2.53 -0.74 -36.97
N ASN C 231 2.71 0.58 -36.88
CA ASN C 231 2.38 1.46 -37.99
C ASN C 231 3.50 1.45 -39.02
N SER C 232 3.17 1.12 -40.26
CA SER C 232 4.14 1.17 -41.35
C SER C 232 4.42 2.59 -41.82
N ASN C 233 3.52 3.52 -41.54
CA ASN C 233 3.61 4.92 -41.99
C ASN C 233 3.65 5.01 -43.52
N VAL C 234 2.82 4.21 -44.17
CA VAL C 234 2.62 4.25 -45.62
C VAL C 234 1.12 4.19 -45.87
N ARG C 235 0.68 4.71 -47.02
CA ARG C 235 -0.76 4.77 -47.26
C ARG C 235 -1.17 4.30 -48.64
N HIS C 236 -0.33 4.54 -49.65
CA HIS C 236 -0.66 4.21 -51.04
C HIS C 236 -1.98 4.87 -51.48
N SER C 241 -8.84 3.22 -53.45
CA SER C 241 -9.60 3.06 -54.68
C SER C 241 -9.91 1.60 -54.96
N GLU C 242 -9.12 0.70 -54.38
CA GLU C 242 -9.36 -0.73 -54.55
C GLU C 242 -10.47 -1.24 -53.64
N TYR C 243 -10.66 -0.61 -52.48
CA TYR C 243 -11.66 -0.99 -51.49
C TYR C 243 -13.05 -1.09 -52.12
N PRO C 244 -13.54 -0.04 -52.82
CA PRO C 244 -14.81 -0.22 -53.57
C PRO C 244 -14.77 -1.41 -54.51
N VAL C 245 -13.72 -1.53 -55.33
CA VAL C 245 -13.64 -2.63 -56.28
C VAL C 245 -13.74 -3.97 -55.56
N ARG C 246 -13.06 -4.10 -54.41
CA ARG C 246 -13.17 -5.35 -53.65
C ARG C 246 -14.60 -5.59 -53.20
N ARG C 247 -15.32 -4.51 -52.84
CA ARG C 247 -16.71 -4.66 -52.44
C ARG C 247 -17.58 -5.09 -53.62
N ARG C 248 -17.32 -4.53 -54.81
CA ARG C 248 -18.13 -4.89 -55.98
C ARG C 248 -17.80 -6.27 -56.48
N GLN C 249 -16.56 -6.73 -56.28
CA GLN C 249 -16.23 -8.09 -56.66
C GLN C 249 -16.97 -9.09 -55.78
N CYS C 250 -17.13 -8.75 -54.49
CA CYS C 250 -17.84 -9.64 -53.57
C CYS C 250 -19.33 -9.71 -53.89
N GLU C 251 -19.90 -8.58 -54.36
CA GLU C 251 -21.33 -8.56 -54.68
C GLU C 251 -21.65 -9.46 -55.85
N GLU C 252 -20.79 -9.44 -56.85
CA GLU C 252 -21.00 -10.20 -58.07
C GLU C 252 -20.97 -11.69 -57.80
N VAL C 253 -20.05 -12.15 -56.95
CA VAL C 253 -19.98 -13.55 -56.62
C VAL C 253 -21.24 -13.99 -55.88
N ALA C 254 -21.67 -13.21 -54.88
CA ALA C 254 -22.88 -13.56 -54.14
C ALA C 254 -24.11 -13.55 -55.05
N ARG C 255 -24.21 -12.56 -55.94
CA ARG C 255 -25.33 -12.52 -56.88
C ARG C 255 -25.29 -13.69 -57.84
N ALA C 256 -24.08 -14.09 -58.27
CA ALA C 256 -23.96 -15.21 -59.20
C ALA C 256 -24.38 -16.52 -58.56
N LEU C 257 -24.19 -16.65 -57.25
CA LEU C 257 -24.56 -17.86 -56.52
C LEU C 257 -25.95 -17.77 -55.91
N GLY C 258 -26.71 -16.73 -56.21
CA GLY C 258 -28.04 -16.58 -55.66
C GLY C 258 -28.10 -16.39 -54.17
N ALA C 259 -27.03 -15.89 -53.54
CA ALA C 259 -26.99 -15.69 -52.11
C ALA C 259 -27.11 -14.21 -51.78
N ALA C 260 -27.65 -13.92 -50.60
CA ALA C 260 -27.79 -12.52 -50.18
C ALA C 260 -26.43 -11.91 -49.86
N SER C 261 -25.49 -12.72 -49.39
CA SER C 261 -24.15 -12.26 -49.05
C SER C 261 -23.25 -13.49 -48.95
N LEU C 262 -21.94 -13.25 -48.99
CA LEU C 262 -20.98 -14.33 -48.84
C LEU C 262 -21.06 -15.01 -47.47
N ARG C 263 -21.78 -14.41 -46.52
CA ARG C 263 -21.96 -15.06 -45.22
C ARG C 263 -22.75 -16.35 -45.36
N GLU C 264 -23.67 -16.41 -46.33
CA GLU C 264 -24.51 -17.56 -46.61
C GLU C 264 -23.82 -18.62 -47.46
N VAL C 265 -22.61 -18.35 -47.95
CA VAL C 265 -21.93 -19.21 -48.91
C VAL C 265 -20.90 -20.06 -48.20
N GLN C 266 -20.91 -21.36 -48.46
CA GLN C 266 -19.89 -22.26 -47.96
C GLN C 266 -18.86 -22.52 -49.06
N LEU C 267 -17.67 -22.92 -48.64
CA LEU C 267 -16.57 -23.10 -49.57
C LEU C 267 -16.91 -24.13 -50.64
N GLU C 268 -17.72 -25.13 -50.30
CA GLU C 268 -18.03 -26.21 -51.23
C GLU C 268 -18.88 -25.73 -52.40
N GLU C 269 -19.85 -24.84 -52.13
CA GLU C 269 -20.67 -24.32 -53.23
C GLU C 269 -19.89 -23.32 -54.07
N LEU C 270 -18.96 -22.60 -53.45
CA LEU C 270 -18.11 -21.68 -54.19
C LEU C 270 -17.19 -22.44 -55.15
N GLU C 271 -16.74 -23.63 -54.76
CA GLU C 271 -15.87 -24.42 -55.62
C GLU C 271 -16.62 -24.96 -56.83
N ALA C 272 -17.91 -25.29 -56.67
CA ALA C 272 -18.71 -25.76 -57.78
C ALA C 272 -19.07 -24.64 -58.76
N ALA C 273 -18.92 -23.38 -58.34
CA ALA C 273 -19.26 -22.24 -59.18
C ALA C 273 -18.02 -21.51 -59.69
N ARG C 274 -16.89 -22.22 -59.75
CA ARG C 274 -15.65 -21.59 -60.22
C ARG C 274 -15.82 -21.01 -61.61
N ASP C 275 -16.58 -21.67 -62.47
CA ASP C 275 -16.81 -21.23 -63.84
C ASP C 275 -17.97 -20.24 -63.94
N LEU C 276 -18.67 -19.97 -62.84
CA LEU C 276 -19.74 -18.99 -62.83
C LEU C 276 -19.26 -17.58 -62.46
N VAL C 277 -18.03 -17.44 -62.00
CA VAL C 277 -17.51 -16.18 -61.49
C VAL C 277 -16.12 -15.94 -62.09
N SER C 278 -15.68 -14.69 -62.00
CA SER C 278 -14.35 -14.31 -62.44
C SER C 278 -13.28 -14.99 -61.58
N LYS C 279 -12.07 -15.07 -62.14
CA LYS C 279 -10.95 -15.64 -61.39
C LYS C 279 -10.59 -14.79 -60.19
N GLU C 280 -10.60 -13.46 -60.35
CA GLU C 280 -10.38 -12.59 -59.20
C GLU C 280 -11.52 -12.69 -58.21
N GLY C 281 -12.76 -12.68 -58.70
CA GLY C 281 -13.91 -12.80 -57.82
C GLY C 281 -13.89 -14.08 -56.99
N PHE C 282 -13.43 -15.19 -57.59
CA PHE C 282 -13.37 -16.44 -56.84
C PHE C 282 -12.36 -16.35 -55.70
N ARG C 283 -11.24 -15.66 -55.93
CA ARG C 283 -10.23 -15.56 -54.88
C ARG C 283 -10.63 -14.57 -53.79
N ARG C 284 -11.45 -13.57 -54.12
CA ARG C 284 -11.95 -12.67 -53.09
C ARG C 284 -12.95 -13.41 -52.20
N ALA C 285 -13.88 -14.14 -52.81
CA ALA C 285 -14.87 -14.87 -52.04
C ALA C 285 -14.23 -15.99 -51.23
N ARG C 286 -13.13 -16.57 -51.73
CA ARG C 286 -12.47 -17.62 -50.98
C ARG C 286 -11.86 -17.08 -49.69
N HIS C 287 -11.31 -15.85 -49.74
CA HIS C 287 -10.82 -15.22 -48.52
C HIS C 287 -11.95 -14.94 -47.55
N VAL C 288 -13.02 -14.29 -48.04
CA VAL C 288 -14.10 -13.85 -47.17
C VAL C 288 -14.73 -15.03 -46.45
N VAL C 289 -15.00 -16.11 -47.18
CA VAL C 289 -15.63 -17.28 -46.58
C VAL C 289 -14.72 -17.92 -45.54
N GLY C 290 -13.42 -17.98 -45.83
CA GLY C 290 -12.48 -18.52 -44.86
C GLY C 290 -12.24 -17.58 -43.69
N GLU C 291 -12.27 -16.27 -43.94
CA GLU C 291 -12.02 -15.31 -42.87
C GLU C 291 -13.18 -15.27 -41.89
N ILE C 292 -14.41 -15.37 -42.40
CA ILE C 292 -15.57 -15.49 -41.52
C ILE C 292 -15.41 -16.71 -40.60
N ARG C 293 -14.96 -17.83 -41.17
CA ARG C 293 -14.78 -19.05 -40.39
C ARG C 293 -13.61 -18.92 -39.42
N ARG C 294 -12.54 -18.23 -39.83
CA ARG C 294 -11.38 -18.06 -38.95
C ARG C 294 -11.71 -17.17 -37.75
N THR C 295 -12.60 -16.20 -37.92
CA THR C 295 -12.93 -15.31 -36.81
C THR C 295 -13.68 -16.07 -35.71
N ALA C 296 -14.61 -16.94 -36.11
CA ALA C 296 -15.28 -17.80 -35.13
C ALA C 296 -14.28 -18.73 -34.45
N GLN C 297 -13.31 -19.25 -35.19
CA GLN C 297 -12.31 -20.12 -34.58
C GLN C 297 -11.36 -19.33 -33.70
N ALA C 298 -11.08 -18.07 -34.06
CA ALA C 298 -10.23 -17.24 -33.22
C ALA C 298 -10.93 -16.91 -31.90
N ALA C 299 -12.23 -16.61 -31.96
CA ALA C 299 -13.00 -16.38 -30.75
C ALA C 299 -13.01 -17.62 -29.86
N ALA C 300 -13.22 -18.79 -30.45
CA ALA C 300 -13.22 -20.03 -29.68
C ALA C 300 -11.85 -20.29 -29.05
N ALA C 301 -10.78 -20.08 -29.81
CA ALA C 301 -9.44 -20.27 -29.26
C ALA C 301 -9.18 -19.32 -28.10
N LEU C 302 -9.70 -18.10 -28.20
CA LEU C 302 -9.49 -17.10 -27.16
C LEU C 302 -10.26 -17.44 -25.88
N ARG C 303 -11.44 -18.06 -26.02
CA ARG C 303 -12.21 -18.46 -24.84
C ARG C 303 -11.48 -19.52 -24.03
N ARG C 304 -10.84 -20.47 -24.71
CA ARG C 304 -10.09 -21.52 -24.03
C ARG C 304 -8.63 -21.16 -23.79
N GLY C 305 -8.21 -19.95 -24.13
CA GLY C 305 -6.86 -19.51 -23.84
C GLY C 305 -5.80 -20.04 -24.76
N ASP C 306 -6.18 -20.52 -25.95
CA ASP C 306 -5.22 -21.11 -26.90
C ASP C 306 -4.66 -20.01 -27.79
N TYR C 307 -3.67 -19.29 -27.25
CA TYR C 307 -3.08 -18.17 -27.98
C TYR C 307 -2.26 -18.63 -29.18
N ARG C 308 -1.66 -19.82 -29.10
CA ARG C 308 -0.89 -20.32 -30.23
C ARG C 308 -1.79 -20.60 -31.43
N ALA C 309 -2.98 -21.15 -31.18
CA ALA C 309 -3.95 -21.35 -32.25
C ALA C 309 -4.46 -20.02 -32.78
N PHE C 310 -4.71 -19.06 -31.87
CA PHE C 310 -5.12 -17.72 -32.29
C PHE C 310 -4.08 -17.09 -33.21
N GLY C 311 -2.80 -17.21 -32.85
CA GLY C 311 -1.75 -16.65 -33.69
C GLY C 311 -1.68 -17.29 -35.06
N ARG C 312 -1.87 -18.61 -35.11
CA ARG C 312 -1.84 -19.31 -36.41
C ARG C 312 -3.00 -18.86 -37.28
N LEU C 313 -4.16 -18.61 -36.68
CA LEU C 313 -5.29 -18.09 -37.45
C LEU C 313 -5.01 -16.68 -37.95
N MET C 314 -4.24 -15.89 -37.19
CA MET C 314 -3.85 -14.56 -37.67
C MET C 314 -2.96 -14.67 -38.90
N VAL C 315 -2.00 -15.59 -38.87
CA VAL C 315 -1.08 -15.76 -40.00
C VAL C 315 -1.82 -16.31 -41.21
N GLU C 316 -2.78 -17.21 -40.98
CA GLU C 316 -3.61 -17.69 -42.08
C GLU C 316 -4.42 -16.55 -42.68
N SER C 317 -4.91 -15.64 -41.83
CA SER C 317 -5.65 -14.49 -42.31
C SER C 317 -4.77 -13.57 -43.15
N HIS C 318 -3.51 -13.36 -42.72
CA HIS C 318 -2.63 -12.47 -43.47
C HIS C 318 -2.29 -13.03 -44.84
N ARG C 319 -1.86 -14.30 -44.88
CA ARG C 319 -1.55 -14.93 -46.17
C ARG C 319 -2.77 -14.91 -47.09
N SER C 320 -3.95 -15.13 -46.52
CA SER C 320 -5.18 -15.01 -47.31
C SER C 320 -5.37 -13.58 -47.82
N LEU C 321 -5.11 -12.59 -46.96
CA LEU C 321 -5.22 -11.20 -47.39
C LEU C 321 -4.15 -10.84 -48.40
N ARG C 322 -2.98 -11.45 -48.30
CA ARG C 322 -1.86 -11.12 -49.19
C ARG C 322 -2.04 -11.77 -50.57
N ASP C 323 -2.56 -13.01 -50.60
CA ASP C 323 -2.65 -13.78 -51.83
C ASP C 323 -4.05 -13.79 -52.44
N ASP C 324 -5.08 -14.03 -51.64
CA ASP C 324 -6.43 -14.17 -52.18
C ASP C 324 -7.13 -12.83 -52.37
N TYR C 325 -7.08 -11.96 -51.36
CA TYR C 325 -7.77 -10.68 -51.45
C TYR C 325 -6.90 -9.58 -52.06
N GLU C 326 -5.58 -9.74 -52.06
CA GLU C 326 -4.63 -8.80 -52.65
C GLU C 326 -4.88 -7.38 -52.13
N VAL C 327 -4.77 -7.22 -50.82
CA VAL C 327 -4.93 -5.91 -50.18
C VAL C 327 -3.74 -5.60 -49.29
N SER C 328 -2.69 -6.42 -49.38
CA SER C 328 -1.47 -6.16 -48.64
C SER C 328 -0.49 -5.37 -49.49
N CYS C 329 0.61 -4.95 -48.87
CA CYS C 329 1.65 -4.22 -49.58
C CYS C 329 3.02 -4.76 -49.14
N PRO C 330 4.10 -4.44 -49.87
CA PRO C 330 5.41 -4.98 -49.48
C PRO C 330 5.84 -4.57 -48.08
N GLU C 331 5.47 -3.36 -47.63
CA GLU C 331 5.82 -2.93 -46.29
C GLU C 331 5.10 -3.78 -45.24
N LEU C 332 3.80 -4.02 -45.45
CA LEU C 332 3.03 -4.85 -44.51
C LEU C 332 3.54 -6.28 -44.49
N ASP C 333 3.86 -6.85 -45.66
CA ASP C 333 4.38 -8.21 -45.70
C ASP C 333 5.72 -8.29 -45.00
N GLN C 334 6.53 -7.24 -45.12
CA GLN C 334 7.84 -7.22 -44.48
C GLN C 334 7.71 -7.09 -42.96
N LEU C 335 6.72 -6.34 -42.49
CA LEU C 335 6.49 -6.21 -41.06
C LEU C 335 6.01 -7.53 -40.45
N VAL C 336 5.17 -8.26 -41.18
CA VAL C 336 4.61 -9.49 -40.64
C VAL C 336 5.69 -10.57 -40.56
N GLU C 337 6.49 -10.73 -41.62
CA GLU C 337 7.53 -11.75 -41.60
C GLU C 337 8.58 -11.45 -40.52
N ALA C 338 8.86 -10.17 -40.27
CA ALA C 338 9.78 -9.81 -39.20
C ALA C 338 9.22 -10.17 -37.83
N ALA C 339 7.93 -9.90 -37.60
CA ALA C 339 7.32 -10.23 -36.33
C ALA C 339 7.27 -11.73 -36.09
N LEU C 340 7.04 -12.52 -37.15
CA LEU C 340 6.93 -13.96 -36.98
C LEU C 340 8.26 -14.62 -36.62
N ALA C 341 9.38 -13.96 -36.92
CA ALA C 341 10.69 -14.50 -36.58
C ALA C 341 11.05 -14.30 -35.12
N VAL C 342 10.34 -13.43 -34.42
CA VAL C 342 10.68 -13.09 -33.03
C VAL C 342 10.14 -14.21 -32.12
N PRO C 343 10.97 -14.80 -31.26
CA PRO C 343 10.46 -15.80 -30.33
C PRO C 343 9.51 -15.17 -29.33
N GLY C 344 8.44 -15.89 -29.02
CA GLY C 344 7.40 -15.38 -28.15
C GLY C 344 6.25 -14.72 -28.88
N VAL C 345 6.32 -14.59 -30.20
CA VAL C 345 5.22 -14.05 -30.99
C VAL C 345 4.30 -15.19 -31.41
N TYR C 346 3.01 -15.05 -31.13
CA TYR C 346 2.04 -16.07 -31.51
C TYR C 346 1.60 -15.92 -32.96
N GLY C 347 1.37 -14.69 -33.41
CA GLY C 347 0.98 -14.45 -34.79
C GLY C 347 0.99 -12.98 -35.11
N SER C 348 0.98 -12.69 -36.41
CA SER C 348 0.99 -11.31 -36.89
C SER C 348 0.28 -11.26 -38.23
N ARG C 349 -0.29 -10.09 -38.54
CA ARG C 349 -1.13 -9.93 -39.71
C ARG C 349 -1.42 -8.45 -39.92
N MET C 350 -1.66 -8.08 -41.17
CA MET C 350 -2.12 -6.73 -41.49
C MET C 350 -3.54 -6.51 -40.97
N THR C 351 -3.83 -5.26 -40.64
CA THR C 351 -5.12 -4.77 -40.17
C THR C 351 -5.59 -3.55 -40.95
N GLY C 352 -6.89 -3.30 -40.84
CA GLY C 352 -7.54 -2.24 -41.58
C GLY C 352 -7.85 -2.65 -43.01
N GLY C 353 -8.14 -1.64 -43.83
CA GLY C 353 -8.49 -1.91 -45.22
C GLY C 353 -7.33 -2.47 -46.02
N GLY C 354 -6.11 -2.18 -45.60
CA GLY C 354 -4.92 -2.67 -46.28
C GLY C 354 -4.24 -1.59 -47.10
N PHE C 355 -3.33 -2.06 -47.96
CA PHE C 355 -2.50 -1.18 -48.79
C PHE C 355 -1.72 -0.19 -47.91
N GLY C 356 -1.14 -0.72 -46.84
CA GLY C 356 -0.49 0.08 -45.83
C GLY C 356 -1.22 0.04 -44.51
N GLY C 357 -0.92 1.02 -43.68
CA GLY C 357 -1.52 1.09 -42.35
C GLY C 357 -0.73 0.33 -41.32
N CYS C 358 -1.42 -0.45 -40.49
CA CYS C 358 -0.79 -1.07 -39.33
C CYS C 358 -0.86 -2.60 -39.42
N THR C 359 0.00 -3.24 -38.63
CA THR C 359 -0.07 -4.67 -38.38
C THR C 359 -0.30 -4.91 -36.90
N VAL C 360 -1.16 -5.89 -36.59
CA VAL C 360 -1.42 -6.31 -35.22
C VAL C 360 -0.61 -7.58 -34.95
N THR C 361 -0.02 -7.67 -33.76
CA THR C 361 0.79 -8.82 -33.37
C THR C 361 0.43 -9.25 -31.96
N LEU C 362 0.24 -10.56 -31.78
CA LEU C 362 -0.04 -11.15 -30.47
C LEU C 362 1.20 -11.89 -30.00
N LEU C 363 1.65 -11.61 -28.78
CA LEU C 363 2.90 -12.13 -28.27
C LEU C 363 2.88 -12.10 -26.75
N GLU C 364 3.82 -12.82 -26.16
CA GLU C 364 4.01 -12.76 -24.72
C GLU C 364 4.52 -11.37 -24.34
N ALA C 365 4.03 -10.85 -23.22
CA ALA C 365 4.38 -9.48 -22.82
C ALA C 365 5.88 -9.30 -22.68
N SER C 366 6.59 -10.33 -22.24
CA SER C 366 8.03 -10.22 -22.03
C SER C 366 8.80 -10.09 -23.34
N ALA C 367 8.25 -10.55 -24.45
CA ALA C 367 8.91 -10.47 -25.75
C ALA C 367 8.66 -9.16 -26.47
N ALA C 368 7.85 -8.27 -25.89
CA ALA C 368 7.50 -7.02 -26.56
C ALA C 368 8.70 -6.11 -26.83
N PRO C 369 9.60 -5.85 -25.86
CA PRO C 369 10.75 -4.98 -26.18
C PRO C 369 11.62 -5.53 -27.30
N HIS C 370 11.91 -6.83 -27.29
CA HIS C 370 12.73 -7.40 -28.35
C HIS C 370 11.98 -7.41 -29.68
N ALA C 371 10.66 -7.60 -29.63
CA ALA C 371 9.87 -7.58 -30.87
C ALA C 371 9.97 -6.23 -31.56
N MET C 372 9.84 -5.14 -30.80
CA MET C 372 9.91 -3.81 -31.40
C MET C 372 11.30 -3.53 -31.96
N ARG C 373 12.35 -3.94 -31.24
CA ARG C 373 13.72 -3.72 -31.73
C ARG C 373 13.99 -4.55 -32.98
N HIS C 374 13.50 -5.79 -33.01
CA HIS C 374 13.73 -6.66 -34.16
C HIS C 374 12.94 -6.20 -35.38
N ILE C 375 11.68 -5.78 -35.17
CA ILE C 375 10.85 -5.34 -36.29
C ILE C 375 11.42 -4.08 -36.92
N GLN C 376 11.83 -3.12 -36.09
CA GLN C 376 12.33 -1.85 -36.62
C GLN C 376 13.65 -2.04 -37.37
N GLU C 377 14.53 -2.90 -36.86
CA GLU C 377 15.83 -3.10 -37.51
C GLU C 377 15.66 -3.78 -38.86
N HIS C 378 14.63 -4.61 -39.00
CA HIS C 378 14.40 -5.38 -40.22
C HIS C 378 13.34 -4.76 -41.13
N TYR C 379 12.94 -3.52 -40.85
CA TYR C 379 11.94 -2.82 -41.65
C TYR C 379 12.63 -1.71 -42.42
N GLY C 380 12.39 -1.65 -43.73
CA GLY C 380 12.98 -0.63 -44.57
C GLY C 380 12.36 0.74 -44.44
N GLY C 381 11.86 1.05 -43.26
CA GLY C 381 11.26 2.33 -43.00
C GLY C 381 11.24 2.64 -41.52
N THR C 382 10.52 3.69 -41.16
CA THR C 382 10.35 4.10 -39.77
C THR C 382 9.03 3.53 -39.27
N ALA C 383 9.11 2.56 -38.36
CA ALA C 383 7.93 1.93 -37.79
C ALA C 383 7.53 2.60 -36.50
N THR C 384 6.23 2.79 -36.32
CA THR C 384 5.67 3.30 -35.08
C THR C 384 4.99 2.15 -34.34
N PHE C 385 5.14 2.13 -33.01
CA PHE C 385 4.69 1.02 -32.20
C PHE C 385 3.68 1.51 -31.16
N TYR C 386 2.70 0.66 -30.87
CA TYR C 386 1.80 0.86 -29.74
C TYR C 386 1.63 -0.44 -28.98
N LEU C 387 1.88 -0.40 -27.66
CA LEU C 387 1.53 -1.49 -26.77
C LEU C 387 0.16 -1.16 -26.20
N SER C 388 -0.86 -1.91 -26.59
CA SER C 388 -2.24 -1.53 -26.31
C SER C 388 -2.99 -2.65 -25.60
N GLN C 389 -3.95 -2.23 -24.78
CA GLN C 389 -4.93 -3.09 -24.15
C GLN C 389 -6.31 -2.74 -24.71
N ALA C 390 -7.24 -3.67 -24.56
CA ALA C 390 -8.62 -3.40 -24.96
C ALA C 390 -9.20 -2.30 -24.10
N ALA C 391 -9.76 -1.27 -24.74
CA ALA C 391 -10.22 -0.08 -24.05
C ALA C 391 -11.75 0.04 -24.13
N ASP C 392 -12.28 1.01 -23.40
CA ASP C 392 -13.71 1.25 -23.38
C ASP C 392 -14.15 2.03 -24.62
N GLY C 393 -15.45 1.98 -24.89
CA GLY C 393 -16.02 2.66 -26.03
C GLY C 393 -16.30 4.12 -25.74
N ALA C 394 -17.15 4.70 -26.59
CA ALA C 394 -17.50 6.11 -26.46
C ALA C 394 -18.17 6.38 -25.12
N LYS C 395 -17.79 7.48 -24.48
CA LYS C 395 -18.28 7.82 -23.16
C LYS C 395 -18.34 9.33 -23.02
N VAL C 396 -19.29 9.80 -22.24
CA VAL C 396 -19.36 11.22 -21.91
C VAL C 396 -18.36 11.53 -20.80
N LEU C 397 -17.65 12.65 -20.95
CA LEU C 397 -16.68 13.10 -19.96
C LEU C 397 -17.22 14.35 -19.28
N CYS C 398 -17.16 14.37 -17.95
CA CYS C 398 -17.64 15.51 -17.18
C CYS C 398 -16.52 16.50 -16.96
N LEU C 399 -16.80 17.76 -17.21
CA LEU C 399 -15.82 18.82 -17.02
C LEU C 399 -15.99 19.49 -15.66
N LEU D 11 58.08 33.00 -15.60
CA LEU D 11 58.13 31.92 -14.63
C LEU D 11 57.56 32.40 -13.28
N ARG D 12 57.00 33.61 -13.28
CA ARG D 12 56.33 34.16 -12.11
C ARG D 12 54.92 34.54 -12.53
N GLN D 13 53.94 33.76 -12.08
CA GLN D 13 52.56 34.03 -12.42
C GLN D 13 52.00 35.11 -11.50
N PRO D 14 51.74 36.31 -12.03
CA PRO D 14 51.15 37.36 -11.19
C PRO D 14 49.82 36.93 -10.61
N GLN D 15 49.47 37.50 -9.48
CA GLN D 15 48.22 37.14 -8.83
C GLN D 15 47.15 38.16 -9.22
N VAL D 16 45.90 37.75 -9.03
CA VAL D 16 44.79 38.61 -9.47
C VAL D 16 44.84 39.94 -8.73
N ALA D 17 45.35 39.94 -7.50
CA ALA D 17 45.46 41.18 -6.74
C ALA D 17 46.45 42.15 -7.38
N GLU D 18 47.60 41.63 -7.87
CA GLU D 18 48.56 42.50 -8.55
C GLU D 18 48.00 43.03 -9.85
N LEU D 19 47.35 42.17 -10.64
CA LEU D 19 46.80 42.59 -11.91
C LEU D 19 45.69 43.62 -11.73
N LEU D 20 44.85 43.43 -10.72
CA LEU D 20 43.79 44.40 -10.44
C LEU D 20 44.38 45.76 -10.07
N ALA D 21 45.43 45.78 -9.25
CA ALA D 21 46.05 47.03 -8.85
C ALA D 21 46.69 47.75 -10.03
N GLU D 22 47.36 47.00 -10.91
CA GLU D 22 47.96 47.63 -12.10
C GLU D 22 46.88 48.26 -12.98
N ALA D 23 45.79 47.53 -13.22
CA ALA D 23 44.71 48.07 -14.04
C ALA D 23 44.06 49.28 -13.37
N ARG D 24 43.95 49.26 -12.04
CA ARG D 24 43.23 50.33 -11.38
C ARG D 24 44.09 51.58 -11.28
N ARG D 25 45.39 51.42 -11.02
CA ARG D 25 46.28 52.57 -11.06
C ARG D 25 46.44 53.09 -12.48
N ALA D 26 46.48 52.20 -13.47
CA ALA D 26 46.58 52.65 -14.86
C ALA D 26 45.31 53.37 -15.30
N PHE D 27 44.15 52.94 -14.81
CA PHE D 27 42.90 53.59 -15.14
C PHE D 27 42.86 55.00 -14.57
N ARG D 28 43.37 55.18 -13.35
CA ARG D 28 43.36 56.49 -12.71
C ARG D 28 44.30 57.47 -13.40
N GLU D 29 45.42 56.99 -13.93
CA GLU D 29 46.38 57.88 -14.58
C GLU D 29 46.01 58.20 -16.02
N GLU D 30 44.82 57.82 -16.48
CA GLU D 30 44.43 58.05 -17.86
C GLU D 30 43.02 58.63 -17.92
N PHE D 31 42.18 58.30 -16.94
CA PHE D 31 40.80 58.75 -16.93
C PHE D 31 40.45 59.67 -15.76
N GLY D 32 41.36 59.88 -14.82
CA GLY D 32 41.15 60.83 -13.74
C GLY D 32 40.45 60.30 -12.50
N ALA D 33 39.43 59.46 -12.69
CA ALA D 33 38.64 58.91 -11.61
C ALA D 33 39.03 57.47 -11.33
N GLU D 34 38.42 56.91 -10.29
CA GLU D 34 38.54 55.51 -9.91
C GLU D 34 37.58 54.66 -10.75
N PRO D 35 37.95 53.44 -11.13
CA PRO D 35 37.03 52.61 -11.90
C PRO D 35 35.91 52.08 -11.01
N GLU D 36 34.75 51.84 -11.64
CA GLU D 36 33.59 51.36 -10.91
C GLU D 36 33.34 49.86 -11.07
N LEU D 37 33.86 49.23 -12.13
CA LEU D 37 33.61 47.82 -12.41
C LEU D 37 34.91 47.13 -12.75
N ALA D 38 34.96 45.82 -12.50
CA ALA D 38 36.16 45.03 -12.77
C ALA D 38 35.78 43.59 -13.06
N VAL D 39 36.45 43.00 -14.05
CA VAL D 39 36.22 41.62 -14.47
C VAL D 39 37.55 40.98 -14.81
N SER D 40 37.58 39.65 -14.80
CA SER D 40 38.75 38.89 -15.20
C SER D 40 38.31 37.66 -15.97
N ALA D 41 39.18 37.20 -16.89
CA ALA D 41 38.95 36.02 -17.69
C ALA D 41 40.28 35.33 -17.91
N PRO D 42 40.37 34.01 -17.71
CA PRO D 42 41.66 33.33 -17.78
C PRO D 42 42.03 32.89 -19.19
N GLY D 43 43.31 32.60 -19.36
CA GLY D 43 43.79 31.85 -20.50
C GLY D 43 43.58 30.37 -20.29
N ARG D 44 44.04 29.59 -21.27
CA ARG D 44 43.79 28.16 -21.21
C ARG D 44 44.96 27.39 -21.80
N VAL D 45 45.10 26.15 -21.33
CA VAL D 45 45.95 25.16 -21.97
C VAL D 45 45.09 23.94 -22.24
N ASN D 46 45.30 23.30 -23.38
CA ASN D 46 44.56 22.11 -23.76
C ASN D 46 45.40 20.89 -23.43
N LEU D 47 44.90 20.05 -22.52
CA LEU D 47 45.64 18.84 -22.15
C LEU D 47 45.65 17.83 -23.27
N ILE D 48 44.55 17.70 -24.00
CA ILE D 48 44.44 16.74 -25.09
C ILE D 48 43.22 17.11 -25.93
N GLY D 49 43.28 16.78 -27.22
CA GLY D 49 42.17 17.08 -28.10
C GLY D 49 42.35 18.24 -29.04
N GLU D 50 43.49 18.32 -29.73
CA GLU D 50 43.74 19.45 -30.62
C GLU D 50 43.04 19.26 -31.97
N HIS D 51 42.47 20.35 -32.47
CA HIS D 51 41.81 20.42 -33.78
C HIS D 51 40.65 19.45 -33.90
N THR D 52 40.04 19.06 -32.78
CA THR D 52 38.74 18.41 -32.79
C THR D 52 37.62 19.41 -32.58
N ASP D 53 37.94 20.60 -32.07
CA ASP D 53 37.03 21.70 -31.80
C ASP D 53 36.04 21.94 -32.94
N TYR D 54 36.53 22.42 -34.08
CA TYR D 54 35.66 22.74 -35.20
C TYR D 54 35.18 21.50 -35.94
N ASN D 55 35.59 20.31 -35.49
CA ASN D 55 35.09 19.05 -36.02
C ASN D 55 34.04 18.43 -35.11
N GLN D 56 33.48 19.22 -34.20
CA GLN D 56 32.44 18.76 -33.27
C GLN D 56 32.93 17.58 -32.42
N GLY D 57 34.21 17.61 -32.05
CA GLY D 57 34.81 16.55 -31.26
C GLY D 57 34.84 16.88 -29.78
N LEU D 58 35.73 16.20 -29.07
CA LEU D 58 35.91 16.37 -27.64
C LEU D 58 37.22 17.08 -27.36
N VAL D 59 37.23 17.92 -26.32
CA VAL D 59 38.42 18.58 -25.85
C VAL D 59 38.50 18.45 -24.33
N LEU D 60 39.73 18.55 -23.83
CA LEU D 60 40.01 18.49 -22.38
C LEU D 60 40.92 19.64 -21.99
N PRO D 61 40.43 20.87 -22.04
CA PRO D 61 41.23 22.02 -21.62
C PRO D 61 41.07 22.32 -20.12
N MET D 62 41.96 23.16 -19.64
CA MET D 62 41.88 23.73 -18.30
C MET D 62 42.16 25.22 -18.38
N ALA D 63 41.49 25.98 -17.53
CA ALA D 63 41.75 27.41 -17.43
C ALA D 63 43.06 27.65 -16.67
N LEU D 64 43.77 28.70 -17.06
CA LEU D 64 45.08 28.98 -16.49
C LEU D 64 45.00 30.08 -15.45
N GLU D 65 46.03 30.15 -14.61
CA GLU D 65 46.16 31.25 -13.66
C GLU D 65 46.56 32.53 -14.36
N LEU D 66 47.05 32.45 -15.59
CA LEU D 66 47.25 33.63 -16.42
C LEU D 66 45.90 34.13 -16.91
N MET D 67 45.67 35.43 -16.80
CA MET D 67 44.33 35.98 -17.00
C MET D 67 44.42 37.38 -17.57
N THR D 68 43.28 37.86 -18.07
CA THR D 68 43.10 39.24 -18.49
C THR D 68 42.14 39.93 -17.54
N VAL D 69 42.54 41.09 -17.03
CA VAL D 69 41.74 41.87 -16.09
C VAL D 69 41.29 43.14 -16.79
N LEU D 70 40.01 43.45 -16.67
CA LEU D 70 39.44 44.67 -17.23
C LEU D 70 38.75 45.46 -16.13
N VAL D 71 39.13 46.73 -15.98
CA VAL D 71 38.46 47.64 -15.05
C VAL D 71 37.92 48.82 -15.85
N GLY D 72 36.76 49.31 -15.47
CA GLY D 72 36.17 50.42 -16.20
C GLY D 72 34.96 50.99 -15.50
N SER D 73 34.32 51.93 -16.18
CA SER D 73 33.17 52.66 -15.66
C SER D 73 32.29 53.08 -16.82
N PRO D 74 30.97 53.21 -16.60
CA PRO D 74 30.09 53.67 -17.68
C PRO D 74 30.31 55.14 -17.99
N ARG D 75 29.98 55.51 -19.23
CA ARG D 75 30.05 56.89 -19.70
C ARG D 75 28.70 57.34 -20.22
N LYS D 76 28.42 58.63 -20.07
CA LYS D 76 27.25 59.24 -20.68
C LYS D 76 27.55 59.87 -22.04
N ASP D 77 28.82 60.01 -22.41
CA ASP D 77 29.16 60.62 -23.70
C ASP D 77 28.70 59.76 -24.86
N GLY D 78 28.79 58.43 -24.73
CA GLY D 78 28.47 57.52 -25.80
C GLY D 78 29.63 57.00 -26.64
N LEU D 79 30.87 57.15 -26.19
CA LEU D 79 32.03 56.61 -26.88
C LEU D 79 32.70 55.54 -26.02
N VAL D 80 33.59 54.78 -26.65
CA VAL D 80 34.36 53.74 -25.97
C VAL D 80 35.82 54.16 -25.99
N SER D 81 36.45 54.17 -24.82
CA SER D 81 37.84 54.57 -24.66
C SER D 81 38.62 53.45 -24.00
N LEU D 82 39.69 53.01 -24.65
CA LEU D 82 40.44 51.84 -24.22
C LEU D 82 41.92 52.20 -24.03
N LEU D 83 42.56 51.49 -23.12
CA LEU D 83 44.01 51.51 -22.95
C LEU D 83 44.44 50.12 -22.54
N THR D 84 45.53 49.64 -23.12
CA THR D 84 46.13 48.39 -22.71
C THR D 84 47.56 48.65 -22.26
N THR D 85 48.02 47.86 -21.29
CA THR D 85 49.35 48.02 -20.74
C THR D 85 50.32 46.96 -21.21
N SER D 86 49.85 45.95 -21.93
CA SER D 86 50.73 44.88 -22.38
C SER D 86 51.74 45.43 -23.37
N GLU D 87 53.01 45.07 -23.19
CA GLU D 87 54.06 45.64 -24.02
C GLU D 87 54.00 45.10 -25.44
N GLY D 88 53.59 43.84 -25.60
CA GLY D 88 53.49 43.26 -26.93
C GLY D 88 52.33 43.74 -27.77
N ALA D 89 51.42 44.53 -27.19
CA ALA D 89 50.26 45.01 -27.93
C ALA D 89 50.71 46.00 -29.00
N ASP D 90 50.18 45.83 -30.22
CA ASP D 90 50.41 46.79 -31.29
C ASP D 90 49.85 48.18 -30.93
N GLU D 91 50.42 49.23 -31.60
CA GLU D 91 50.09 50.64 -31.42
C GLU D 91 48.99 51.10 -32.38
N PRO D 92 48.12 52.04 -31.96
CA PRO D 92 48.24 52.67 -30.63
C PRO D 92 47.73 51.76 -29.53
N GLN D 93 48.42 51.78 -28.39
CA GLN D 93 48.01 50.99 -27.24
C GLN D 93 46.87 51.63 -26.47
N ARG D 94 46.38 52.78 -26.92
CA ARG D 94 45.19 53.42 -26.41
C ARG D 94 44.38 53.85 -27.62
N LEU D 95 43.07 53.86 -27.48
CA LEU D 95 42.23 54.14 -28.64
C LEU D 95 40.83 54.56 -28.19
N GLN D 96 40.19 55.35 -29.03
CA GLN D 96 38.87 55.89 -28.75
C GLN D 96 38.02 55.83 -30.02
N PHE D 97 36.77 55.42 -29.88
CA PHE D 97 35.86 55.29 -31.01
C PHE D 97 34.43 55.37 -30.50
N PRO D 98 33.48 55.75 -31.36
CA PRO D 98 32.07 55.77 -30.95
C PRO D 98 31.40 54.41 -31.09
N LEU D 99 30.33 54.25 -30.29
CA LEU D 99 29.53 53.03 -30.26
C LEU D 99 28.81 52.81 -31.59
N PRO D 100 28.46 51.55 -31.91
CA PRO D 100 27.74 51.29 -33.15
C PRO D 100 26.31 51.79 -33.09
N THR D 101 25.76 52.09 -34.26
CA THR D 101 24.37 52.45 -34.39
C THR D 101 23.68 51.50 -35.37
N ALA D 102 22.40 51.75 -35.63
CA ALA D 102 21.69 50.97 -36.63
C ALA D 102 22.19 51.24 -38.04
N GLN D 103 22.53 52.50 -38.34
CA GLN D 103 23.00 52.85 -39.67
C GLN D 103 24.43 52.38 -39.89
N ARG D 104 25.34 52.78 -39.01
CA ARG D 104 26.75 52.43 -39.13
C ARG D 104 27.13 51.44 -38.03
N SER D 105 27.91 50.41 -38.39
CA SER D 105 28.38 49.40 -37.47
C SER D 105 29.90 49.46 -37.36
N LEU D 106 30.44 48.84 -36.33
CA LEU D 106 31.89 48.73 -36.20
C LEU D 106 32.45 47.78 -37.24
N GLU D 107 33.72 48.00 -37.54
CA GLU D 107 34.44 47.28 -38.54
C GLU D 107 35.84 47.01 -38.04
N PRO D 108 36.40 45.85 -38.37
CA PRO D 108 37.76 45.53 -37.94
C PRO D 108 38.80 46.42 -38.62
N GLY D 109 39.83 46.78 -37.87
CA GLY D 109 40.89 47.62 -38.41
C GLY D 109 42.16 47.70 -37.58
N THR D 110 42.61 48.92 -37.36
CA THR D 110 43.82 49.24 -36.62
C THR D 110 43.46 49.94 -35.33
N PRO D 111 44.06 49.57 -34.18
CA PRO D 111 45.01 48.50 -33.88
C PRO D 111 44.33 47.13 -33.81
N ARG D 112 45.13 46.06 -33.96
CA ARG D 112 44.55 44.71 -34.01
C ARG D 112 44.05 44.25 -32.66
N TRP D 113 44.71 44.65 -31.56
CA TRP D 113 44.29 44.19 -30.24
C TRP D 113 42.89 44.66 -29.88
N ALA D 114 42.47 45.82 -30.41
CA ALA D 114 41.15 46.35 -30.11
C ALA D 114 40.04 45.69 -30.91
N ASN D 115 40.37 44.93 -31.97
CA ASN D 115 39.33 44.26 -32.75
C ASN D 115 38.60 43.22 -31.91
N TYR D 116 39.30 42.57 -30.98
CA TYR D 116 38.65 41.62 -30.10
C TYR D 116 37.60 42.31 -29.23
N VAL D 117 37.94 43.50 -28.71
CA VAL D 117 36.98 44.25 -27.91
C VAL D 117 35.85 44.79 -28.79
N LYS D 118 36.19 45.32 -29.97
CA LYS D 118 35.17 45.88 -30.85
C LYS D 118 34.22 44.81 -31.37
N GLY D 119 34.74 43.61 -31.64
CA GLY D 119 33.87 42.54 -32.14
C GLY D 119 32.80 42.15 -31.15
N VAL D 120 33.17 42.00 -29.87
CA VAL D 120 32.19 41.65 -28.85
C VAL D 120 31.17 42.76 -28.68
N ILE D 121 31.62 44.02 -28.77
CA ILE D 121 30.69 45.15 -28.70
C ILE D 121 29.68 45.07 -29.84
N GLN D 122 30.16 44.77 -31.05
CA GLN D 122 29.28 44.71 -32.21
C GLN D 122 28.22 43.62 -32.05
N TYR D 123 28.60 42.45 -31.54
CA TYR D 123 27.72 41.30 -31.46
C TYR D 123 27.12 41.08 -30.08
N TYR D 124 27.29 42.04 -29.17
CA TYR D 124 26.69 41.89 -27.85
C TYR D 124 25.16 41.89 -27.98
N PRO D 125 24.47 40.91 -27.41
CA PRO D 125 23.04 40.74 -27.70
C PRO D 125 22.10 41.64 -26.91
N ALA D 126 22.60 42.35 -25.89
CA ALA D 126 21.73 43.15 -25.04
C ALA D 126 21.85 44.63 -25.37
N ALA D 127 20.83 45.38 -24.98
CA ALA D 127 20.73 46.82 -25.22
C ALA D 127 19.81 47.41 -24.15
N PRO D 128 20.00 48.69 -23.80
CA PRO D 128 21.00 49.62 -24.32
C PRO D 128 22.36 49.50 -23.62
N LEU D 129 23.41 49.43 -24.42
CA LEU D 129 24.78 49.33 -23.92
C LEU D 129 25.41 50.71 -23.92
N PRO D 130 25.78 51.25 -22.76
CA PRO D 130 26.33 52.61 -22.71
C PRO D 130 27.80 52.61 -23.13
N GLY D 131 28.30 53.82 -23.35
CA GLY D 131 29.73 53.99 -23.54
C GLY D 131 30.49 53.68 -22.25
N PHE D 132 31.80 53.49 -22.39
CA PHE D 132 32.58 53.16 -21.22
C PHE D 132 34.04 53.49 -21.45
N SER D 133 34.74 53.72 -20.33
CA SER D 133 36.19 53.80 -20.31
C SER D 133 36.71 52.54 -19.66
N ALA D 134 37.80 52.00 -20.18
CA ALA D 134 38.30 50.74 -19.67
C ALA D 134 39.79 50.61 -19.98
N VAL D 135 40.52 50.00 -19.06
CA VAL D 135 41.91 49.61 -19.29
C VAL D 135 42.01 48.10 -19.13
N VAL D 136 42.72 47.47 -20.05
CA VAL D 136 42.90 46.02 -20.05
C VAL D 136 44.35 45.71 -19.73
N VAL D 137 44.56 44.81 -18.76
CA VAL D 137 45.87 44.26 -18.46
C VAL D 137 45.77 42.74 -18.58
N SER D 138 46.89 42.11 -18.90
CA SER D 138 46.90 40.67 -19.09
C SER D 138 48.26 40.10 -18.72
N SER D 139 48.25 38.91 -18.14
CA SER D 139 49.46 38.12 -17.92
C SER D 139 49.59 36.97 -18.92
N VAL D 140 48.57 36.75 -19.74
CA VAL D 140 48.63 35.74 -20.80
C VAL D 140 49.56 36.26 -21.89
N PRO D 141 50.60 35.51 -22.27
CA PRO D 141 51.47 35.97 -23.35
C PRO D 141 50.69 36.08 -24.65
N LEU D 142 50.73 37.27 -25.25
CA LEU D 142 49.87 37.56 -26.39
C LEU D 142 50.35 36.79 -27.62
N GLY D 143 49.42 36.07 -28.25
CA GLY D 143 49.73 35.25 -29.39
C GLY D 143 50.63 34.07 -29.08
N GLY D 144 50.82 33.74 -27.81
CA GLY D 144 51.67 32.64 -27.41
C GLY D 144 51.03 31.28 -27.39
N GLY D 145 49.79 31.15 -27.89
CA GLY D 145 49.11 29.88 -27.91
C GLY D 145 48.32 29.53 -26.66
N LEU D 146 48.24 30.44 -25.68
CA LEU D 146 47.44 30.22 -24.48
C LEU D 146 46.11 30.97 -24.53
N SER D 147 45.66 31.34 -25.72
CA SER D 147 44.35 31.96 -25.94
C SER D 147 44.24 33.31 -25.24
N SER D 148 45.22 34.17 -25.48
CA SER D 148 45.14 35.54 -25.01
C SER D 148 43.93 36.24 -25.63
N SER D 149 43.68 36.01 -26.91
CA SER D 149 42.55 36.63 -27.60
C SER D 149 41.24 36.26 -26.94
N ALA D 150 41.04 34.96 -26.67
CA ALA D 150 39.77 34.52 -26.07
C ALA D 150 39.56 35.11 -24.69
N SER D 151 40.62 35.20 -23.89
CA SER D 151 40.51 35.84 -22.57
C SER D 151 40.09 37.30 -22.70
N LEU D 152 40.61 38.01 -23.69
CA LEU D 152 40.22 39.40 -23.89
C LEU D 152 38.77 39.49 -24.35
N GLU D 153 38.35 38.58 -25.23
CA GLU D 153 36.95 38.58 -25.68
C GLU D 153 36.01 38.29 -24.52
N VAL D 154 36.34 37.28 -23.70
CA VAL D 154 35.47 36.89 -22.61
C VAL D 154 35.46 37.95 -21.51
N ALA D 155 36.62 38.54 -21.22
CA ALA D 155 36.67 39.66 -20.28
C ALA D 155 35.80 40.81 -20.79
N THR D 156 35.89 41.12 -22.07
CA THR D 156 35.05 42.16 -22.65
C THR D 156 33.57 41.81 -22.50
N TYR D 157 33.20 40.57 -22.80
CA TYR D 157 31.80 40.17 -22.66
C TYR D 157 31.34 40.28 -21.21
N THR D 158 32.15 39.79 -20.28
CA THR D 158 31.77 39.85 -18.87
C THR D 158 31.69 41.30 -18.38
N PHE D 159 32.55 42.17 -18.91
CA PHE D 159 32.46 43.59 -18.57
C PHE D 159 31.17 44.20 -19.07
N LEU D 160 30.80 43.92 -20.33
CA LEU D 160 29.58 44.49 -20.89
C LEU D 160 28.34 44.04 -20.12
N GLN D 161 28.40 42.86 -19.50
CA GLN D 161 27.28 42.40 -18.67
C GLN D 161 27.05 43.33 -17.48
N GLN D 162 28.13 43.94 -16.96
CA GLN D 162 27.96 44.91 -15.89
C GLN D 162 27.29 46.18 -16.42
N LEU D 163 27.66 46.60 -17.63
CA LEU D 163 27.05 47.79 -18.21
C LEU D 163 25.60 47.55 -18.60
N CYS D 164 25.26 46.34 -19.05
CA CYS D 164 23.91 46.02 -19.50
C CYS D 164 23.72 44.52 -19.46
N PRO D 165 22.96 44.00 -18.49
CA PRO D 165 22.88 42.55 -18.32
C PRO D 165 22.09 41.88 -19.45
N ASP D 166 22.61 40.75 -19.91
CA ASP D 166 21.95 39.92 -20.89
C ASP D 166 21.11 38.86 -20.19
N SER D 167 20.27 38.17 -20.97
CA SER D 167 19.41 37.13 -20.44
C SER D 167 19.78 35.73 -20.91
N GLY D 168 20.59 35.60 -21.94
CA GLY D 168 20.85 34.31 -22.56
C GLY D 168 21.76 33.42 -21.74
N THR D 169 22.08 32.27 -22.34
CA THR D 169 22.86 31.21 -21.72
C THR D 169 24.36 31.46 -21.86
N ILE D 170 25.15 30.65 -21.14
CA ILE D 170 26.59 30.72 -21.23
C ILE D 170 27.08 30.35 -22.63
N ALA D 171 26.44 29.34 -23.24
CA ALA D 171 26.84 28.92 -24.58
C ALA D 171 26.67 30.04 -25.60
N ALA D 172 25.58 30.81 -25.48
CA ALA D 172 25.38 31.94 -26.39
C ALA D 172 26.48 32.97 -26.24
N ARG D 173 26.97 33.16 -25.02
CA ARG D 173 28.07 34.11 -24.80
C ARG D 173 29.36 33.63 -25.47
N ALA D 174 29.66 32.33 -25.36
CA ALA D 174 30.87 31.81 -26.00
C ALA D 174 30.79 31.93 -27.52
N GLN D 175 29.60 31.82 -28.07
CA GLN D 175 29.44 31.94 -29.52
C GLN D 175 29.49 33.39 -29.98
N VAL D 176 29.12 34.33 -29.10
CA VAL D 176 29.29 35.75 -29.41
C VAL D 176 30.78 36.08 -29.50
N CYS D 177 31.56 35.67 -28.50
CA CYS D 177 33.01 35.88 -28.56
C CYS D 177 33.63 35.13 -29.72
N GLN D 178 33.08 33.96 -30.08
CA GLN D 178 33.59 33.23 -31.23
C GLN D 178 33.24 33.96 -32.53
N GLN D 179 32.08 34.61 -32.57
CA GLN D 179 31.72 35.42 -33.73
C GLN D 179 32.62 36.65 -33.83
N ALA D 180 33.10 37.15 -32.70
CA ALA D 180 34.04 38.27 -32.72
C ALA D 180 35.37 37.88 -33.36
N GLU D 181 35.89 36.70 -33.01
CA GLU D 181 37.16 36.27 -33.59
C GLU D 181 37.04 35.97 -35.08
N HIS D 182 35.89 35.46 -35.52
CA HIS D 182 35.71 35.14 -36.93
C HIS D 182 35.67 36.41 -37.77
N SER D 183 34.84 37.38 -37.38
CA SER D 183 34.61 38.55 -38.23
C SER D 183 35.68 39.62 -38.02
N PHE D 184 36.05 39.89 -36.77
CA PHE D 184 36.92 41.02 -36.46
C PHE D 184 38.40 40.65 -36.37
N ALA D 185 38.75 39.36 -36.28
CA ALA D 185 40.14 38.95 -36.21
C ALA D 185 40.56 38.08 -37.38
N GLY D 186 39.65 37.74 -38.29
CA GLY D 186 39.99 36.92 -39.43
C GLY D 186 40.49 35.54 -39.08
N MET D 187 39.99 34.95 -37.99
CA MET D 187 40.44 33.64 -37.53
C MET D 187 39.24 32.73 -37.36
N PRO D 188 39.06 31.73 -38.21
CA PRO D 188 37.88 30.84 -38.10
C PRO D 188 38.08 29.76 -37.04
N CYS D 189 38.15 30.20 -35.79
CA CYS D 189 38.42 29.30 -34.67
C CYS D 189 37.18 28.51 -34.29
N GLY D 190 37.39 27.48 -33.48
CA GLY D 190 36.32 26.74 -32.85
C GLY D 190 35.85 27.39 -31.56
N ILE D 191 35.09 26.60 -30.79
CA ILE D 191 34.43 27.11 -29.58
C ILE D 191 35.24 26.88 -28.31
N MET D 192 36.32 26.10 -28.36
CA MET D 192 36.98 25.67 -27.12
C MET D 192 37.51 26.84 -26.30
N ASP D 193 38.32 27.71 -26.92
CA ASP D 193 39.02 28.73 -26.17
C ASP D 193 38.05 29.66 -25.44
N GLN D 194 37.02 30.12 -26.15
CA GLN D 194 36.03 30.98 -25.52
C GLN D 194 35.26 30.26 -24.42
N PHE D 195 35.00 28.96 -24.61
CA PHE D 195 34.19 28.22 -23.66
C PHE D 195 34.92 27.97 -22.34
N ILE D 196 36.18 27.51 -22.41
CA ILE D 196 36.90 27.18 -21.18
C ILE D 196 37.17 28.44 -20.36
N SER D 197 37.40 29.58 -21.02
CA SER D 197 37.58 30.83 -20.30
C SER D 197 36.33 31.20 -19.51
N LEU D 198 35.16 30.90 -20.07
CA LEU D 198 33.91 31.20 -19.38
C LEU D 198 33.61 30.18 -18.27
N MET D 199 33.96 28.91 -18.49
CA MET D 199 33.42 27.82 -17.70
C MET D 199 34.45 27.12 -16.81
N GLY D 200 35.70 27.60 -16.77
CA GLY D 200 36.72 26.96 -15.96
C GLY D 200 36.34 26.90 -14.50
N GLN D 201 36.93 25.92 -13.80
CA GLN D 201 36.72 25.70 -12.38
C GLN D 201 38.05 25.57 -11.66
N LYS D 202 38.01 25.77 -10.34
CA LYS D 202 39.21 25.99 -9.55
C LYS D 202 40.17 24.80 -9.52
N GLY D 203 39.69 23.59 -9.72
CA GLY D 203 40.58 22.44 -9.63
C GLY D 203 40.22 21.34 -10.59
N HIS D 204 39.62 21.70 -11.71
CA HIS D 204 39.04 20.73 -12.62
C HIS D 204 39.34 21.08 -14.05
N ALA D 205 39.67 20.06 -14.84
CA ALA D 205 39.62 20.19 -16.28
C ALA D 205 38.19 19.97 -16.77
N LEU D 206 37.93 20.43 -17.99
CA LEU D 206 36.61 20.38 -18.58
C LEU D 206 36.62 19.47 -19.79
N LEU D 207 35.89 18.37 -19.72
CA LEU D 207 35.65 17.54 -20.90
C LEU D 207 34.47 18.16 -21.65
N ILE D 208 34.76 18.80 -22.78
CA ILE D 208 33.76 19.54 -23.53
C ILE D 208 33.41 18.76 -24.79
N ASP D 209 32.14 18.42 -24.94
CA ASP D 209 31.60 17.83 -26.16
C ASP D 209 31.24 18.99 -27.06
N CYS D 210 32.07 19.25 -28.08
CA CYS D 210 31.88 20.45 -28.90
C CYS D 210 30.70 20.35 -29.86
N ARG D 211 30.11 19.16 -30.02
CA ARG D 211 28.90 19.04 -30.81
C ARG D 211 27.66 19.32 -29.98
N SER D 212 27.63 18.81 -28.75
CA SER D 212 26.50 18.97 -27.85
C SER D 212 26.67 20.08 -26.83
N LEU D 213 27.89 20.63 -26.70
CA LEU D 213 28.22 21.62 -25.67
C LEU D 213 27.98 21.08 -24.27
N GLU D 214 27.84 19.75 -24.14
CA GLU D 214 27.81 19.13 -22.83
C GLU D 214 29.20 19.13 -22.22
N THR D 215 29.26 19.44 -20.92
CA THR D 215 30.53 19.57 -20.22
C THR D 215 30.53 18.72 -18.96
N SER D 216 31.71 18.21 -18.63
CA SER D 216 31.93 17.49 -17.38
C SER D 216 33.18 18.06 -16.73
N LEU D 217 33.10 18.32 -15.43
CA LEU D 217 34.23 18.88 -14.68
C LEU D 217 35.01 17.71 -14.10
N VAL D 218 36.23 17.52 -14.58
CA VAL D 218 37.09 16.41 -14.19
C VAL D 218 38.14 16.93 -13.25
N PRO D 219 38.22 16.48 -12.00
CA PRO D 219 39.13 17.07 -11.02
C PRO D 219 40.59 16.80 -11.38
N LEU D 220 41.43 17.83 -11.20
CA LEU D 220 42.88 17.78 -11.42
C LEU D 220 43.61 18.51 -10.29
N SER D 221 43.59 17.93 -9.09
CA SER D 221 44.26 18.55 -7.94
C SER D 221 45.00 17.48 -7.11
N ASP D 222 46.01 16.86 -7.73
CA ASP D 222 46.83 15.88 -7.04
C ASP D 222 48.13 16.58 -6.66
N PRO D 223 48.44 16.71 -5.36
CA PRO D 223 49.66 17.45 -4.98
C PRO D 223 50.93 16.87 -5.53
N LYS D 224 50.92 15.60 -5.95
CA LYS D 224 52.08 14.98 -6.60
C LYS D 224 52.04 15.13 -8.12
N LEU D 225 51.06 15.84 -8.67
CA LEU D 225 50.90 15.98 -10.11
C LEU D 225 51.02 17.45 -10.49
N ALA D 226 51.77 17.71 -11.56
CA ALA D 226 52.01 19.06 -12.04
C ALA D 226 51.79 19.15 -13.54
N VAL D 227 51.28 20.29 -13.98
CA VAL D 227 51.12 20.62 -15.39
C VAL D 227 52.11 21.73 -15.72
N LEU D 228 53.07 21.42 -16.59
CA LEU D 228 54.13 22.35 -16.96
C LEU D 228 53.89 22.86 -18.38
N ILE D 229 53.80 24.18 -18.53
CA ILE D 229 53.62 24.81 -19.83
C ILE D 229 54.94 25.46 -20.25
N THR D 230 55.40 25.13 -21.45
CA THR D 230 56.67 25.63 -21.98
C THR D 230 56.40 26.45 -23.24
N ASN D 231 56.62 27.75 -23.15
CA ASN D 231 56.49 28.63 -24.31
C ASN D 231 57.73 28.53 -25.19
N SER D 232 57.54 28.20 -26.47
CA SER D 232 58.64 28.15 -27.41
C SER D 232 59.14 29.53 -27.81
N ASN D 233 58.31 30.57 -27.66
CA ASN D 233 58.67 31.93 -28.04
C ASN D 233 59.00 32.03 -29.53
N VAL D 234 58.09 31.51 -30.36
CA VAL D 234 58.25 31.58 -31.81
C VAL D 234 57.00 32.17 -32.43
N ARG D 235 56.75 31.87 -33.71
CA ARG D 235 55.72 32.53 -34.48
C ARG D 235 54.33 32.29 -33.88
N HIS D 236 53.41 33.21 -34.18
CA HIS D 236 52.03 33.11 -33.74
C HIS D 236 51.10 32.83 -34.90
N SER D 241 50.01 30.83 -41.19
CA SER D 241 48.64 30.58 -40.78
C SER D 241 47.91 29.67 -41.78
N GLU D 242 48.05 28.36 -41.59
CA GLU D 242 47.32 27.38 -42.38
C GLU D 242 46.17 26.75 -41.59
N TYR D 243 45.78 27.37 -40.49
CA TYR D 243 44.61 26.90 -39.72
C TYR D 243 43.35 26.87 -40.56
N PRO D 244 42.94 27.96 -41.26
CA PRO D 244 41.76 27.85 -42.15
C PRO D 244 41.83 26.66 -43.09
N VAL D 245 42.96 26.49 -43.79
CA VAL D 245 43.11 25.41 -44.75
C VAL D 245 42.88 24.05 -44.09
N ARG D 246 43.41 23.85 -42.88
CA ARG D 246 43.17 22.60 -42.19
C ARG D 246 41.68 22.40 -41.89
N ARG D 247 40.99 23.49 -41.55
CA ARG D 247 39.56 23.41 -41.32
C ARG D 247 38.82 23.09 -42.61
N ARG D 248 39.29 23.65 -43.72
CA ARG D 248 38.64 23.41 -45.01
C ARG D 248 38.88 21.98 -45.50
N GLN D 249 40.00 21.37 -45.12
CA GLN D 249 40.25 19.99 -45.50
C GLN D 249 39.32 19.04 -44.76
N CYS D 250 39.07 19.30 -43.48
CA CYS D 250 38.20 18.41 -42.70
C CYS D 250 36.76 18.48 -43.20
N GLU D 251 36.31 19.67 -43.60
CA GLU D 251 34.93 19.80 -44.10
C GLU D 251 34.76 19.10 -45.43
N GLU D 252 35.81 19.07 -46.27
CA GLU D 252 35.72 18.36 -47.53
C GLU D 252 35.62 16.86 -47.33
N VAL D 253 36.41 16.31 -46.39
CA VAL D 253 36.40 14.88 -46.13
C VAL D 253 35.03 14.45 -45.58
N ALA D 254 34.50 15.20 -44.62
CA ALA D 254 33.20 14.86 -44.04
C ALA D 254 32.10 14.89 -45.10
N ARG D 255 32.12 15.90 -45.98
CA ARG D 255 31.14 15.95 -47.05
C ARG D 255 31.33 14.80 -48.03
N ALA D 256 32.58 14.41 -48.28
CA ALA D 256 32.84 13.30 -49.19
C ALA D 256 32.32 11.98 -48.62
N LEU D 257 32.29 11.85 -47.30
CA LEU D 257 31.80 10.64 -46.65
C LEU D 257 30.32 10.74 -46.28
N GLY D 258 29.63 11.79 -46.72
CA GLY D 258 28.23 11.93 -46.38
C GLY D 258 27.98 12.13 -44.91
N ALA D 259 28.96 12.63 -44.16
CA ALA D 259 28.83 12.83 -42.74
C ALA D 259 28.68 14.32 -42.42
N ALA D 260 28.01 14.59 -41.30
CA ALA D 260 27.83 15.98 -40.89
C ALA D 260 29.14 16.58 -40.38
N SER D 261 30.02 15.75 -39.81
CA SER D 261 31.31 16.17 -39.30
C SER D 261 32.14 14.91 -39.09
N LEU D 262 33.45 15.10 -38.94
CA LEU D 262 34.35 13.98 -38.71
C LEU D 262 34.07 13.25 -37.40
N ARG D 263 33.23 13.83 -36.52
CA ARG D 263 32.87 13.15 -35.27
C ARG D 263 32.10 11.87 -35.52
N GLU D 264 31.31 11.83 -36.59
CA GLU D 264 30.49 10.67 -36.94
C GLU D 264 31.29 9.58 -37.65
N VAL D 265 32.56 9.82 -37.97
CA VAL D 265 33.36 8.90 -38.76
C VAL D 265 34.26 8.09 -37.83
N GLN D 266 34.24 6.78 -38.01
CA GLN D 266 35.13 5.87 -37.30
C GLN D 266 36.28 5.48 -38.23
N LEU D 267 37.37 4.99 -37.62
CA LEU D 267 38.58 4.70 -38.37
C LEU D 267 38.33 3.70 -39.49
N GLU D 268 37.42 2.75 -39.28
CA GLU D 268 37.17 1.73 -40.30
C GLU D 268 36.50 2.31 -41.53
N GLU D 269 35.63 3.32 -41.36
CA GLU D 269 35.01 3.93 -42.53
C GLU D 269 35.99 4.79 -43.30
N LEU D 270 36.94 5.43 -42.61
CA LEU D 270 37.94 6.25 -43.27
C LEU D 270 38.91 5.41 -44.09
N GLU D 271 39.27 4.24 -43.60
CA GLU D 271 40.19 3.37 -44.35
C GLU D 271 39.52 2.79 -45.58
N ALA D 272 38.21 2.54 -45.52
CA ALA D 272 37.47 2.04 -46.68
C ALA D 272 37.27 3.12 -47.74
N ALA D 273 37.46 4.39 -47.38
CA ALA D 273 37.24 5.51 -48.30
C ALA D 273 38.53 6.19 -48.72
N ARG D 274 39.66 5.46 -48.70
CA ARG D 274 40.94 6.05 -49.06
C ARG D 274 40.90 6.69 -50.44
N ASP D 275 40.16 6.09 -51.38
CA ASP D 275 40.05 6.60 -52.74
C ASP D 275 38.96 7.66 -52.90
N LEU D 276 38.21 7.97 -51.83
CA LEU D 276 37.18 9.00 -51.90
C LEU D 276 37.69 10.39 -51.54
N VAL D 277 38.88 10.49 -50.96
CA VAL D 277 39.40 11.75 -50.44
C VAL D 277 40.84 11.91 -50.88
N SER D 278 41.33 13.14 -50.77
CA SER D 278 42.73 13.41 -51.05
C SER D 278 43.62 12.68 -50.04
N LYS D 279 44.88 12.49 -50.42
CA LYS D 279 45.83 11.87 -49.51
C LYS D 279 46.05 12.72 -48.26
N GLU D 280 46.11 14.04 -48.45
CA GLU D 280 46.17 14.94 -47.30
C GLU D 280 44.89 14.89 -46.50
N GLY D 281 43.74 14.95 -47.19
CA GLY D 281 42.46 14.91 -46.49
C GLY D 281 42.28 13.66 -45.65
N PHE D 282 42.75 12.52 -46.15
CA PHE D 282 42.62 11.28 -45.38
C PHE D 282 43.47 11.33 -44.11
N ARG D 283 44.68 11.88 -44.21
CA ARG D 283 45.56 11.92 -43.05
C ARG D 283 45.16 13.01 -42.05
N ARG D 284 44.52 14.08 -42.50
CA ARG D 284 43.97 15.05 -41.56
C ARG D 284 42.81 14.44 -40.79
N ALA D 285 41.91 13.75 -41.51
CA ALA D 285 40.78 13.11 -40.87
C ALA D 285 41.22 11.98 -39.94
N ARG D 286 42.35 11.32 -40.26
CA ARG D 286 42.83 10.26 -39.39
C ARG D 286 43.25 10.80 -38.02
N HIS D 287 43.85 11.99 -37.99
CA HIS D 287 44.18 12.60 -36.71
C HIS D 287 42.93 12.92 -35.90
N VAL D 288 41.98 13.62 -36.52
CA VAL D 288 40.79 14.09 -35.81
C VAL D 288 40.03 12.93 -35.21
N VAL D 289 39.81 11.87 -36.00
CA VAL D 289 39.06 10.71 -35.53
C VAL D 289 39.79 10.04 -34.37
N GLY D 290 41.11 9.92 -34.47
CA GLY D 290 41.88 9.33 -33.39
C GLY D 290 42.00 10.22 -32.17
N GLU D 291 42.07 11.54 -32.39
CA GLU D 291 42.22 12.46 -31.26
C GLU D 291 40.95 12.56 -30.43
N ILE D 292 39.79 12.55 -31.10
CA ILE D 292 38.52 12.50 -30.37
C ILE D 292 38.48 11.27 -29.46
N ARG D 293 38.92 10.13 -29.98
CA ARG D 293 38.94 8.91 -29.18
C ARG D 293 39.97 8.99 -28.06
N ARG D 294 41.13 9.61 -28.34
CA ARG D 294 42.17 9.73 -27.33
C ARG D 294 41.74 10.63 -26.17
N THR D 295 40.93 11.66 -26.45
CA THR D 295 40.50 12.56 -25.38
C THR D 295 39.55 11.85 -24.43
N ALA D 296 38.65 11.01 -24.96
CA ALA D 296 37.78 10.23 -24.10
C ALA D 296 38.55 9.26 -23.22
N GLN D 297 39.57 8.59 -23.77
CA GLN D 297 40.37 7.70 -22.92
C GLN D 297 41.27 8.49 -21.99
N ALA D 298 41.67 9.70 -22.39
CA ALA D 298 42.47 10.52 -21.48
C ALA D 298 41.65 10.94 -20.27
N ALA D 299 40.39 11.30 -20.48
CA ALA D 299 39.50 11.60 -19.37
C ALA D 299 39.30 10.38 -18.48
N ALA D 300 39.09 9.20 -19.08
CA ALA D 300 38.92 7.98 -18.30
C ALA D 300 40.18 7.63 -17.52
N ALA D 301 41.35 7.77 -18.16
CA ALA D 301 42.60 7.51 -17.46
C ALA D 301 42.76 8.46 -16.28
N LEU D 302 42.30 9.70 -16.41
CA LEU D 302 42.41 10.66 -15.34
C LEU D 302 41.47 10.33 -14.19
N ARG D 303 40.31 9.75 -14.49
CA ARG D 303 39.36 9.36 -13.44
C ARG D 303 39.94 8.27 -12.55
N ARG D 304 40.64 7.30 -13.13
CA ARG D 304 41.24 6.22 -12.35
C ARG D 304 42.65 6.55 -11.90
N GLY D 305 43.12 7.77 -12.12
CA GLY D 305 44.41 8.19 -11.62
C GLY D 305 45.60 7.64 -12.39
N ASP D 306 45.38 7.16 -13.61
CA ASP D 306 46.45 6.55 -14.41
C ASP D 306 47.16 7.64 -15.20
N TYR D 307 48.06 8.35 -14.52
CA TYR D 307 48.78 9.45 -15.15
C TYR D 307 49.74 8.95 -16.22
N ARG D 308 50.27 7.73 -16.05
CA ARG D 308 51.16 7.17 -17.05
C ARG D 308 50.42 6.90 -18.36
N ALA D 309 49.18 6.41 -18.25
CA ALA D 309 48.36 6.24 -19.45
C ALA D 309 47.99 7.59 -20.06
N PHE D 310 47.67 8.57 -19.22
CA PHE D 310 47.39 9.92 -19.71
C PHE D 310 48.57 10.47 -20.49
N GLY D 311 49.78 10.31 -19.97
CA GLY D 311 50.95 10.81 -20.66
C GLY D 311 51.20 10.12 -21.99
N ARG D 312 50.99 8.81 -22.03
CA ARG D 312 51.18 8.07 -23.27
C ARG D 312 50.18 8.52 -24.33
N LEU D 313 48.95 8.81 -23.92
CA LEU D 313 47.97 9.36 -24.85
C LEU D 313 48.38 10.75 -25.31
N MET D 314 49.05 11.52 -24.47
CA MET D 314 49.54 12.83 -24.87
C MET D 314 50.60 12.69 -25.96
N VAL D 315 51.52 11.75 -25.80
CA VAL D 315 52.59 11.55 -26.78
C VAL D 315 52.01 11.05 -28.10
N GLU D 316 50.99 10.19 -28.03
CA GLU D 316 50.33 9.74 -29.25
C GLU D 316 49.64 10.90 -29.95
N SER D 317 49.07 11.83 -29.18
CA SER D 317 48.44 13.01 -29.78
C SER D 317 49.45 13.88 -30.49
N HIS D 318 50.64 14.04 -29.92
CA HIS D 318 51.67 14.88 -30.54
C HIS D 318 52.14 14.29 -31.87
N ARG D 319 52.45 13.00 -31.89
CA ARG D 319 52.89 12.36 -33.12
C ARG D 319 51.84 12.50 -34.22
N SER D 320 50.56 12.36 -33.87
CA SER D 320 49.50 12.57 -34.84
C SER D 320 49.46 14.00 -35.33
N LEU D 321 49.62 14.97 -34.42
CA LEU D 321 49.64 16.37 -34.83
C LEU D 321 50.87 16.70 -35.66
N ARG D 322 51.99 16.01 -35.40
CA ARG D 322 53.23 16.29 -36.12
C ARG D 322 53.24 15.64 -37.50
N ASP D 323 52.72 14.43 -37.61
CA ASP D 323 52.81 13.65 -38.85
C ASP D 323 51.53 13.69 -39.68
N ASP D 324 50.37 13.46 -39.06
CA ASP D 324 49.13 13.39 -39.83
C ASP D 324 48.53 14.77 -40.06
N TYR D 325 48.45 15.60 -39.02
CA TYR D 325 47.84 16.91 -39.17
C TYR D 325 48.82 17.99 -39.60
N GLU D 326 50.12 17.78 -39.37
CA GLU D 326 51.17 18.70 -39.79
C GLU D 326 50.91 20.13 -39.33
N VAL D 327 50.83 20.31 -38.01
CA VAL D 327 50.64 21.63 -37.45
C VAL D 327 51.72 21.92 -36.42
N SER D 328 52.72 21.04 -36.34
CA SER D 328 53.86 21.26 -35.47
C SER D 328 55.02 21.90 -36.23
N CYS D 329 56.05 22.28 -35.48
CA CYS D 329 57.26 22.86 -36.04
C CYS D 329 58.47 22.22 -35.37
N PRO D 330 59.69 22.37 -35.92
CA PRO D 330 60.85 21.73 -35.30
C PRO D 330 61.10 22.18 -33.87
N GLU D 331 60.79 23.43 -33.54
CA GLU D 331 61.00 23.91 -32.18
C GLU D 331 60.08 23.20 -31.19
N LEU D 332 58.80 23.01 -31.56
CA LEU D 332 57.88 22.30 -30.69
C LEU D 332 58.31 20.84 -30.52
N ASP D 333 58.73 20.19 -31.61
CA ASP D 333 59.17 18.80 -31.51
C ASP D 333 60.42 18.67 -30.65
N GLN D 334 61.30 19.67 -30.68
CA GLN D 334 62.49 19.62 -29.85
C GLN D 334 62.16 19.83 -28.38
N LEU D 335 61.17 20.68 -28.09
CA LEU D 335 60.74 20.86 -26.70
C LEU D 335 60.06 19.61 -26.18
N VAL D 336 59.29 18.90 -27.02
CA VAL D 336 58.58 17.70 -26.58
C VAL D 336 59.58 16.56 -26.35
N GLU D 337 60.50 16.36 -27.28
CA GLU D 337 61.45 15.25 -27.17
C GLU D 337 62.37 15.43 -25.97
N ALA D 338 62.75 16.67 -25.66
CA ALA D 338 63.57 16.92 -24.50
C ALA D 338 62.83 16.61 -23.20
N ALA D 339 61.55 16.99 -23.14
CA ALA D 339 60.75 16.72 -21.94
C ALA D 339 60.55 15.23 -21.73
N LEU D 340 60.41 14.46 -22.82
CA LEU D 340 60.14 13.03 -22.70
C LEU D 340 61.31 12.26 -22.11
N ALA D 341 62.53 12.79 -22.22
CA ALA D 341 63.68 12.12 -21.64
C ALA D 341 63.80 12.34 -20.14
N VAL D 342 63.07 13.30 -19.59
CA VAL D 342 63.19 13.64 -18.17
C VAL D 342 62.41 12.61 -17.34
N PRO D 343 63.03 11.98 -16.36
CA PRO D 343 62.29 11.05 -15.50
C PRO D 343 61.25 11.79 -14.66
N GLY D 344 60.10 11.17 -14.50
CA GLY D 344 58.99 11.78 -13.82
C GLY D 344 58.02 12.50 -14.73
N VAL D 345 58.31 12.60 -16.01
CA VAL D 345 57.38 13.16 -16.99
C VAL D 345 56.52 12.04 -17.54
N TYR D 346 55.20 12.21 -17.46
CA TYR D 346 54.29 11.20 -17.98
C TYR D 346 54.11 11.36 -19.49
N GLY D 347 54.00 12.60 -19.96
CA GLY D 347 53.86 12.86 -21.37
C GLY D 347 54.00 14.33 -21.66
N SER D 348 54.23 14.63 -22.93
CA SER D 348 54.39 15.99 -23.38
C SER D 348 53.90 16.10 -24.82
N ARG D 349 53.46 17.29 -25.20
CA ARG D 349 52.80 17.49 -26.48
C ARG D 349 52.62 18.97 -26.72
N MET D 350 52.59 19.35 -28.00
CA MET D 350 52.22 20.71 -28.36
C MET D 350 50.74 20.94 -28.05
N THR D 351 50.42 22.19 -27.73
CA THR D 351 49.04 22.59 -27.46
C THR D 351 48.69 23.81 -28.30
N GLY D 352 47.40 24.09 -28.39
CA GLY D 352 46.94 25.20 -29.21
C GLY D 352 46.86 24.83 -30.68
N GLY D 353 46.76 25.88 -31.51
CA GLY D 353 46.60 25.66 -32.94
C GLY D 353 47.83 25.06 -33.59
N GLY D 354 49.01 25.29 -33.02
CA GLY D 354 50.24 24.76 -33.57
C GLY D 354 51.06 25.80 -34.30
N PHE D 355 52.03 25.30 -35.05
CA PHE D 355 53.00 26.14 -35.77
C PHE D 355 53.68 27.10 -34.81
N GLY D 356 54.11 26.56 -33.68
CA GLY D 356 54.65 27.35 -32.60
C GLY D 356 53.75 27.34 -31.37
N GLY D 357 53.98 28.34 -30.51
CA GLY D 357 53.23 28.44 -29.28
C GLY D 357 53.86 27.67 -28.13
N CYS D 358 53.05 26.94 -27.39
CA CYS D 358 53.49 26.29 -26.16
C CYS D 358 53.36 24.78 -26.27
N THR D 359 54.05 24.09 -25.37
CA THR D 359 53.86 22.66 -25.13
C THR D 359 53.42 22.46 -23.69
N VAL D 360 52.45 21.56 -23.50
CA VAL D 360 51.98 21.17 -22.18
C VAL D 360 52.64 19.85 -21.80
N THR D 361 53.02 19.73 -20.52
CA THR D 361 53.67 18.53 -20.02
C THR D 361 53.03 18.12 -18.70
N LEU D 362 52.71 16.83 -18.59
CA LEU D 362 52.20 16.27 -17.35
C LEU D 362 53.32 15.48 -16.67
N LEU D 363 53.59 15.80 -15.41
CA LEU D 363 54.77 15.26 -14.75
C LEU D 363 54.56 15.28 -13.25
N GLU D 364 55.42 14.55 -12.55
CA GLU D 364 55.44 14.57 -11.10
C GLU D 364 55.92 15.93 -10.60
N ALA D 365 55.28 16.41 -9.53
CA ALA D 365 55.61 17.74 -9.00
C ALA D 365 57.09 17.85 -8.64
N SER D 366 57.67 16.75 -8.13
CA SER D 366 59.06 16.80 -7.70
C SER D 366 60.02 16.90 -8.88
N ALA D 367 59.61 16.44 -10.06
CA ALA D 367 60.47 16.46 -11.24
C ALA D 367 60.40 17.77 -12.01
N ALA D 368 59.55 18.71 -11.59
CA ALA D 368 59.39 19.96 -12.33
C ALA D 368 60.68 20.78 -12.39
N PRO D 369 61.40 21.01 -11.28
CA PRO D 369 62.66 21.79 -11.39
C PRO D 369 63.68 21.13 -12.31
N HIS D 370 63.84 19.82 -12.24
CA HIS D 370 64.81 19.13 -13.10
C HIS D 370 64.35 19.12 -14.55
N ALA D 371 63.04 19.03 -14.79
CA ALA D 371 62.53 19.05 -16.16
C ALA D 371 62.84 20.37 -16.86
N MET D 372 62.61 21.49 -16.18
CA MET D 372 62.84 22.80 -16.79
C MET D 372 64.30 23.02 -17.13
N ARG D 373 65.21 22.59 -16.25
CA ARG D 373 66.63 22.74 -16.52
C ARG D 373 67.05 21.89 -17.71
N HIS D 374 66.51 20.67 -17.80
CA HIS D 374 66.88 19.77 -18.89
C HIS D 374 66.29 20.24 -20.22
N ILE D 375 65.04 20.68 -20.22
CA ILE D 375 64.40 21.14 -21.45
C ILE D 375 65.11 22.38 -21.99
N GLN D 376 65.43 23.33 -21.11
CA GLN D 376 66.06 24.57 -21.54
C GLN D 376 67.45 24.32 -22.11
N GLU D 377 68.20 23.39 -21.52
CA GLU D 377 69.55 23.10 -22.01
C GLU D 377 69.50 22.49 -23.40
N HIS D 378 68.44 21.76 -23.72
CA HIS D 378 68.32 21.05 -24.98
C HIS D 378 67.46 21.77 -25.99
N TYR D 379 67.13 23.04 -25.74
CA TYR D 379 66.30 23.83 -26.63
C TYR D 379 67.16 24.89 -27.31
N GLY D 380 67.09 24.95 -28.64
CA GLY D 380 67.83 25.93 -29.41
C GLY D 380 67.23 27.33 -29.38
N GLY D 381 66.57 27.67 -28.28
CA GLY D 381 65.98 28.98 -28.13
C GLY D 381 65.75 29.28 -26.66
N THR D 382 65.01 30.36 -26.41
CA THR D 382 64.66 30.77 -25.07
C THR D 382 63.26 30.25 -24.76
N ALA D 383 63.18 29.26 -23.87
CA ALA D 383 61.90 28.70 -23.46
C ALA D 383 61.40 29.40 -22.21
N THR D 384 60.11 29.69 -22.19
CA THR D 384 59.47 30.25 -21.02
C THR D 384 58.61 29.18 -20.35
N PHE D 385 58.61 29.17 -19.03
CA PHE D 385 57.92 28.13 -18.27
C PHE D 385 56.86 28.77 -17.39
N TYR D 386 55.75 28.08 -17.25
CA TYR D 386 54.74 28.35 -16.24
C TYR D 386 54.32 27.01 -15.66
N LEU D 387 54.43 26.88 -14.34
CA LEU D 387 53.88 25.73 -13.64
C LEU D 387 52.49 26.17 -13.19
N SER D 388 51.47 25.56 -13.75
CA SER D 388 50.12 26.05 -13.59
C SER D 388 49.22 24.97 -13.04
N GLN D 389 48.21 25.41 -12.31
CA GLN D 389 47.11 24.60 -11.85
C GLN D 389 45.86 25.04 -12.60
N ALA D 390 44.87 24.17 -12.61
CA ALA D 390 43.59 24.54 -13.22
C ALA D 390 42.99 25.70 -12.44
N ALA D 391 42.59 26.75 -13.15
CA ALA D 391 42.10 27.96 -12.50
C ALA D 391 40.63 28.17 -12.78
N ASP D 392 40.06 29.19 -12.13
CA ASP D 392 38.64 29.49 -12.27
C ASP D 392 38.39 30.22 -13.58
N GLY D 393 37.12 30.23 -13.99
CA GLY D 393 36.71 30.89 -15.21
C GLY D 393 36.46 32.37 -15.01
N ALA D 394 35.75 32.96 -15.97
CA ALA D 394 35.44 34.38 -15.93
C ALA D 394 34.61 34.71 -14.69
N LYS D 395 34.95 35.82 -14.03
CA LYS D 395 34.31 36.21 -12.80
C LYS D 395 34.29 37.73 -12.69
N VAL D 396 33.25 38.24 -12.03
CA VAL D 396 33.17 39.66 -11.72
C VAL D 396 34.01 39.95 -10.49
N LEU D 397 34.75 41.05 -10.53
CA LEU D 397 35.60 41.49 -9.42
C LEU D 397 34.98 42.71 -8.76
N CYS D 398 34.87 42.67 -7.43
CA CYS D 398 34.30 43.78 -6.67
C CYS D 398 35.40 44.76 -6.29
N LEU D 399 35.25 46.01 -6.71
CA LEU D 399 36.26 47.04 -6.45
C LEU D 399 36.03 47.75 -5.12
N ALA E 10 -10.58 -40.44 -13.01
CA ALA E 10 -10.16 -41.31 -14.11
C ALA E 10 -8.79 -41.92 -13.82
N LEU E 11 -8.73 -42.82 -12.85
CA LEU E 11 -7.49 -43.44 -12.42
C LEU E 11 -7.33 -44.83 -13.05
N ARG E 12 -6.24 -45.50 -12.69
CA ARG E 12 -5.92 -46.82 -13.20
C ARG E 12 -4.78 -47.41 -12.36
N GLN E 13 -4.88 -48.73 -12.06
CA GLN E 13 -3.86 -49.44 -11.30
C GLN E 13 -4.14 -50.94 -11.25
N PRO E 14 -3.10 -51.81 -11.30
CA PRO E 14 -3.33 -53.25 -11.18
C PRO E 14 -3.03 -53.82 -9.81
N GLN E 15 -2.61 -55.09 -9.74
CA GLN E 15 -2.31 -55.71 -8.46
C GLN E 15 -1.34 -56.87 -8.66
N VAL E 16 -0.56 -57.16 -7.61
CA VAL E 16 0.53 -58.13 -7.69
C VAL E 16 0.01 -59.52 -8.04
N ALA E 17 -1.21 -59.85 -7.62
CA ALA E 17 -1.77 -61.16 -7.92
C ALA E 17 -1.98 -61.36 -9.42
N GLU E 18 -2.51 -60.35 -10.11
CA GLU E 18 -2.69 -60.45 -11.56
C GLU E 18 -1.33 -60.47 -12.27
N LEU E 19 -0.39 -59.64 -11.83
CA LEU E 19 0.91 -59.59 -12.45
C LEU E 19 1.68 -60.90 -12.29
N LEU E 20 1.59 -61.54 -11.13
CA LEU E 20 2.23 -62.85 -10.97
C LEU E 20 1.60 -63.87 -11.92
N ALA E 21 0.26 -63.87 -12.01
CA ALA E 21 -0.43 -64.82 -12.89
C ALA E 21 -0.11 -64.54 -14.36
N GLU E 22 -0.09 -63.27 -14.76
CA GLU E 22 0.24 -62.94 -16.15
C GLU E 22 1.65 -63.39 -16.49
N ALA E 23 2.61 -63.11 -15.60
CA ALA E 23 3.99 -63.53 -15.84
C ALA E 23 4.12 -65.05 -15.87
N ARG E 24 3.34 -65.78 -15.07
CA ARG E 24 3.51 -67.22 -14.96
C ARG E 24 2.85 -67.92 -16.14
N ARG E 25 1.72 -67.38 -16.64
CA ARG E 25 1.14 -67.94 -17.86
C ARG E 25 2.03 -67.67 -19.07
N ALA E 26 2.68 -66.51 -19.11
CA ALA E 26 3.60 -66.21 -20.20
C ALA E 26 4.81 -67.13 -20.17
N PHE E 27 5.27 -67.48 -18.97
CA PHE E 27 6.39 -68.41 -18.85
C PHE E 27 5.99 -69.80 -19.33
N ARG E 28 4.76 -70.22 -19.03
CA ARG E 28 4.31 -71.55 -19.46
C ARG E 28 4.14 -71.59 -20.97
N GLU E 29 3.68 -70.49 -21.56
CA GLU E 29 3.46 -70.38 -23.01
C GLU E 29 4.72 -70.00 -23.76
N GLU E 30 5.89 -70.03 -23.11
CA GLU E 30 7.15 -69.68 -23.76
C GLU E 30 8.26 -70.70 -23.52
N PHE E 31 8.29 -71.37 -22.37
CA PHE E 31 9.34 -72.33 -22.06
C PHE E 31 8.83 -73.75 -21.84
N GLY E 32 7.51 -73.96 -21.89
CA GLY E 32 6.93 -75.28 -21.74
C GLY E 32 6.62 -75.65 -20.31
N ALA E 33 7.49 -75.31 -19.37
CA ALA E 33 7.32 -75.63 -17.97
C ALA E 33 6.84 -74.43 -17.18
N GLU E 34 6.57 -74.69 -15.91
CA GLU E 34 6.18 -73.73 -14.88
C GLU E 34 7.42 -73.08 -14.26
N PRO E 35 7.35 -71.79 -13.91
CA PRO E 35 8.51 -71.15 -13.28
C PRO E 35 8.71 -71.60 -11.84
N GLU E 36 9.96 -71.59 -11.40
CA GLU E 36 10.31 -72.04 -10.05
C GLU E 36 10.55 -70.90 -9.07
N LEU E 37 10.89 -69.71 -9.55
CA LEU E 37 11.21 -68.58 -8.70
C LEU E 37 10.50 -67.34 -9.20
N ALA E 38 10.22 -66.42 -8.26
CA ALA E 38 9.53 -65.18 -8.60
C ALA E 38 9.94 -64.09 -7.63
N VAL E 39 10.10 -62.88 -8.17
CA VAL E 39 10.51 -61.72 -7.40
C VAL E 39 9.72 -60.52 -7.89
N SER E 40 9.66 -59.49 -7.06
CA SER E 40 9.01 -58.24 -7.44
C SER E 40 9.82 -57.06 -6.93
N ALA E 41 9.72 -55.94 -7.64
CA ALA E 41 10.39 -54.71 -7.29
C ALA E 41 9.50 -53.57 -7.74
N PRO E 42 9.25 -52.58 -6.88
CA PRO E 42 8.31 -51.50 -7.22
C PRO E 42 8.96 -50.34 -7.95
N GLY E 43 8.11 -49.53 -8.57
CA GLY E 43 8.49 -48.20 -9.01
C GLY E 43 8.46 -47.22 -7.87
N ARG E 44 8.76 -45.97 -8.18
CA ARG E 44 8.86 -44.95 -7.14
C ARG E 44 8.40 -43.60 -7.67
N VAL E 45 7.96 -42.75 -6.74
CA VAL E 45 7.77 -41.33 -6.98
C VAL E 45 8.57 -40.58 -5.93
N ASN E 46 9.19 -39.47 -6.33
CA ASN E 46 9.97 -38.64 -5.43
C ASN E 46 9.11 -37.48 -4.95
N LEU E 47 8.83 -37.44 -3.64
CA LEU E 47 8.01 -36.38 -3.09
C LEU E 47 8.76 -35.05 -3.08
N ILE E 48 10.05 -35.08 -2.77
CA ILE E 48 10.87 -33.88 -2.69
C ILE E 48 12.33 -34.31 -2.69
N GLY E 49 13.19 -33.44 -3.22
CA GLY E 49 14.61 -33.73 -3.26
C GLY E 49 15.09 -34.10 -4.64
N GLU E 50 14.68 -33.33 -5.65
CA GLU E 50 15.05 -33.64 -7.02
C GLU E 50 16.45 -33.15 -7.34
N HIS E 51 17.21 -34.00 -8.03
CA HIS E 51 18.57 -33.70 -8.49
C HIS E 51 19.52 -33.34 -7.35
N THR E 52 19.20 -33.78 -6.14
CA THR E 52 20.16 -33.83 -5.04
C THR E 52 20.83 -35.18 -4.95
N ASP E 53 20.24 -36.18 -5.61
CA ASP E 53 20.70 -37.56 -5.68
C ASP E 53 22.21 -37.69 -5.85
N TYR E 54 22.71 -37.31 -7.02
CA TYR E 54 24.12 -37.43 -7.35
C TYR E 54 24.98 -36.35 -6.70
N ASN E 55 24.37 -35.45 -5.93
CA ASN E 55 25.09 -34.44 -5.16
C ASN E 55 25.23 -34.83 -3.71
N GLN E 56 25.02 -36.10 -3.38
CA GLN E 56 25.11 -36.61 -2.01
C GLN E 56 24.16 -35.86 -1.07
N GLY E 57 22.99 -35.48 -1.57
CA GLY E 57 22.02 -34.73 -0.83
C GLY E 57 20.95 -35.61 -0.20
N LEU E 58 19.81 -35.01 0.10
CA LEU E 58 18.69 -35.69 0.72
C LEU E 58 17.56 -35.84 -0.29
N VAL E 59 16.89 -37.00 -0.23
CA VAL E 59 15.72 -37.27 -1.06
C VAL E 59 14.64 -37.87 -0.17
N LEU E 60 13.39 -37.74 -0.62
CA LEU E 60 12.23 -38.27 0.10
C LEU E 60 11.32 -39.01 -0.87
N PRO E 61 11.75 -40.17 -1.38
CA PRO E 61 10.89 -40.97 -2.25
C PRO E 61 10.03 -41.94 -1.46
N MET E 62 9.03 -42.49 -2.16
CA MET E 62 8.23 -43.59 -1.66
C MET E 62 8.05 -44.61 -2.77
N ALA E 63 8.02 -45.88 -2.38
CA ALA E 63 7.78 -46.95 -3.34
C ALA E 63 6.32 -46.99 -3.73
N LEU E 64 6.07 -47.36 -4.99
CA LEU E 64 4.73 -47.38 -5.54
C LEU E 64 4.18 -48.79 -5.60
N GLU E 65 2.85 -48.88 -5.73
CA GLU E 65 2.23 -50.18 -5.98
C GLU E 65 2.43 -50.64 -7.42
N LEU E 66 2.83 -49.74 -8.32
CA LEU E 66 3.24 -50.15 -9.65
C LEU E 66 4.59 -50.86 -9.54
N MET E 67 4.71 -52.01 -10.19
CA MET E 67 5.83 -52.90 -9.90
C MET E 67 6.24 -53.65 -11.14
N THR E 68 7.44 -54.23 -11.07
CA THR E 68 7.93 -55.16 -12.07
C THR E 68 8.04 -56.54 -11.43
N VAL E 69 7.45 -57.54 -12.08
CA VAL E 69 7.43 -58.91 -11.59
C VAL E 69 8.27 -59.76 -12.54
N LEU E 70 9.14 -60.58 -11.97
CA LEU E 70 10.00 -61.48 -12.73
C LEU E 70 9.76 -62.91 -12.25
N VAL E 71 9.43 -63.79 -13.20
CA VAL E 71 9.30 -65.21 -12.91
C VAL E 71 10.31 -65.96 -13.76
N GLY E 72 10.89 -67.02 -13.21
CA GLY E 72 11.90 -67.75 -13.96
C GLY E 72 12.30 -69.02 -13.28
N SER E 73 13.31 -69.66 -13.86
CA SER E 73 13.81 -70.94 -13.39
C SER E 73 15.29 -71.03 -13.73
N PRO E 74 16.07 -71.76 -12.93
CA PRO E 74 17.48 -71.92 -13.27
C PRO E 74 17.67 -72.79 -14.50
N ARG E 75 18.84 -72.61 -15.09
CA ARG E 75 19.22 -73.28 -16.30
C ARG E 75 20.50 -74.08 -16.13
N LYS E 76 20.56 -75.20 -16.85
CA LYS E 76 21.79 -75.98 -16.89
C LYS E 76 22.68 -75.70 -18.09
N ASP E 77 22.21 -74.95 -19.11
CA ASP E 77 23.02 -74.75 -20.32
C ASP E 77 24.24 -73.92 -19.99
N GLY E 78 24.03 -72.92 -19.15
CA GLY E 78 24.88 -71.76 -19.09
C GLY E 78 24.39 -70.58 -19.92
N LEU E 79 23.13 -70.55 -20.36
CA LEU E 79 22.59 -69.45 -21.15
C LEU E 79 21.52 -68.67 -20.38
N VAL E 80 21.24 -67.47 -20.87
CA VAL E 80 20.18 -66.62 -20.30
C VAL E 80 19.15 -66.39 -21.40
N SER E 81 17.88 -66.69 -21.10
CA SER E 81 16.80 -66.52 -22.06
C SER E 81 15.73 -65.65 -21.41
N LEU E 82 15.42 -64.52 -22.06
CA LEU E 82 14.52 -63.52 -21.49
C LEU E 82 13.37 -63.23 -22.45
N LEU E 83 12.23 -62.87 -21.85
CA LEU E 83 11.07 -62.40 -22.57
C LEU E 83 10.39 -61.34 -21.74
N THR E 84 9.95 -60.25 -22.38
CA THR E 84 9.18 -59.23 -21.71
C THR E 84 7.82 -59.08 -22.36
N THR E 85 6.82 -58.75 -21.55
CA THR E 85 5.46 -58.58 -22.02
C THR E 85 5.02 -57.12 -22.06
N SER E 86 5.82 -56.21 -21.51
CA SER E 86 5.45 -54.80 -21.48
C SER E 86 5.43 -54.23 -22.90
N GLU E 87 4.37 -53.48 -23.20
CA GLU E 87 4.15 -53.02 -24.57
C GLU E 87 5.15 -51.96 -25.01
N GLY E 88 5.60 -51.11 -24.09
CA GLY E 88 6.54 -50.06 -24.45
C GLY E 88 7.96 -50.53 -24.74
N ALA E 89 8.26 -51.81 -24.54
CA ALA E 89 9.61 -52.29 -24.75
C ALA E 89 10.01 -52.22 -26.22
N ASP E 90 11.22 -51.75 -26.47
CA ASP E 90 11.77 -51.79 -27.81
C ASP E 90 11.87 -53.24 -28.30
N GLU E 91 11.86 -53.40 -29.57
CA GLU E 91 11.90 -54.76 -30.11
C GLU E 91 13.35 -55.18 -30.34
N PRO E 92 13.68 -56.48 -30.19
CA PRO E 92 12.80 -57.59 -29.87
C PRO E 92 12.42 -57.74 -28.41
N GLN E 93 11.25 -58.34 -28.25
CA GLN E 93 10.58 -58.84 -27.05
C GLN E 93 11.41 -59.83 -26.30
N ARG E 94 12.37 -60.41 -26.99
CA ARG E 94 13.07 -61.60 -26.53
C ARG E 94 14.56 -61.46 -26.81
N LEU E 95 15.37 -62.10 -25.99
CA LEU E 95 16.81 -62.08 -26.17
C LEU E 95 17.43 -63.24 -25.41
N GLN E 96 18.51 -63.76 -25.97
CA GLN E 96 19.25 -64.87 -25.38
C GLN E 96 20.74 -64.58 -25.52
N PHE E 97 21.49 -64.88 -24.48
CA PHE E 97 22.93 -64.67 -24.49
C PHE E 97 23.56 -65.62 -23.48
N PRO E 98 24.83 -65.97 -23.67
CA PRO E 98 25.51 -66.80 -22.69
C PRO E 98 26.02 -65.97 -21.51
N LEU E 99 26.21 -66.65 -20.38
CA LEU E 99 26.69 -65.97 -19.20
C LEU E 99 28.09 -65.39 -19.43
N PRO E 100 28.43 -64.28 -18.78
CA PRO E 100 29.76 -63.71 -18.96
C PRO E 100 30.84 -64.55 -18.29
N THR E 101 32.04 -64.50 -18.88
CA THR E 101 33.22 -65.17 -18.35
C THR E 101 34.33 -64.15 -18.18
N ALA E 102 35.51 -64.61 -17.77
CA ALA E 102 36.67 -63.75 -17.71
C ALA E 102 37.11 -63.35 -19.12
N GLN E 103 37.01 -64.27 -20.08
CA GLN E 103 37.43 -63.97 -21.44
C GLN E 103 36.41 -63.07 -22.14
N ARG E 104 35.14 -63.49 -22.18
CA ARG E 104 34.09 -62.74 -22.83
C ARG E 104 33.13 -62.20 -21.78
N SER E 105 32.78 -60.94 -21.90
CA SER E 105 31.83 -60.29 -21.02
C SER E 105 30.62 -59.83 -21.83
N LEU E 106 29.52 -59.59 -21.13
CA LEU E 106 28.34 -59.06 -21.80
C LEU E 106 28.57 -57.61 -22.20
N GLU E 107 27.80 -57.16 -23.19
CA GLU E 107 27.99 -55.85 -23.78
C GLU E 107 26.65 -55.18 -24.04
N PRO E 108 26.56 -53.86 -23.86
CA PRO E 108 25.30 -53.17 -24.15
C PRO E 108 24.99 -53.13 -25.64
N GLY E 109 23.71 -53.27 -25.96
CA GLY E 109 23.25 -53.19 -27.32
C GLY E 109 21.74 -53.03 -27.42
N THR E 110 21.12 -53.79 -28.32
CA THR E 110 19.68 -53.79 -28.54
C THR E 110 19.11 -55.16 -28.24
N PRO E 111 17.92 -55.25 -27.63
CA PRO E 111 17.07 -54.13 -27.19
C PRO E 111 17.58 -53.44 -25.92
N ARG E 112 17.13 -52.20 -25.71
CA ARG E 112 17.62 -51.42 -24.58
C ARG E 112 17.13 -51.98 -23.25
N TRP E 113 15.92 -52.56 -23.23
CA TRP E 113 15.40 -53.10 -21.99
C TRP E 113 16.26 -54.23 -21.45
N ALA E 114 16.94 -54.97 -22.34
CA ALA E 114 17.80 -56.06 -21.89
C ALA E 114 19.15 -55.57 -21.37
N ASN E 115 19.52 -54.32 -21.67
CA ASN E 115 20.78 -53.79 -21.14
C ASN E 115 20.74 -53.68 -19.63
N TYR E 116 19.57 -53.37 -19.06
CA TYR E 116 19.42 -53.33 -17.62
C TYR E 116 19.65 -54.70 -17.01
N VAL E 117 19.10 -55.75 -17.63
CA VAL E 117 19.28 -57.10 -17.10
C VAL E 117 20.74 -57.54 -17.26
N LYS E 118 21.34 -57.27 -18.41
CA LYS E 118 22.72 -57.67 -18.64
C LYS E 118 23.67 -56.96 -17.70
N GLY E 119 23.38 -55.68 -17.39
CA GLY E 119 24.24 -54.94 -16.48
C GLY E 119 24.28 -55.55 -15.10
N VAL E 120 23.11 -55.92 -14.57
CA VAL E 120 23.07 -56.54 -13.25
C VAL E 120 23.77 -57.89 -13.27
N ILE E 121 23.57 -58.67 -14.33
CA ILE E 121 24.27 -59.95 -14.46
C ILE E 121 25.77 -59.73 -14.55
N GLN E 122 26.20 -58.75 -15.35
CA GLN E 122 27.62 -58.49 -15.53
C GLN E 122 28.29 -58.10 -14.21
N TYR E 123 27.62 -57.27 -13.41
CA TYR E 123 28.21 -56.74 -12.18
C TYR E 123 27.72 -57.47 -10.93
N TYR E 124 27.03 -58.60 -11.09
CA TYR E 124 26.58 -59.35 -9.93
C TYR E 124 27.79 -59.88 -9.16
N PRO E 125 27.86 -59.67 -7.85
CA PRO E 125 29.11 -59.96 -7.10
C PRO E 125 29.29 -61.41 -6.69
N ALA E 126 28.28 -62.26 -6.80
CA ALA E 126 28.38 -63.63 -6.32
C ALA E 126 28.58 -64.61 -7.47
N ALA E 127 29.12 -65.78 -7.13
CA ALA E 127 29.43 -66.84 -8.09
C ALA E 127 29.41 -68.17 -7.35
N PRO E 128 29.08 -69.27 -8.05
CA PRO E 128 28.75 -69.35 -9.47
C PRO E 128 27.28 -69.05 -9.75
N LEU E 129 27.05 -68.21 -10.76
CA LEU E 129 25.70 -67.84 -11.18
C LEU E 129 25.28 -68.71 -12.35
N PRO E 130 24.22 -69.51 -12.24
CA PRO E 130 23.83 -70.37 -13.35
C PRO E 130 23.04 -69.59 -14.39
N GLY E 131 22.84 -70.23 -15.53
CA GLY E 131 21.95 -69.68 -16.52
C GLY E 131 20.52 -69.73 -16.02
N PHE E 132 19.64 -68.99 -16.71
CA PHE E 132 18.24 -68.99 -16.31
C PHE E 132 17.36 -68.55 -17.48
N SER E 133 16.10 -68.97 -17.42
CA SER E 133 15.05 -68.44 -18.26
C SER E 133 14.16 -67.57 -17.40
N ALA E 134 13.67 -66.47 -17.97
CA ALA E 134 12.90 -65.53 -17.18
C ALA E 134 11.94 -64.75 -18.07
N VAL E 135 10.77 -64.44 -17.51
CA VAL E 135 9.80 -63.55 -18.13
C VAL E 135 9.57 -62.38 -17.19
N VAL E 136 9.61 -61.17 -17.73
CA VAL E 136 9.43 -59.94 -16.96
C VAL E 136 8.12 -59.30 -17.38
N VAL E 137 7.31 -58.94 -16.38
CA VAL E 137 6.10 -58.15 -16.59
C VAL E 137 6.22 -56.91 -15.71
N SER E 138 5.57 -55.83 -16.13
CA SER E 138 5.68 -54.58 -15.39
C SER E 138 4.39 -53.78 -15.53
N SER E 139 4.04 -53.09 -14.44
CA SER E 139 2.97 -52.11 -14.44
C SER E 139 3.50 -50.68 -14.42
N VAL E 140 4.80 -50.50 -14.27
CA VAL E 140 5.43 -49.18 -14.32
C VAL E 140 5.46 -48.70 -15.77
N PRO E 141 4.90 -47.52 -16.06
CA PRO E 141 4.98 -47.00 -17.43
C PRO E 141 6.42 -46.74 -17.82
N LEU E 142 6.84 -47.32 -18.94
CA LEU E 142 8.24 -47.28 -19.33
C LEU E 142 8.64 -45.87 -19.76
N GLY E 143 9.73 -45.38 -19.19
CA GLY E 143 10.17 -44.03 -19.46
C GLY E 143 9.24 -42.95 -18.96
N GLY E 144 8.29 -43.29 -18.10
CA GLY E 144 7.32 -42.34 -17.59
C GLY E 144 7.77 -41.54 -16.39
N GLY E 145 9.03 -41.65 -15.98
CA GLY E 145 9.54 -40.91 -14.86
C GLY E 145 9.35 -41.56 -13.50
N LEU E 146 8.78 -42.76 -13.45
CA LEU E 146 8.61 -43.48 -12.19
C LEU E 146 9.66 -44.57 -11.99
N SER E 147 10.78 -44.48 -12.72
CA SER E 147 11.92 -45.39 -12.54
C SER E 147 11.57 -46.83 -12.89
N SER E 148 11.03 -47.01 -14.09
CA SER E 148 10.82 -48.38 -14.59
C SER E 148 12.13 -49.13 -14.69
N SER E 149 13.20 -48.45 -15.14
CA SER E 149 14.51 -49.07 -15.27
C SER E 149 15.01 -49.63 -13.94
N ALA E 150 14.94 -48.81 -12.88
CA ALA E 150 15.41 -49.26 -11.57
C ALA E 150 14.60 -50.44 -11.07
N SER E 151 13.28 -50.43 -11.33
CA SER E 151 12.44 -51.56 -10.96
C SER E 151 12.91 -52.84 -11.65
N LEU E 152 13.30 -52.74 -12.93
CA LEU E 152 13.78 -53.90 -13.65
C LEU E 152 15.14 -54.37 -13.13
N GLU E 153 16.04 -53.43 -12.85
CA GLU E 153 17.36 -53.79 -12.33
C GLU E 153 17.26 -54.45 -10.96
N VAL E 154 16.43 -53.90 -10.07
CA VAL E 154 16.33 -54.45 -8.72
C VAL E 154 15.63 -55.80 -8.75
N ALA E 155 14.58 -55.93 -9.58
CA ALA E 155 13.96 -57.24 -9.77
C ALA E 155 14.97 -58.25 -10.27
N THR E 156 15.80 -57.86 -11.24
CA THR E 156 16.85 -58.75 -11.73
C THR E 156 17.82 -59.09 -10.60
N TYR E 157 18.25 -58.09 -9.83
CA TYR E 157 19.16 -58.38 -8.72
C TYR E 157 18.52 -59.31 -7.71
N THR E 158 17.28 -59.04 -7.34
CA THR E 158 16.59 -59.90 -6.37
C THR E 158 16.40 -61.30 -6.93
N PHE E 159 16.20 -61.41 -8.25
CA PHE E 159 16.13 -62.71 -8.89
C PHE E 159 17.45 -63.46 -8.80
N LEU E 160 18.56 -62.78 -9.10
CA LEU E 160 19.87 -63.43 -9.07
C LEU E 160 20.21 -63.91 -7.67
N GLN E 161 19.68 -63.25 -6.63
CA GLN E 161 19.89 -63.71 -5.27
C GLN E 161 19.28 -65.08 -5.04
N GLN E 162 18.18 -65.40 -5.74
CA GLN E 162 17.60 -66.73 -5.63
C GLN E 162 18.49 -67.78 -6.27
N LEU E 163 19.10 -67.45 -7.41
CA LEU E 163 20.01 -68.38 -8.08
C LEU E 163 21.31 -68.54 -7.30
N CYS E 164 21.78 -67.46 -6.68
CA CYS E 164 23.05 -67.48 -5.96
C CYS E 164 23.07 -66.34 -4.96
N PRO E 165 22.92 -66.62 -3.67
CA PRO E 165 22.76 -65.56 -2.69
C PRO E 165 24.05 -64.77 -2.48
N ASP E 166 23.92 -63.45 -2.38
CA ASP E 166 25.04 -62.59 -2.10
C ASP E 166 25.20 -62.39 -0.59
N SER E 167 26.35 -61.82 -0.20
CA SER E 167 26.66 -61.59 1.20
C SER E 167 26.69 -60.13 1.60
N GLY E 168 26.77 -59.22 0.63
CA GLY E 168 26.95 -57.81 0.92
C GLY E 168 25.70 -57.14 1.46
N THR E 169 25.81 -55.83 1.63
CA THR E 169 24.74 -55.02 2.20
C THR E 169 23.74 -54.61 1.12
N ILE E 170 22.61 -54.05 1.58
CA ILE E 170 21.61 -53.52 0.66
C ILE E 170 22.19 -52.37 -0.15
N ALA E 171 23.03 -51.54 0.47
CA ALA E 171 23.67 -50.45 -0.26
C ALA E 171 24.54 -50.97 -1.39
N ALA E 172 25.27 -52.06 -1.15
CA ALA E 172 26.08 -52.66 -2.21
C ALA E 172 25.21 -53.14 -3.36
N ARG E 173 24.01 -53.64 -3.06
CA ARG E 173 23.10 -54.06 -4.12
C ARG E 173 22.63 -52.87 -4.96
N ALA E 174 22.30 -51.76 -4.30
CA ALA E 174 21.87 -50.57 -5.03
C ALA E 174 22.98 -50.02 -5.91
N GLN E 175 24.24 -50.17 -5.46
CA GLN E 175 25.37 -49.66 -6.25
C GLN E 175 25.68 -50.56 -7.44
N VAL E 176 25.37 -51.85 -7.33
CA VAL E 176 25.49 -52.75 -8.49
C VAL E 176 24.47 -52.35 -9.56
N CYS E 177 23.20 -52.20 -9.15
CA CYS E 177 22.17 -51.77 -10.09
C CYS E 177 22.47 -50.38 -10.63
N GLN E 178 23.06 -49.50 -9.82
CA GLN E 178 23.44 -48.18 -10.31
C GLN E 178 24.56 -48.28 -11.33
N GLN E 179 25.49 -49.22 -11.10
CA GLN E 179 26.56 -49.45 -12.07
C GLN E 179 26.01 -50.04 -13.37
N ALA E 180 24.91 -50.80 -13.29
CA ALA E 180 24.28 -51.31 -14.49
C ALA E 180 23.73 -50.18 -15.35
N GLU E 181 23.10 -49.19 -14.73
CA GLU E 181 22.58 -48.06 -15.48
C GLU E 181 23.70 -47.21 -16.08
N HIS E 182 24.82 -47.10 -15.38
CA HIS E 182 25.93 -46.28 -15.88
C HIS E 182 26.59 -46.91 -17.09
N SER E 183 26.97 -48.19 -16.97
CA SER E 183 27.78 -48.81 -18.03
C SER E 183 26.92 -49.34 -19.17
N PHE E 184 25.82 -50.02 -18.86
CA PHE E 184 25.04 -50.70 -19.88
C PHE E 184 23.87 -49.87 -20.41
N ALA E 185 23.50 -48.79 -19.75
CA ALA E 185 22.42 -47.94 -20.21
C ALA E 185 22.86 -46.52 -20.54
N GLY E 186 24.11 -46.17 -20.27
CA GLY E 186 24.63 -44.85 -20.58
C GLY E 186 23.95 -43.70 -19.86
N MET E 187 23.47 -43.92 -18.64
CA MET E 187 22.77 -42.89 -17.87
C MET E 187 23.43 -42.77 -16.50
N PRO E 188 24.11 -41.65 -16.22
CA PRO E 188 24.81 -41.48 -14.92
C PRO E 188 23.88 -41.04 -13.81
N CYS E 189 22.97 -41.93 -13.43
CA CYS E 189 21.98 -41.63 -12.42
C CYS E 189 22.58 -41.68 -11.02
N GLY E 190 21.82 -41.17 -10.05
CA GLY E 190 22.15 -41.32 -8.65
C GLY E 190 21.65 -42.65 -8.10
N ILE E 191 21.67 -42.74 -6.76
CA ILE E 191 21.34 -43.98 -6.07
C ILE E 191 19.88 -44.08 -5.63
N MET E 192 19.11 -42.99 -5.73
CA MET E 192 17.79 -42.96 -5.10
C MET E 192 16.88 -44.06 -5.63
N ASP E 193 16.73 -44.16 -6.95
CA ASP E 193 15.75 -45.08 -7.54
C ASP E 193 16.04 -46.52 -7.13
N GLN E 194 17.30 -46.92 -7.21
CA GLN E 194 17.68 -48.27 -6.78
C GLN E 194 17.45 -48.46 -5.29
N PHE E 195 17.70 -47.42 -4.49
CA PHE E 195 17.62 -47.55 -3.04
C PHE E 195 16.18 -47.69 -2.58
N ILE E 196 15.29 -46.80 -3.04
CA ILE E 196 13.90 -46.85 -2.58
C ILE E 196 13.22 -48.12 -3.09
N SER E 197 13.59 -48.59 -4.29
CA SER E 197 13.03 -49.84 -4.78
C SER E 197 13.41 -51.00 -3.88
N LEU E 198 14.64 -50.98 -3.35
CA LEU E 198 15.07 -52.03 -2.44
C LEU E 198 14.50 -51.86 -1.04
N MET E 199 14.37 -50.62 -0.58
CA MET E 199 14.17 -50.32 0.83
C MET E 199 12.79 -49.76 1.17
N GLY E 200 11.90 -49.64 0.19
CA GLY E 200 10.60 -49.07 0.48
C GLY E 200 9.83 -49.86 1.52
N GLN E 201 8.95 -49.16 2.22
CA GLN E 201 8.08 -49.75 3.23
C GLN E 201 6.64 -49.28 3.03
N LYS E 202 5.70 -50.16 3.37
CA LYS E 202 4.28 -49.87 3.15
C LYS E 202 3.80 -48.79 4.10
N GLY E 203 3.36 -47.65 3.55
CA GLY E 203 2.85 -46.57 4.34
C GLY E 203 3.87 -45.57 4.81
N HIS E 204 5.03 -45.52 4.16
CA HIS E 204 6.13 -44.68 4.59
C HIS E 204 6.86 -44.12 3.37
N ALA E 205 7.16 -42.83 3.42
CA ALA E 205 8.23 -42.35 2.56
C ALA E 205 9.56 -42.56 3.27
N LEU E 206 10.63 -42.55 2.50
CA LEU E 206 11.96 -42.81 3.03
C LEU E 206 12.81 -41.57 2.84
N LEU E 207 13.24 -40.95 3.94
CA LEU E 207 14.22 -39.88 3.87
C LEU E 207 15.59 -40.52 3.75
N ILE E 208 16.19 -40.43 2.57
CA ILE E 208 17.44 -41.10 2.26
C ILE E 208 18.54 -40.05 2.24
N ASP E 209 19.54 -40.23 3.10
CA ASP E 209 20.73 -39.41 3.10
C ASP E 209 21.72 -40.03 2.12
N CYS E 210 21.87 -39.43 0.95
CA CYS E 210 22.70 -40.03 -0.09
C CYS E 210 24.19 -39.91 0.16
N ARG E 211 24.61 -39.16 1.19
CA ARG E 211 26.03 -39.12 1.53
C ARG E 211 26.42 -40.27 2.45
N SER E 212 25.60 -40.55 3.46
CA SER E 212 25.87 -41.61 4.42
C SER E 212 25.05 -42.87 4.16
N LEU E 213 24.04 -42.80 3.28
CA LEU E 213 23.09 -43.88 3.02
C LEU E 213 22.30 -44.30 4.26
N GLU E 214 22.26 -43.46 5.28
CA GLU E 214 21.33 -43.66 6.38
C GLU E 214 19.92 -43.29 5.92
N THR E 215 18.92 -44.04 6.39
CA THR E 215 17.54 -43.84 5.98
C THR E 215 16.65 -43.65 7.21
N SER E 216 15.61 -42.84 7.03
CA SER E 216 14.60 -42.59 8.05
C SER E 216 13.22 -42.78 7.45
N LEU E 217 12.35 -43.46 8.19
CA LEU E 217 11.01 -43.77 7.73
C LEU E 217 10.02 -42.70 8.17
N VAL E 218 9.42 -42.01 7.20
CA VAL E 218 8.46 -40.95 7.45
C VAL E 218 7.06 -41.52 7.13
N PRO E 219 6.17 -41.61 8.11
CA PRO E 219 4.87 -42.27 7.85
C PRO E 219 3.97 -41.46 6.94
N LEU E 220 3.22 -42.19 6.08
CA LEU E 220 2.21 -41.64 5.17
C LEU E 220 1.00 -42.56 5.32
N SER E 221 0.22 -42.33 6.37
CA SER E 221 -0.86 -43.24 6.72
C SER E 221 -2.20 -42.55 6.93
N ASP E 222 -2.32 -41.30 6.53
CA ASP E 222 -3.55 -40.56 6.71
C ASP E 222 -4.56 -40.90 5.64
N PRO E 223 -5.69 -41.52 5.98
CA PRO E 223 -6.72 -41.81 4.96
C PRO E 223 -7.30 -40.57 4.32
N LYS E 224 -7.16 -39.40 4.96
CA LYS E 224 -7.59 -38.14 4.40
C LYS E 224 -6.51 -37.49 3.54
N LEU E 225 -5.40 -38.19 3.32
CA LEU E 225 -4.28 -37.69 2.53
C LEU E 225 -4.08 -38.60 1.34
N ALA E 226 -3.91 -38.02 0.16
CA ALA E 226 -3.71 -38.76 -1.07
C ALA E 226 -2.54 -38.19 -1.84
N VAL E 227 -1.79 -39.07 -2.50
CA VAL E 227 -0.73 -38.66 -3.41
C VAL E 227 -1.20 -38.98 -4.82
N LEU E 228 -1.32 -37.95 -5.65
CA LEU E 228 -1.80 -38.10 -7.02
C LEU E 228 -0.60 -37.93 -7.96
N ILE E 229 -0.33 -38.94 -8.76
CA ILE E 229 0.72 -38.91 -9.76
C ILE E 229 0.06 -38.72 -11.12
N THR E 230 0.49 -37.71 -11.85
CA THR E 230 -0.08 -37.39 -13.15
C THR E 230 1.01 -37.55 -14.21
N ASN E 231 0.86 -38.57 -15.04
CA ASN E 231 1.79 -38.80 -16.15
C ASN E 231 1.44 -37.86 -17.29
N SER E 232 2.43 -37.07 -17.73
CA SER E 232 2.22 -36.18 -18.87
C SER E 232 2.19 -36.94 -20.19
N ASN E 233 2.75 -38.15 -20.24
CA ASN E 233 2.85 -38.94 -21.46
C ASN E 233 3.63 -38.16 -22.53
N VAL E 234 4.79 -37.66 -22.12
CA VAL E 234 5.67 -36.91 -23.02
C VAL E 234 7.08 -37.50 -22.99
N ALA E 239 15.60 -40.04 -20.66
CA ALA E 239 15.94 -40.03 -22.07
C ALA E 239 17.36 -39.47 -22.27
N SER E 240 17.99 -39.08 -21.17
CA SER E 240 19.35 -38.56 -21.19
C SER E 240 19.51 -37.41 -22.19
N SER E 241 18.55 -36.49 -22.15
CA SER E 241 18.61 -35.33 -23.04
C SER E 241 19.67 -34.34 -22.56
N GLU E 242 19.51 -33.79 -21.36
CA GLU E 242 20.50 -32.91 -20.77
C GLU E 242 20.86 -33.29 -19.33
N TYR E 243 20.29 -34.37 -18.81
CA TYR E 243 20.62 -34.86 -17.47
C TYR E 243 22.13 -35.03 -17.25
N PRO E 244 22.88 -35.70 -18.14
CA PRO E 244 24.35 -35.72 -17.97
C PRO E 244 24.95 -34.33 -17.76
N VAL E 245 24.60 -33.38 -18.63
CA VAL E 245 25.14 -32.03 -18.54
C VAL E 245 24.86 -31.44 -17.16
N ARG E 246 23.64 -31.63 -16.64
CA ARG E 246 23.32 -31.09 -15.32
C ARG E 246 24.20 -31.72 -14.24
N ARG E 247 24.52 -33.01 -14.37
CA ARG E 247 25.39 -33.65 -13.39
C ARG E 247 26.80 -33.10 -13.50
N ARG E 248 27.28 -32.85 -14.73
CA ARG E 248 28.63 -32.33 -14.90
C ARG E 248 28.72 -30.88 -14.47
N GLN E 249 27.61 -30.13 -14.56
CA GLN E 249 27.62 -28.75 -14.07
C GLN E 249 27.76 -28.69 -12.56
N CYS E 250 27.10 -29.60 -11.85
CA CYS E 250 27.22 -29.63 -10.39
C CYS E 250 28.61 -30.09 -9.97
N GLU E 251 29.18 -31.06 -10.69
CA GLU E 251 30.50 -31.56 -10.31
C GLU E 251 31.59 -30.53 -10.55
N GLU E 252 31.45 -29.69 -11.58
CA GLU E 252 32.43 -28.63 -11.82
C GLU E 252 32.36 -27.58 -10.72
N VAL E 253 31.15 -27.21 -10.29
CA VAL E 253 31.01 -26.22 -9.24
C VAL E 253 31.60 -26.72 -7.93
N ALA E 254 31.33 -27.99 -7.59
CA ALA E 254 31.89 -28.57 -6.37
C ALA E 254 33.42 -28.56 -6.42
N ARG E 255 34.00 -28.90 -7.58
CA ARG E 255 35.44 -28.86 -7.72
C ARG E 255 35.97 -27.44 -7.62
N ALA E 256 35.22 -26.46 -8.16
CA ALA E 256 35.67 -25.08 -8.10
C ALA E 256 35.70 -24.56 -6.68
N LEU E 257 34.83 -25.05 -5.81
CA LEU E 257 34.80 -24.67 -4.41
C LEU E 257 35.61 -25.60 -3.53
N GLY E 258 36.34 -26.56 -4.13
CA GLY E 258 37.12 -27.51 -3.37
C GLY E 258 36.32 -28.45 -2.49
N ALA E 259 35.05 -28.68 -2.82
CA ALA E 259 34.18 -29.54 -2.02
C ALA E 259 33.94 -30.88 -2.72
N ALA E 260 33.64 -31.90 -1.92
CA ALA E 260 33.36 -33.22 -2.47
C ALA E 260 32.03 -33.27 -3.19
N SER E 261 31.07 -32.46 -2.75
CA SER E 261 29.76 -32.40 -3.36
C SER E 261 29.08 -31.13 -2.87
N LEU E 262 28.02 -30.74 -3.56
CA LEU E 262 27.26 -29.58 -3.13
C LEU E 262 26.61 -29.78 -1.77
N ARG E 263 26.59 -31.01 -1.26
CA ARG E 263 26.07 -31.27 0.07
C ARG E 263 26.90 -30.58 1.15
N GLU E 264 28.20 -30.43 0.92
CA GLU E 264 29.05 -29.79 1.90
C GLU E 264 28.98 -28.27 1.85
N VAL E 265 28.33 -27.71 0.83
CA VAL E 265 28.22 -26.26 0.67
C VAL E 265 26.79 -25.86 0.98
N GLN E 266 26.63 -24.87 1.85
CA GLN E 266 25.34 -24.24 2.10
C GLN E 266 25.29 -22.89 1.41
N LEU E 267 24.08 -22.35 1.27
CA LEU E 267 23.86 -21.18 0.42
C LEU E 267 24.77 -20.02 0.82
N GLU E 268 25.04 -19.86 2.13
CA GLU E 268 25.86 -18.75 2.55
C GLU E 268 27.30 -18.90 2.07
N GLU E 269 27.81 -20.13 2.03
CA GLU E 269 29.15 -20.36 1.51
C GLU E 269 29.20 -20.28 -0.01
N LEU E 270 28.15 -20.76 -0.69
CA LEU E 270 28.11 -20.67 -2.15
C LEU E 270 28.01 -19.23 -2.61
N GLU E 271 27.25 -18.42 -1.87
CA GLU E 271 27.12 -17.01 -2.20
C GLU E 271 28.40 -16.24 -1.90
N ALA E 272 29.17 -16.69 -0.89
CA ALA E 272 30.46 -16.04 -0.63
C ALA E 272 31.50 -16.38 -1.69
N ALA E 273 31.31 -17.47 -2.45
CA ALA E 273 32.24 -17.87 -3.48
C ALA E 273 31.66 -17.74 -4.89
N ARG E 274 30.64 -16.89 -5.06
CA ARG E 274 29.99 -16.73 -6.36
C ARG E 274 30.98 -16.29 -7.44
N ASP E 275 32.02 -15.56 -7.06
CA ASP E 275 32.98 -15.09 -8.05
C ASP E 275 33.94 -16.18 -8.49
N LEU E 276 33.83 -17.37 -7.91
CA LEU E 276 34.62 -18.52 -8.30
C LEU E 276 33.92 -19.39 -9.34
N VAL E 277 32.64 -19.13 -9.64
CA VAL E 277 31.85 -19.98 -10.52
C VAL E 277 31.11 -19.14 -11.54
N SER E 278 30.69 -19.80 -12.61
CA SER E 278 29.87 -19.20 -13.65
C SER E 278 28.49 -18.85 -13.12
N LYS E 279 27.80 -17.96 -13.86
CA LYS E 279 26.44 -17.60 -13.50
C LYS E 279 25.50 -18.79 -13.62
N GLU E 280 25.70 -19.62 -14.66
CA GLU E 280 24.91 -20.85 -14.79
C GLU E 280 25.24 -21.83 -13.67
N GLY E 281 26.52 -22.05 -13.41
CA GLY E 281 26.90 -22.96 -12.34
C GLY E 281 26.35 -22.54 -10.99
N PHE E 282 26.32 -21.23 -10.73
CA PHE E 282 25.78 -20.73 -9.47
C PHE E 282 24.29 -21.01 -9.36
N ARG E 283 23.56 -20.90 -10.48
CA ARG E 283 22.12 -21.13 -10.43
C ARG E 283 21.78 -22.62 -10.32
N ARG E 284 22.65 -23.50 -10.84
CA ARG E 284 22.44 -24.92 -10.66
C ARG E 284 22.71 -25.34 -9.22
N ALA E 285 23.82 -24.87 -8.66
CA ALA E 285 24.17 -25.22 -7.28
C ALA E 285 23.19 -24.62 -6.27
N ARG E 286 22.63 -23.45 -6.57
CA ARG E 286 21.68 -22.84 -5.63
C ARG E 286 20.43 -23.69 -5.48
N HIS E 287 19.97 -24.32 -6.56
CA HIS E 287 18.85 -25.25 -6.44
C HIS E 287 19.21 -26.42 -5.55
N VAL E 288 20.35 -27.07 -5.83
CA VAL E 288 20.74 -28.26 -5.09
C VAL E 288 20.86 -27.95 -3.60
N VAL E 289 21.53 -26.83 -3.28
CA VAL E 289 21.69 -26.45 -1.88
C VAL E 289 20.34 -26.13 -1.26
N GLY E 290 19.47 -25.45 -2.01
CA GLY E 290 18.14 -25.15 -1.50
C GLY E 290 17.23 -26.36 -1.44
N GLU E 291 17.39 -27.29 -2.39
CA GLU E 291 16.54 -28.48 -2.39
C GLU E 291 16.91 -29.42 -1.25
N ILE E 292 18.21 -29.54 -0.96
CA ILE E 292 18.65 -30.30 0.21
C ILE E 292 17.98 -29.76 1.47
N ARG E 293 17.93 -28.43 1.61
CA ARG E 293 17.30 -27.83 2.78
C ARG E 293 15.79 -28.06 2.79
N ARG E 294 15.17 -27.98 1.60
CA ARG E 294 13.73 -28.19 1.52
C ARG E 294 13.35 -29.63 1.86
N THR E 295 14.22 -30.60 1.52
CA THR E 295 13.92 -31.99 1.83
C THR E 295 13.98 -32.23 3.33
N ALA E 296 14.97 -31.64 4.01
CA ALA E 296 15.03 -31.72 5.46
C ALA E 296 13.80 -31.08 6.10
N GLN E 297 13.34 -29.96 5.55
CA GLN E 297 12.15 -29.30 6.09
C GLN E 297 10.89 -30.07 5.75
N ALA E 298 10.85 -30.74 4.61
CA ALA E 298 9.68 -31.51 4.22
C ALA E 298 9.49 -32.74 5.11
N ALA E 299 10.58 -33.43 5.43
CA ALA E 299 10.49 -34.59 6.32
C ALA E 299 9.94 -34.19 7.69
N ALA E 300 10.45 -33.10 8.25
CA ALA E 300 9.94 -32.63 9.54
C ALA E 300 8.48 -32.20 9.43
N ALA E 301 8.13 -31.49 8.35
CA ALA E 301 6.75 -31.07 8.16
C ALA E 301 5.82 -32.27 8.02
N LEU E 302 6.26 -33.32 7.34
CA LEU E 302 5.43 -34.49 7.15
C LEU E 302 5.29 -35.31 8.42
N ARG E 303 6.34 -35.34 9.26
CA ARG E 303 6.26 -36.07 10.52
C ARG E 303 5.22 -35.47 11.45
N ARG E 304 5.13 -34.14 11.50
CA ARG E 304 4.17 -33.45 12.35
C ARG E 304 2.83 -33.23 11.69
N GLY E 305 2.62 -33.77 10.49
CA GLY E 305 1.33 -33.69 9.84
C GLY E 305 1.01 -32.36 9.21
N ASP E 306 2.02 -31.51 8.97
CA ASP E 306 1.80 -30.19 8.40
C ASP E 306 1.80 -30.31 6.88
N TYR E 307 0.67 -30.74 6.34
CA TYR E 307 0.57 -30.97 4.90
C TYR E 307 0.60 -29.66 4.12
N ARG E 308 0.12 -28.56 4.71
CA ARG E 308 0.15 -27.28 4.02
C ARG E 308 1.59 -26.76 3.88
N ALA E 309 2.40 -26.92 4.92
CA ALA E 309 3.80 -26.54 4.81
C ALA E 309 4.54 -27.45 3.84
N PHE E 310 4.23 -28.75 3.87
CA PHE E 310 4.80 -29.68 2.90
C PHE E 310 4.47 -29.25 1.48
N GLY E 311 3.21 -28.87 1.24
CA GLY E 311 2.82 -28.45 -0.09
C GLY E 311 3.54 -27.20 -0.56
N ARG E 312 3.75 -26.25 0.35
CA ARG E 312 4.47 -25.03 0.00
C ARG E 312 5.92 -25.35 -0.37
N LEU E 313 6.53 -26.30 0.36
CA LEU E 313 7.88 -26.73 0.01
C LEU E 313 7.91 -27.45 -1.34
N MET E 314 6.83 -28.16 -1.68
CA MET E 314 6.75 -28.79 -3.00
C MET E 314 6.68 -27.75 -4.10
N VAL E 315 5.89 -26.70 -3.90
CA VAL E 315 5.74 -25.67 -4.91
C VAL E 315 7.02 -24.87 -5.07
N GLU E 316 7.71 -24.58 -3.96
CA GLU E 316 8.99 -23.90 -4.05
C GLU E 316 10.03 -24.77 -4.76
N SER E 317 9.98 -26.09 -4.53
CA SER E 317 10.90 -26.98 -5.22
C SER E 317 10.66 -26.97 -6.73
N HIS E 318 9.39 -26.91 -7.14
CA HIS E 318 9.07 -26.88 -8.56
C HIS E 318 9.59 -25.61 -9.22
N ARG E 319 9.32 -24.45 -8.60
CA ARG E 319 9.84 -23.20 -9.13
C ARG E 319 11.36 -23.22 -9.23
N SER E 320 12.04 -23.83 -8.26
CA SER E 320 13.49 -23.95 -8.31
C SER E 320 13.93 -24.82 -9.49
N LEU E 321 13.24 -25.94 -9.73
CA LEU E 321 13.61 -26.82 -10.83
C LEU E 321 13.35 -26.17 -12.18
N ARG E 322 12.33 -25.31 -12.27
CA ARG E 322 11.98 -24.71 -13.55
C ARG E 322 12.91 -23.56 -13.92
N ASP E 323 13.32 -22.76 -12.95
CA ASP E 323 14.11 -21.55 -13.18
C ASP E 323 15.60 -21.77 -12.91
N ASP E 324 15.96 -22.38 -11.79
CA ASP E 324 17.36 -22.52 -11.43
C ASP E 324 18.01 -23.71 -12.12
N TYR E 325 17.37 -24.88 -12.07
CA TYR E 325 17.93 -26.07 -12.68
C TYR E 325 17.50 -26.26 -14.13
N GLU E 326 16.39 -25.66 -14.54
CA GLU E 326 15.88 -25.74 -15.92
C GLU E 326 15.77 -27.20 -16.36
N VAL E 327 14.95 -27.96 -15.65
CA VAL E 327 14.76 -29.37 -15.99
C VAL E 327 13.28 -29.73 -16.16
N SER E 328 12.40 -28.75 -16.08
CA SER E 328 10.99 -28.98 -16.35
C SER E 328 10.71 -28.59 -17.80
N CYS E 329 9.49 -28.87 -18.25
CA CYS E 329 9.04 -28.59 -19.60
C CYS E 329 7.68 -27.91 -19.54
N PRO E 330 7.22 -27.33 -20.66
CA PRO E 330 5.93 -26.63 -20.61
C PRO E 330 4.76 -27.52 -20.22
N GLU E 331 4.80 -28.80 -20.59
CA GLU E 331 3.72 -29.71 -20.20
C GLU E 331 3.72 -29.94 -18.69
N LEU E 332 4.91 -30.14 -18.10
CA LEU E 332 5.00 -30.32 -16.65
C LEU E 332 4.55 -29.06 -15.92
N ASP E 333 4.96 -27.89 -16.42
CA ASP E 333 4.57 -26.63 -15.77
C ASP E 333 3.07 -26.40 -15.84
N GLN E 334 2.43 -26.83 -16.93
CA GLN E 334 0.98 -26.66 -17.04
C GLN E 334 0.23 -27.63 -16.14
N LEU E 335 0.76 -28.85 -15.96
CA LEU E 335 0.11 -29.79 -15.06
C LEU E 335 0.21 -29.33 -13.61
N VAL E 336 1.35 -28.74 -13.23
CA VAL E 336 1.50 -28.28 -11.85
C VAL E 336 0.63 -27.05 -11.60
N GLU E 337 0.63 -26.11 -12.54
CA GLU E 337 -0.19 -24.90 -12.37
C GLU E 337 -1.67 -25.23 -12.36
N ALA E 338 -2.09 -26.23 -13.14
CA ALA E 338 -3.49 -26.66 -13.13
C ALA E 338 -3.86 -27.27 -11.79
N ALA E 339 -2.98 -28.10 -11.23
CA ALA E 339 -3.27 -28.74 -9.95
C ALA E 339 -3.40 -27.72 -8.83
N LEU E 340 -2.60 -26.65 -8.87
CA LEU E 340 -2.59 -25.67 -7.79
C LEU E 340 -3.90 -24.90 -7.69
N ALA E 341 -4.68 -24.84 -8.77
CA ALA E 341 -5.96 -24.14 -8.73
C ALA E 341 -7.06 -24.93 -8.05
N VAL E 342 -6.88 -26.24 -7.86
CA VAL E 342 -7.93 -27.08 -7.28
C VAL E 342 -7.91 -26.92 -5.76
N PRO E 343 -9.04 -26.58 -5.14
CA PRO E 343 -9.06 -26.51 -3.67
C PRO E 343 -8.87 -27.87 -3.03
N GLY E 344 -8.12 -27.89 -1.93
CA GLY E 344 -7.80 -29.11 -1.23
C GLY E 344 -6.48 -29.76 -1.58
N VAL E 345 -5.76 -29.24 -2.58
CA VAL E 345 -4.42 -29.72 -2.87
C VAL E 345 -3.42 -28.87 -2.11
N TYR E 346 -2.50 -29.53 -1.41
CA TYR E 346 -1.51 -28.79 -0.63
C TYR E 346 -0.35 -28.30 -1.49
N GLY E 347 0.10 -29.12 -2.44
CA GLY E 347 1.18 -28.71 -3.31
C GLY E 347 1.35 -29.67 -4.47
N SER E 348 2.07 -29.21 -5.48
CA SER E 348 2.34 -30.00 -6.67
C SER E 348 3.68 -29.60 -7.25
N ARG E 349 4.31 -30.55 -7.95
CA ARG E 349 5.67 -30.38 -8.44
C ARG E 349 5.98 -31.51 -9.40
N MET E 350 6.88 -31.24 -10.33
CA MET E 350 7.40 -32.30 -11.18
C MET E 350 8.27 -33.24 -10.34
N THR E 351 8.28 -34.51 -10.74
CA THR E 351 9.10 -35.51 -10.07
C THR E 351 9.91 -36.26 -11.10
N GLY E 352 10.94 -36.94 -10.63
CA GLY E 352 11.87 -37.63 -11.51
C GLY E 352 12.90 -36.69 -12.11
N GLY E 353 13.57 -37.18 -13.15
CA GLY E 353 14.64 -36.40 -13.77
C GLY E 353 14.15 -35.16 -14.49
N GLY E 354 12.92 -35.17 -14.97
CA GLY E 354 12.38 -34.04 -15.71
C GLY E 354 12.34 -34.31 -17.19
N PHE E 355 12.14 -33.22 -17.95
CA PHE E 355 12.00 -33.29 -19.40
C PHE E 355 10.88 -34.25 -19.81
N GLY E 356 9.76 -34.12 -19.13
CA GLY E 356 8.63 -35.02 -19.28
C GLY E 356 8.41 -35.85 -18.04
N GLY E 357 7.65 -36.94 -18.21
CA GLY E 357 7.33 -37.80 -17.10
C GLY E 357 6.10 -37.35 -16.34
N CYS E 358 6.18 -37.37 -15.01
CA CYS E 358 5.03 -37.16 -14.15
C CYS E 358 5.22 -35.93 -13.26
N THR E 359 4.10 -35.48 -12.70
CA THR E 359 4.08 -34.55 -11.58
C THR E 359 3.43 -35.24 -10.41
N VAL E 360 3.99 -35.05 -9.22
CA VAL E 360 3.43 -35.60 -7.99
C VAL E 360 2.64 -34.50 -7.30
N THR E 361 1.48 -34.86 -6.75
CA THR E 361 0.60 -33.90 -6.09
C THR E 361 0.14 -34.46 -4.75
N LEU E 362 0.23 -33.63 -3.72
CA LEU E 362 -0.28 -33.97 -2.39
C LEU E 362 -1.56 -33.17 -2.17
N LEU E 363 -2.62 -33.86 -1.78
CA LEU E 363 -3.93 -33.23 -1.73
C LEU E 363 -4.82 -33.97 -0.75
N GLU E 364 -5.92 -33.31 -0.37
CA GLU E 364 -6.93 -33.96 0.44
C GLU E 364 -7.63 -35.05 -0.37
N ALA E 365 -7.92 -36.17 0.29
CA ALA E 365 -8.47 -37.33 -0.40
C ALA E 365 -9.78 -37.01 -1.10
N SER E 366 -10.59 -36.10 -0.53
CA SER E 366 -11.90 -35.81 -1.13
C SER E 366 -11.78 -35.08 -2.45
N ALA E 367 -10.67 -34.37 -2.68
CA ALA E 367 -10.48 -33.62 -3.91
C ALA E 367 -9.88 -34.45 -5.04
N ALA E 368 -9.55 -35.72 -4.78
CA ALA E 368 -8.89 -36.52 -5.80
C ALA E 368 -9.73 -36.71 -7.06
N PRO E 369 -11.02 -37.06 -6.99
CA PRO E 369 -11.79 -37.16 -8.25
C PRO E 369 -11.90 -35.84 -8.99
N HIS E 370 -12.16 -34.74 -8.28
CA HIS E 370 -12.27 -33.44 -8.94
C HIS E 370 -10.92 -32.93 -9.44
N ALA E 371 -9.84 -33.21 -8.70
CA ALA E 371 -8.52 -32.78 -9.16
C ALA E 371 -8.17 -33.43 -10.49
N MET E 372 -8.44 -34.73 -10.63
CA MET E 372 -8.15 -35.43 -11.88
C MET E 372 -8.97 -34.86 -13.03
N ARG E 373 -10.25 -34.54 -12.77
CA ARG E 373 -11.09 -33.98 -13.82
C ARG E 373 -10.61 -32.59 -14.22
N HIS E 374 -10.20 -31.77 -13.24
CA HIS E 374 -9.77 -30.42 -13.54
C HIS E 374 -8.42 -30.40 -14.28
N ILE E 375 -7.49 -31.25 -13.85
CA ILE E 375 -6.17 -31.29 -14.49
C ILE E 375 -6.28 -31.75 -15.94
N GLN E 376 -7.07 -32.80 -16.18
CA GLN E 376 -7.18 -33.32 -17.55
C GLN E 376 -7.81 -32.27 -18.46
N GLU E 377 -8.77 -31.52 -17.96
CA GLU E 377 -9.35 -30.48 -18.79
C GLU E 377 -8.46 -29.28 -18.97
N HIS E 378 -7.51 -29.03 -18.09
CA HIS E 378 -6.67 -27.87 -18.28
C HIS E 378 -5.34 -28.24 -18.95
N TYR E 379 -5.21 -29.48 -19.41
CA TYR E 379 -3.96 -29.96 -20.00
C TYR E 379 -4.10 -30.25 -21.49
N GLY E 380 -3.19 -29.70 -22.27
CA GLY E 380 -3.14 -29.96 -23.69
C GLY E 380 -2.54 -31.32 -23.99
N GLY E 381 -3.35 -32.36 -23.93
CA GLY E 381 -2.91 -33.71 -24.22
C GLY E 381 -3.62 -34.71 -23.34
N THR E 382 -3.16 -35.96 -23.39
CA THR E 382 -3.72 -37.05 -22.60
C THR E 382 -2.88 -37.26 -21.35
N ALA E 383 -3.45 -36.94 -20.19
CA ALA E 383 -2.80 -37.16 -18.90
C ALA E 383 -3.28 -38.47 -18.31
N THR E 384 -2.35 -39.24 -17.75
CA THR E 384 -2.66 -40.48 -17.04
C THR E 384 -2.47 -40.26 -15.55
N PHE E 385 -3.35 -40.84 -14.74
CA PHE E 385 -3.38 -40.62 -13.30
C PHE E 385 -3.16 -41.93 -12.56
N TYR E 386 -2.45 -41.85 -11.43
CA TYR E 386 -2.36 -42.95 -10.48
C TYR E 386 -2.57 -42.41 -9.08
N LEU E 387 -3.54 -42.97 -8.36
CA LEU E 387 -3.69 -42.71 -6.92
C LEU E 387 -3.02 -43.87 -6.20
N SER E 388 -1.93 -43.57 -5.50
CA SER E 388 -1.05 -44.60 -4.98
C SER E 388 -0.84 -44.42 -3.48
N GLN E 389 -0.57 -45.54 -2.82
CA GLN E 389 -0.13 -45.56 -1.44
C GLN E 389 1.31 -46.02 -1.39
N ALA E 390 2.00 -45.70 -0.30
CA ALA E 390 3.37 -46.16 -0.13
C ALA E 390 3.39 -47.67 0.01
N ALA E 391 4.20 -48.32 -0.81
CA ALA E 391 4.24 -49.77 -0.91
C ALA E 391 5.58 -50.31 -0.40
N ASP E 392 5.67 -51.63 -0.32
CA ASP E 392 6.88 -52.27 0.15
C ASP E 392 7.93 -52.30 -0.96
N GLY E 393 9.17 -52.54 -0.56
CA GLY E 393 10.27 -52.60 -1.50
C GLY E 393 10.35 -53.96 -2.17
N ALA E 394 11.51 -54.24 -2.76
CA ALA E 394 11.72 -55.49 -3.46
C ALA E 394 11.56 -56.68 -2.51
N LYS E 395 10.87 -57.71 -2.98
CA LYS E 395 10.57 -58.87 -2.16
C LYS E 395 10.54 -60.11 -3.04
N VAL E 396 10.94 -61.23 -2.47
CA VAL E 396 10.83 -62.51 -3.16
C VAL E 396 9.41 -63.02 -3.02
N LEU E 397 8.84 -63.50 -4.13
CA LEU E 397 7.50 -64.06 -4.14
C LEU E 397 7.61 -65.57 -4.35
N CYS E 398 6.95 -66.33 -3.48
CA CYS E 398 6.98 -67.78 -3.55
C CYS E 398 5.82 -68.30 -4.40
N LEU E 399 6.10 -69.32 -5.18
CA LEU E 399 5.15 -69.82 -6.18
C LEU E 399 4.40 -71.06 -5.71
N ALA F 10 42.48 0.54 40.06
CA ALA F 10 41.20 0.22 40.65
C ALA F 10 40.44 1.50 41.04
N LEU F 11 39.51 1.91 40.19
CA LEU F 11 38.72 3.09 40.47
C LEU F 11 37.90 2.89 41.74
N ARG F 12 38.01 3.86 42.65
CA ARG F 12 37.21 3.80 43.87
C ARG F 12 35.74 3.94 43.53
N GLN F 13 34.91 3.11 44.17
CA GLN F 13 33.47 3.15 43.95
C GLN F 13 32.86 4.20 44.86
N PRO F 14 32.27 5.27 44.33
CA PRO F 14 31.58 6.22 45.20
C PRO F 14 30.49 5.54 46.00
N GLN F 15 30.21 6.10 47.17
CA GLN F 15 29.21 5.55 48.07
C GLN F 15 27.91 6.31 47.89
N VAL F 16 26.81 5.70 48.35
CA VAL F 16 25.50 6.28 48.13
C VAL F 16 25.40 7.65 48.78
N ALA F 17 26.08 7.85 49.91
CA ALA F 17 26.08 9.16 50.56
C ALA F 17 26.80 10.20 49.70
N GLU F 18 27.92 9.82 49.08
CA GLU F 18 28.64 10.75 48.22
C GLU F 18 27.82 11.11 46.98
N LEU F 19 27.19 10.12 46.35
CA LEU F 19 26.35 10.40 45.19
C LEU F 19 25.12 11.21 45.58
N LEU F 20 24.52 10.89 46.74
CA LEU F 20 23.34 11.61 47.21
C LEU F 20 23.65 13.09 47.44
N ALA F 21 24.81 13.38 48.04
CA ALA F 21 25.18 14.77 48.27
C ALA F 21 25.39 15.52 46.96
N GLU F 22 26.03 14.87 45.98
CA GLU F 22 26.21 15.49 44.68
C GLU F 22 24.88 15.76 43.99
N ALA F 23 23.96 14.79 44.02
CA ALA F 23 22.67 14.95 43.38
C ALA F 23 21.85 16.06 44.04
N ARG F 24 21.96 16.22 45.36
CA ARG F 24 21.10 17.16 46.06
C ARG F 24 21.59 18.59 45.93
N ARG F 25 22.91 18.80 45.93
CA ARG F 25 23.45 20.13 45.68
C ARG F 25 23.18 20.57 44.25
N ALA F 26 23.24 19.63 43.30
CA ALA F 26 22.92 19.96 41.91
C ALA F 26 21.44 20.29 41.76
N PHE F 27 20.58 19.62 42.54
CA PHE F 27 19.16 19.94 42.51
C PHE F 27 18.91 21.33 43.06
N ARG F 28 19.63 21.72 44.11
CA ARG F 28 19.44 23.04 44.70
C ARG F 28 19.91 24.16 43.78
N GLU F 29 20.99 23.93 43.04
CA GLU F 29 21.55 24.95 42.17
C GLU F 29 20.85 25.04 40.82
N GLU F 30 19.74 24.35 40.66
CA GLU F 30 18.99 24.35 39.40
C GLU F 30 17.51 24.58 39.70
N PHE F 31 17.07 24.18 40.90
CA PHE F 31 15.68 24.32 41.28
C PHE F 31 15.45 25.22 42.48
N GLY F 32 16.51 25.69 43.15
CA GLY F 32 16.35 26.67 44.21
C GLY F 32 16.06 26.06 45.57
N ALA F 33 15.19 25.05 45.60
CA ALA F 33 14.78 24.36 46.81
C ALA F 33 15.47 23.02 46.93
N GLU F 34 15.21 22.35 48.06
CA GLU F 34 15.68 21.01 48.35
C GLU F 34 14.78 19.96 47.70
N PRO F 35 15.34 18.84 47.25
CA PRO F 35 14.51 17.79 46.66
C PRO F 35 13.69 17.06 47.72
N GLU F 36 12.55 16.50 47.30
CA GLU F 36 11.66 15.81 48.21
C GLU F 36 11.77 14.30 48.19
N LEU F 37 12.25 13.70 47.09
CA LEU F 37 12.29 12.25 46.95
C LEU F 37 13.65 11.83 46.42
N ALA F 38 14.03 10.58 46.72
CA ALA F 38 15.32 10.05 46.30
C ALA F 38 15.23 8.54 46.10
N VAL F 39 15.87 8.06 45.02
CA VAL F 39 15.89 6.64 44.67
C VAL F 39 17.26 6.30 44.12
N SER F 40 17.60 5.01 44.17
CA SER F 40 18.85 4.52 43.60
C SER F 40 18.61 3.15 42.96
N ALA F 41 19.39 2.85 41.93
CA ALA F 41 19.33 1.57 41.23
C ALA F 41 20.73 1.23 40.76
N PRO F 42 21.20 0.02 40.98
CA PRO F 42 22.59 -0.32 40.68
C PRO F 42 22.80 -0.74 39.24
N GLY F 43 24.07 -0.71 38.82
CA GLY F 43 24.48 -1.40 37.62
C GLY F 43 24.64 -2.88 37.91
N ARG F 44 25.08 -3.62 36.89
CA ARG F 44 25.16 -5.06 37.04
C ARG F 44 26.36 -5.60 36.28
N VAL F 45 26.87 -6.73 36.76
CA VAL F 45 27.84 -7.54 36.04
C VAL F 45 27.28 -8.96 35.95
N ASN F 46 27.48 -9.60 34.80
CA ASN F 46 27.04 -10.97 34.58
C ASN F 46 28.21 -11.91 34.79
N LEU F 47 28.09 -12.80 35.79
CA LEU F 47 29.18 -13.74 36.05
C LEU F 47 29.25 -14.81 34.96
N ILE F 48 28.10 -15.30 34.50
CA ILE F 48 28.05 -16.34 33.48
C ILE F 48 26.62 -16.43 32.94
N GLY F 49 26.48 -16.87 31.70
CA GLY F 49 25.16 -17.01 31.10
C GLY F 49 24.86 -15.92 30.10
N GLU F 50 25.82 -15.63 29.22
CA GLU F 50 25.66 -14.54 28.27
C GLU F 50 24.86 -14.96 27.05
N HIS F 51 24.00 -14.04 26.59
CA HIS F 51 23.17 -14.21 25.41
C HIS F 51 22.23 -15.40 25.52
N THR F 52 21.94 -15.82 26.76
CA THR F 52 20.83 -16.72 27.06
C THR F 52 19.58 -15.96 27.45
N ASP F 53 19.74 -14.70 27.83
CA ASP F 53 18.67 -13.79 28.24
C ASP F 53 17.43 -13.91 27.36
N TYR F 54 17.53 -13.48 26.10
CA TYR F 54 16.40 -13.48 25.18
C TYR F 54 16.07 -14.86 24.62
N ASN F 55 16.81 -15.90 25.00
CA ASN F 55 16.51 -17.26 24.60
C ASN F 55 15.81 -18.07 25.70
N GLN F 56 15.21 -17.40 26.68
CA GLN F 56 14.54 -18.05 27.82
C GLN F 56 15.50 -18.96 28.58
N GLY F 57 16.75 -18.53 28.69
CA GLY F 57 17.78 -19.30 29.36
C GLY F 57 17.99 -18.87 30.80
N LEU F 58 19.15 -19.22 31.33
CA LEU F 58 19.54 -18.92 32.70
C LEU F 58 20.64 -17.87 32.69
N VAL F 59 20.61 -16.98 33.67
CA VAL F 59 21.65 -15.98 33.84
C VAL F 59 22.07 -15.96 35.31
N LEU F 60 23.29 -15.50 35.55
CA LEU F 60 23.85 -15.38 36.90
C LEU F 60 24.48 -14.01 37.07
N PRO F 61 23.68 -12.94 37.11
CA PRO F 61 24.22 -11.61 37.37
C PRO F 61 24.26 -11.30 38.86
N MET F 62 24.99 -10.24 39.19
CA MET F 62 24.97 -9.67 40.53
C MET F 62 24.90 -8.16 40.40
N ALA F 63 24.23 -7.53 41.35
CA ALA F 63 24.19 -6.07 41.35
C ALA F 63 25.53 -5.51 41.81
N LEU F 64 25.92 -4.38 41.23
CA LEU F 64 27.21 -3.77 41.49
C LEU F 64 27.07 -2.60 42.44
N GLU F 65 28.22 -2.19 43.00
CA GLU F 65 28.22 -1.01 43.84
C GLU F 65 28.08 0.28 43.06
N LEU F 66 28.35 0.28 41.75
CA LEU F 66 27.99 1.47 40.98
C LEU F 66 26.49 1.47 40.68
N MET F 67 25.89 2.63 40.84
CA MET F 67 24.46 2.79 40.85
C MET F 67 24.12 4.14 40.25
N THR F 68 22.86 4.33 39.92
CA THR F 68 22.34 5.62 39.49
C THR F 68 21.41 6.15 40.58
N VAL F 69 21.64 7.40 40.99
CA VAL F 69 20.87 8.03 42.05
C VAL F 69 20.00 9.12 41.42
N LEU F 70 18.72 9.11 41.77
CA LEU F 70 17.77 10.12 41.30
C LEU F 70 17.11 10.76 42.52
N VAL F 71 17.23 12.08 42.60
CA VAL F 71 16.51 12.85 43.61
C VAL F 71 15.65 13.87 42.90
N GLY F 72 14.45 14.11 43.42
CA GLY F 72 13.56 15.04 42.77
C GLY F 72 12.34 15.35 43.60
N SER F 73 11.42 16.09 42.99
CA SER F 73 10.19 16.52 43.63
C SER F 73 9.12 16.65 42.56
N PRO F 74 7.85 16.44 42.91
CA PRO F 74 6.78 16.63 41.93
C PRO F 74 6.54 18.11 41.66
N ARG F 75 5.99 18.39 40.48
CA ARG F 75 5.63 19.73 40.08
C ARG F 75 4.14 19.75 39.72
N LYS F 76 3.51 20.91 39.96
CA LYS F 76 2.12 21.11 39.57
C LYS F 76 1.94 21.68 38.17
N ASP F 77 3.02 22.13 37.53
CA ASP F 77 2.91 22.68 36.19
C ASP F 77 2.42 21.62 35.19
N GLY F 78 2.84 20.38 35.37
CA GLY F 78 2.60 19.34 34.39
C GLY F 78 3.74 19.11 33.43
N LEU F 79 4.93 19.60 33.73
CA LEU F 79 6.11 19.43 32.90
C LEU F 79 7.13 18.58 33.64
N VAL F 80 8.08 18.04 32.89
CA VAL F 80 9.18 17.25 33.44
C VAL F 80 10.48 17.98 33.13
N SER F 81 11.27 18.26 34.16
CA SER F 81 12.54 18.96 34.01
C SER F 81 13.63 18.12 34.67
N LEU F 82 14.66 17.77 33.90
CA LEU F 82 15.72 16.86 34.34
C LEU F 82 17.10 17.49 34.17
N LEU F 83 18.04 17.04 35.02
CA LEU F 83 19.46 17.39 34.96
C LEU F 83 20.28 16.16 35.33
N THR F 84 21.35 15.92 34.59
CA THR F 84 22.32 14.90 35.00
C THR F 84 23.72 15.52 35.06
N THR F 85 24.56 14.91 35.89
CA THR F 85 25.91 15.39 36.17
C THR F 85 26.99 14.59 35.44
N SER F 86 26.64 13.46 34.82
CA SER F 86 27.64 12.61 34.20
C SER F 86 28.28 13.32 33.01
N GLU F 87 29.61 13.31 32.97
CA GLU F 87 30.33 14.04 31.92
C GLU F 87 30.24 13.32 30.59
N GLY F 88 30.24 12.00 30.62
CA GLY F 88 30.10 11.23 29.40
C GLY F 88 28.72 11.28 28.80
N ALA F 89 27.77 11.90 29.49
CA ALA F 89 26.44 12.02 28.92
C ALA F 89 26.51 12.98 27.74
N ASP F 90 26.17 12.45 26.57
CA ASP F 90 25.29 13.12 25.61
C ASP F 90 24.73 14.49 25.96
N GLU F 91 24.78 15.48 25.00
CA GLU F 91 24.34 16.85 25.10
C GLU F 91 22.96 17.06 24.45
N PRO F 92 22.12 17.94 25.00
CA PRO F 92 22.33 18.78 26.19
C PRO F 92 22.13 18.01 27.49
N GLN F 93 22.86 18.37 28.55
CA GLN F 93 22.68 17.72 29.83
C GLN F 93 21.44 18.18 30.59
N ARG F 94 20.66 19.12 30.05
CA ARG F 94 19.42 19.56 30.68
C ARG F 94 18.34 19.68 29.61
N LEU F 95 17.11 19.39 30.01
CA LEU F 95 15.97 19.45 29.09
C LEU F 95 14.69 19.44 29.88
N GLN F 96 13.64 20.01 29.30
CA GLN F 96 12.31 20.07 29.89
C GLN F 96 11.28 19.77 28.81
N PHE F 97 10.27 19.00 29.16
CA PHE F 97 9.25 18.59 28.22
C PHE F 97 7.95 18.34 28.97
N PRO F 98 6.81 18.44 28.30
CA PRO F 98 5.53 18.15 28.96
C PRO F 98 5.22 16.67 28.99
N LEU F 99 4.43 16.28 29.98
CA LEU F 99 4.04 14.89 30.13
C LEU F 99 3.17 14.45 28.95
N PRO F 100 3.24 13.17 28.58
CA PRO F 100 2.40 12.67 27.49
C PRO F 100 0.94 12.57 27.92
N THR F 101 0.05 12.70 26.92
CA THR F 101 -1.39 12.61 27.14
C THR F 101 -1.95 11.50 26.25
N ALA F 102 -3.27 11.35 26.29
CA ALA F 102 -3.92 10.40 25.40
C ALA F 102 -3.79 10.82 23.94
N GLN F 103 -3.88 12.13 23.68
CA GLN F 103 -3.74 12.62 22.31
C GLN F 103 -2.29 12.59 21.85
N ARG F 104 -1.40 13.24 22.61
CA ARG F 104 0.00 13.33 22.26
C ARG F 104 0.84 12.50 23.22
N SER F 105 1.76 11.72 22.67
CA SER F 105 2.67 10.89 23.45
C SER F 105 4.10 11.33 23.21
N LEU F 106 4.99 10.93 24.11
CA LEU F 106 6.41 11.21 23.95
C LEU F 106 7.00 10.36 22.83
N GLU F 107 8.09 10.85 22.26
CA GLU F 107 8.78 10.22 21.14
C GLU F 107 10.28 10.34 21.35
N PRO F 108 11.04 9.33 20.95
CA PRO F 108 12.49 9.38 21.15
C PRO F 108 13.17 10.44 20.30
N GLY F 109 14.19 11.08 20.88
CA GLY F 109 15.01 12.07 20.21
C GLY F 109 16.31 12.38 20.95
N THR F 110 16.65 13.67 21.04
CA THR F 110 17.81 14.28 21.69
C THR F 110 17.42 15.18 22.86
N PRO F 111 18.14 15.10 23.99
CA PRO F 111 19.28 14.17 24.18
C PRO F 111 18.92 12.69 24.37
N ARG F 112 19.87 11.80 24.06
CA ARG F 112 19.60 10.36 24.06
C ARG F 112 19.55 9.79 25.48
N TRP F 113 20.25 10.40 26.44
CA TRP F 113 20.15 9.91 27.82
C TRP F 113 18.73 10.04 28.32
N ALA F 114 17.98 11.03 27.83
CA ALA F 114 16.60 11.24 28.24
C ALA F 114 15.64 10.24 27.61
N ASN F 115 16.06 9.52 26.56
CA ASN F 115 15.20 8.52 25.96
C ASN F 115 14.90 7.41 26.96
N TYR F 116 15.87 7.06 27.81
CA TYR F 116 15.63 6.06 28.84
C TYR F 116 14.61 6.53 29.86
N VAL F 117 14.72 7.80 30.29
CA VAL F 117 13.74 8.33 31.24
C VAL F 117 12.40 8.52 30.56
N LYS F 118 12.40 9.03 29.32
CA LYS F 118 11.15 9.25 28.60
C LYS F 118 10.44 7.94 28.31
N GLY F 119 11.21 6.88 28.02
CA GLY F 119 10.60 5.59 27.74
C GLY F 119 9.81 5.04 28.91
N VAL F 120 10.40 5.09 30.12
CA VAL F 120 9.69 4.62 31.30
C VAL F 120 8.46 5.48 31.57
N ILE F 121 8.57 6.79 31.35
CA ILE F 121 7.42 7.67 31.49
C ILE F 121 6.32 7.26 30.53
N GLN F 122 6.68 6.97 29.29
CA GLN F 122 5.68 6.61 28.28
C GLN F 122 4.93 5.33 28.67
N TYR F 123 5.65 4.34 29.19
CA TYR F 123 5.07 3.04 29.49
C TYR F 123 4.74 2.82 30.96
N TYR F 124 4.79 3.87 31.78
CA TYR F 124 4.42 3.69 33.17
C TYR F 124 2.94 3.32 33.26
N PRO F 125 2.59 2.25 33.98
CA PRO F 125 1.24 1.72 33.89
C PRO F 125 0.22 2.44 34.75
N ALA F 126 0.65 3.30 35.67
CA ALA F 126 -0.28 3.95 36.58
C ALA F 126 -0.53 5.41 36.17
N LEU F 129 2.17 9.96 37.23
CA LEU F 129 1.05 10.79 36.82
C LEU F 129 1.39 12.28 36.67
N PRO F 130 1.91 12.93 37.71
CA PRO F 130 2.17 14.37 37.61
C PRO F 130 3.53 14.65 36.96
N GLY F 131 3.72 15.92 36.62
CA GLY F 131 5.04 16.39 36.24
C GLY F 131 5.97 16.41 37.43
N PHE F 132 7.27 16.50 37.16
CA PHE F 132 8.21 16.46 38.27
C PHE F 132 9.53 17.09 37.86
N SER F 133 10.27 17.54 38.87
CA SER F 133 11.66 17.94 38.71
C SER F 133 12.55 16.85 39.28
N ALA F 134 13.65 16.57 38.60
CA ALA F 134 14.52 15.47 39.02
C ALA F 134 15.92 15.71 38.49
N VAL F 135 16.91 15.31 39.28
CA VAL F 135 18.31 15.26 38.84
C VAL F 135 18.81 13.83 39.03
N VAL F 136 19.49 13.31 38.01
CA VAL F 136 20.03 11.95 38.05
C VAL F 136 21.55 12.03 38.05
N VAL F 137 22.17 11.28 38.95
CA VAL F 137 23.63 11.11 38.97
C VAL F 137 23.92 9.62 38.88
N SER F 138 25.10 9.28 38.36
CA SER F 138 25.47 7.89 38.18
C SER F 138 26.99 7.73 38.30
N SER F 139 27.39 6.60 38.88
CA SER F 139 28.77 6.17 38.91
C SER F 139 29.07 5.05 37.92
N VAL F 140 28.05 4.51 37.26
CA VAL F 140 28.24 3.48 36.24
C VAL F 140 28.81 4.13 34.99
N PRO F 141 29.95 3.65 34.47
CA PRO F 141 30.48 4.22 33.23
C PRO F 141 29.48 4.00 32.11
N LEU F 142 29.09 5.10 31.45
CA LEU F 142 27.98 5.04 30.51
C LEU F 142 28.38 4.26 29.26
N GLY F 143 27.55 3.28 28.91
CA GLY F 143 27.83 2.42 27.77
C GLY F 143 29.05 1.53 27.94
N GLY F 144 29.54 1.36 29.15
CA GLY F 144 30.71 0.56 29.42
C GLY F 144 30.46 -0.93 29.60
N GLY F 145 29.24 -1.40 29.34
CA GLY F 145 28.91 -2.79 29.48
C GLY F 145 28.42 -3.19 30.86
N LEU F 146 28.29 -2.24 31.79
CA LEU F 146 27.76 -2.51 33.12
C LEU F 146 26.30 -2.06 33.25
N SER F 147 25.62 -1.86 32.13
CA SER F 147 24.18 -1.58 32.10
C SER F 147 23.84 -0.25 32.77
N SER F 148 24.48 0.82 32.30
CA SER F 148 24.07 2.15 32.73
C SER F 148 22.59 2.40 32.40
N SER F 149 22.12 1.93 31.24
CA SER F 149 20.70 2.12 30.90
C SER F 149 19.77 1.52 31.94
N ALA F 150 19.97 0.24 32.26
CA ALA F 150 19.03 -0.43 33.15
C ALA F 150 19.00 0.28 34.49
N SER F 151 20.16 0.71 34.98
CA SER F 151 20.20 1.48 36.22
C SER F 151 19.39 2.77 36.11
N LEU F 152 19.51 3.48 34.99
CA LEU F 152 18.73 4.72 34.82
C LEU F 152 17.25 4.42 34.65
N GLU F 153 16.91 3.37 33.89
CA GLU F 153 15.52 3.00 33.71
C GLU F 153 14.88 2.58 35.02
N VAL F 154 15.57 1.75 35.80
CA VAL F 154 15.00 1.24 37.04
C VAL F 154 14.89 2.36 38.08
N ALA F 155 15.90 3.22 38.15
CA ALA F 155 15.81 4.41 39.01
C ALA F 155 14.63 5.28 38.62
N THR F 156 14.44 5.48 37.32
CA THR F 156 13.29 6.25 36.84
C THR F 156 11.98 5.62 37.28
N TYR F 157 11.86 4.29 37.11
CA TYR F 157 10.63 3.62 37.51
C TYR F 157 10.41 3.73 39.01
N THR F 158 11.46 3.51 39.80
CA THR F 158 11.32 3.59 41.25
C THR F 158 10.98 5.01 41.70
N PHE F 159 11.50 6.02 41.01
CA PHE F 159 11.10 7.40 41.30
C PHE F 159 9.64 7.62 40.96
N LEU F 160 9.21 7.16 39.77
CA LEU F 160 7.83 7.34 39.36
C LEU F 160 6.86 6.64 40.30
N GLN F 161 7.31 5.55 40.93
CA GLN F 161 6.49 4.86 41.93
C GLN F 161 6.21 5.75 43.13
N GLN F 162 7.16 6.61 43.48
CA GLN F 162 6.92 7.58 44.55
C GLN F 162 5.87 8.59 44.11
N LEU F 163 5.87 8.98 42.84
CA LEU F 163 4.90 9.97 42.37
C LEU F 163 3.47 9.43 42.31
N CYS F 164 3.25 8.20 41.84
CA CYS F 164 1.99 7.55 42.15
C CYS F 164 2.29 6.08 42.05
N PRO F 165 1.98 5.34 43.10
CA PRO F 165 2.38 3.94 43.16
C PRO F 165 1.63 3.07 42.16
N ASP F 166 2.35 2.11 41.58
CA ASP F 166 1.77 1.12 40.68
C ASP F 166 1.29 -0.09 41.48
N SER F 167 0.50 -0.93 40.81
CA SER F 167 -0.08 -2.12 41.41
C SER F 167 0.47 -3.42 40.83
N GLY F 168 1.15 -3.38 39.69
CA GLY F 168 1.56 -4.57 39.00
C GLY F 168 2.71 -5.28 39.69
N THR F 169 3.20 -6.32 39.01
CA THR F 169 4.21 -7.19 39.56
C THR F 169 5.61 -6.60 39.37
N ILE F 170 6.58 -7.22 40.06
CA ILE F 170 7.98 -6.83 39.88
C ILE F 170 8.44 -7.16 38.46
N ALA F 171 8.01 -8.30 37.92
CA ALA F 171 8.36 -8.64 36.55
C ALA F 171 7.77 -7.63 35.57
N ALA F 172 6.54 -7.19 35.83
CA ALA F 172 5.92 -6.17 34.98
C ALA F 172 6.73 -4.87 34.97
N ARG F 173 7.35 -4.53 36.11
CA ARG F 173 8.19 -3.34 36.15
C ARG F 173 9.41 -3.50 35.25
N ALA F 174 10.03 -4.68 35.27
CA ALA F 174 11.22 -4.93 34.44
C ALA F 174 10.90 -4.88 32.96
N GLN F 175 9.69 -5.30 32.56
CA GLN F 175 9.36 -5.30 31.14
C GLN F 175 9.04 -3.90 30.63
N VAL F 176 8.57 -3.01 31.51
CA VAL F 176 8.36 -1.62 31.12
C VAL F 176 9.71 -0.97 30.79
N CYS F 177 10.69 -1.16 31.68
CA CYS F 177 12.03 -0.65 31.41
C CYS F 177 12.64 -1.33 30.18
N GLN F 178 12.33 -2.62 29.96
CA GLN F 178 12.84 -3.30 28.77
C GLN F 178 12.16 -2.81 27.51
N GLN F 179 10.85 -2.54 27.57
CA GLN F 179 10.16 -2.01 26.40
C GLN F 179 10.60 -0.58 26.11
N ALA F 180 10.99 0.16 27.13
CA ALA F 180 11.55 1.48 26.91
C ALA F 180 12.87 1.38 26.14
N GLU F 181 13.70 0.40 26.50
CA GLU F 181 14.95 0.20 25.78
C GLU F 181 14.69 -0.27 24.35
N HIS F 182 13.62 -1.02 24.14
CA HIS F 182 13.30 -1.48 22.79
C HIS F 182 12.82 -0.33 21.91
N SER F 183 11.84 0.44 22.39
CA SER F 183 11.22 1.46 21.55
C SER F 183 11.99 2.76 21.56
N PHE F 184 12.44 3.21 22.73
CA PHE F 184 13.06 4.52 22.85
C PHE F 184 14.58 4.49 22.73
N ALA F 185 15.21 3.32 22.80
CA ALA F 185 16.65 3.21 22.66
C ALA F 185 17.09 2.36 21.49
N GLY F 186 16.16 1.74 20.76
CA GLY F 186 16.52 0.92 19.62
C GLY F 186 17.42 -0.24 19.96
N MET F 187 17.27 -0.82 21.15
CA MET F 187 18.11 -1.91 21.61
C MET F 187 17.22 -3.07 22.04
N PRO F 188 17.18 -4.17 21.27
CA PRO F 188 16.30 -5.31 21.61
C PRO F 188 16.92 -6.22 22.67
N CYS F 189 17.06 -5.67 23.87
CA CYS F 189 17.70 -6.37 24.97
C CYS F 189 16.75 -7.40 25.58
N GLY F 190 17.33 -8.28 26.40
CA GLY F 190 16.56 -9.18 27.22
C GLY F 190 16.13 -8.54 28.53
N ILE F 191 15.69 -9.41 29.45
CA ILE F 191 15.12 -8.96 30.72
C ILE F 191 16.15 -8.90 31.84
N MET F 192 17.35 -9.42 31.62
CA MET F 192 18.30 -9.62 32.72
C MET F 192 18.69 -8.31 33.40
N ASP F 193 19.17 -7.34 32.62
CA ASP F 193 19.71 -6.11 33.21
C ASP F 193 18.67 -5.39 34.05
N GLN F 194 17.46 -5.25 33.51
CA GLN F 194 16.38 -4.61 34.26
C GLN F 194 16.01 -5.41 35.50
N PHE F 195 16.06 -6.74 35.40
CA PHE F 195 15.63 -7.58 36.51
C PHE F 195 16.63 -7.54 37.67
N ILE F 196 17.92 -7.70 37.37
CA ILE F 196 18.92 -7.73 38.43
C ILE F 196 19.02 -6.37 39.10
N SER F 197 18.83 -5.29 38.35
CA SER F 197 18.81 -3.95 38.94
C SER F 197 17.65 -3.81 39.93
N LEU F 198 16.51 -4.43 39.61
CA LEU F 198 15.35 -4.37 40.49
C LEU F 198 15.47 -5.33 41.67
N MET F 199 16.06 -6.51 41.44
CA MET F 199 15.91 -7.63 42.37
C MET F 199 17.20 -8.03 43.07
N GLY F 200 18.30 -7.33 42.83
CA GLY F 200 19.57 -7.70 43.47
C GLY F 200 19.50 -7.65 44.99
N GLN F 201 20.33 -8.48 45.63
CA GLN F 201 20.49 -8.54 47.07
C GLN F 201 21.97 -8.59 47.43
N LYS F 202 22.32 -8.10 48.62
CA LYS F 202 23.74 -7.97 48.96
C LYS F 202 24.38 -9.33 49.12
N GLY F 203 25.69 -9.38 48.89
CA GLY F 203 26.45 -10.62 48.98
C GLY F 203 25.88 -11.79 48.20
N HIS F 204 25.07 -11.54 47.17
CA HIS F 204 24.43 -12.62 46.44
C HIS F 204 24.37 -12.30 44.96
N ALA F 205 24.72 -13.28 44.14
CA ALA F 205 24.31 -13.29 42.74
C ALA F 205 22.95 -13.97 42.65
N LEU F 206 22.24 -13.69 41.55
CA LEU F 206 20.90 -14.21 41.33
C LEU F 206 20.90 -15.12 40.11
N LEU F 207 20.57 -16.39 40.32
CA LEU F 207 20.33 -17.29 39.19
C LEU F 207 18.89 -17.05 38.73
N ILE F 208 18.74 -16.39 37.58
CA ILE F 208 17.44 -15.97 37.08
C ILE F 208 17.07 -16.87 35.91
N ASP F 209 15.94 -17.55 36.04
CA ASP F 209 15.36 -18.31 34.93
C ASP F 209 14.49 -17.36 34.12
N CYS F 210 14.98 -16.96 32.95
CA CYS F 210 14.30 -15.93 32.16
C CYS F 210 13.04 -16.44 31.48
N ARG F 211 12.77 -17.75 31.54
CA ARG F 211 11.52 -18.28 31.03
C ARG F 211 10.40 -18.21 32.07
N SER F 212 10.71 -18.56 33.32
CA SER F 212 9.74 -18.56 34.42
C SER F 212 9.86 -17.33 35.31
N LEU F 213 10.92 -16.55 35.18
CA LEU F 213 11.23 -15.41 36.05
C LEU F 213 11.41 -15.81 37.51
N GLU F 214 11.62 -17.09 37.79
CA GLU F 214 12.05 -17.55 39.10
C GLU F 214 13.52 -17.26 39.32
N THR F 215 13.88 -16.87 40.56
CA THR F 215 15.24 -16.49 40.91
C THR F 215 15.72 -17.26 42.13
N SER F 216 17.04 -17.46 42.20
CA SER F 216 17.71 -18.11 43.33
C SER F 216 18.86 -17.25 43.83
N LEU F 217 19.02 -17.18 45.15
CA LEU F 217 20.06 -16.38 45.80
C LEU F 217 21.31 -17.24 45.99
N VAL F 218 22.37 -16.90 45.27
CA VAL F 218 23.66 -17.60 45.37
C VAL F 218 24.65 -16.70 46.08
N PRO F 219 25.15 -17.07 47.26
CA PRO F 219 26.01 -16.15 48.03
C PRO F 219 27.37 -15.94 47.38
N LEU F 220 27.87 -14.70 47.47
CA LEU F 220 29.21 -14.32 47.03
C LEU F 220 29.84 -13.39 48.08
N SER F 221 30.21 -13.95 49.24
CA SER F 221 30.79 -13.17 50.32
C SER F 221 32.00 -13.88 50.95
N ASP F 222 33.01 -14.17 50.13
CA ASP F 222 34.24 -14.77 50.61
C ASP F 222 35.34 -13.73 50.63
N PRO F 223 35.89 -13.37 51.80
CA PRO F 223 36.94 -12.35 51.82
C PRO F 223 38.19 -12.74 51.06
N LYS F 224 38.40 -14.03 50.78
CA LYS F 224 39.51 -14.49 49.97
C LYS F 224 39.17 -14.54 48.48
N LEU F 225 37.97 -14.10 48.10
CA LEU F 225 37.52 -14.13 46.72
C LEU F 225 37.20 -12.71 46.26
N ALA F 226 37.63 -12.39 45.04
CA ALA F 226 37.42 -11.05 44.49
C ALA F 226 36.82 -11.15 43.09
N VAL F 227 35.96 -10.19 42.76
CA VAL F 227 35.42 -10.04 41.41
C VAL F 227 36.05 -8.79 40.84
N LEU F 228 36.85 -8.95 39.79
CA LEU F 228 37.54 -7.84 39.16
C LEU F 228 36.90 -7.56 37.81
N ILE F 229 36.42 -6.33 37.63
CA ILE F 229 35.82 -5.90 36.37
C ILE F 229 36.82 -5.01 35.65
N THR F 230 37.11 -5.34 34.40
CA THR F 230 38.10 -4.62 33.61
C THR F 230 37.39 -3.99 32.42
N ASN F 231 37.27 -2.67 32.43
CA ASN F 231 36.71 -1.94 31.30
C ASN F 231 37.77 -1.79 30.22
N SER F 232 37.47 -2.27 29.01
CA SER F 232 38.38 -2.12 27.88
C SER F 232 38.41 -0.70 27.34
N ASN F 233 37.39 0.10 27.66
CA ASN F 233 37.22 1.46 27.14
C ASN F 233 37.10 1.44 25.62
N VAL F 234 36.27 0.53 25.12
CA VAL F 234 35.97 0.39 23.71
C VAL F 234 34.46 0.35 23.54
N ARG F 235 33.94 1.10 22.58
CA ARG F 235 32.52 1.12 22.28
C ARG F 235 32.22 0.49 20.92
N SER F 240 22.04 -1.47 19.80
CA SER F 240 23.42 -1.19 19.42
C SER F 240 23.69 -1.61 17.98
N SER F 241 24.48 -2.67 17.81
CA SER F 241 24.82 -3.16 16.48
C SER F 241 25.37 -4.57 16.58
N GLU F 242 24.96 -5.43 15.63
CA GLU F 242 25.34 -6.84 15.55
C GLU F 242 24.73 -7.67 16.68
N TYR F 243 24.20 -7.00 17.71
CA TYR F 243 23.42 -7.70 18.72
C TYR F 243 22.05 -8.12 18.20
N PRO F 244 21.29 -7.26 17.49
CA PRO F 244 20.03 -7.74 16.88
C PRO F 244 20.17 -8.97 16.01
N VAL F 245 21.11 -8.97 15.05
CA VAL F 245 21.26 -10.10 14.14
C VAL F 245 21.48 -11.40 14.90
N ARG F 246 22.28 -11.35 15.98
CA ARG F 246 22.49 -12.55 16.78
C ARG F 246 21.17 -13.04 17.36
N ARG F 247 20.30 -12.11 17.75
CA ARG F 247 18.99 -12.51 18.28
C ARG F 247 18.14 -13.14 17.19
N ARG F 248 18.17 -12.59 15.98
CA ARG F 248 17.36 -13.13 14.90
C ARG F 248 17.90 -14.47 14.42
N GLN F 249 19.20 -14.71 14.58
CA GLN F 249 19.74 -16.02 14.25
C GLN F 249 19.21 -17.08 15.22
N CYS F 250 19.06 -16.72 16.50
CA CYS F 250 18.60 -17.70 17.49
C CYS F 250 17.14 -18.09 17.29
N GLU F 251 16.28 -17.12 17.01
CA GLU F 251 14.87 -17.42 16.75
C GLU F 251 14.65 -18.12 15.41
N GLU F 252 15.53 -17.92 14.40
CA GLU F 252 15.39 -18.75 13.20
C GLU F 252 15.70 -20.22 13.54
N VAL F 253 16.74 -20.46 14.34
CA VAL F 253 17.10 -21.81 14.73
C VAL F 253 15.98 -22.45 15.53
N ALA F 254 15.43 -21.71 16.50
CA ALA F 254 14.32 -22.23 17.30
C ALA F 254 13.10 -22.50 16.44
N ARG F 255 12.78 -21.58 15.51
CA ARG F 255 11.65 -21.78 14.61
C ARG F 255 11.87 -22.95 13.67
N ALA F 256 13.12 -23.14 13.20
CA ALA F 256 13.42 -24.22 12.29
C ALA F 256 13.23 -25.58 12.95
N LEU F 257 13.46 -25.66 14.26
CA LEU F 257 13.30 -26.90 15.00
C LEU F 257 11.93 -27.04 15.63
N GLY F 258 10.99 -26.14 15.30
CA GLY F 258 9.68 -26.22 15.87
C GLY F 258 9.63 -25.98 17.36
N ALA F 259 10.62 -25.29 17.91
CA ALA F 259 10.69 -25.02 19.34
C ALA F 259 10.32 -23.56 19.61
N ALA F 260 9.79 -23.32 20.81
CA ALA F 260 9.42 -21.96 21.18
C ALA F 260 10.65 -21.10 21.42
N SER F 261 11.75 -21.72 21.86
CA SER F 261 13.00 -21.02 22.11
C SER F 261 14.10 -22.06 22.23
N LEU F 262 15.35 -21.60 22.13
CA LEU F 262 16.49 -22.50 22.25
C LEU F 262 16.58 -23.18 23.61
N ARG F 263 15.79 -22.73 24.60
CA ARG F 263 15.78 -23.41 25.89
C ARG F 263 15.24 -24.83 25.75
N GLU F 264 14.34 -25.05 24.79
CA GLU F 264 13.74 -26.36 24.53
C GLU F 264 14.63 -27.27 23.68
N VAL F 265 15.75 -26.77 23.18
CA VAL F 265 16.62 -27.52 22.28
C VAL F 265 17.82 -28.04 23.06
N GLN F 266 18.12 -29.33 22.91
CA GLN F 266 19.31 -29.92 23.48
C GLN F 266 20.37 -30.07 22.39
N LEU F 267 21.63 -30.16 22.82
CA LEU F 267 22.74 -30.15 21.88
C LEU F 267 22.69 -31.32 20.90
N GLU F 268 22.27 -32.50 21.36
CA GLU F 268 22.24 -33.66 20.48
C GLU F 268 21.13 -33.56 19.44
N GLU F 269 19.95 -33.04 19.82
CA GLU F 269 18.93 -32.91 18.80
C GLU F 269 19.27 -31.76 17.85
N LEU F 270 19.94 -30.72 18.35
CA LEU F 270 20.40 -29.65 17.46
C LEU F 270 21.49 -30.15 16.51
N GLU F 271 22.34 -31.07 16.98
CA GLU F 271 23.39 -31.64 16.14
C GLU F 271 22.82 -32.50 15.03
N ALA F 272 21.66 -33.14 15.27
CA ALA F 272 20.98 -33.92 14.25
C ALA F 272 20.34 -33.06 13.17
N ALA F 273 20.22 -31.76 13.40
CA ALA F 273 19.52 -30.85 12.50
C ALA F 273 20.47 -29.93 11.71
N ARG F 274 21.71 -30.38 11.47
CA ARG F 274 22.66 -29.56 10.72
C ARG F 274 22.10 -29.16 9.36
N ASP F 275 21.29 -30.02 8.74
CA ASP F 275 20.74 -29.73 7.43
C ASP F 275 19.48 -28.86 7.50
N LEU F 276 18.97 -28.58 8.69
CA LEU F 276 17.81 -27.71 8.84
C LEU F 276 18.16 -26.25 9.06
N VAL F 277 19.41 -25.95 9.40
CA VAL F 277 19.82 -24.60 9.78
C VAL F 277 21.12 -24.24 9.08
N SER F 278 21.40 -22.94 9.04
CA SER F 278 22.66 -22.45 8.51
C SER F 278 23.82 -22.89 9.40
N LYS F 279 25.02 -22.89 8.82
CA LYS F 279 26.21 -23.25 9.60
C LYS F 279 26.48 -22.22 10.69
N GLU F 280 26.30 -20.94 10.38
CA GLU F 280 26.44 -19.90 11.40
C GLU F 280 25.35 -20.02 12.47
N GLY F 281 24.10 -20.20 12.04
CA GLY F 281 23.02 -20.35 13.00
C GLY F 281 23.23 -21.53 13.93
N PHE F 282 23.80 -22.62 13.42
CA PHE F 282 24.05 -23.78 14.26
C PHE F 282 25.08 -23.47 15.34
N ARG F 283 26.08 -22.64 15.01
CA ARG F 283 27.12 -22.32 15.99
C ARG F 283 26.62 -21.36 17.06
N ARG F 284 25.63 -20.52 16.72
CA ARG F 284 25.03 -19.67 17.74
C ARG F 284 24.21 -20.50 18.73
N ALA F 285 23.40 -21.43 18.20
CA ALA F 285 22.59 -22.27 19.07
C ALA F 285 23.46 -23.21 19.90
N ARG F 286 24.63 -23.61 19.39
CA ARG F 286 25.50 -24.47 20.18
C ARG F 286 26.03 -23.72 21.40
N HIS F 287 26.34 -22.43 21.24
CA HIS F 287 26.72 -21.63 22.40
C HIS F 287 25.56 -21.51 23.37
N VAL F 288 24.39 -21.11 22.87
CA VAL F 288 23.25 -20.84 23.73
C VAL F 288 22.89 -22.09 24.52
N VAL F 289 22.81 -23.24 23.84
CA VAL F 289 22.45 -24.48 24.51
C VAL F 289 23.52 -24.86 25.54
N GLY F 290 24.79 -24.67 25.19
CA GLY F 290 25.85 -24.97 26.13
C GLY F 290 25.95 -23.98 27.26
N GLU F 291 25.63 -22.71 27.00
CA GLU F 291 25.72 -21.69 28.04
C GLU F 291 24.61 -21.85 29.07
N ILE F 292 23.40 -22.20 28.63
CA ILE F 292 22.31 -22.49 29.56
C ILE F 292 22.73 -23.58 30.54
N ARG F 293 23.37 -24.63 30.02
CA ARG F 293 23.82 -25.72 30.88
C ARG F 293 24.98 -25.28 31.76
N ARG F 294 25.86 -24.43 31.23
CA ARG F 294 26.99 -23.94 32.02
C ARG F 294 26.54 -23.06 33.17
N THR F 295 25.46 -22.30 32.99
CA THR F 295 24.99 -21.43 34.05
C THR F 295 24.42 -22.24 35.22
N ALA F 296 23.68 -23.31 34.92
CA ALA F 296 23.19 -24.19 35.99
C ALA F 296 24.34 -24.83 36.75
N GLN F 297 25.40 -25.25 36.02
CA GLN F 297 26.54 -25.86 36.69
C GLN F 297 27.38 -24.83 37.44
N ALA F 298 27.44 -23.59 36.95
CA ALA F 298 28.20 -22.56 37.63
C ALA F 298 27.58 -22.18 38.96
N ALA F 299 26.25 -22.11 39.02
CA ALA F 299 25.57 -21.82 40.28
C ALA F 299 25.86 -22.88 41.33
N ALA F 300 25.81 -24.16 40.94
CA ALA F 300 26.10 -25.23 41.89
C ALA F 300 27.55 -25.17 42.37
N ALA F 301 28.48 -24.93 41.44
CA ALA F 301 29.89 -24.81 41.83
C ALA F 301 30.11 -23.62 42.76
N LEU F 302 29.43 -22.50 42.49
CA LEU F 302 29.60 -21.31 43.32
C LEU F 302 28.96 -21.47 44.69
N ARG F 303 27.84 -22.20 44.77
CA ARG F 303 27.20 -22.42 46.05
C ARG F 303 28.07 -23.25 46.98
N ARG F 304 28.78 -24.24 46.44
CA ARG F 304 29.65 -25.10 47.22
C ARG F 304 31.07 -24.54 47.34
N GLY F 305 31.31 -23.33 46.84
CA GLY F 305 32.61 -22.70 46.98
C GLY F 305 33.69 -23.21 46.06
N ASP F 306 33.33 -23.88 44.97
CA ASP F 306 34.30 -24.45 44.04
C ASP F 306 34.65 -23.39 43.00
N TYR F 307 35.55 -22.48 43.40
CA TYR F 307 35.92 -21.37 42.54
C TYR F 307 36.72 -21.83 41.32
N ARG F 308 37.48 -22.91 41.44
CA ARG F 308 38.23 -23.41 40.30
C ARG F 308 37.28 -23.96 39.22
N ALA F 309 36.22 -24.66 39.64
CA ALA F 309 35.24 -25.16 38.67
C ALA F 309 34.47 -24.01 38.05
N PHE F 310 34.07 -23.02 38.86
CA PHE F 310 33.41 -21.84 38.32
C PHE F 310 34.28 -21.12 37.31
N GLY F 311 35.56 -20.93 37.64
CA GLY F 311 36.46 -20.23 36.73
C GLY F 311 36.68 -20.97 35.42
N ARG F 312 36.79 -22.30 35.48
CA ARG F 312 36.95 -23.07 34.25
C ARG F 312 35.72 -22.95 33.36
N LEU F 313 34.53 -22.91 33.97
CA LEU F 313 33.31 -22.69 33.19
C LEU F 313 33.28 -21.29 32.60
N MET F 314 33.86 -20.31 33.28
CA MET F 314 33.94 -18.96 32.73
C MET F 314 34.79 -18.92 31.47
N VAL F 315 35.93 -19.62 31.49
CA VAL F 315 36.81 -19.63 30.33
C VAL F 315 36.15 -20.36 29.16
N GLU F 316 35.41 -21.44 29.45
CA GLU F 316 34.66 -22.11 28.41
C GLU F 316 33.58 -21.20 27.84
N SER F 317 32.96 -20.39 28.71
CA SER F 317 31.94 -19.45 28.24
C SER F 317 32.56 -18.41 27.30
N HIS F 318 33.76 -17.91 27.63
CA HIS F 318 34.40 -16.90 26.79
C HIS F 318 34.79 -17.48 25.43
N ARG F 319 35.47 -18.64 25.42
CA ARG F 319 35.82 -19.28 24.16
C ARG F 319 34.58 -19.55 23.33
N SER F 320 33.49 -19.97 23.98
CA SER F 320 32.23 -20.16 23.27
C SER F 320 31.72 -18.85 22.71
N LEU F 321 31.80 -17.76 23.49
CA LEU F 321 31.38 -16.46 23.00
C LEU F 321 32.30 -15.95 21.90
N ARG F 322 33.59 -16.30 21.96
CA ARG F 322 34.55 -15.81 20.97
C ARG F 322 34.48 -16.60 19.67
N ASP F 323 34.30 -17.92 19.75
CA ASP F 323 34.35 -18.79 18.58
C ASP F 323 32.98 -19.14 18.04
N ASP F 324 32.05 -19.56 18.90
CA ASP F 324 30.74 -19.99 18.43
C ASP F 324 29.80 -18.80 18.25
N TYR F 325 29.71 -17.92 19.25
CA TYR F 325 28.79 -16.80 19.16
C TYR F 325 29.39 -15.58 18.47
N GLU F 326 30.71 -15.46 18.45
CA GLU F 326 31.43 -14.38 17.77
C GLU F 326 30.86 -13.00 18.16
N VAL F 327 30.97 -12.69 19.45
CA VAL F 327 30.53 -11.39 19.96
C VAL F 327 31.66 -10.74 20.73
N SER F 328 32.85 -11.34 20.66
CA SER F 328 34.02 -10.76 21.28
C SER F 328 34.81 -9.92 20.28
N CYS F 329 35.83 -9.24 20.79
CA CYS F 329 36.71 -8.41 19.97
C CYS F 329 38.16 -8.67 20.40
N PRO F 330 39.15 -8.25 19.61
CA PRO F 330 40.55 -8.52 20.01
C PRO F 330 40.93 -7.89 21.33
N GLU F 331 40.38 -6.73 21.69
CA GLU F 331 40.73 -6.08 22.95
C GLU F 331 40.24 -6.89 24.14
N LEU F 332 38.99 -7.37 24.09
CA LEU F 332 38.48 -8.20 25.17
C LEU F 332 39.24 -9.51 25.27
N ASP F 333 39.55 -10.13 24.12
CA ASP F 333 40.25 -11.40 24.12
C ASP F 333 41.66 -11.27 24.69
N GLN F 334 42.36 -10.18 24.37
CA GLN F 334 43.73 -10.13 24.89
C GLN F 334 43.70 -9.75 26.37
N LEU F 335 42.69 -8.98 26.80
CA LEU F 335 42.51 -8.69 28.21
C LEU F 335 42.19 -9.97 28.97
N VAL F 336 41.41 -10.85 28.35
CA VAL F 336 41.07 -12.12 28.99
C VAL F 336 42.29 -13.02 29.07
N GLU F 337 43.07 -13.10 27.98
CA GLU F 337 44.28 -13.90 27.99
C GLU F 337 45.31 -13.38 28.98
N ALA F 338 45.39 -12.04 29.14
CA ALA F 338 46.31 -11.48 30.12
C ALA F 338 45.89 -11.84 31.54
N ALA F 339 44.59 -11.78 31.83
CA ALA F 339 44.12 -12.13 33.17
C ALA F 339 44.37 -13.61 33.47
N LEU F 340 44.20 -14.47 32.45
CA LEU F 340 44.39 -15.90 32.67
C LEU F 340 45.85 -16.26 32.95
N ALA F 341 46.78 -15.40 32.53
CA ALA F 341 48.20 -15.63 32.79
C ALA F 341 48.60 -15.26 34.21
N VAL F 342 47.75 -14.53 34.93
CA VAL F 342 48.08 -14.08 36.28
C VAL F 342 47.83 -15.22 37.25
N PRO F 343 48.80 -15.61 38.08
CA PRO F 343 48.55 -16.65 39.08
C PRO F 343 47.54 -16.17 40.10
N GLY F 344 46.67 -17.08 40.52
CA GLY F 344 45.59 -16.73 41.43
C GLY F 344 44.28 -16.39 40.77
N VAL F 345 44.23 -16.35 39.44
CA VAL F 345 42.99 -16.13 38.71
C VAL F 345 42.31 -17.47 38.47
N TYR F 346 41.05 -17.57 38.89
CA TYR F 346 40.30 -18.80 38.67
C TYR F 346 39.73 -18.84 37.26
N GLY F 347 39.27 -17.70 36.76
CA GLY F 347 38.76 -17.61 35.42
C GLY F 347 38.56 -16.15 35.03
N SER F 348 38.43 -15.93 33.73
CA SER F 348 38.25 -14.61 33.18
C SER F 348 37.38 -14.77 31.95
N ARG F 349 36.64 -13.72 31.62
CA ARG F 349 35.58 -13.88 30.63
C ARG F 349 35.06 -12.51 30.25
N MET F 350 34.63 -12.38 29.00
CA MET F 350 33.89 -11.20 28.60
C MET F 350 32.49 -11.23 29.18
N THR F 351 31.94 -10.06 29.47
CA THR F 351 30.59 -9.94 29.99
C THR F 351 29.82 -8.90 29.17
N GLY F 352 28.51 -8.94 29.31
CA GLY F 352 27.66 -8.03 28.56
C GLY F 352 27.46 -8.50 27.13
N GLY F 353 26.98 -7.57 26.30
CA GLY F 353 26.69 -7.90 24.92
C GLY F 353 27.92 -8.22 24.09
N GLY F 354 29.07 -7.67 24.46
CA GLY F 354 30.29 -7.91 23.73
C GLY F 354 30.68 -6.74 22.85
N PHE F 355 31.60 -7.04 21.92
CA PHE F 355 32.16 -6.04 21.01
C PHE F 355 32.76 -4.87 21.79
N GLY F 356 33.51 -5.20 22.84
CA GLY F 356 34.01 -4.23 23.76
C GLY F 356 33.36 -4.37 25.12
N GLY F 357 33.46 -3.30 25.90
CA GLY F 357 32.90 -3.31 27.25
C GLY F 357 33.89 -3.85 28.26
N CYS F 358 33.42 -4.75 29.13
CA CYS F 358 34.21 -5.18 30.27
C CYS F 358 34.52 -6.67 30.19
N THR F 359 35.51 -7.08 30.98
CA THR F 359 35.78 -8.49 31.23
C THR F 359 35.58 -8.75 32.72
N VAL F 360 34.98 -9.90 33.02
CA VAL F 360 34.80 -10.32 34.39
C VAL F 360 35.93 -11.28 34.74
N THR F 361 36.47 -11.15 35.95
CA THR F 361 37.52 -12.04 36.41
C THR F 361 37.29 -12.39 37.86
N LEU F 362 37.33 -13.68 38.17
CA LEU F 362 37.25 -14.19 39.52
C LEU F 362 38.63 -14.69 39.93
N LEU F 363 39.11 -14.22 41.07
CA LEU F 363 40.50 -14.46 41.46
C LEU F 363 40.61 -14.35 42.97
N GLU F 364 41.74 -14.80 43.50
CA GLU F 364 42.03 -14.64 44.91
C GLU F 364 42.23 -13.15 45.23
N ALA F 365 41.70 -12.73 46.37
CA ALA F 365 41.74 -11.31 46.75
C ALA F 365 43.16 -10.78 46.78
N SER F 366 44.11 -11.59 47.24
CA SER F 366 45.49 -11.12 47.36
C SER F 366 46.15 -10.93 46.00
N ALA F 367 45.68 -11.62 44.97
CA ALA F 367 46.27 -11.53 43.64
C ALA F 367 45.69 -10.39 42.82
N ALA F 368 44.72 -9.65 43.35
CA ALA F 368 44.09 -8.58 42.58
C ALA F 368 45.08 -7.47 42.20
N PRO F 369 45.94 -6.96 43.10
CA PRO F 369 46.88 -5.92 42.66
C PRO F 369 47.79 -6.37 41.52
N HIS F 370 48.32 -7.59 41.58
CA HIS F 370 49.16 -8.06 40.49
C HIS F 370 48.35 -8.30 39.22
N ALA F 371 47.10 -8.76 39.36
CA ALA F 371 46.25 -8.97 38.20
C ALA F 371 45.99 -7.65 37.48
N MET F 372 45.66 -6.60 38.24
CA MET F 372 45.39 -5.31 37.61
C MET F 372 46.64 -4.75 36.94
N ARG F 373 47.78 -4.87 37.62
CA ARG F 373 49.04 -4.38 37.04
C ARG F 373 49.45 -5.22 35.84
N HIS F 374 49.28 -6.53 35.92
CA HIS F 374 49.69 -7.40 34.82
C HIS F 374 48.79 -7.21 33.60
N ILE F 375 47.48 -7.07 33.83
CA ILE F 375 46.57 -6.84 32.71
C ILE F 375 46.89 -5.51 32.05
N GLN F 376 47.14 -4.47 32.86
CA GLN F 376 47.43 -3.15 32.31
C GLN F 376 48.74 -3.14 31.54
N GLU F 377 49.76 -3.86 32.02
CA GLU F 377 51.04 -3.89 31.34
C GLU F 377 50.96 -4.62 29.99
N HIS F 378 50.06 -5.61 29.89
CA HIS F 378 49.96 -6.44 28.70
C HIS F 378 48.82 -6.04 27.78
N TYR F 379 48.20 -4.88 28.03
CA TYR F 379 47.09 -4.39 27.23
C TYR F 379 47.56 -3.19 26.41
N GLY F 380 47.25 -3.19 25.12
CA GLY F 380 47.68 -2.10 24.26
C GLY F 380 46.93 -0.81 24.49
N GLY F 381 45.78 -0.87 25.17
CA GLY F 381 45.02 0.31 25.51
C GLY F 381 45.12 0.64 26.98
N THR F 382 44.29 1.58 27.41
CA THR F 382 44.20 1.99 28.81
C THR F 382 43.01 1.27 29.44
N ALA F 383 43.28 0.36 30.36
CA ALA F 383 42.24 -0.37 31.06
C ALA F 383 41.89 0.28 32.40
N THR F 384 40.59 0.35 32.69
CA THR F 384 40.11 0.81 33.98
C THR F 384 39.55 -0.38 34.75
N PHE F 385 39.75 -0.38 36.07
CA PHE F 385 39.44 -1.52 36.91
C PHE F 385 38.41 -1.17 37.98
N TYR F 386 37.58 -2.16 38.31
CA TYR F 386 36.69 -2.11 39.46
C TYR F 386 36.79 -3.41 40.23
N LEU F 387 37.08 -3.32 41.53
CA LEU F 387 36.94 -4.44 42.43
C LEU F 387 35.58 -4.33 43.10
N SER F 388 34.69 -5.28 42.82
CA SER F 388 33.29 -5.11 43.15
C SER F 388 32.77 -6.25 44.03
N GLN F 389 31.79 -5.90 44.86
CA GLN F 389 31.01 -6.84 45.65
C GLN F 389 29.56 -6.85 45.16
N ALA F 390 28.85 -7.92 45.51
CA ALA F 390 27.43 -8.00 45.21
C ALA F 390 26.64 -7.00 46.05
N ALA F 391 25.81 -6.19 45.39
CA ALA F 391 25.06 -5.11 46.03
C ALA F 391 23.56 -5.39 45.99
N ASP F 392 22.80 -4.53 46.69
CA ASP F 392 21.36 -4.66 46.64
C ASP F 392 20.77 -3.96 45.42
N GLY F 393 19.50 -4.28 45.16
CA GLY F 393 18.77 -3.75 44.04
C GLY F 393 18.23 -2.35 44.28
N ALA F 394 17.19 -2.01 43.51
CA ALA F 394 16.59 -0.70 43.55
C ALA F 394 16.12 -0.37 44.97
N LYS F 395 16.34 0.88 45.37
CA LYS F 395 16.07 1.28 46.75
C LYS F 395 15.56 2.71 46.78
N VAL F 396 14.64 2.97 47.70
CA VAL F 396 14.19 4.32 48.01
C VAL F 396 15.15 4.89 49.05
N LEU F 397 15.55 6.14 48.85
CA LEU F 397 16.45 6.83 49.78
C LEU F 397 15.68 7.91 50.53
N CYS F 398 15.81 7.91 51.85
CA CYS F 398 15.11 8.88 52.69
C CYS F 398 15.99 10.09 52.91
N LEU F 399 15.43 11.27 52.66
CA LEU F 399 16.18 12.51 52.74
C LEU F 399 15.99 13.21 54.08
N GLN G 13 -44.55 33.13 25.16
CA GLN G 13 -43.42 32.51 25.85
C GLN G 13 -43.70 31.03 26.11
N PRO G 14 -42.74 30.18 25.73
CA PRO G 14 -42.93 28.73 25.88
C PRO G 14 -42.26 28.16 27.12
N GLN G 15 -42.76 27.05 27.62
CA GLN G 15 -42.19 26.43 28.81
C GLN G 15 -41.22 25.33 28.38
N VAL G 16 -40.37 24.92 29.32
CA VAL G 16 -39.30 23.98 28.99
C VAL G 16 -39.88 22.67 28.47
N ALA G 17 -41.05 22.28 28.97
CA ALA G 17 -41.69 21.06 28.50
C ALA G 17 -42.01 21.16 27.02
N GLU G 18 -42.45 22.33 26.55
CA GLU G 18 -42.70 22.50 25.13
C GLU G 18 -41.41 22.42 24.32
N LEU G 19 -40.35 23.08 24.78
CA LEU G 19 -39.08 23.02 24.07
C LEU G 19 -38.46 21.62 24.13
N LEU G 20 -38.55 20.97 25.30
CA LEU G 20 -38.01 19.62 25.43
C LEU G 20 -38.73 18.64 24.50
N ALA G 21 -40.06 18.76 24.42
CA ALA G 21 -40.82 17.88 23.55
C ALA G 21 -40.45 18.10 22.08
N GLU G 22 -40.31 19.37 21.67
CA GLU G 22 -39.91 19.66 20.30
C GLU G 22 -38.51 19.14 19.99
N ALA G 23 -37.57 19.37 20.91
CA ALA G 23 -36.20 18.91 20.69
C ALA G 23 -36.12 17.39 20.63
N ARG G 24 -36.94 16.69 21.42
CA ARG G 24 -36.84 15.25 21.51
C ARG G 24 -37.53 14.55 20.34
N ARG G 25 -38.67 15.10 19.90
CA ARG G 25 -39.33 14.55 18.72
C ARG G 25 -38.48 14.74 17.47
N ALA G 26 -37.78 15.88 17.37
CA ALA G 26 -36.88 16.09 16.25
C ALA G 26 -35.69 15.15 16.30
N PHE G 27 -35.19 14.86 17.50
CA PHE G 27 -34.07 13.93 17.63
C PHE G 27 -34.48 12.51 17.24
N ARG G 28 -35.68 12.10 17.61
CA ARG G 28 -36.11 10.73 17.32
C ARG G 28 -36.32 10.54 15.83
N GLU G 29 -36.79 11.57 15.13
CA GLU G 29 -37.04 11.52 13.70
C GLU G 29 -35.80 11.83 12.86
N GLU G 30 -34.61 11.87 13.47
CA GLU G 30 -33.42 12.23 12.72
C GLU G 30 -32.29 11.23 12.96
N PHE G 31 -32.27 10.61 14.14
CA PHE G 31 -31.23 9.66 14.49
C PHE G 31 -31.77 8.27 14.75
N GLY G 32 -33.08 8.08 14.71
CA GLY G 32 -33.72 6.78 14.86
C GLY G 32 -34.09 6.42 16.28
N ALA G 33 -33.23 6.72 17.25
CA ALA G 33 -33.48 6.40 18.64
C ALA G 33 -33.87 7.67 19.41
N GLU G 34 -34.26 7.46 20.67
CA GLU G 34 -34.58 8.52 21.61
C GLU G 34 -33.31 9.05 22.26
N PRO G 35 -33.27 10.34 22.59
CA PRO G 35 -32.07 10.91 23.20
C PRO G 35 -31.86 10.44 24.64
N GLU G 36 -30.59 10.42 25.04
CA GLU G 36 -30.21 9.99 26.38
C GLU G 36 -29.90 11.14 27.33
N LEU G 37 -29.57 12.32 26.82
CA LEU G 37 -29.19 13.45 27.64
C LEU G 37 -29.89 14.71 27.15
N ALA G 38 -30.12 15.65 28.07
CA ALA G 38 -30.76 16.91 27.73
C ALA G 38 -30.30 17.99 28.68
N VAL G 39 -30.06 19.19 28.13
CA VAL G 39 -29.59 20.34 28.90
C VAL G 39 -30.27 21.59 28.38
N SER G 40 -30.28 22.63 29.21
CA SER G 40 -30.82 23.92 28.82
C SER G 40 -29.97 25.05 29.41
N ALA G 41 -29.95 26.18 28.71
CA ALA G 41 -29.25 27.37 29.14
C ALA G 41 -30.02 28.60 28.68
N PRO G 42 -30.28 29.57 29.55
CA PRO G 42 -31.11 30.71 29.20
C PRO G 42 -30.31 31.85 28.56
N GLY G 43 -31.06 32.75 27.91
CA GLY G 43 -30.53 34.04 27.52
C GLY G 43 -30.51 35.01 28.69
N ARG G 44 -30.12 36.24 28.40
CA ARG G 44 -29.94 37.25 29.44
C ARG G 44 -30.34 38.62 28.93
N VAL G 45 -30.77 39.47 29.86
CA VAL G 45 -30.93 40.90 29.66
C VAL G 45 -30.17 41.61 30.76
N ASN G 46 -29.53 42.73 30.41
CA ASN G 46 -28.75 43.51 31.38
C ASN G 46 -29.60 44.67 31.88
N LEU G 47 -29.88 44.67 33.18
CA LEU G 47 -30.68 45.76 33.75
C LEU G 47 -29.88 47.06 33.79
N ILE G 48 -28.59 46.97 34.09
CA ILE G 48 -27.73 48.14 34.17
C ILE G 48 -26.26 47.70 34.18
N GLY G 49 -25.38 48.56 33.68
CA GLY G 49 -23.96 48.25 33.65
C GLY G 49 -23.48 47.87 32.26
N GLU G 50 -23.90 48.62 31.24
CA GLU G 50 -23.56 48.29 29.88
C GLU G 50 -22.15 48.76 29.52
N HIS G 51 -21.42 47.92 28.79
CA HIS G 51 -20.07 48.20 28.30
C HIS G 51 -19.10 48.48 29.45
N THR G 52 -19.43 48.01 30.65
CA THR G 52 -18.50 47.91 31.76
C THR G 52 -17.87 46.54 31.87
N ASP G 53 -18.48 45.54 31.23
CA ASP G 53 -18.04 44.14 31.20
C ASP G 53 -16.54 44.00 31.00
N TYR G 54 -16.05 44.36 29.81
CA TYR G 54 -14.63 44.20 29.47
C TYR G 54 -13.75 45.26 30.10
N ASN G 55 -14.31 46.18 30.88
CA ASN G 55 -13.54 47.15 31.65
C ASN G 55 -13.43 46.72 33.10
N GLN G 56 -13.66 45.44 33.37
CA GLN G 56 -13.62 44.84 34.70
C GLN G 56 -14.60 45.50 35.68
N GLY G 57 -15.73 45.99 35.16
CA GLY G 57 -16.70 46.72 35.97
C GLY G 57 -17.78 45.84 36.55
N LEU G 58 -18.89 46.48 36.92
CA LEU G 58 -20.03 45.80 37.53
C LEU G 58 -21.19 45.75 36.55
N VAL G 59 -21.92 44.63 36.58
CA VAL G 59 -23.11 44.44 35.76
C VAL G 59 -24.22 43.86 36.62
N LEU G 60 -25.47 44.07 36.17
CA LEU G 60 -26.65 43.55 36.85
C LEU G 60 -27.60 42.90 35.86
N PRO G 61 -27.24 41.74 35.31
CA PRO G 61 -28.16 41.04 34.40
C PRO G 61 -29.08 40.06 35.14
N MET G 62 -30.11 39.63 34.42
CA MET G 62 -30.97 38.55 34.87
C MET G 62 -31.22 37.60 33.71
N ALA G 63 -31.33 36.31 34.03
CA ALA G 63 -31.67 35.31 33.04
C ALA G 63 -33.15 35.34 32.70
N LEU G 64 -33.46 35.04 31.43
CA LEU G 64 -34.83 35.04 30.96
C LEU G 64 -35.37 33.61 30.87
N GLU G 65 -36.69 33.52 30.74
CA GLU G 65 -37.33 32.25 30.46
C GLU G 65 -37.07 31.79 29.03
N LEU G 66 -36.61 32.68 28.16
CA LEU G 66 -36.15 32.27 26.84
C LEU G 66 -34.82 31.53 26.97
N MET G 67 -34.72 30.38 26.31
CA MET G 67 -33.60 29.48 26.54
C MET G 67 -33.31 28.66 25.29
N THR G 68 -32.16 27.99 25.33
CA THR G 68 -31.77 27.01 24.34
C THR G 68 -31.79 25.63 24.98
N VAL G 69 -32.46 24.67 24.34
CA VAL G 69 -32.57 23.31 24.85
C VAL G 69 -31.78 22.40 23.91
N LEU G 70 -30.96 21.54 24.49
CA LEU G 70 -30.13 20.61 23.74
C LEU G 70 -30.42 19.19 24.21
N VAL G 71 -30.75 18.31 23.28
CA VAL G 71 -30.93 16.89 23.54
C VAL G 71 -29.94 16.12 22.67
N GLY G 72 -29.40 15.05 23.21
CA GLY G 72 -28.42 14.30 22.45
C GLY G 72 -28.05 12.99 23.11
N SER G 73 -27.06 12.33 22.52
CA SER G 73 -26.58 11.03 22.96
C SER G 73 -25.12 10.88 22.58
N PRO G 74 -24.34 10.13 23.36
CA PRO G 74 -22.95 9.88 22.97
C PRO G 74 -22.87 8.93 21.77
N ARG G 75 -21.75 9.04 21.05
CA ARG G 75 -21.48 8.19 19.90
C ARG G 75 -20.17 7.44 20.08
N LYS G 76 -20.10 6.26 19.47
CA LYS G 76 -18.86 5.52 19.36
C LYS G 76 -18.10 5.85 18.08
N ASP G 77 -18.72 6.55 17.14
CA ASP G 77 -18.06 6.91 15.89
C ASP G 77 -16.88 7.84 16.13
N GLY G 78 -17.02 8.78 17.04
CA GLY G 78 -16.03 9.81 17.26
C GLY G 78 -16.26 11.10 16.49
N LEU G 79 -17.43 11.25 15.89
CA LEU G 79 -17.81 12.45 15.15
C LEU G 79 -18.98 13.12 15.86
N VAL G 80 -19.25 14.36 15.47
CA VAL G 80 -20.34 15.16 16.03
C VAL G 80 -21.34 15.44 14.93
N SER G 81 -22.61 15.16 15.19
CA SER G 81 -23.71 15.39 14.25
C SER G 81 -24.76 16.27 14.91
N LEU G 82 -25.07 17.40 14.29
CA LEU G 82 -25.93 18.42 14.86
C LEU G 82 -27.13 18.70 13.95
N LEU G 83 -28.24 19.11 14.59
CA LEU G 83 -29.42 19.58 13.88
C LEU G 83 -30.06 20.68 14.72
N THR G 84 -30.47 21.78 14.06
CA THR G 84 -31.16 22.86 14.73
C THR G 84 -32.52 23.13 14.08
N THR G 85 -33.45 23.63 14.90
CA THR G 85 -34.81 23.96 14.48
C THR G 85 -35.07 25.46 14.40
N SER G 86 -34.12 26.29 14.83
CA SER G 86 -34.34 27.73 14.90
C SER G 86 -34.51 28.34 13.50
N GLU G 87 -35.49 29.23 13.37
CA GLU G 87 -35.83 29.77 12.06
C GLU G 87 -34.77 30.76 11.57
N GLY G 88 -34.18 31.52 12.48
CA GLY G 88 -33.10 32.44 12.15
C GLY G 88 -31.77 31.78 11.88
N ALA G 89 -31.71 30.46 12.02
CA ALA G 89 -30.46 29.73 11.92
C ALA G 89 -29.81 29.82 10.54
N ASP G 90 -28.49 29.90 10.56
CA ASP G 90 -27.68 29.84 9.35
C ASP G 90 -27.94 28.55 8.59
N GLU G 91 -27.87 28.61 7.24
CA GLU G 91 -28.05 27.35 6.55
C GLU G 91 -26.71 26.77 6.13
N PRO G 92 -26.56 25.44 6.10
CA PRO G 92 -27.56 24.41 6.37
C PRO G 92 -27.84 24.23 7.86
N GLN G 93 -29.08 23.87 8.20
CA GLN G 93 -29.43 23.59 9.59
C GLN G 93 -28.89 22.27 10.09
N ARG G 94 -28.10 21.57 9.28
CA ARG G 94 -27.47 20.31 9.65
C ARG G 94 -25.99 20.38 9.34
N LEU G 95 -25.19 19.70 10.16
CA LEU G 95 -23.75 19.67 9.96
C LEU G 95 -23.14 18.52 10.76
N GLN G 96 -22.04 17.99 10.25
CA GLN G 96 -21.32 16.88 10.86
C GLN G 96 -19.82 17.15 10.74
N PHE G 97 -19.09 16.85 11.80
CA PHE G 97 -17.64 17.06 11.82
C PHE G 97 -17.03 16.09 12.81
N PRO G 98 -15.77 15.73 12.64
CA PRO G 98 -15.07 14.90 13.63
C PRO G 98 -14.51 15.75 14.76
N LEU G 99 -14.32 15.09 15.91
CA LEU G 99 -13.76 15.76 17.06
C LEU G 99 -12.35 16.26 16.74
N PRO G 100 -11.90 17.33 17.39
CA PRO G 100 -10.55 17.83 17.13
C PRO G 100 -9.50 16.84 17.60
N THR G 101 -8.35 16.88 16.91
CA THR G 101 -7.24 15.98 17.18
C THR G 101 -5.99 16.77 17.52
N ALA G 102 -4.90 16.05 17.74
CA ALA G 102 -3.60 16.70 17.92
C ALA G 102 -3.14 17.33 16.61
N GLN G 103 -3.39 16.64 15.49
CA GLN G 103 -2.98 17.15 14.18
C GLN G 103 -3.93 18.25 13.70
N ARG G 104 -5.21 17.95 13.64
CA ARG G 104 -6.22 18.87 13.13
C ARG G 104 -7.15 19.32 14.25
N SER G 105 -7.45 20.62 14.28
CA SER G 105 -8.35 21.21 15.24
C SER G 105 -9.56 21.76 14.50
N LEU G 106 -10.65 22.01 15.24
CA LEU G 106 -11.82 22.59 14.61
C LEU G 106 -11.54 24.03 14.22
N GLU G 107 -12.28 24.51 13.21
CA GLU G 107 -12.07 25.84 12.67
C GLU G 107 -13.42 26.47 12.36
N PRO G 108 -13.56 27.79 12.56
CA PRO G 108 -14.84 28.44 12.27
C PRO G 108 -15.12 28.47 10.77
N GLY G 109 -16.39 28.31 10.42
CA GLY G 109 -16.80 28.36 9.04
C GLY G 109 -18.30 28.53 8.85
N THR G 110 -18.88 27.73 7.95
CA THR G 110 -20.29 27.78 7.64
C THR G 110 -20.95 26.45 8.01
N PRO G 111 -22.16 26.48 8.59
CA PRO G 111 -22.93 27.66 8.98
C PRO G 111 -22.39 28.36 10.22
N ARG G 112 -22.70 29.64 10.40
CA ARG G 112 -22.13 30.40 11.51
C ARG G 112 -22.68 29.96 12.86
N TRP G 113 -23.95 29.51 12.92
CA TRP G 113 -24.51 29.11 14.20
C TRP G 113 -23.76 27.92 14.80
N ALA G 114 -23.15 27.08 13.97
CA ALA G 114 -22.40 25.95 14.47
C ALA G 114 -21.02 26.32 15.01
N ASN G 115 -20.53 27.53 14.73
CA ASN G 115 -19.25 27.95 15.26
C ASN G 115 -19.27 28.03 16.78
N TYR G 116 -20.40 28.40 17.36
CA TYR G 116 -20.52 28.44 18.81
C TYR G 116 -20.36 27.05 19.42
N VAL G 117 -20.96 26.03 18.80
CA VAL G 117 -20.83 24.66 19.32
C VAL G 117 -19.40 24.18 19.14
N LYS G 118 -18.80 24.42 17.98
CA LYS G 118 -17.44 23.96 17.72
C LYS G 118 -16.44 24.65 18.65
N GLY G 119 -16.67 25.93 18.95
CA GLY G 119 -15.77 26.64 19.84
C GLY G 119 -15.72 26.03 21.23
N VAL G 120 -16.88 25.71 21.79
CA VAL G 120 -16.93 25.09 23.10
C VAL G 120 -16.28 23.71 23.08
N ILE G 121 -16.52 22.94 22.02
CA ILE G 121 -15.88 21.63 21.88
C ILE G 121 -14.38 21.77 21.82
N GLN G 122 -13.89 22.75 21.05
CA GLN G 122 -12.46 22.94 20.88
C GLN G 122 -11.76 23.24 22.20
N TYR G 123 -12.38 24.08 23.04
CA TYR G 123 -11.77 24.54 24.27
C TYR G 123 -12.28 23.82 25.50
N TYR G 124 -13.02 22.74 25.34
CA TYR G 124 -13.49 22.01 26.52
C TYR G 124 -12.30 21.43 27.27
N PRO G 125 -12.19 21.65 28.58
CA PRO G 125 -10.95 21.33 29.29
C PRO G 125 -10.81 19.86 29.69
N ALA G 126 -11.85 19.05 29.57
CA ALA G 126 -11.81 17.67 30.03
C ALA G 126 -11.66 16.71 28.85
N ALA G 127 -11.11 15.54 29.16
CA ALA G 127 -10.83 14.49 28.18
C ALA G 127 -10.90 13.15 28.88
N PRO G 128 -11.27 12.07 28.17
CA PRO G 128 -11.63 12.05 26.75
C PRO G 128 -13.08 12.43 26.48
N LEU G 129 -13.30 13.31 25.51
CA LEU G 129 -14.64 13.69 25.10
C LEU G 129 -15.09 12.83 23.93
N PRO G 130 -16.20 12.11 24.04
CA PRO G 130 -16.64 11.25 22.95
C PRO G 130 -17.41 12.04 21.90
N GLY G 131 -17.64 11.40 20.75
CA GLY G 131 -18.53 11.96 19.77
C GLY G 131 -19.98 11.94 20.26
N PHE G 132 -20.83 12.71 19.58
CA PHE G 132 -22.21 12.77 20.00
C PHE G 132 -23.07 13.27 18.85
N SER G 133 -24.35 12.90 18.91
CA SER G 133 -25.40 13.48 18.08
C SER G 133 -26.28 14.34 18.97
N ALA G 134 -26.74 15.47 18.43
CA ALA G 134 -27.48 16.42 19.25
C ALA G 134 -28.43 17.24 18.39
N VAL G 135 -29.56 17.63 19.00
CA VAL G 135 -30.52 18.54 18.39
C VAL G 135 -30.60 19.78 19.25
N VAL G 136 -30.54 20.95 18.60
CA VAL G 136 -30.59 22.23 19.29
C VAL G 136 -31.89 22.94 18.94
N VAL G 137 -32.63 23.36 19.96
CA VAL G 137 -33.80 24.21 19.81
C VAL G 137 -33.63 25.41 20.73
N SER G 138 -34.25 26.53 20.34
CA SER G 138 -34.11 27.75 21.12
C SER G 138 -35.34 28.64 20.98
N SER G 139 -35.69 29.31 22.07
CA SER G 139 -36.70 30.36 22.07
C SER G 139 -36.12 31.76 22.14
N VAL G 140 -34.81 31.89 22.35
CA VAL G 140 -34.18 33.22 22.33
C VAL G 140 -34.08 33.71 20.89
N PRO G 141 -34.58 34.91 20.58
CA PRO G 141 -34.42 35.42 19.21
C PRO G 141 -32.95 35.60 18.89
N LEU G 142 -32.50 34.94 17.82
CA LEU G 142 -31.09 34.88 17.50
C LEU G 142 -30.58 36.22 17.01
N GLY G 143 -29.50 36.69 17.60
CA GLY G 143 -28.96 37.99 17.28
C GLY G 143 -29.84 39.15 17.67
N GLY G 144 -30.84 38.93 18.52
CA GLY G 144 -31.76 39.95 18.95
C GLY G 144 -31.30 40.77 20.14
N GLY G 145 -30.05 40.61 20.57
CA GLY G 145 -29.52 41.34 21.69
C GLY G 145 -29.77 40.71 23.05
N LEU G 146 -30.37 39.53 23.10
CA LEU G 146 -30.59 38.81 24.35
C LEU G 146 -29.59 37.68 24.55
N SER G 147 -28.44 37.74 23.86
CA SER G 147 -27.34 36.79 24.05
C SER G 147 -27.75 35.37 23.64
N SER G 148 -28.27 35.25 22.42
CA SER G 148 -28.59 33.93 21.88
C SER G 148 -27.35 33.05 21.80
N SER G 149 -26.22 33.62 21.34
CA SER G 149 -24.99 32.84 21.21
C SER G 149 -24.55 32.25 22.54
N ALA G 150 -24.53 33.08 23.59
CA ALA G 150 -24.08 32.60 24.90
C ALA G 150 -25.00 31.50 25.42
N SER G 151 -26.30 31.61 25.16
CA SER G 151 -27.23 30.55 25.56
C SER G 151 -26.86 29.23 24.90
N LEU G 152 -26.50 29.27 23.61
CA LEU G 152 -26.10 28.05 22.93
C LEU G 152 -24.73 27.58 23.41
N GLU G 153 -23.80 28.51 23.66
CA GLU G 153 -22.48 28.13 24.15
C GLU G 153 -22.57 27.47 25.53
N VAL G 154 -23.36 28.05 26.43
CA VAL G 154 -23.44 27.50 27.78
C VAL G 154 -24.20 26.18 27.77
N ALA G 155 -25.27 26.08 26.97
CA ALA G 155 -25.95 24.81 26.80
C ALA G 155 -25.01 23.74 26.26
N THR G 156 -24.19 24.10 25.28
CA THR G 156 -23.20 23.15 24.75
C THR G 156 -22.23 22.72 25.84
N TYR G 157 -21.75 23.67 26.66
CA TYR G 157 -20.79 23.31 27.71
C TYR G 157 -21.41 22.34 28.71
N THR G 158 -22.62 22.63 29.19
CA THR G 158 -23.24 21.72 30.16
C THR G 158 -23.55 20.38 29.53
N PHE G 159 -23.85 20.35 28.23
CA PHE G 159 -24.04 19.07 27.54
C PHE G 159 -22.76 18.25 27.57
N LEU G 160 -21.62 18.88 27.24
CA LEU G 160 -20.35 18.16 27.27
C LEU G 160 -20.03 17.66 28.67
N GLN G 161 -20.53 18.35 29.70
CA GLN G 161 -20.33 17.89 31.07
C GLN G 161 -20.99 16.54 31.30
N GLN G 162 -22.10 16.26 30.60
CA GLN G 162 -22.71 14.94 30.71
C GLN G 162 -21.85 13.87 30.05
N LEU G 163 -21.26 14.19 28.89
CA LEU G 163 -20.39 13.24 28.20
C LEU G 163 -19.07 13.05 28.92
N CYS G 164 -18.54 14.10 29.54
CA CYS G 164 -17.23 14.04 30.18
C CYS G 164 -17.12 15.15 31.23
N PRO G 165 -17.19 14.80 32.51
CA PRO G 165 -17.25 15.83 33.55
C PRO G 165 -15.94 16.58 33.72
N ASP G 166 -16.05 17.89 33.89
CA ASP G 166 -14.89 18.73 34.16
C ASP G 166 -14.66 18.87 35.67
N SER G 167 -13.48 19.40 36.01
CA SER G 167 -13.09 19.58 37.40
C SER G 167 -12.97 21.05 37.81
N GLY G 168 -12.92 21.97 36.85
CA GLY G 168 -12.64 23.36 37.11
C GLY G 168 -13.81 24.09 37.74
N THR G 169 -13.65 25.42 37.84
CA THR G 169 -14.61 26.28 38.49
C THR G 169 -15.77 26.60 37.55
N ILE G 170 -16.83 27.16 38.12
CA ILE G 170 -17.94 27.66 37.32
C ILE G 170 -17.48 28.85 36.48
N ALA G 171 -16.62 29.69 37.06
CA ALA G 171 -16.07 30.82 36.31
C ALA G 171 -15.23 30.36 35.13
N ALA G 172 -14.45 29.28 35.31
CA ALA G 172 -13.66 28.74 34.21
C ALA G 172 -14.56 28.29 33.06
N ARG G 173 -15.77 27.81 33.37
CA ARG G 173 -16.70 27.43 32.32
C ARG G 173 -17.13 28.65 31.51
N ALA G 174 -17.40 29.77 32.19
CA ALA G 174 -17.78 30.99 31.49
C ALA G 174 -16.64 31.52 30.63
N GLN G 175 -15.40 31.32 31.07
CA GLN G 175 -14.26 31.82 30.30
C GLN G 175 -13.98 30.95 29.08
N VAL G 176 -14.29 29.65 29.15
CA VAL G 176 -14.20 28.80 27.97
C VAL G 176 -15.24 29.20 26.94
N CYS G 177 -16.50 29.35 27.37
CA CYS G 177 -17.57 29.75 26.46
C CYS G 177 -17.30 31.13 25.86
N GLN G 178 -16.66 32.03 26.61
CA GLN G 178 -16.34 33.34 26.07
C GLN G 178 -15.19 33.25 25.06
N GLN G 179 -14.23 32.33 25.30
CA GLN G 179 -13.14 32.15 24.33
C GLN G 179 -13.67 31.57 23.02
N ALA G 180 -14.74 30.78 23.09
CA ALA G 180 -15.36 30.30 21.87
C ALA G 180 -15.93 31.45 21.06
N GLU G 181 -16.55 32.42 21.75
CA GLU G 181 -17.08 33.59 21.08
C GLU G 181 -15.98 34.46 20.48
N HIS G 182 -14.82 34.52 21.14
CA HIS G 182 -13.73 35.35 20.63
C HIS G 182 -13.11 34.74 19.38
N SER G 183 -12.73 33.46 19.44
CA SER G 183 -11.95 32.86 18.36
C SER G 183 -12.85 32.35 17.22
N PHE G 184 -13.97 31.72 17.55
CA PHE G 184 -14.81 31.07 16.54
C PHE G 184 -15.91 31.97 16.01
N ALA G 185 -16.20 33.09 16.69
CA ALA G 185 -17.21 34.04 16.21
C ALA G 185 -16.65 35.41 15.92
N GLY G 186 -15.37 35.66 16.19
CA GLY G 186 -14.78 36.96 15.91
C GLY G 186 -15.40 38.12 16.66
N MET G 187 -15.86 37.89 17.89
CA MET G 187 -16.55 38.90 18.67
C MET G 187 -15.85 39.04 20.03
N PRO G 188 -15.15 40.15 20.29
CA PRO G 188 -14.42 40.31 21.55
C PRO G 188 -15.34 40.73 22.71
N CYS G 189 -16.22 39.81 23.09
CA CYS G 189 -17.19 40.07 24.13
C CYS G 189 -16.55 39.99 25.52
N GLY G 190 -17.28 40.47 26.52
CA GLY G 190 -16.93 40.28 27.90
C GLY G 190 -17.45 38.96 28.44
N ILE G 191 -17.40 38.85 29.77
CA ILE G 191 -17.76 37.61 30.45
C ILE G 191 -19.22 37.56 30.90
N MET G 192 -19.95 38.68 30.81
CA MET G 192 -21.27 38.77 31.42
C MET G 192 -22.24 37.74 30.86
N ASP G 193 -22.38 37.68 29.53
CA ASP G 193 -23.40 36.84 28.92
C ASP G 193 -23.21 35.38 29.31
N GLN G 194 -21.99 34.88 29.22
CA GLN G 194 -21.71 33.50 29.61
C GLN G 194 -21.93 33.30 31.10
N PHE G 195 -21.60 34.30 31.93
CA PHE G 195 -21.66 34.13 33.37
C PHE G 195 -23.10 34.06 33.87
N ILE G 196 -23.94 35.01 33.45
CA ILE G 196 -25.33 35.03 33.94
C ILE G 196 -26.09 33.83 33.42
N SER G 197 -25.80 33.37 32.20
CA SER G 197 -26.44 32.17 31.68
C SER G 197 -26.09 30.96 32.52
N LEU G 198 -24.85 30.90 33.02
CA LEU G 198 -24.42 29.78 33.85
C LEU G 198 -24.96 29.89 35.27
N MET G 199 -25.00 31.11 35.83
CA MET G 199 -25.17 31.28 37.26
C MET G 199 -26.48 31.97 37.66
N GLY G 200 -27.36 32.27 36.71
CA GLY G 200 -28.61 32.93 37.05
C GLY G 200 -29.43 32.13 38.04
N GLN G 201 -30.25 32.82 38.82
CA GLN G 201 -31.11 32.19 39.80
C GLN G 201 -32.54 32.70 39.66
N LYS G 202 -33.50 31.84 39.96
CA LYS G 202 -34.91 32.11 39.74
C LYS G 202 -35.39 33.20 40.70
N GLY G 203 -35.75 34.36 40.15
CA GLY G 203 -36.25 35.45 40.94
C GLY G 203 -35.20 36.40 41.44
N HIS G 204 -34.03 36.43 40.81
CA HIS G 204 -32.91 37.23 41.26
C HIS G 204 -32.14 37.79 40.07
N ALA G 205 -31.79 39.06 40.16
CA ALA G 205 -30.72 39.58 39.31
C ALA G 205 -29.39 39.33 40.00
N LEU G 206 -28.31 39.35 39.21
CA LEU G 206 -26.98 39.05 39.71
C LEU G 206 -26.08 40.26 39.54
N LEU G 207 -25.60 40.83 40.64
CA LEU G 207 -24.56 41.85 40.58
C LEU G 207 -23.23 41.13 40.43
N ILE G 208 -22.63 41.22 39.25
CA ILE G 208 -21.39 40.52 38.94
C ILE G 208 -20.26 41.54 38.90
N ASP G 209 -19.25 41.34 39.74
CA ASP G 209 -18.02 42.11 39.70
C ASP G 209 -17.09 41.44 38.71
N CYS G 210 -16.92 42.06 37.54
CA CYS G 210 -16.18 41.40 36.47
C CYS G 210 -14.67 41.38 36.69
N ARG G 211 -14.15 42.07 37.71
CA ARG G 211 -12.73 41.95 37.99
C ARG G 211 -12.42 40.76 38.90
N SER G 212 -13.22 40.55 39.93
CA SER G 212 -13.05 39.46 40.87
C SER G 212 -13.99 38.29 40.62
N LEU G 213 -15.01 38.48 39.77
CA LEU G 213 -16.07 37.49 39.53
C LEU G 213 -16.84 37.14 40.80
N GLU G 214 -16.76 38.00 41.82
CA GLU G 214 -17.64 37.85 42.98
C GLU G 214 -19.08 38.21 42.59
N THR G 215 -20.03 37.47 43.14
CA THR G 215 -21.43 37.60 42.75
C THR G 215 -22.31 37.86 43.95
N SER G 216 -23.34 38.66 43.74
CA SER G 216 -24.37 38.95 44.74
C SER G 216 -25.74 38.76 44.08
N LEU G 217 -26.63 38.05 44.76
CA LEU G 217 -27.97 37.78 44.25
C LEU G 217 -28.94 38.82 44.80
N VAL G 218 -29.49 39.64 43.90
CA VAL G 218 -30.45 40.68 44.26
C VAL G 218 -31.82 40.21 43.80
N PRO G 219 -32.77 40.00 44.71
CA PRO G 219 -34.06 39.43 44.32
C PRO G 219 -34.89 40.40 43.49
N LEU G 220 -35.62 39.86 42.50
CA LEU G 220 -36.55 40.58 41.64
C LEU G 220 -37.81 39.71 41.63
N SER G 221 -38.55 39.73 42.72
CA SER G 221 -39.66 38.81 42.84
C SER G 221 -40.87 39.53 43.46
N ASP G 222 -41.30 40.62 42.81
CA ASP G 222 -42.47 41.40 43.25
C ASP G 222 -43.64 41.23 42.29
N PRO G 223 -44.77 40.66 42.72
CA PRO G 223 -45.91 40.51 41.80
C PRO G 223 -46.45 41.83 41.28
N LYS G 224 -46.16 42.94 41.95
CA LYS G 224 -46.55 44.27 41.47
C LYS G 224 -45.49 44.89 40.56
N LEU G 225 -44.42 44.15 40.25
CA LEU G 225 -43.33 44.63 39.42
C LEU G 225 -43.18 43.74 38.21
N ALA G 226 -43.00 44.36 37.04
CA ALA G 226 -42.83 43.64 35.79
C ALA G 226 -41.64 44.21 35.04
N VAL G 227 -40.93 43.33 34.33
CA VAL G 227 -39.84 43.72 33.44
C VAL G 227 -40.28 43.48 32.01
N LEU G 228 -40.36 44.56 31.23
CA LEU G 228 -40.82 44.51 29.85
C LEU G 228 -39.63 44.70 28.92
N ILE G 229 -39.39 43.72 28.05
CA ILE G 229 -38.31 43.75 27.06
C ILE G 229 -38.92 43.98 25.68
N THR G 230 -38.40 44.97 24.96
CA THR G 230 -38.90 45.32 23.63
C THR G 230 -37.78 45.13 22.61
N ASN G 231 -37.98 44.17 21.70
CA ASN G 231 -37.04 43.94 20.61
C ASN G 231 -37.28 45.00 19.53
N SER G 232 -36.24 45.74 19.17
CA SER G 232 -36.35 46.72 18.10
C SER G 232 -36.37 46.08 16.71
N ASN G 233 -35.86 44.87 16.58
CA ASN G 233 -35.78 44.16 15.30
C ASN G 233 -34.98 44.96 14.28
N VAL G 234 -33.85 45.50 14.70
CA VAL G 234 -32.94 46.24 13.82
C VAL G 234 -31.54 45.70 14.01
N ARG G 235 -31.32 44.44 13.67
CA ARG G 235 -30.01 43.83 13.82
C ARG G 235 -29.03 44.35 12.76
N SER G 240 -19.54 42.30 15.08
CA SER G 240 -18.31 43.05 15.00
C SER G 240 -18.46 44.24 14.06
N SER G 241 -19.11 45.30 14.55
CA SER G 241 -19.25 46.53 13.79
C SER G 241 -18.39 47.62 14.43
N GLU G 242 -18.93 48.26 15.47
CA GLU G 242 -18.19 49.26 16.24
C GLU G 242 -17.87 48.79 17.66
N TYR G 243 -18.36 47.63 18.07
CA TYR G 243 -18.07 47.09 19.40
C TYR G 243 -16.58 46.93 19.66
N PRO G 244 -15.80 46.25 18.80
CA PRO G 244 -14.34 46.21 19.03
C PRO G 244 -13.71 47.57 19.24
N VAL G 245 -14.01 48.53 18.36
CA VAL G 245 -13.42 49.86 18.45
C VAL G 245 -13.68 50.48 19.81
N ARG G 246 -14.90 50.31 20.34
CA ARG G 246 -15.21 50.85 21.66
C ARG G 246 -14.33 50.23 22.74
N ARG G 247 -14.05 48.93 22.62
CA ARG G 247 -13.20 48.26 23.60
C ARG G 247 -11.77 48.77 23.53
N ARG G 248 -11.25 49.01 22.32
CA ARG G 248 -9.89 49.48 22.17
C ARG G 248 -9.74 50.93 22.60
N GLN G 249 -10.82 51.71 22.54
CA GLN G 249 -10.76 53.09 23.02
C GLN G 249 -10.60 53.13 24.53
N CYS G 250 -11.28 52.22 25.24
CA CYS G 250 -11.19 52.19 26.70
C CYS G 250 -9.80 51.76 27.16
N GLU G 251 -9.19 50.80 26.45
CA GLU G 251 -7.87 50.33 26.85
C GLU G 251 -6.81 51.40 26.61
N GLU G 252 -6.97 52.20 25.55
CA GLU G 252 -6.03 53.29 25.31
C GLU G 252 -6.16 54.37 26.37
N VAL G 253 -7.39 54.73 26.74
CA VAL G 253 -7.61 55.74 27.76
C VAL G 253 -7.07 55.26 29.11
N ALA G 254 -7.35 54.00 29.47
CA ALA G 254 -6.87 53.47 30.73
C ALA G 254 -5.34 53.48 30.79
N ARG G 255 -4.69 53.12 29.68
CA ARG G 255 -3.23 53.18 29.62
C ARG G 255 -2.75 54.61 29.70
N ALA G 256 -3.50 55.55 29.11
CA ALA G 256 -3.10 56.96 29.13
C ALA G 256 -3.14 57.53 30.54
N LEU G 257 -4.01 57.02 31.41
CA LEU G 257 -4.11 57.49 32.78
C LEU G 257 -3.26 56.68 33.75
N GLY G 258 -2.39 55.82 33.23
CA GLY G 258 -1.53 55.01 34.08
C GLY G 258 -2.22 53.99 34.94
N ALA G 259 -3.43 53.57 34.57
CA ALA G 259 -4.18 52.58 35.33
C ALA G 259 -4.21 51.26 34.57
N ALA G 260 -4.34 50.16 35.32
CA ALA G 260 -4.44 48.85 34.70
C ALA G 260 -5.77 48.66 33.98
N SER G 261 -6.81 49.35 34.44
CA SER G 261 -8.13 49.24 33.84
C SER G 261 -8.96 50.46 34.25
N LEU G 262 -10.03 50.69 33.51
CA LEU G 262 -10.91 51.83 33.81
C LEU G 262 -11.60 51.70 35.16
N ARG G 263 -11.59 50.50 35.75
CA ARG G 263 -12.16 50.33 37.08
C ARG G 263 -11.35 51.00 38.17
N GLU G 264 -10.03 51.12 37.97
CA GLU G 264 -9.17 51.69 39.00
C GLU G 264 -9.25 53.21 39.04
N VAL G 265 -9.91 53.84 38.06
CA VAL G 265 -10.04 55.29 38.00
C VAL G 265 -11.48 55.62 38.40
N GLN G 266 -11.63 56.60 39.29
CA GLN G 266 -12.92 57.10 39.70
C GLN G 266 -13.26 58.38 38.96
N LEU G 267 -14.56 58.72 38.96
CA LEU G 267 -15.04 59.84 38.16
C LEU G 267 -14.31 61.14 38.51
N GLU G 268 -13.97 61.31 39.79
CA GLU G 268 -13.26 62.52 40.20
C GLU G 268 -11.84 62.52 39.69
N GLU G 269 -11.19 61.36 39.63
CA GLU G 269 -9.83 61.28 39.11
C GLU G 269 -9.78 61.43 37.60
N LEU G 270 -10.79 60.92 36.89
CA LEU G 270 -10.84 61.11 35.44
C LEU G 270 -11.10 62.57 35.09
N GLU G 271 -11.93 63.23 35.89
CA GLU G 271 -12.22 64.65 35.63
C GLU G 271 -11.02 65.53 35.96
N ALA G 272 -10.23 65.15 36.96
CA ALA G 272 -9.01 65.91 37.25
C ALA G 272 -7.92 65.65 36.21
N ALA G 273 -8.05 64.57 35.45
CA ALA G 273 -7.07 64.19 34.42
C ALA G 273 -7.63 64.38 33.01
N ARG G 274 -8.62 65.27 32.86
CA ARG G 274 -9.28 65.49 31.58
C ARG G 274 -8.30 65.86 30.46
N ASP G 275 -7.21 66.56 30.79
CA ASP G 275 -6.27 67.01 29.78
C ASP G 275 -5.28 65.94 29.33
N LEU G 276 -5.34 64.74 29.92
CA LEU G 276 -4.47 63.64 29.54
C LEU G 276 -5.05 62.77 28.44
N VAL G 277 -6.30 62.98 28.06
CA VAL G 277 -7.00 62.12 27.11
C VAL G 277 -7.66 62.99 26.05
N SER G 278 -8.02 62.34 24.94
CA SER G 278 -8.77 63.03 23.90
C SER G 278 -10.16 63.42 24.44
N LYS G 279 -10.76 64.42 23.79
CA LYS G 279 -12.11 64.82 24.19
C LYS G 279 -13.10 63.69 23.94
N GLU G 280 -12.94 62.98 22.81
CA GLU G 280 -13.75 61.80 22.55
C GLU G 280 -13.40 60.69 23.54
N GLY G 281 -12.11 60.45 23.77
CA GLY G 281 -11.70 59.43 24.73
C GLY G 281 -12.22 59.70 26.12
N PHE G 282 -12.25 60.99 26.52
CA PHE G 282 -12.74 61.33 27.86
C PHE G 282 -14.22 61.04 28.00
N ARG G 283 -15.00 61.26 26.94
CA ARG G 283 -16.45 61.07 27.05
C ARG G 283 -16.83 59.59 27.11
N ARG G 284 -16.04 58.72 26.49
CA ARG G 284 -16.30 57.29 26.61
C ARG G 284 -15.91 56.76 27.98
N ALA G 285 -14.72 57.14 28.47
CA ALA G 285 -14.29 56.67 29.78
C ALA G 285 -15.18 57.22 30.90
N ARG G 286 -15.75 58.42 30.68
CA ARG G 286 -16.65 58.99 31.68
C ARG G 286 -17.91 58.14 31.81
N HIS G 287 -18.38 57.56 30.70
CA HIS G 287 -19.54 56.67 30.77
C HIS G 287 -19.23 55.44 31.62
N VAL G 288 -18.15 54.73 31.28
CA VAL G 288 -17.86 53.45 31.94
C VAL G 288 -17.64 53.68 33.43
N VAL G 289 -16.85 54.69 33.79
CA VAL G 289 -16.57 54.97 35.19
C VAL G 289 -17.85 55.38 35.91
N GLY G 290 -18.68 56.19 35.24
CA GLY G 290 -19.96 56.58 35.82
C GLY G 290 -20.95 55.43 35.86
N GLU G 291 -20.88 54.54 34.86
CA GLU G 291 -21.82 53.42 34.81
C GLU G 291 -21.52 52.40 35.91
N ILE G 292 -20.24 52.15 36.18
CA ILE G 292 -19.86 51.28 37.29
C ILE G 292 -20.46 51.80 38.59
N ARG G 293 -20.44 53.12 38.81
CA ARG G 293 -21.04 53.66 40.01
C ARG G 293 -22.56 53.56 39.96
N ARG G 294 -23.15 53.76 38.78
CA ARG G 294 -24.60 53.69 38.65
C ARG G 294 -25.13 52.28 38.90
N THR G 295 -24.40 51.26 38.43
CA THR G 295 -24.87 49.89 38.63
C THR G 295 -24.73 49.46 40.09
N ALA G 296 -23.64 49.87 40.75
CA ALA G 296 -23.50 49.60 42.18
C ALA G 296 -24.63 50.25 42.96
N GLN G 297 -25.00 51.47 42.60
CA GLN G 297 -26.11 52.15 43.26
C GLN G 297 -27.45 51.53 42.85
N ALA G 298 -27.55 51.04 41.61
CA ALA G 298 -28.81 50.45 41.16
C ALA G 298 -29.14 49.16 41.91
N ALA G 299 -28.14 48.30 42.12
CA ALA G 299 -28.37 47.08 42.89
C ALA G 299 -28.81 47.40 44.31
N ALA G 300 -28.14 48.37 44.96
CA ALA G 300 -28.53 48.77 46.30
C ALA G 300 -29.95 49.30 46.31
N ALA G 301 -30.31 50.10 45.30
CA ALA G 301 -31.69 50.58 45.18
C ALA G 301 -32.66 49.41 45.03
N LEU G 302 -32.27 48.38 44.28
CA LEU G 302 -33.14 47.23 44.09
C LEU G 302 -33.22 46.38 45.35
N ARG G 303 -32.14 46.32 46.13
CA ARG G 303 -32.16 45.55 47.37
C ARG G 303 -33.18 46.13 48.35
N ARG G 304 -33.27 47.45 48.45
CA ARG G 304 -34.21 48.11 49.34
C ARG G 304 -35.54 48.42 48.67
N GLY G 305 -35.75 47.98 47.43
CA GLY G 305 -37.03 48.14 46.78
C GLY G 305 -37.36 49.51 46.24
N ASP G 306 -36.36 50.37 46.02
CA ASP G 306 -36.60 51.73 45.53
C ASP G 306 -36.60 51.71 44.01
N TYR G 307 -37.74 51.33 43.43
CA TYR G 307 -37.84 51.21 41.99
C TYR G 307 -37.75 52.57 41.29
N ARG G 308 -38.20 53.63 41.95
CA ARG G 308 -38.10 54.96 41.35
C ARG G 308 -36.65 55.41 41.22
N ALA G 309 -35.83 55.13 42.24
CA ALA G 309 -34.41 55.41 42.12
C ALA G 309 -33.75 54.50 41.10
N PHE G 310 -34.13 53.22 41.08
CA PHE G 310 -33.63 52.30 40.07
C PHE G 310 -34.00 52.77 38.67
N GLY G 311 -35.26 53.16 38.47
CA GLY G 311 -35.69 53.59 37.14
C GLY G 311 -34.98 54.83 36.66
N ARG G 312 -34.78 55.80 37.55
CA ARG G 312 -34.05 57.01 37.17
C ARG G 312 -32.60 56.71 36.84
N LEU G 313 -31.99 55.77 37.57
CA LEU G 313 -30.63 55.36 37.26
C LEU G 313 -30.52 54.66 35.91
N MET G 314 -31.58 53.94 35.51
CA MET G 314 -31.59 53.33 34.18
C MET G 314 -31.58 54.38 33.08
N VAL G 315 -32.37 55.44 33.25
CA VAL G 315 -32.46 56.47 32.21
C VAL G 315 -31.16 57.24 32.09
N GLU G 316 -30.48 57.48 33.21
CA GLU G 316 -29.16 58.12 33.15
C GLU G 316 -28.17 57.24 32.41
N SER G 317 -28.28 55.92 32.57
CA SER G 317 -27.41 55.01 31.84
C SER G 317 -27.65 55.10 30.33
N HIS G 318 -28.91 55.25 29.93
CA HIS G 318 -29.22 55.34 28.49
C HIS G 318 -28.60 56.60 27.89
N ARG G 319 -28.83 57.75 28.52
CA ARG G 319 -28.27 58.99 28.01
C ARG G 319 -26.75 58.91 27.90
N SER G 320 -26.10 58.26 28.87
CA SER G 320 -24.66 58.07 28.79
C SER G 320 -24.28 57.20 27.61
N LEU G 321 -25.04 56.11 27.38
CA LEU G 321 -24.75 55.26 26.22
C LEU G 321 -25.06 55.97 24.91
N ARG G 322 -26.06 56.86 24.91
CA ARG G 322 -26.47 57.52 23.67
C ARG G 322 -25.53 58.68 23.31
N ASP G 323 -25.09 59.44 24.32
CA ASP G 323 -24.29 60.64 24.09
C ASP G 323 -22.80 60.41 24.33
N ASP G 324 -22.45 59.78 25.44
CA ASP G 324 -21.04 59.64 25.80
C ASP G 324 -20.42 58.43 25.10
N TYR G 325 -21.09 57.28 25.12
CA TYR G 325 -20.54 56.10 24.49
C TYR G 325 -20.91 55.96 23.02
N GLU G 326 -21.99 56.62 22.58
CA GLU G 326 -22.43 56.62 21.20
C GLU G 326 -22.52 55.21 20.64
N VAL G 327 -23.38 54.41 21.27
CA VAL G 327 -23.62 53.03 20.86
C VAL G 327 -25.11 52.82 20.68
N SER G 328 -25.87 53.91 20.68
CA SER G 328 -27.30 53.85 20.42
C SER G 328 -27.61 54.12 18.95
N CYS G 329 -28.87 53.92 18.60
CA CYS G 329 -29.39 54.17 17.27
C CYS G 329 -30.75 54.86 17.44
N PRO G 330 -31.27 55.47 16.35
CA PRO G 330 -32.57 56.16 16.50
C PRO G 330 -33.72 55.25 16.91
N GLU G 331 -33.70 53.98 16.50
CA GLU G 331 -34.77 53.07 16.88
C GLU G 331 -34.79 52.81 18.38
N LEU G 332 -33.62 52.58 18.97
CA LEU G 332 -33.56 52.39 20.42
C LEU G 332 -33.96 53.65 21.16
N ASP G 333 -33.47 54.81 20.72
CA ASP G 333 -33.79 56.07 21.39
C ASP G 333 -35.28 56.42 21.28
N GLN G 334 -35.89 56.13 20.12
CA GLN G 334 -37.31 56.40 19.96
C GLN G 334 -38.15 55.42 20.76
N LEU G 335 -37.69 54.18 20.89
CA LEU G 335 -38.41 53.19 21.67
C LEU G 335 -38.42 53.53 23.16
N VAL G 336 -37.29 54.02 23.68
CA VAL G 336 -37.20 54.35 25.10
C VAL G 336 -38.01 55.61 25.40
N GLU G 337 -37.93 56.62 24.54
CA GLU G 337 -38.70 57.84 24.77
C GLU G 337 -40.19 57.55 24.79
N ALA G 338 -40.64 56.58 23.99
CA ALA G 338 -42.03 56.15 24.05
C ALA G 338 -42.33 55.49 25.38
N ALA G 339 -41.41 54.65 25.88
CA ALA G 339 -41.61 53.99 27.16
C ALA G 339 -41.66 54.99 28.32
N LEU G 340 -40.89 56.07 28.24
CA LEU G 340 -40.87 57.03 29.32
C LEU G 340 -42.17 57.82 29.45
N ALA G 341 -42.96 57.91 28.37
CA ALA G 341 -44.20 58.68 28.41
C ALA G 341 -45.40 57.94 29.01
N VAL G 342 -45.38 56.62 29.07
CA VAL G 342 -46.54 55.89 29.60
C VAL G 342 -46.48 55.89 31.11
N PRO G 343 -47.57 56.27 31.79
CA PRO G 343 -47.56 56.28 33.26
C PRO G 343 -47.40 54.88 33.84
N GLY G 344 -46.64 54.81 34.95
CA GLY G 344 -46.29 53.56 35.62
C GLY G 344 -44.94 52.99 35.27
N VAL G 345 -44.21 53.61 34.34
CA VAL G 345 -42.82 53.22 34.08
C VAL G 345 -41.80 53.97 34.94
N TYR G 346 -40.95 53.18 35.59
CA TYR G 346 -39.86 53.70 36.41
C TYR G 346 -38.67 54.11 35.54
N GLY G 347 -38.31 53.29 34.56
CA GLY G 347 -37.22 53.63 33.67
C GLY G 347 -37.08 52.66 32.53
N SER G 348 -36.34 53.11 31.51
CA SER G 348 -36.09 52.31 30.32
C SER G 348 -34.74 52.68 29.74
N ARG G 349 -34.12 51.74 29.03
CA ARG G 349 -32.76 51.91 28.53
C ARG G 349 -32.45 50.77 27.56
N MET G 350 -31.55 51.06 26.62
CA MET G 350 -31.02 50.01 25.77
C MET G 350 -30.17 49.04 26.59
N THR G 351 -30.18 47.78 26.16
CA THR G 351 -29.37 46.74 26.79
C THR G 351 -28.61 45.99 25.71
N GLY G 352 -27.60 45.24 26.14
CA GLY G 352 -26.76 44.53 25.19
C GLY G 352 -25.70 45.43 24.59
N GLY G 353 -25.12 44.97 23.48
CA GLY G 353 -24.04 45.71 22.85
C GLY G 353 -24.47 47.03 22.26
N GLY G 354 -25.73 47.14 21.84
CA GLY G 354 -26.23 48.36 21.25
C GLY G 354 -26.36 48.25 19.74
N PHE G 355 -26.55 49.42 19.12
CA PHE G 355 -26.78 49.54 17.68
C PHE G 355 -27.94 48.66 17.25
N GLY G 356 -29.02 48.74 18.01
CA GLY G 356 -30.17 47.87 17.85
C GLY G 356 -30.33 46.93 19.02
N GLY G 357 -31.07 45.86 18.79
CA GLY G 357 -31.35 44.88 19.83
C GLY G 357 -32.59 45.26 20.61
N CYS G 358 -32.50 45.17 21.93
CA CYS G 358 -33.66 45.33 22.80
C CYS G 358 -33.50 46.52 23.72
N THR G 359 -34.62 46.96 24.28
CA THR G 359 -34.66 47.88 25.40
C THR G 359 -35.32 47.20 26.59
N VAL G 360 -34.76 47.40 27.77
CA VAL G 360 -35.31 46.87 29.01
C VAL G 360 -36.10 47.97 29.70
N THR G 361 -37.24 47.62 30.25
CA THR G 361 -38.12 48.56 30.91
C THR G 361 -38.62 47.99 32.23
N LEU G 362 -38.51 48.78 33.30
CA LEU G 362 -39.06 48.43 34.60
C LEU G 362 -40.29 49.26 34.87
N LEU G 363 -41.38 48.60 35.24
CA LEU G 363 -42.67 49.28 35.33
C LEU G 363 -43.57 48.53 36.30
N GLU G 364 -44.65 49.19 36.70
CA GLU G 364 -45.66 48.56 37.53
C GLU G 364 -46.38 47.46 36.75
N ALA G 365 -46.70 46.36 37.46
CA ALA G 365 -47.27 45.19 36.79
C ALA G 365 -48.54 45.52 36.03
N SER G 366 -49.39 46.38 36.58
CA SER G 366 -50.64 46.74 35.90
C SER G 366 -50.42 47.61 34.66
N ALA G 367 -49.29 48.29 34.59
CA ALA G 367 -48.99 49.20 33.49
C ALA G 367 -48.41 48.49 32.26
N ALA G 368 -48.22 47.17 32.33
CA ALA G 368 -47.59 46.46 31.20
C ALA G 368 -48.42 46.52 29.92
N PRO G 369 -49.73 46.24 29.93
CA PRO G 369 -50.48 46.34 28.66
C PRO G 369 -50.48 47.74 28.05
N HIS G 370 -50.64 48.78 28.86
CA HIS G 370 -50.67 50.13 28.32
C HIS G 370 -49.30 50.55 27.79
N ALA G 371 -48.22 50.12 28.44
CA ALA G 371 -46.89 50.41 27.94
C ALA G 371 -46.68 49.75 26.57
N MET G 372 -47.07 48.49 26.45
CA MET G 372 -46.91 47.78 25.18
C MET G 372 -47.76 48.41 24.09
N ARG G 373 -48.99 48.81 24.42
CA ARG G 373 -49.84 49.45 23.43
C ARG G 373 -49.30 50.82 23.03
N HIS G 374 -48.78 51.58 24.00
CA HIS G 374 -48.26 52.91 23.70
C HIS G 374 -46.93 52.83 22.94
N ILE G 375 -46.04 51.91 23.35
CA ILE G 375 -44.75 51.78 22.69
C ILE G 375 -44.93 51.34 21.24
N GLN G 376 -45.81 50.36 21.02
CA GLN G 376 -46.03 49.85 19.67
C GLN G 376 -46.62 50.93 18.76
N GLU G 377 -47.52 51.76 19.30
CA GLU G 377 -48.15 52.80 18.50
C GLU G 377 -47.17 53.88 18.08
N HIS G 378 -46.14 54.13 18.90
CA HIS G 378 -45.19 55.20 18.65
C HIS G 378 -43.89 54.71 18.03
N TYR G 379 -43.84 53.46 17.57
CA TYR G 379 -42.64 52.87 16.99
C TYR G 379 -42.83 52.70 15.49
N GLY G 380 -41.87 53.20 14.72
CA GLY G 380 -41.92 53.11 13.26
C GLY G 380 -41.57 51.75 12.69
N GLY G 381 -41.87 50.70 13.45
CA GLY G 381 -41.61 49.35 13.00
C GLY G 381 -42.48 48.37 13.77
N THR G 382 -42.17 47.09 13.60
CA THR G 382 -42.88 46.03 14.30
C THR G 382 -42.06 45.64 15.53
N ALA G 383 -42.57 46.00 16.70
CA ALA G 383 -41.93 45.67 17.96
C ALA G 383 -42.53 44.41 18.57
N THR G 384 -41.67 43.54 19.08
CA THR G 384 -42.08 42.36 19.82
C THR G 384 -41.75 42.56 21.30
N PHE G 385 -42.63 42.06 22.17
CA PHE G 385 -42.53 42.30 23.60
C PHE G 385 -42.39 40.98 24.34
N TYR G 386 -41.64 41.01 25.44
CA TYR G 386 -41.57 39.89 26.37
C TYR G 386 -41.77 40.40 27.79
N LEU G 387 -42.74 39.84 28.50
CA LEU G 387 -42.88 40.03 29.93
C LEU G 387 -42.21 38.81 30.57
N SER G 388 -41.06 39.04 31.21
CA SER G 388 -40.21 37.95 31.65
C SER G 388 -39.91 38.06 33.13
N GLN G 389 -39.67 36.92 33.75
CA GLN G 389 -39.22 36.83 35.13
C GLN G 389 -37.79 36.31 35.16
N ALA G 390 -37.11 36.58 36.27
CA ALA G 390 -35.76 36.06 36.46
C ALA G 390 -35.78 34.54 36.55
N ALA G 391 -34.97 33.89 35.73
CA ALA G 391 -34.97 32.44 35.61
C ALA G 391 -33.67 31.85 36.13
N ASP G 392 -33.64 30.52 36.18
CA ASP G 392 -32.46 29.79 36.64
C ASP G 392 -31.42 29.70 35.53
N GLY G 393 -30.20 29.35 35.93
CA GLY G 393 -29.11 29.21 34.99
C GLY G 393 -29.15 27.87 34.30
N ALA G 394 -28.00 27.49 33.74
CA ALA G 394 -27.90 26.23 33.01
C ALA G 394 -28.23 25.06 33.94
N LYS G 395 -28.99 24.10 33.43
CA LYS G 395 -29.47 22.99 34.24
C LYS G 395 -29.56 21.74 33.37
N VAL G 396 -29.31 20.60 33.99
CA VAL G 396 -29.52 19.31 33.34
C VAL G 396 -30.98 18.93 33.45
N LEU G 397 -31.55 18.46 32.35
CA LEU G 397 -32.95 18.02 32.29
C LEU G 397 -32.97 16.50 32.15
N CYS G 398 -33.79 15.84 32.95
CA CYS G 398 -33.88 14.39 32.94
C CYS G 398 -34.91 13.91 31.95
N LEU G 399 -34.55 12.90 31.18
CA LEU G 399 -35.42 12.34 30.15
C LEU G 399 -36.04 11.03 30.63
N PRO H 14 -22.56 -24.26 36.10
CA PRO H 14 -23.36 -23.08 36.47
C PRO H 14 -24.73 -23.49 37.01
N GLN H 15 -25.24 -22.67 37.92
CA GLN H 15 -26.52 -22.90 38.57
C GLN H 15 -27.63 -22.06 38.00
N VAL H 16 -28.86 -22.54 38.26
CA VAL H 16 -30.03 -21.81 37.80
C VAL H 16 -30.16 -20.50 38.53
N ALA H 17 -29.71 -20.45 39.79
CA ALA H 17 -29.76 -19.21 40.55
C ALA H 17 -28.87 -18.15 39.91
N GLU H 18 -27.68 -18.55 39.44
CA GLU H 18 -26.82 -17.63 38.73
C GLU H 18 -27.42 -17.22 37.40
N LEU H 19 -27.96 -18.18 36.65
CA LEU H 19 -28.56 -17.87 35.35
C LEU H 19 -29.83 -17.03 35.52
N LEU H 20 -30.66 -17.35 36.52
CA LEU H 20 -31.87 -16.56 36.75
C LEU H 20 -31.54 -15.12 37.09
N ALA H 21 -30.53 -14.90 37.94
CA ALA H 21 -30.13 -13.54 38.27
C ALA H 21 -29.57 -12.83 37.04
N GLU H 22 -28.77 -13.54 36.25
CA GLU H 22 -28.24 -12.96 35.01
C GLU H 22 -29.36 -12.62 34.04
N ALA H 23 -30.32 -13.54 33.87
CA ALA H 23 -31.45 -13.27 32.98
C ALA H 23 -32.29 -12.11 33.46
N ARG H 24 -32.44 -11.98 34.78
CA ARG H 24 -33.32 -10.95 35.34
C ARG H 24 -32.64 -9.58 35.34
N ARG H 25 -31.33 -9.55 35.54
CA ARG H 25 -30.58 -8.30 35.43
C ARG H 25 -30.59 -7.77 34.01
N ALA H 26 -30.60 -8.67 33.02
CA ALA H 26 -30.65 -8.23 31.62
C ALA H 26 -31.98 -7.55 31.31
N PHE H 27 -33.08 -8.04 31.91
CA PHE H 27 -34.36 -7.39 31.70
C PHE H 27 -34.39 -5.99 32.30
N ARG H 28 -33.72 -5.81 33.44
CA ARG H 28 -33.71 -4.52 34.10
C ARG H 28 -32.94 -3.47 33.31
N GLU H 29 -31.87 -3.84 32.63
CA GLU H 29 -31.07 -2.87 31.89
C GLU H 29 -31.58 -2.62 30.48
N GLU H 30 -32.71 -3.21 30.09
CA GLU H 30 -33.21 -3.02 28.74
C GLU H 30 -34.71 -2.77 28.72
N PHE H 31 -35.42 -3.33 29.71
CA PHE H 31 -36.87 -3.22 29.77
C PHE H 31 -37.37 -2.46 30.99
N GLY H 32 -36.49 -2.07 31.90
CA GLY H 32 -36.88 -1.23 33.02
C GLY H 32 -37.38 -1.99 34.22
N ALA H 33 -38.63 -2.46 34.16
CA ALA H 33 -39.21 -3.16 35.30
C ALA H 33 -38.66 -4.59 35.37
N GLU H 34 -39.03 -5.27 36.46
CA GLU H 34 -38.68 -6.66 36.67
C GLU H 34 -39.68 -7.57 35.95
N PRO H 35 -39.21 -8.71 35.43
CA PRO H 35 -40.14 -9.64 34.76
C PRO H 35 -41.06 -10.32 35.75
N GLU H 36 -42.21 -10.75 35.24
CA GLU H 36 -43.24 -11.39 36.05
C GLU H 36 -43.20 -12.91 35.99
N LEU H 37 -42.59 -13.49 34.95
CA LEU H 37 -42.57 -14.93 34.77
C LEU H 37 -41.15 -15.39 34.43
N ALA H 38 -40.87 -16.65 34.77
CA ALA H 38 -39.55 -17.24 34.53
C ALA H 38 -39.72 -18.74 34.34
N VAL H 39 -38.95 -19.30 33.40
CA VAL H 39 -39.04 -20.71 33.06
C VAL H 39 -37.63 -21.24 32.85
N SER H 40 -37.51 -22.57 32.93
CA SER H 40 -36.26 -23.24 32.65
C SER H 40 -36.50 -24.54 31.90
N ALA H 41 -35.52 -24.90 31.06
CA ALA H 41 -35.53 -26.15 30.30
C ALA H 41 -34.09 -26.61 30.11
N PRO H 42 -33.78 -27.87 30.38
CA PRO H 42 -32.39 -28.34 30.31
C PRO H 42 -31.99 -28.82 28.92
N GLY H 43 -30.68 -28.92 28.73
CA GLY H 43 -30.13 -29.65 27.62
C GLY H 43 -30.11 -31.13 27.91
N ARG H 44 -29.56 -31.91 26.98
CA ARG H 44 -29.59 -33.35 27.12
C ARG H 44 -28.32 -33.97 26.57
N VAL H 45 -27.97 -35.13 27.13
CA VAL H 45 -26.93 -36.00 26.59
C VAL H 45 -27.52 -37.39 26.41
N ASN H 46 -27.12 -38.07 25.35
CA ASN H 46 -27.57 -39.42 25.06
C ASN H 46 -26.54 -40.43 25.55
N LEU H 47 -26.93 -41.27 26.51
CA LEU H 47 -26.01 -42.29 27.00
C LEU H 47 -25.78 -43.37 25.95
N ILE H 48 -26.83 -43.74 25.21
CA ILE H 48 -26.75 -44.75 24.16
C ILE H 48 -28.00 -44.67 23.31
N GLY H 49 -27.89 -45.03 22.05
CA GLY H 49 -29.03 -45.01 21.15
C GLY H 49 -29.03 -43.87 20.14
N GLU H 50 -27.89 -43.63 19.49
CA GLU H 50 -27.81 -42.55 18.53
C GLU H 50 -28.38 -43.03 17.20
N HIS H 51 -29.13 -42.14 16.55
CA HIS H 51 -29.74 -42.40 15.25
C HIS H 51 -30.68 -43.59 15.27
N THR H 52 -31.20 -43.91 16.46
CA THR H 52 -32.34 -44.81 16.61
C THR H 52 -33.64 -44.02 16.68
N ASP H 53 -33.54 -42.73 17.00
CA ASP H 53 -34.65 -41.80 17.12
C ASP H 53 -35.65 -41.89 15.98
N TYR H 54 -35.24 -41.47 14.78
CA TYR H 54 -36.13 -41.39 13.64
C TYR H 54 -36.43 -42.73 12.98
N ASN H 55 -35.87 -43.83 13.48
CA ASN H 55 -36.20 -45.16 12.99
C ASN H 55 -37.16 -45.90 13.91
N GLN H 56 -37.88 -45.17 14.76
CA GLN H 56 -38.81 -45.75 15.73
C GLN H 56 -38.10 -46.72 16.67
N GLY H 57 -36.87 -46.39 17.02
CA GLY H 57 -36.06 -47.21 17.90
C GLY H 57 -36.14 -46.74 19.35
N LEU H 58 -35.13 -47.12 20.12
CA LEU H 58 -35.03 -46.79 21.54
C LEU H 58 -33.90 -45.79 21.77
N VAL H 59 -34.13 -44.86 22.70
CA VAL H 59 -33.11 -43.90 23.11
C VAL H 59 -33.07 -43.85 24.63
N LEU H 60 -31.91 -43.46 25.16
CA LEU H 60 -31.69 -43.36 26.61
C LEU H 60 -31.00 -42.03 26.93
N PRO H 61 -31.73 -40.91 26.85
CA PRO H 61 -31.14 -39.61 27.17
C PRO H 61 -31.18 -39.31 28.67
N MET H 62 -30.43 -38.27 29.01
CA MET H 62 -30.42 -37.70 30.35
C MET H 62 -30.53 -36.19 30.23
N ALA H 63 -31.23 -35.57 31.18
CA ALA H 63 -31.23 -34.12 31.23
C ALA H 63 -29.91 -33.67 31.84
N LEU H 64 -29.41 -32.54 31.36
CA LEU H 64 -28.12 -32.04 31.81
C LEU H 64 -28.28 -30.94 32.83
N GLU H 65 -27.20 -30.67 33.56
CA GLU H 65 -27.20 -29.55 34.49
C GLU H 65 -27.11 -28.22 33.76
N LEU H 66 -26.67 -28.23 32.51
CA LEU H 66 -26.70 -27.05 31.64
C LEU H 66 -28.15 -26.78 31.20
N MET H 67 -28.53 -25.50 31.21
CA MET H 67 -29.94 -25.14 31.17
C MET H 67 -30.13 -23.87 30.36
N THR H 68 -31.37 -23.66 29.91
CA THR H 68 -31.83 -22.43 29.31
C THR H 68 -32.90 -21.80 30.21
N VAL H 69 -32.70 -20.53 30.56
CA VAL H 69 -33.61 -19.79 31.43
C VAL H 69 -34.25 -18.66 30.63
N LEU H 70 -35.57 -18.50 30.75
CA LEU H 70 -36.31 -17.41 30.11
C LEU H 70 -37.09 -16.64 31.16
N VAL H 71 -36.92 -15.32 31.18
CA VAL H 71 -37.68 -14.42 32.03
C VAL H 71 -38.46 -13.44 31.16
N GLY H 72 -39.67 -13.11 31.57
CA GLY H 72 -40.47 -12.20 30.75
C GLY H 72 -41.74 -11.76 31.43
N SER H 73 -42.56 -11.04 30.67
CA SER H 73 -43.83 -10.50 31.14
C SER H 73 -44.79 -10.41 29.96
N PRO H 74 -46.09 -10.59 30.20
CA PRO H 74 -47.07 -10.45 29.11
C PRO H 74 -47.29 -8.98 28.72
N ARG H 75 -47.74 -8.80 27.48
CA ARG H 75 -48.07 -7.48 26.96
C ARG H 75 -49.51 -7.45 26.46
N LYS H 76 -50.12 -6.27 26.55
CA LYS H 76 -51.42 -6.02 25.93
C LYS H 76 -51.30 -5.46 24.52
N ASP H 77 -50.09 -5.05 24.10
CA ASP H 77 -49.90 -4.51 22.76
C ASP H 77 -50.13 -5.57 21.69
N GLY H 78 -49.71 -6.80 21.95
CA GLY H 78 -49.74 -7.85 20.95
C GLY H 78 -48.45 -8.08 20.19
N LEU H 79 -47.33 -7.56 20.67
CA LEU H 79 -46.03 -7.79 20.03
C LEU H 79 -45.13 -8.60 20.95
N VAL H 80 -44.12 -9.23 20.36
CA VAL H 80 -43.10 -10.00 21.08
C VAL H 80 -41.73 -9.41 20.80
N SER H 81 -40.99 -9.08 21.86
CA SER H 81 -39.64 -8.54 21.75
C SER H 81 -38.71 -9.38 22.63
N LEU H 82 -37.61 -9.85 22.05
CA LEU H 82 -36.70 -10.79 22.70
C LEU H 82 -35.28 -10.23 22.77
N LEU H 83 -34.54 -10.68 23.79
CA LEU H 83 -33.12 -10.39 23.90
C LEU H 83 -32.40 -11.60 24.48
N THR H 84 -31.25 -11.94 23.90
CA THR H 84 -30.39 -13.01 24.39
C THR H 84 -29.01 -12.49 24.76
N THR H 85 -28.40 -13.14 25.74
CA THR H 85 -27.08 -12.74 26.22
C THR H 85 -25.96 -13.69 25.78
N SER H 86 -26.29 -14.84 25.21
CA SER H 86 -25.28 -15.81 24.81
C SER H 86 -24.48 -15.25 23.63
N GLU H 87 -23.16 -15.40 23.68
CA GLU H 87 -22.30 -14.78 22.67
C GLU H 87 -22.43 -15.50 21.33
N GLY H 88 -22.68 -16.81 21.34
CA GLY H 88 -22.81 -17.57 20.10
C GLY H 88 -24.10 -17.30 19.34
N ALA H 89 -25.01 -16.51 19.89
CA ALA H 89 -26.28 -16.24 19.22
C ALA H 89 -26.04 -15.46 17.93
N ASP H 90 -26.76 -15.86 16.87
CA ASP H 90 -26.71 -15.11 15.62
C ASP H 90 -27.15 -13.67 15.83
N GLU H 91 -26.63 -12.78 14.98
CA GLU H 91 -27.00 -11.38 15.08
C GLU H 91 -28.14 -11.06 14.13
N PRO H 92 -29.05 -10.14 14.51
CA PRO H 92 -29.05 -9.34 15.73
C PRO H 92 -29.50 -10.11 16.97
N GLN H 93 -28.93 -9.75 18.13
CA GLN H 93 -29.29 -10.34 19.41
C GLN H 93 -30.61 -9.81 19.96
N ARG H 94 -31.30 -8.92 19.25
CA ARG H 94 -32.59 -8.39 19.66
C ARG H 94 -33.53 -8.42 18.48
N LEU H 95 -34.82 -8.58 18.76
CA LEU H 95 -35.80 -8.67 17.69
C LEU H 95 -37.19 -8.38 18.24
N GLN H 96 -38.06 -7.88 17.37
CA GLN H 96 -39.44 -7.58 17.73
C GLN H 96 -40.34 -8.03 16.59
N PHE H 97 -41.47 -8.65 16.94
CA PHE H 97 -42.39 -9.13 15.92
C PHE H 97 -43.79 -9.22 16.51
N PRO H 98 -44.83 -9.09 15.69
CA PRO H 98 -46.20 -9.31 16.17
C PRO H 98 -46.59 -10.77 16.13
N LEU H 99 -47.54 -11.11 17.01
CA LEU H 99 -48.05 -12.47 17.09
C LEU H 99 -48.78 -12.83 15.80
N PRO H 100 -48.79 -14.11 15.42
CA PRO H 100 -49.51 -14.52 14.21
C PRO H 100 -51.01 -14.49 14.42
N THR H 101 -51.73 -14.22 13.31
CA THR H 101 -53.18 -14.22 13.32
C THR H 101 -53.69 -15.17 12.25
N ALA H 102 -55.01 -15.19 12.02
CA ALA H 102 -55.56 -16.02 10.96
C ALA H 102 -55.08 -15.57 9.58
N GLN H 103 -54.93 -14.25 9.39
CA GLN H 103 -54.52 -13.74 8.08
C GLN H 103 -53.03 -13.99 7.82
N ARG H 104 -52.17 -13.54 8.73
CA ARG H 104 -50.72 -13.62 8.56
C ARG H 104 -50.13 -14.63 9.53
N SER H 105 -49.17 -15.41 9.06
CA SER H 105 -48.50 -16.37 9.91
C SER H 105 -47.05 -15.95 10.10
N LEU H 106 -46.44 -16.45 11.18
CA LEU H 106 -45.01 -16.22 11.34
C LEU H 106 -44.26 -17.07 10.33
N GLU H 107 -43.06 -16.63 9.97
CA GLU H 107 -42.32 -17.30 8.91
C GLU H 107 -40.85 -17.36 9.30
N PRO H 108 -40.16 -18.43 8.92
CA PRO H 108 -38.75 -18.54 9.28
C PRO H 108 -37.91 -17.48 8.57
N GLY H 109 -36.92 -16.96 9.30
CA GLY H 109 -36.02 -15.96 8.76
C GLY H 109 -34.77 -15.71 9.58
N THR H 110 -34.44 -14.43 9.78
CA THR H 110 -33.27 -13.96 10.50
C THR H 110 -33.70 -13.16 11.73
N PRO H 111 -33.04 -13.34 12.89
CA PRO H 111 -31.96 -14.29 13.18
C PRO H 111 -32.46 -15.73 13.35
N ARG H 112 -31.55 -16.70 13.19
CA ARG H 112 -31.97 -18.10 13.22
C ARG H 112 -32.39 -18.54 14.62
N TRP H 113 -31.76 -18.00 15.67
CA TRP H 113 -32.11 -18.40 17.02
C TRP H 113 -33.54 -18.03 17.38
N ALA H 114 -34.08 -16.95 16.78
CA ALA H 114 -35.45 -16.54 17.05
C ALA H 114 -36.47 -17.38 16.30
N ASN H 115 -36.04 -18.18 15.33
CA ASN H 115 -36.97 -19.07 14.65
C ASN H 115 -37.48 -20.16 15.58
N TYR H 116 -36.66 -20.61 16.53
CA TYR H 116 -37.11 -21.61 17.49
C TYR H 116 -38.26 -21.09 18.34
N VAL H 117 -38.15 -19.84 18.81
CA VAL H 117 -39.25 -19.27 19.58
C VAL H 117 -40.44 -18.97 18.67
N LYS H 118 -40.18 -18.48 17.45
CA LYS H 118 -41.25 -18.15 16.52
C LYS H 118 -42.02 -19.40 16.10
N GLY H 119 -41.32 -20.52 15.90
CA GLY H 119 -42.00 -21.74 15.47
C GLY H 119 -43.00 -22.25 16.49
N VAL H 120 -42.59 -22.30 17.76
CA VAL H 120 -43.50 -22.76 18.82
C VAL H 120 -44.68 -21.81 18.97
N ILE H 121 -44.43 -20.50 18.84
CA ILE H 121 -45.52 -19.53 18.89
C ILE H 121 -46.52 -19.81 17.77
N GLN H 122 -46.01 -20.08 16.56
CA GLN H 122 -46.89 -20.35 15.43
C GLN H 122 -47.75 -21.58 15.67
N TYR H 123 -47.16 -22.63 16.22
CA TYR H 123 -47.84 -23.91 16.39
C TYR H 123 -48.37 -24.12 17.81
N TYR H 124 -48.35 -23.10 18.65
CA TYR H 124 -48.88 -23.23 20.00
C TYR H 124 -50.39 -23.50 19.95
N PRO H 125 -50.88 -24.53 20.65
CA PRO H 125 -52.28 -24.95 20.45
C PRO H 125 -53.32 -24.15 21.22
N ALA H 126 -52.93 -23.28 22.14
CA ALA H 126 -53.90 -22.56 22.96
C ALA H 126 -54.08 -21.12 22.49
N ALA H 127 -55.22 -20.54 22.88
CA ALA H 127 -55.60 -19.19 22.49
C ALA H 127 -56.61 -18.66 23.50
N PRO H 128 -56.70 -17.34 23.69
CA PRO H 128 -55.88 -16.29 23.05
C PRO H 128 -54.58 -16.07 23.83
N LEU H 129 -53.47 -15.96 23.11
CA LEU H 129 -52.16 -15.84 23.72
C LEU H 129 -51.65 -14.42 23.53
N PRO H 130 -51.29 -13.72 24.61
CA PRO H 130 -50.92 -12.31 24.50
C PRO H 130 -49.48 -12.12 24.04
N GLY H 131 -49.15 -10.88 23.72
CA GLY H 131 -47.77 -10.52 23.47
C GLY H 131 -46.96 -10.57 24.74
N PHE H 132 -45.63 -10.56 24.57
CA PHE H 132 -44.76 -10.66 25.73
C PHE H 132 -43.37 -10.14 25.39
N SER H 133 -42.66 -9.73 26.43
CA SER H 133 -41.24 -9.44 26.37
C SER H 133 -40.50 -10.56 27.07
N ALA H 134 -39.32 -10.92 26.57
CA ALA H 134 -38.61 -12.05 27.14
C ALA H 134 -37.11 -11.89 26.92
N VAL H 135 -36.33 -12.35 27.90
CA VAL H 135 -34.89 -12.45 27.79
C VAL H 135 -34.51 -13.91 27.97
N VAL H 136 -33.66 -14.42 27.08
CA VAL H 136 -33.19 -15.80 27.16
C VAL H 136 -31.71 -15.81 27.48
N VAL H 137 -31.35 -16.58 28.50
CA VAL H 137 -29.97 -16.87 28.84
C VAL H 137 -29.83 -18.39 28.87
N SER H 138 -28.62 -18.88 28.58
CA SER H 138 -28.45 -20.33 28.50
C SER H 138 -27.02 -20.71 28.87
N SER H 139 -26.88 -21.88 29.50
CA SER H 139 -25.59 -22.47 29.75
C SER H 139 -25.27 -23.65 28.82
N VAL H 140 -26.23 -24.13 28.03
CA VAL H 140 -25.93 -25.17 27.05
C VAL H 140 -25.19 -24.53 25.88
N PRO H 141 -24.00 -25.03 25.54
CA PRO H 141 -23.27 -24.47 24.39
C PRO H 141 -24.04 -24.70 23.10
N LEU H 142 -24.23 -23.61 22.34
CA LEU H 142 -25.06 -23.67 21.14
C LEU H 142 -24.34 -24.49 20.08
N GLY H 143 -25.06 -25.45 19.50
CA GLY H 143 -24.45 -26.33 18.52
C GLY H 143 -23.39 -27.27 19.06
N GLY H 144 -23.32 -27.43 20.38
CA GLY H 144 -22.33 -28.29 20.98
C GLY H 144 -22.73 -29.75 21.08
N GLY H 145 -23.87 -30.12 20.50
CA GLY H 145 -24.34 -31.49 20.52
C GLY H 145 -25.13 -31.87 21.75
N LEU H 146 -25.37 -30.93 22.67
CA LEU H 146 -26.15 -31.18 23.87
C LEU H 146 -27.56 -30.62 23.78
N SER H 147 -28.06 -30.39 22.56
CA SER H 147 -29.45 -30.02 22.30
C SER H 147 -29.78 -28.64 22.89
N SER H 148 -28.97 -27.64 22.56
CA SER H 148 -29.31 -26.27 22.91
C SER H 148 -30.62 -25.84 22.25
N SER H 149 -30.81 -26.23 20.98
CA SER H 149 -32.03 -25.86 20.26
C SER H 149 -33.28 -26.36 20.97
N ALA H 150 -33.29 -27.64 21.36
CA ALA H 150 -34.45 -28.19 22.04
C ALA H 150 -34.72 -27.50 23.36
N SER H 151 -33.66 -27.17 24.09
CA SER H 151 -33.82 -26.45 25.36
C SER H 151 -34.53 -25.11 25.16
N LEU H 152 -34.18 -24.38 24.09
CA LEU H 152 -34.81 -23.09 23.84
C LEU H 152 -36.27 -23.26 23.44
N GLU H 153 -36.57 -24.24 22.59
CA GLU H 153 -37.95 -24.47 22.19
C GLU H 153 -38.80 -24.89 23.37
N VAL H 154 -38.29 -25.80 24.20
CA VAL H 154 -39.09 -26.29 25.31
C VAL H 154 -39.25 -25.20 26.37
N ALA H 155 -38.17 -24.46 26.64
CA ALA H 155 -38.28 -23.31 27.55
C ALA H 155 -39.31 -22.30 27.04
N THR H 156 -39.28 -22.02 25.74
CA THR H 156 -40.27 -21.12 25.15
C THR H 156 -41.68 -21.65 25.34
N TYR H 157 -41.88 -22.95 25.10
CA TYR H 157 -43.23 -23.52 25.25
C TYR H 157 -43.73 -23.40 26.68
N THR H 158 -42.90 -23.73 27.67
CA THR H 158 -43.35 -23.64 29.06
C THR H 158 -43.65 -22.20 29.44
N PHE H 159 -42.94 -21.24 28.84
CA PHE H 159 -43.26 -19.83 29.08
C PHE H 159 -44.66 -19.50 28.57
N LEU H 160 -44.99 -19.93 27.35
CA LEU H 160 -46.30 -19.62 26.78
C LEU H 160 -47.44 -20.22 27.59
N GLN H 161 -47.18 -21.33 28.30
CA GLN H 161 -48.21 -21.89 29.17
C GLN H 161 -48.59 -20.94 30.28
N GLN H 162 -47.65 -20.11 30.74
CA GLN H 162 -47.98 -19.10 31.74
C GLN H 162 -48.85 -18.00 31.14
N LEU H 163 -48.58 -17.63 29.89
CA LEU H 163 -49.37 -16.57 29.24
C LEU H 163 -50.77 -17.06 28.91
N CYS H 164 -50.91 -18.32 28.52
CA CYS H 164 -52.19 -18.87 28.08
C CYS H 164 -52.15 -20.39 28.18
N PRO H 165 -52.84 -20.99 29.14
CA PRO H 165 -52.67 -22.43 29.40
C PRO H 165 -53.23 -23.29 28.28
N ASP H 166 -52.47 -24.32 27.93
CA ASP H 166 -52.87 -25.34 26.97
C ASP H 166 -53.54 -26.50 27.71
N SER H 167 -54.14 -27.40 26.94
CA SER H 167 -54.86 -28.53 27.53
C SER H 167 -54.19 -29.88 27.33
N GLY H 168 -53.26 -30.00 26.38
CA GLY H 168 -52.71 -31.29 26.04
C GLY H 168 -51.71 -31.83 27.04
N THR H 169 -51.16 -32.99 26.69
CA THR H 169 -50.21 -33.73 27.50
C THR H 169 -48.79 -33.23 27.27
N ILE H 170 -47.86 -33.76 28.07
CA ILE H 170 -46.44 -33.44 27.87
C ILE H 170 -46.00 -33.90 26.49
N ALA H 171 -46.53 -35.04 26.03
CA ALA H 171 -46.20 -35.53 24.70
C ALA H 171 -46.66 -34.55 23.61
N ALA H 172 -47.85 -33.97 23.78
CA ALA H 172 -48.35 -33.00 22.80
C ALA H 172 -47.44 -31.79 22.72
N ARG H 173 -46.86 -31.38 23.85
CA ARG H 173 -45.94 -30.25 23.87
C ARG H 173 -44.67 -30.58 23.10
N ALA H 174 -44.16 -31.81 23.24
CA ALA H 174 -42.94 -32.20 22.53
C ALA H 174 -43.13 -32.21 21.02
N GLN H 175 -44.33 -32.55 20.56
CA GLN H 175 -44.56 -32.59 19.11
C GLN H 175 -44.73 -31.19 18.53
N VAL H 176 -45.22 -30.25 19.31
CA VAL H 176 -45.29 -28.86 18.86
C VAL H 176 -43.89 -28.27 18.74
N CYS H 177 -43.05 -28.46 19.77
CA CYS H 177 -41.67 -27.97 19.72
C CYS H 177 -40.89 -28.59 18.58
N GLN H 178 -41.19 -29.85 18.26
CA GLN H 178 -40.51 -30.52 17.16
C GLN H 178 -40.96 -29.98 15.81
N GLN H 179 -42.24 -29.64 15.67
CA GLN H 179 -42.72 -29.07 14.42
C GLN H 179 -42.09 -27.71 14.18
N ALA H 180 -41.72 -27.01 15.26
CA ALA H 180 -40.98 -25.76 15.12
C ALA H 180 -39.60 -26.02 14.55
N GLU H 181 -38.91 -27.06 15.02
CA GLU H 181 -37.59 -27.38 14.48
C GLU H 181 -37.66 -27.86 13.04
N HIS H 182 -38.73 -28.57 12.66
CA HIS H 182 -38.85 -29.07 11.30
C HIS H 182 -39.05 -27.93 10.31
N SER H 183 -40.05 -27.08 10.57
CA SER H 183 -40.42 -26.05 9.60
C SER H 183 -39.57 -24.80 9.73
N PHE H 184 -39.31 -24.36 10.96
CA PHE H 184 -38.65 -23.08 11.20
C PHE H 184 -37.14 -23.18 11.33
N ALA H 185 -36.60 -24.39 11.50
CA ALA H 185 -35.16 -24.57 11.60
C ALA H 185 -34.57 -25.43 10.49
N GLY H 186 -35.40 -26.00 9.62
CA GLY H 186 -34.89 -26.84 8.55
C GLY H 186 -34.13 -28.04 9.06
N MET H 187 -34.51 -28.57 10.21
CA MET H 187 -33.81 -29.68 10.86
C MET H 187 -34.78 -30.81 11.15
N PRO H 188 -34.71 -31.93 10.43
CA PRO H 188 -35.64 -33.06 10.64
C PRO H 188 -35.21 -33.96 11.80
N CYS H 189 -35.28 -33.41 13.01
CA CYS H 189 -34.84 -34.12 14.21
C CYS H 189 -35.86 -35.17 14.62
N GLY H 190 -35.44 -36.06 15.51
CA GLY H 190 -36.38 -36.96 16.16
C GLY H 190 -37.01 -36.31 17.38
N ILE H 191 -37.75 -37.13 18.13
CA ILE H 191 -38.54 -36.60 19.24
C ILE H 191 -37.79 -36.65 20.56
N MET H 192 -36.63 -37.29 20.60
CA MET H 192 -35.92 -37.55 21.84
C MET H 192 -35.59 -36.26 22.58
N ASP H 193 -34.96 -35.30 21.89
CA ASP H 193 -34.47 -34.09 22.55
C ASP H 193 -35.61 -33.32 23.21
N GLN H 194 -36.72 -33.13 22.49
CA GLN H 194 -37.87 -32.44 23.07
C GLN H 194 -38.43 -33.20 24.26
N PHE H 195 -38.41 -34.53 24.21
CA PHE H 195 -39.01 -35.33 25.27
C PHE H 195 -38.22 -35.24 26.56
N ILE H 196 -36.90 -35.44 26.48
CA ILE H 196 -36.07 -35.45 27.68
C ILE H 196 -36.03 -34.07 28.32
N SER H 197 -36.06 -33.02 27.50
CA SER H 197 -36.11 -31.66 28.06
C SER H 197 -37.41 -31.44 28.83
N LEU H 198 -38.53 -31.98 28.32
CA LEU H 198 -39.81 -31.83 29.00
C LEU H 198 -39.97 -32.82 30.16
N MET H 199 -39.50 -34.05 30.00
CA MET H 199 -39.90 -35.14 30.87
C MET H 199 -38.77 -35.68 31.76
N GLY H 200 -37.56 -35.13 31.65
CA GLY H 200 -36.48 -35.61 32.49
C GLY H 200 -36.76 -35.40 33.96
N GLN H 201 -36.18 -36.27 34.79
CA GLN H 201 -36.27 -36.14 36.25
C GLN H 201 -34.89 -36.34 36.85
N LYS H 202 -34.65 -35.68 37.98
CA LYS H 202 -33.33 -35.66 38.58
C LYS H 202 -32.97 -37.05 39.11
N GLY H 203 -31.86 -37.59 38.63
CA GLY H 203 -31.41 -38.90 39.05
C GLY H 203 -31.95 -40.03 38.22
N HIS H 204 -32.41 -39.75 37.00
CA HIS H 204 -33.05 -40.74 36.16
C HIS H 204 -32.67 -40.49 34.70
N ALA H 205 -32.35 -41.57 33.99
CA ALA H 205 -32.37 -41.53 32.55
C ALA H 205 -33.77 -41.85 32.06
N LEU H 206 -34.05 -41.51 30.81
CA LEU H 206 -35.37 -41.70 30.22
C LEU H 206 -35.25 -42.70 29.09
N LEU H 207 -35.84 -43.89 29.27
CA LEU H 207 -35.93 -44.86 28.18
C LEU H 207 -37.16 -44.54 27.34
N ILE H 208 -36.93 -44.00 26.14
CA ILE H 208 -38.01 -43.56 25.27
C ILE H 208 -38.14 -44.55 24.12
N ASP H 209 -39.32 -45.16 23.99
CA ASP H 209 -39.65 -45.99 22.84
C ASP H 209 -40.23 -45.08 21.78
N CYS H 210 -39.46 -44.78 20.75
CA CYS H 210 -39.86 -43.77 19.77
C CYS H 210 -40.95 -44.25 18.82
N ARG H 211 -41.30 -45.53 18.82
CA ARG H 211 -42.41 -46.01 18.00
C ARG H 211 -43.75 -45.85 18.70
N SER H 212 -43.81 -46.20 19.98
CA SER H 212 -45.03 -46.08 20.77
C SER H 212 -45.04 -44.84 21.64
N LEU H 213 -43.90 -44.15 21.77
CA LEU H 213 -43.74 -43.02 22.66
C LEU H 213 -44.01 -43.38 24.12
N GLU H 214 -43.91 -44.67 24.47
CA GLU H 214 -43.90 -45.03 25.88
C GLU H 214 -42.58 -44.62 26.50
N THR H 215 -42.64 -44.12 27.72
CA THR H 215 -41.46 -43.60 28.41
C THR H 215 -41.30 -44.27 29.76
N SER H 216 -40.05 -44.48 30.16
CA SER H 216 -39.73 -45.04 31.46
C SER H 216 -38.61 -44.26 32.13
N LEU H 217 -38.76 -44.03 33.44
CA LEU H 217 -37.74 -43.35 34.24
C LEU H 217 -36.86 -44.43 34.85
N VAL H 218 -35.60 -44.50 34.42
CA VAL H 218 -34.65 -45.49 34.92
C VAL H 218 -33.70 -44.76 35.87
N PRO H 219 -33.65 -45.13 37.15
CA PRO H 219 -32.86 -44.33 38.10
C PRO H 219 -31.37 -44.43 37.83
N LEU H 220 -30.70 -43.28 37.99
CA LEU H 220 -29.25 -43.13 37.88
C LEU H 220 -28.84 -42.26 39.07
N SER H 221 -28.83 -42.86 40.26
CA SER H 221 -28.52 -42.17 41.50
C SER H 221 -27.48 -43.00 42.26
N ASP H 222 -26.22 -42.79 41.91
CA ASP H 222 -25.11 -43.47 42.55
C ASP H 222 -23.96 -42.48 42.79
N PRO H 223 -23.60 -42.19 44.04
CA PRO H 223 -22.49 -41.26 44.27
C PRO H 223 -21.15 -41.77 43.74
N LYS H 224 -21.03 -43.07 43.51
CA LYS H 224 -19.82 -43.64 42.93
C LYS H 224 -19.85 -43.69 41.40
N LEU H 225 -20.88 -43.15 40.77
CA LEU H 225 -21.02 -43.18 39.32
C LEU H 225 -21.11 -41.75 38.78
N ALA H 226 -20.33 -41.46 37.75
CA ALA H 226 -20.31 -40.15 37.13
C ALA H 226 -20.35 -40.28 35.61
N VAL H 227 -21.02 -39.34 34.95
CA VAL H 227 -21.02 -39.24 33.50
C VAL H 227 -20.25 -37.97 33.12
N LEU H 228 -19.18 -38.14 32.36
CA LEU H 228 -18.31 -37.04 31.96
C LEU H 228 -18.53 -36.72 30.49
N ILE H 229 -18.85 -35.47 30.19
CA ILE H 229 -19.08 -34.99 28.84
C ILE H 229 -17.86 -34.19 28.38
N THR H 230 -17.32 -34.54 27.22
CA THR H 230 -16.13 -33.91 26.66
C THR H 230 -16.48 -33.25 25.34
N ASN H 231 -16.47 -31.92 25.32
CA ASN H 231 -16.70 -31.17 24.08
C ASN H 231 -15.40 -31.09 23.28
N SER H 232 -15.46 -31.55 22.03
CA SER H 232 -14.33 -31.42 21.13
C SER H 232 -14.19 -30.02 20.57
N ASN H 233 -15.26 -29.22 20.63
CA ASN H 233 -15.29 -27.86 20.08
C ASN H 233 -15.03 -27.87 18.57
N VAL H 234 -15.74 -28.76 17.88
CA VAL H 234 -15.64 -28.86 16.42
C VAL H 234 -17.04 -28.83 15.80
N PRO H 244 -29.16 -36.15 8.29
CA PRO H 244 -28.74 -35.66 6.98
C PRO H 244 -28.97 -36.69 5.90
N VAL H 245 -27.90 -37.01 5.17
CA VAL H 245 -28.01 -38.01 4.10
C VAL H 245 -28.48 -39.34 4.67
N ARG H 246 -27.94 -39.77 5.83
CA ARG H 246 -28.36 -41.06 6.39
C ARG H 246 -29.77 -41.05 6.94
N ARG H 247 -30.37 -39.90 7.26
CA ARG H 247 -31.77 -39.97 7.65
C ARG H 247 -32.57 -40.62 6.52
N ARG H 248 -32.30 -40.22 5.28
CA ARG H 248 -32.97 -40.77 4.13
C ARG H 248 -32.43 -42.12 3.69
N GLN H 249 -31.19 -42.48 4.03
CA GLN H 249 -30.70 -43.81 3.67
C GLN H 249 -31.44 -44.92 4.42
N CYS H 250 -31.79 -44.66 5.67
CA CYS H 250 -32.46 -45.67 6.49
C CYS H 250 -33.86 -45.99 5.99
N GLU H 251 -34.65 -45.01 5.54
CA GLU H 251 -36.01 -45.37 5.13
C GLU H 251 -36.01 -46.18 3.84
N GLU H 252 -35.00 -46.01 2.98
CA GLU H 252 -34.93 -46.84 1.77
C GLU H 252 -34.72 -48.31 2.13
N VAL H 253 -33.84 -48.58 3.11
CA VAL H 253 -33.57 -49.96 3.51
C VAL H 253 -34.83 -50.59 4.09
N ALA H 254 -35.52 -49.88 4.98
CA ALA H 254 -36.74 -50.40 5.57
C ALA H 254 -37.81 -50.64 4.51
N ARG H 255 -37.94 -49.72 3.55
CA ARG H 255 -38.91 -49.91 2.47
C ARG H 255 -38.53 -51.07 1.57
N ALA H 256 -37.22 -51.29 1.36
CA ALA H 256 -36.79 -52.38 0.50
C ALA H 256 -37.13 -53.74 1.08
N LEU H 257 -37.18 -53.85 2.41
CA LEU H 257 -37.53 -55.09 3.07
C LEU H 257 -39.00 -55.19 3.42
N GLY H 258 -39.82 -54.26 2.94
CA GLY H 258 -41.24 -54.27 3.23
C GLY H 258 -41.60 -54.01 4.67
N ALA H 259 -40.73 -53.35 5.43
CA ALA H 259 -40.99 -53.04 6.83
C ALA H 259 -41.33 -51.56 6.97
N ALA H 260 -42.10 -51.24 8.01
CA ALA H 260 -42.48 -49.86 8.25
C ALA H 260 -41.28 -49.04 8.72
N SER H 261 -40.34 -49.67 9.41
CA SER H 261 -39.15 -49.00 9.91
C SER H 261 -38.13 -50.08 10.27
N LEU H 262 -36.89 -49.65 10.46
CA LEU H 262 -35.83 -50.58 10.84
C LEU H 262 -36.09 -51.22 12.20
N ARG H 263 -37.08 -50.73 12.95
CA ARG H 263 -37.43 -51.36 14.22
C ARG H 263 -37.97 -52.77 14.01
N GLU H 264 -38.60 -53.02 12.87
CA GLU H 264 -39.17 -54.33 12.55
C GLU H 264 -38.12 -55.30 12.01
N VAL H 265 -36.90 -54.87 11.76
CA VAL H 265 -35.89 -55.70 11.11
C VAL H 265 -34.92 -56.20 12.17
N GLN H 266 -34.67 -57.51 12.16
CA GLN H 266 -33.68 -58.14 13.03
C GLN H 266 -32.40 -58.41 12.26
N LEU H 267 -31.34 -58.64 13.03
CA LEU H 267 -30.02 -58.79 12.43
C LEU H 267 -29.95 -59.96 11.44
N GLU H 268 -30.69 -61.07 11.69
CA GLU H 268 -30.54 -62.18 10.73
C GLU H 268 -31.25 -61.84 9.44
N GLU H 269 -32.38 -61.14 9.54
CA GLU H 269 -33.18 -60.77 8.38
C GLU H 269 -32.45 -59.77 7.52
N LEU H 270 -31.63 -58.92 8.13
CA LEU H 270 -30.87 -57.95 7.36
C LEU H 270 -29.85 -58.63 6.47
N GLU H 271 -29.24 -59.72 6.95
CA GLU H 271 -28.28 -60.45 6.12
C GLU H 271 -28.96 -61.18 4.98
N ALA H 272 -30.21 -61.61 5.16
CA ALA H 272 -30.95 -62.26 4.10
C ALA H 272 -31.34 -61.29 2.99
N ALA H 273 -31.28 -59.98 3.26
CA ALA H 273 -31.64 -58.97 2.28
C ALA H 273 -30.43 -58.20 1.77
N ARG H 274 -29.23 -58.79 1.87
CA ARG H 274 -28.02 -58.11 1.43
C ARG H 274 -28.10 -57.71 -0.04
N ASP H 275 -28.74 -58.55 -0.87
CA ASP H 275 -28.85 -58.29 -2.29
C ASP H 275 -30.02 -57.37 -2.63
N LEU H 276 -30.83 -57.01 -1.64
CA LEU H 276 -31.96 -56.11 -1.84
C LEU H 276 -31.63 -54.64 -1.61
N VAL H 277 -30.48 -54.34 -1.00
CA VAL H 277 -30.15 -52.98 -0.59
C VAL H 277 -28.72 -52.64 -0.99
N SER H 278 -28.42 -51.34 -0.95
CA SER H 278 -27.07 -50.88 -1.21
C SER H 278 -26.12 -51.41 -0.14
N LYS H 279 -24.83 -51.46 -0.49
CA LYS H 279 -23.84 -51.89 0.49
C LYS H 279 -23.72 -50.90 1.64
N GLU H 280 -23.77 -49.60 1.32
CA GLU H 280 -23.80 -48.58 2.38
C GLU H 280 -25.10 -48.66 3.17
N GLY H 281 -26.23 -48.77 2.46
CA GLY H 281 -27.50 -48.87 3.14
C GLY H 281 -27.56 -50.05 4.10
N PHE H 282 -26.96 -51.17 3.71
CA PHE H 282 -26.93 -52.33 4.60
C PHE H 282 -26.06 -52.05 5.82
N ARG H 283 -24.95 -51.34 5.62
CA ARG H 283 -24.05 -51.04 6.73
C ARG H 283 -24.65 -49.99 7.65
N ARG H 284 -25.48 -49.10 7.10
CA ARG H 284 -26.22 -48.15 7.92
C ARG H 284 -27.30 -48.86 8.73
N ALA H 285 -28.02 -49.79 8.07
CA ALA H 285 -29.07 -50.54 8.75
C ALA H 285 -28.53 -51.45 9.85
N ARG H 286 -27.31 -51.97 9.68
CA ARG H 286 -26.75 -52.83 10.71
C ARG H 286 -26.50 -52.06 11.99
N HIS H 287 -26.08 -50.79 11.90
CA HIS H 287 -25.95 -49.98 13.10
C HIS H 287 -27.29 -49.76 13.78
N VAL H 288 -28.28 -49.30 13.02
CA VAL H 288 -29.57 -48.97 13.61
C VAL H 288 -30.18 -50.19 14.29
N VAL H 289 -30.16 -51.33 13.60
CA VAL H 289 -30.73 -52.55 14.16
C VAL H 289 -29.96 -52.99 15.39
N GLY H 290 -28.63 -52.87 15.35
CA GLY H 290 -27.83 -53.24 16.51
C GLY H 290 -27.95 -52.27 17.66
N GLU H 291 -28.13 -50.97 17.36
CA GLU H 291 -28.22 -49.98 18.42
C GLU H 291 -29.56 -50.08 19.16
N ILE H 292 -30.65 -50.34 18.43
CA ILE H 292 -31.94 -50.57 19.08
C ILE H 292 -31.83 -51.71 20.08
N ARG H 293 -31.19 -52.80 19.69
CA ARG H 293 -31.02 -53.93 20.60
C ARG H 293 -30.06 -53.57 21.73
N ARG H 294 -29.02 -52.80 21.43
CA ARG H 294 -28.06 -52.39 22.45
C ARG H 294 -28.71 -51.48 23.50
N THR H 295 -29.66 -50.64 23.08
CA THR H 295 -30.30 -49.73 24.03
C THR H 295 -31.19 -50.51 25.00
N ALA H 296 -31.91 -51.51 24.49
CA ALA H 296 -32.69 -52.38 25.38
C ALA H 296 -31.80 -53.11 26.36
N GLN H 297 -30.63 -53.56 25.89
CA GLN H 297 -29.69 -54.23 26.79
C GLN H 297 -29.02 -53.24 27.73
N ALA H 298 -28.81 -52.00 27.28
CA ALA H 298 -28.21 -50.99 28.15
C ALA H 298 -29.15 -50.61 29.28
N ALA H 299 -30.44 -50.47 28.99
CA ALA H 299 -31.41 -50.19 30.05
C ALA H 299 -31.43 -51.30 31.09
N ALA H 300 -31.40 -52.56 30.63
CA ALA H 300 -31.38 -53.69 31.55
C ALA H 300 -30.11 -53.70 32.38
N ALA H 301 -28.96 -53.42 31.75
CA ALA H 301 -27.69 -53.40 32.48
C ALA H 301 -27.70 -52.38 33.61
N LEU H 302 -28.29 -51.20 33.36
CA LEU H 302 -28.36 -50.17 34.40
C LEU H 302 -29.37 -50.54 35.48
N ARG H 303 -30.44 -51.25 35.11
CA ARG H 303 -31.42 -51.68 36.10
C ARG H 303 -30.79 -52.62 37.12
N ARG H 304 -29.91 -53.52 36.66
CA ARG H 304 -29.21 -54.44 37.55
C ARG H 304 -27.89 -53.87 38.04
N GLY H 305 -27.58 -52.61 37.69
CA GLY H 305 -26.40 -51.95 38.21
C GLY H 305 -25.09 -52.39 37.58
N ASP H 306 -25.13 -53.04 36.42
CA ASP H 306 -23.91 -53.54 35.77
C ASP H 306 -23.34 -52.46 34.86
N TYR H 307 -22.60 -51.53 35.49
CA TYR H 307 -22.04 -50.41 34.73
C TYR H 307 -20.96 -50.86 33.77
N ARG H 308 -20.26 -51.96 34.09
CA ARG H 308 -19.27 -52.47 33.16
C ARG H 308 -19.93 -52.99 31.88
N ALA H 309 -21.09 -53.64 32.03
CA ALA H 309 -21.85 -54.05 30.84
C ALA H 309 -22.40 -52.84 30.10
N PHE H 310 -22.90 -51.84 30.84
CA PHE H 310 -23.33 -50.60 30.20
C PHE H 310 -22.18 -49.95 29.45
N GLY H 311 -20.99 -49.90 30.07
CA GLY H 311 -19.84 -49.31 29.42
C GLY H 311 -19.45 -50.05 28.16
N ARG H 312 -19.53 -51.38 28.19
CA ARG H 312 -19.19 -52.17 27.01
C ARG H 312 -20.16 -51.89 25.86
N LEU H 313 -21.44 -51.72 26.17
CA LEU H 313 -22.41 -51.37 25.13
C LEU H 313 -22.18 -49.98 24.56
N MET H 314 -21.68 -49.05 25.38
CA MET H 314 -21.35 -47.72 24.86
C MET H 314 -20.23 -47.79 23.84
N VAL H 315 -19.19 -48.58 24.13
CA VAL H 315 -18.08 -48.68 23.22
C VAL H 315 -18.51 -49.35 21.94
N GLU H 316 -19.37 -50.33 22.05
CA GLU H 316 -19.79 -50.98 20.83
C GLU H 316 -20.73 -50.09 20.02
N SER H 317 -21.51 -49.24 20.69
CA SER H 317 -22.26 -48.23 19.98
C SER H 317 -21.33 -47.27 19.22
N HIS H 318 -20.19 -46.92 19.83
CA HIS H 318 -19.24 -46.02 19.18
C HIS H 318 -18.62 -46.66 17.94
N ARG H 319 -18.11 -47.89 18.08
CA ARG H 319 -17.55 -48.59 16.93
C ARG H 319 -18.58 -48.72 15.82
N SER H 320 -19.84 -48.99 16.18
CA SER H 320 -20.91 -49.06 15.19
C SER H 320 -21.09 -47.71 14.49
N LEU H 321 -21.05 -46.63 15.26
CA LEU H 321 -21.15 -45.29 14.66
C LEU H 321 -19.91 -44.94 13.84
N ARG H 322 -18.75 -45.45 14.23
CA ARG H 322 -17.50 -45.09 13.55
C ARG H 322 -17.32 -45.86 12.25
N ASP H 323 -17.68 -47.14 12.24
CA ASP H 323 -17.41 -48.01 11.09
C ASP H 323 -18.64 -48.20 10.21
N ASP H 324 -19.79 -48.53 10.80
CA ASP H 324 -20.98 -48.83 10.00
C ASP H 324 -21.74 -47.56 9.62
N TYR H 325 -21.99 -46.67 10.59
CA TYR H 325 -22.71 -45.45 10.29
C TYR H 325 -21.81 -44.30 9.85
N GLU H 326 -20.52 -44.33 10.24
CA GLU H 326 -19.54 -43.33 9.85
C GLU H 326 -20.05 -41.90 10.08
N VAL H 327 -20.33 -41.58 11.33
CA VAL H 327 -20.76 -40.25 11.71
C VAL H 327 -19.86 -39.65 12.78
N SER H 328 -18.75 -40.32 13.09
CA SER H 328 -17.73 -39.80 13.96
C SER H 328 -16.62 -39.17 13.13
N CYS H 329 -15.67 -38.54 13.80
CA CYS H 329 -14.53 -37.92 13.17
C CYS H 329 -13.28 -38.30 13.93
N PRO H 330 -12.09 -38.09 13.35
CA PRO H 330 -10.86 -38.48 14.07
C PRO H 330 -10.69 -37.80 15.42
N GLU H 331 -11.17 -36.56 15.56
CA GLU H 331 -11.06 -35.87 16.84
C GLU H 331 -11.91 -36.57 17.90
N LEU H 332 -13.15 -36.93 17.55
CA LEU H 332 -14.00 -37.68 18.48
C LEU H 332 -13.44 -39.07 18.74
N ASP H 333 -12.96 -39.75 17.70
CA ASP H 333 -12.40 -41.09 17.87
C ASP H 333 -11.17 -41.07 18.77
N GLN H 334 -10.37 -40.00 18.70
CA GLN H 334 -9.22 -39.89 19.58
C GLN H 334 -9.66 -39.58 21.00
N LEU H 335 -10.74 -38.81 21.17
CA LEU H 335 -11.26 -38.53 22.51
C LEU H 335 -11.79 -39.80 23.17
N VAL H 336 -12.42 -40.67 22.37
CA VAL H 336 -12.97 -41.90 22.93
C VAL H 336 -11.85 -42.85 23.33
N GLU H 337 -10.85 -43.00 22.46
CA GLU H 337 -9.73 -43.89 22.77
C GLU H 337 -8.94 -43.40 23.97
N ALA H 338 -8.81 -42.09 24.13
CA ALA H 338 -8.13 -41.54 25.29
C ALA H 338 -8.90 -41.81 26.57
N ALA H 339 -10.23 -41.64 26.53
CA ALA H 339 -11.05 -41.87 27.72
C ALA H 339 -11.02 -43.34 28.13
N LEU H 340 -10.99 -44.24 27.15
CA LEU H 340 -11.01 -45.67 27.45
C LEU H 340 -9.72 -46.15 28.10
N ALA H 341 -8.62 -45.42 27.93
CA ALA H 341 -7.35 -45.81 28.54
C ALA H 341 -7.27 -45.46 30.02
N VAL H 342 -8.14 -44.59 30.50
CA VAL H 342 -8.08 -44.15 31.91
C VAL H 342 -8.72 -45.22 32.79
N PRO H 343 -8.04 -45.70 33.82
CA PRO H 343 -8.66 -46.69 34.72
C PRO H 343 -9.83 -46.07 35.47
N GLY H 344 -10.87 -46.87 35.65
CA GLY H 344 -12.10 -46.41 36.27
C GLY H 344 -13.16 -45.95 35.30
N VAL H 345 -12.87 -45.93 34.00
CA VAL H 345 -13.85 -45.60 32.98
C VAL H 345 -14.54 -46.88 32.53
N TYR H 346 -15.88 -46.87 32.56
CA TYR H 346 -16.63 -48.04 32.11
C TYR H 346 -16.78 -48.07 30.60
N GLY H 347 -17.04 -46.92 29.99
CA GLY H 347 -17.16 -46.84 28.55
C GLY H 347 -17.22 -45.39 28.10
N SER H 348 -16.98 -45.20 26.80
CA SER H 348 -17.01 -43.86 26.22
C SER H 348 -17.44 -43.97 24.77
N ARG H 349 -18.04 -42.89 24.26
CA ARG H 349 -18.69 -42.90 22.96
C ARG H 349 -19.06 -41.48 22.57
N MET H 350 -19.11 -41.22 21.27
CA MET H 350 -19.66 -39.97 20.77
C MET H 350 -21.17 -39.91 21.02
N THR H 351 -21.68 -38.70 21.22
CA THR H 351 -23.10 -38.48 21.44
C THR H 351 -23.61 -37.37 20.52
N GLY H 352 -24.94 -37.29 20.44
CA GLY H 352 -25.56 -36.32 19.58
C GLY H 352 -25.59 -36.78 18.12
N GLY H 353 -25.83 -35.81 17.24
CA GLY H 353 -25.93 -36.12 15.83
C GLY H 353 -24.61 -36.59 15.24
N GLY H 354 -23.50 -36.15 15.82
CA GLY H 354 -22.19 -36.54 15.34
C GLY H 354 -21.50 -35.45 14.55
N PHE H 355 -20.44 -35.87 13.85
CA PHE H 355 -19.60 -34.97 13.06
C PHE H 355 -19.07 -33.82 13.93
N GLY H 356 -18.58 -34.18 15.10
CA GLY H 356 -18.17 -33.24 16.11
C GLY H 356 -19.07 -33.28 17.34
N GLY H 357 -19.00 -32.21 18.12
CA GLY H 357 -19.79 -32.12 19.33
C GLY H 357 -19.06 -32.73 20.52
N CYS H 358 -19.79 -33.52 21.30
CA CYS H 358 -19.29 -34.04 22.57
C CYS H 358 -19.21 -35.56 22.57
N THR H 359 -18.46 -36.09 23.53
CA THR H 359 -18.43 -37.51 23.85
C THR H 359 -18.87 -37.74 25.29
N VAL H 360 -19.62 -38.81 25.53
CA VAL H 360 -20.06 -39.21 26.87
C VAL H 360 -19.12 -40.26 27.41
N THR H 361 -18.80 -40.17 28.70
CA THR H 361 -17.97 -41.15 29.37
C THR H 361 -18.63 -41.51 30.68
N LEU H 362 -18.75 -42.81 30.94
CA LEU H 362 -19.28 -43.33 32.20
C LEU H 362 -18.12 -43.88 33.01
N LEU H 363 -17.99 -43.41 34.26
CA LEU H 363 -16.82 -43.76 35.05
C LEU H 363 -17.14 -43.61 36.53
N GLU H 364 -16.28 -44.18 37.35
CA GLU H 364 -16.38 -44.00 38.79
C GLU H 364 -16.05 -42.56 39.17
N ALA H 365 -16.78 -42.03 40.15
CA ALA H 365 -16.62 -40.63 40.53
C ALA H 365 -15.18 -40.31 40.90
N SER H 366 -14.48 -41.26 41.52
CA SER H 366 -13.11 -41.00 41.96
C SER H 366 -12.15 -40.85 40.78
N ALA H 367 -12.46 -41.45 39.63
CA ALA H 367 -11.58 -41.39 38.46
C ALA H 367 -11.84 -40.16 37.60
N ALA H 368 -12.82 -39.33 37.94
CA ALA H 368 -13.14 -38.18 37.10
C ALA H 368 -12.00 -37.18 36.98
N PRO H 369 -11.31 -36.77 38.06
CA PRO H 369 -10.19 -35.84 37.87
C PRO H 369 -9.09 -36.38 36.97
N HIS H 370 -8.72 -37.65 37.10
CA HIS H 370 -7.69 -38.21 36.24
C HIS H 370 -8.17 -38.33 34.80
N ALA H 371 -9.46 -38.61 34.61
CA ALA H 371 -10.00 -38.65 33.26
C ALA H 371 -9.80 -37.31 32.56
N MET H 372 -10.01 -36.22 33.29
CA MET H 372 -9.85 -34.89 32.73
C MET H 372 -8.42 -34.61 32.31
N ARG H 373 -7.44 -34.99 33.13
CA ARG H 373 -6.04 -34.73 32.79
C ARG H 373 -5.57 -35.57 31.61
N HIS H 374 -6.01 -36.83 31.53
CA HIS H 374 -5.56 -37.71 30.47
C HIS H 374 -6.15 -37.32 29.12
N ILE H 375 -7.44 -36.98 29.09
CA ILE H 375 -8.10 -36.64 27.83
C ILE H 375 -7.53 -35.35 27.25
N GLN H 376 -7.42 -34.31 28.08
CA GLN H 376 -6.98 -33.00 27.59
C GLN H 376 -5.55 -33.03 27.09
N GLU H 377 -4.66 -33.75 27.79
CA GLU H 377 -3.26 -33.79 27.40
C GLU H 377 -3.05 -34.55 26.09
N HIS H 378 -3.90 -35.53 25.79
CA HIS H 378 -3.73 -36.38 24.62
C HIS H 378 -4.58 -35.93 23.44
N TYR H 379 -5.18 -34.75 23.53
CA TYR H 379 -6.02 -34.20 22.48
C TYR H 379 -5.29 -33.01 21.86
N GLY H 380 -5.23 -32.98 20.53
CA GLY H 380 -4.52 -31.89 19.87
C GLY H 380 -5.25 -30.57 19.93
N GLY H 381 -6.54 -30.59 20.25
CA GLY H 381 -7.33 -29.39 20.40
C GLY H 381 -7.56 -29.04 21.85
N THR H 382 -8.45 -28.06 22.07
CA THR H 382 -8.84 -27.62 23.39
C THR H 382 -10.13 -28.35 23.75
N ALA H 383 -10.06 -29.24 24.74
CA ALA H 383 -11.24 -29.99 25.17
C ALA H 383 -11.93 -29.25 26.31
N THR H 384 -13.26 -29.18 26.22
CA THR H 384 -14.09 -28.61 27.27
C THR H 384 -14.85 -29.72 27.98
N PHE H 385 -14.95 -29.61 29.30
CA PHE H 385 -15.52 -30.66 30.14
C PHE H 385 -16.71 -30.14 30.93
N TYR H 386 -17.71 -31.00 31.10
CA TYR H 386 -18.78 -30.80 32.06
C TYR H 386 -19.00 -32.12 32.77
N LEU H 387 -18.94 -32.10 34.10
CA LEU H 387 -19.34 -33.25 34.90
C LEU H 387 -20.79 -33.05 35.34
N SER H 388 -21.68 -33.91 34.85
CA SER H 388 -23.11 -33.67 34.98
C SER H 388 -23.79 -34.84 35.68
N GLN H 389 -24.88 -34.53 36.37
CA GLN H 389 -25.78 -35.50 36.96
C GLN H 389 -27.10 -35.44 36.20
N ALA H 390 -27.90 -36.50 36.33
CA ALA H 390 -29.23 -36.48 35.74
C ALA H 390 -30.05 -35.39 36.41
N ALA H 391 -30.60 -34.48 35.62
CA ALA H 391 -31.27 -33.30 36.13
C ALA H 391 -32.77 -33.37 35.82
N ASP H 392 -33.50 -32.42 36.39
CA ASP H 392 -34.94 -32.37 36.16
C ASP H 392 -35.24 -31.71 34.81
N GLY H 393 -36.46 -31.93 34.34
CA GLY H 393 -36.90 -31.39 33.07
C GLY H 393 -37.37 -29.96 33.20
N ALA H 394 -38.12 -29.52 32.20
CA ALA H 394 -38.61 -28.15 32.16
C ALA H 394 -39.49 -27.85 33.38
N LYS H 395 -39.27 -26.69 33.97
CA LYS H 395 -39.96 -26.30 35.19
C LYS H 395 -40.14 -24.79 35.20
N VAL H 396 -41.26 -24.33 35.76
CA VAL H 396 -41.45 -22.90 35.97
C VAL H 396 -40.81 -22.50 37.29
N LEU H 397 -40.05 -21.41 37.27
CA LEU H 397 -39.43 -20.86 38.47
C LEU H 397 -40.03 -19.49 38.79
N CYS H 398 -40.44 -19.30 40.04
CA CYS H 398 -41.00 -18.03 40.46
C CYS H 398 -39.91 -17.11 41.03
C1 GAL I . -31.44 -12.84 -6.97
C2 GAL I . -29.96 -12.99 -6.64
C3 GAL I . -29.22 -13.42 -7.89
C4 GAL I . -29.79 -14.77 -8.39
C5 GAL I . -31.34 -14.75 -8.42
C6 GAL I . -31.95 -16.14 -8.47
O1 GAL I . -32.16 -12.27 -5.91
O2 GAL I . -29.36 -11.77 -6.20
O3 GAL I . -27.84 -13.62 -7.64
O4 GAL I . -29.33 -15.84 -7.59
O5 GAL I . -31.95 -14.13 -7.26
O6 GAL I . -31.86 -16.65 -9.80
C10 QV2 J . -35.31 -1.44 3.27
C17 QV2 J . -32.19 -0.81 -1.42
C20 QV2 J . -31.93 1.26 -2.24
C22 QV2 J . -31.74 2.47 -3.00
C24 QV2 J . -31.94 3.82 -0.94
C02 QV2 J . -34.39 -5.47 3.30
C03 QV2 J . -35.15 -6.73 2.88
C04 QV2 J . -34.41 -7.50 1.76
C05 QV2 J . -34.15 -6.61 0.49
C06 QV2 J . -33.45 -5.24 0.82
C07 QV2 J . -33.74 -4.56 2.13
C08 QV2 J . -33.92 -3.02 2.17
C09 QV2 J . -35.27 -2.18 2.11
C11 QV2 J . -33.73 -1.30 3.78
C12 QV2 J . -33.16 -2.49 3.49
C14 QV2 J . -32.86 -3.01 -0.20
C19 QV2 J . -32.12 1.32 -0.86
C23 QV2 J . -31.75 3.76 -2.32
C25 QV2 J . -32.12 2.61 -0.19
N13 QV2 J . -33.36 -2.28 1.00
N15 QV2 J . -32.92 -4.49 -0.26
N16 QV2 J . -32.28 -2.26 -1.38
N18 QV2 J . -32.27 0.02 -0.41
O01 QV2 J . -34.29 -5.18 4.46
O21 QV2 J . -31.97 -0.07 -2.57
C1 GAL K . 19.81 15.52 3.03
C2 GAL K . 21.22 15.27 3.49
C3 GAL K . 22.06 14.82 2.32
C4 GAL K . 21.45 13.57 1.64
C5 GAL K . 19.93 13.75 1.42
C6 GAL K . 19.25 12.42 1.14
O1 GAL K . 18.99 16.09 4.04
O2 GAL K . 21.85 16.42 4.06
O3 GAL K . 23.36 14.40 2.77
O4 GAL K . 21.62 12.47 2.45
O5 GAL K . 19.28 14.29 2.58
O6 GAL K . 19.52 12.01 -0.18
C10 QV2 L . 16.31 26.83 13.62
C17 QV2 L . 19.17 27.59 8.70
C20 QV2 L . 19.47 29.68 8.00
C22 QV2 L . 19.66 30.93 7.30
C24 QV2 L . 19.65 32.15 9.44
C02 QV2 L . 17.00 22.81 13.32
C03 QV2 L . 16.96 21.30 13.11
C04 QV2 L . 17.82 20.80 11.90
C05 QV2 L . 17.53 21.61 10.60
C06 QV2 L . 17.81 23.14 10.80
C07 QV2 L . 17.56 23.76 12.14
C08 QV2 L . 17.52 25.30 12.28
C09 QV2 L . 16.25 26.26 12.38
C11 QV2 L . 17.91 26.82 14.06
C12 QV2 L . 18.42 25.66 13.56
C14 QV2 L . 18.45 25.37 9.85
C19 QV2 L . 19.36 29.67 9.38
C23 QV2 L . 19.76 32.17 8.06
C25 QV2 L . 19.45 30.90 10.13
N13 QV2 L . 18.06 26.05 11.10
N15 QV2 L . 18.32 23.90 9.72
N16 QV2 L . 19.00 26.14 8.67
N18 QV2 L . 19.18 28.34 9.77
O01 QV2 L . 16.63 23.27 14.36
O21 QV2 L . 19.34 28.38 7.57
C1 GAL M . -11.77 -0.30 -43.03
C2 GAL M . -13.29 -0.11 -43.11
C3 GAL M . -13.99 -1.18 -42.26
C4 GAL M . -13.56 -2.58 -42.74
C5 GAL M . -12.03 -2.68 -42.81
C6 GAL M . -11.52 -3.94 -43.50
O1 GAL M . -11.10 0.68 -43.77
O2 GAL M . -13.70 1.15 -42.62
O3 GAL M . -15.41 -1.10 -42.39
O4 GAL M . -14.13 -2.87 -44.01
O5 GAL M . -11.44 -1.58 -43.54
O6 GAL M . -11.89 -5.09 -42.76
C10 QV2 N . -6.51 14.23 -42.85
C17 QV2 N . -9.60 11.94 -38.82
C20 QV2 N . -9.63 13.10 -36.91
C22 QV2 N . -9.70 13.62 -35.57
C24 QV2 N . -9.25 15.89 -36.40
C02 QV2 N . -7.75 11.32 -45.47
C03 QV2 N . -7.46 10.02 -46.19
C04 QV2 N . -8.45 8.89 -45.81
C05 QV2 N . -8.48 8.64 -44.27
C06 QV2 N . -8.77 9.95 -43.43
C07 QV2 N . -8.36 11.29 -43.99
C08 QV2 N . -8.06 12.45 -43.01
C09 QV2 N . -6.65 12.92 -42.46
C11 QV2 N . -8.06 14.81 -43.06
C12 QV2 N . -8.75 13.77 -43.60
C14 QV2 N . -9.16 10.97 -41.17
C19 QV2 N . -9.38 13.94 -37.97
C23 QV2 N . -9.50 15.04 -35.33
C25 QV2 N . -9.19 15.37 -37.75
N13 QV2 N . -8.57 12.25 -41.61
N15 QV2 N . -9.25 9.82 -42.11
N16 QV2 N . -9.67 10.83 -39.75
N18 QV2 N . -9.38 13.18 -39.13
O01 QV2 N . -7.51 12.38 -46.02
O21 QV2 N . -9.77 11.84 -37.44
C1 GAL O . 43.03 27.25 -31.28
C2 GAL O . 41.60 27.64 -31.65
C3 GAL O . 40.62 26.64 -31.03
C4 GAL O . 40.97 25.20 -31.46
C5 GAL O . 42.47 24.93 -31.31
C6 GAL O . 42.94 23.66 -32.03
O1 GAL O . 43.95 28.18 -31.79
O2 GAL O . 41.25 28.93 -31.18
O3 GAL O . 39.28 26.90 -31.44
O4 GAL O . 40.56 24.97 -32.80
O5 GAL O . 43.30 25.98 -31.83
O6 GAL O . 42.69 22.51 -31.23
C10 QV2 P . 49.09 41.90 -30.81
C17 QV2 P . 45.37 39.55 -27.25
C20 QV2 P . 45.06 40.59 -25.29
C22 QV2 P . 44.83 41.00 -23.92
C24 QV2 P . 45.14 43.36 -24.57
C02 QV2 P . 48.27 38.93 -33.59
C03 QV2 P . 48.90 37.64 -34.08
C04 QV2 P . 47.97 36.41 -33.84
C05 QV2 P . 47.54 36.27 -32.33
C06 QV2 P . 46.95 37.59 -31.71
C07 QV2 P . 47.45 38.93 -32.20
C08 QV2 P . 47.60 40.09 -31.20
C09 QV2 P . 48.92 40.58 -30.45
C11 QV2 P . 47.61 42.45 -31.29
C12 QV2 P . 47.01 41.41 -31.92
C14 QV2 P . 46.22 38.64 -29.54
C19 QV2 P . 45.32 41.52 -26.28
C23 QV2 P . 44.87 42.42 -23.58
C25 QV2 P . 45.37 42.93 -25.94
N13 QV2 P . 46.87 39.92 -29.90
N15 QV2 P . 46.27 37.48 -30.48
N16 QV2 P . 45.47 38.48 -28.23
N18 QV2 P . 45.51 40.83 -27.47
O01 QV2 P . 48.40 39.93 -34.26
O21 QV2 P . 45.09 39.36 -25.90
C1 GAL Q . 15.99 -39.81 -11.88
C2 GAL Q . 17.38 -40.40 -11.66
C3 GAL Q . 17.77 -40.23 -10.21
C4 GAL Q . 17.71 -38.74 -9.80
C5 GAL Q . 16.38 -38.12 -10.24
C6 GAL Q . 16.33 -36.60 -10.13
O1 GAL Q . 15.54 -40.01 -13.19
O2 GAL Q . 17.41 -41.79 -11.94
O3 GAL Q . 19.10 -40.69 -9.98
O4 GAL Q . 18.80 -38.02 -10.35
O5 GAL Q . 16.05 -38.42 -11.62
O6 GAL Q . 16.38 -36.19 -8.77
C10 QV2 R . 11.90 -49.09 -23.81
C17 QV2 R . 12.12 -50.35 -18.46
C20 QV2 R . 11.15 -52.28 -17.85
C22 QV2 R . 10.52 -53.40 -17.21
C24 QV2 R . 10.48 -54.61 -19.35
C02 QV2 R . 14.50 -45.76 -23.15
C03 QV2 R . 14.95 -44.32 -22.89
C04 QV2 R . 15.35 -44.04 -21.42
C05 QV2 R . 14.27 -44.53 -20.40
C06 QV2 R . 14.00 -46.07 -20.55
C07 QV2 R . 14.05 -46.70 -21.93
C08 QV2 R . 13.25 -48.00 -22.18
C09 QV2 R . 11.79 -48.17 -22.79
C11 QV2 R . 13.33 -49.90 -23.54
C12 QV2 R . 14.18 -48.96 -23.07
C14 QV2 R . 13.06 -48.21 -19.59
C19 QV2 R . 11.44 -52.30 -19.19
C23 QV2 R . 10.18 -54.58 -17.99
C25 QV2 R . 11.10 -53.48 -19.99
N13 QV2 R . 12.88 -48.76 -20.95
N15 QV2 R . 13.64 -46.84 -19.42
N16 QV2 R . 12.68 -49.01 -18.37
N18 QV2 R . 12.04 -51.10 -19.53
O01 QV2 R . 14.48 -46.16 -24.30
O21 QV2 R . 11.57 -51.05 -17.40
C1 GAL S . 23.12 -6.74 27.19
C2 GAL S . 21.59 -6.81 27.23
C3 GAL S . 21.13 -7.96 28.13
C4 GAL S . 21.76 -9.29 27.67
C5 GAL S . 23.28 -9.13 27.49
C6 GAL S . 23.96 -10.30 26.80
O1 GAL S . 23.58 -5.70 26.37
O2 GAL S . 21.02 -5.62 27.73
O3 GAL S . 19.72 -8.11 28.06
O4 GAL S . 21.18 -9.71 26.45
O5 GAL S . 23.63 -7.97 26.70
O6 GAL S . 23.88 -11.48 27.59
C10 QV2 T . 25.68 8.59 26.35
C17 QV2 T . 23.04 6.02 30.57
C20 QV2 T . 22.94 7.20 32.48
C22 QV2 T . 22.88 7.72 33.82
C24 QV2 T . 22.87 10.01 32.95
C02 QV2 T . 24.80 5.36 23.84
C03 QV2 T . 24.73 4.09 23.01
C04 QV2 T . 23.73 3.04 23.58
C05 QV2 T . 24.01 2.68 25.07
C06 QV2 T . 24.05 3.96 26.00
C07 QV2 T . 24.36 5.30 25.39
C08 QV2 T . 24.48 6.55 26.30
C09 QV2 T . 25.80 7.30 26.78
C11 QV2 T . 24.04 8.82 26.16
C12 QV2 T . 23.57 7.68 25.62
C14 QV2 T . 23.58 5.05 28.22
C19 QV2 T . 22.97 8.05 31.39
C23 QV2 T . 22.84 9.15 34.04
C25 QV2 T . 22.94 9.49 31.60
N13 QV2 T . 24.01 6.37 27.71
N15 QV2 T . 23.61 3.85 27.34
N16 QV2 T . 23.11 4.90 29.65
N18 QV2 T . 23.03 7.28 30.24
O01 QV2 T . 25.19 6.38 23.33
O21 QV2 T . 22.99 5.92 31.95
C1 GAL U . -22.83 42.10 24.91
C2 GAL U . -21.53 41.35 25.19
C3 GAL U . -21.18 41.45 26.67
C4 GAL U . -21.10 42.93 27.11
C5 GAL U . -22.31 43.74 26.58
C6 GAL U . -22.13 45.25 26.65
O1 GAL U . -23.22 41.98 23.57
O2 GAL U . -21.64 39.97 24.87
O3 GAL U . -19.90 40.88 26.92
O4 GAL U . -19.89 43.53 26.68
O5 GAL U . -22.61 43.47 25.19
O6 GAL U . -22.31 45.72 27.98
C10 QV2 V . -27.45 33.27 12.53
C17 QV2 V . -27.46 31.51 18.09
C20 QV2 V . -28.71 29.77 18.72
C22 QV2 V . -29.52 28.77 19.38
C24 QV2 V . -29.62 27.46 17.30
C02 QV2 V . -24.94 36.28 13.55
C03 QV2 V . -24.15 37.53 13.92
C04 QV2 V . -23.45 37.43 15.30
C05 QV2 V . -24.45 37.07 16.45
C06 QV2 V . -25.23 35.73 16.16
C07 QV2 V . -25.41 35.28 14.72
C08 QV2 V . -26.20 34.00 14.41
C09 QV2 V . -27.65 33.87 13.75
C11 QV2 V . -26.07 32.37 12.69
C12 QV2 V . -25.24 33.11 13.49
C14 QV2 V . -26.35 33.63 16.99
C19 QV2 V . -28.35 29.63 17.39
C23 QV2 V . -29.97 27.60 18.63
C25 QV2 V . -28.81 28.46 16.65
N13 QV2 V . -26.62 33.18 15.59
N15 QV2 V . -25.64 34.91 17.23
N16 QV2 V . -26.75 32.78 18.17
N18 QV2 V . -27.58 30.74 17.04
O01 QV2 V . -25.21 36.05 12.39
O21 QV2 V . -28.15 30.94 19.15
C1 GAL W . -30.19 -34.64 17.61
C2 GAL W . -31.65 -34.65 17.19
C3 GAL W . -32.35 -35.88 17.75
C4 GAL W . -31.60 -37.18 17.35
C5 GAL W . -30.07 -37.02 17.54
C6 GAL W . -29.24 -38.08 16.82
O1 GAL W . -29.54 -33.47 17.16
O2 GAL W . -32.36 -33.51 17.69
O3 GAL W . -33.66 -35.99 17.23
O4 GAL W . -31.89 -37.55 16.01
O5 GAL W . -29.56 -35.77 17.04
O6 GAL W . -29.58 -39.38 17.29
#